data_2L3B
#
_entry.id   2L3B
#
_entity_poly.entity_id   1
_entity_poly.type   'polypeptide(L)'
_entity_poly.pdbx_seq_one_letter_code
;MNDDVDIQQSYPFSIETMPVPKKLKVGETAEIRCQLHRDGRFEETKYFIRYFQPDGAGTLKMSDGTVLLPNDLYPLPGET
FRLYYTSASTDQQTVDVYFQDSFGQLQQLTFSFNNDSSKEEELEHHHHHH
;
_entity_poly.pdbx_strand_id   A
#
# COMPACT_ATOMS: atom_id res chain seq x y z
N MET A 1 -10.85 -15.56 29.24
CA MET A 1 -12.25 -15.91 28.91
C MET A 1 -12.43 -16.00 27.41
N ASN A 2 -11.97 -14.98 26.70
CA ASN A 2 -12.05 -14.95 25.25
C ASN A 2 -10.87 -14.15 24.69
N ASP A 3 -10.65 -12.97 25.26
CA ASP A 3 -9.45 -12.16 25.01
C ASP A 3 -9.37 -11.65 23.57
N ASP A 4 -10.33 -12.04 22.73
CA ASP A 4 -10.38 -11.65 21.32
C ASP A 4 -9.13 -12.14 20.58
N VAL A 5 -8.52 -13.19 21.10
CA VAL A 5 -7.36 -13.79 20.46
C VAL A 5 -7.74 -15.15 19.86
N ASP A 6 -7.90 -15.18 18.55
CA ASP A 6 -8.26 -16.40 17.86
C ASP A 6 -7.04 -17.29 17.69
N ILE A 7 -7.12 -18.49 18.25
CA ILE A 7 -6.00 -19.41 18.21
C ILE A 7 -5.87 -20.05 16.83
N GLN A 8 -4.97 -19.51 16.04
CA GLN A 8 -4.63 -20.07 14.74
C GLN A 8 -3.15 -19.86 14.47
N GLN A 9 -2.43 -20.95 14.27
CA GLN A 9 -1.00 -20.87 14.03
C GLN A 9 -0.73 -21.02 12.54
N SER A 10 -0.83 -19.91 11.83
CA SER A 10 -0.65 -19.89 10.40
C SER A 10 0.52 -18.97 10.03
N TYR A 11 0.96 -19.04 8.79
CA TYR A 11 2.04 -18.18 8.31
C TYR A 11 1.50 -16.85 7.79
N PRO A 12 1.79 -15.75 8.50
CA PRO A 12 1.41 -14.41 8.06
C PRO A 12 2.07 -14.05 6.74
N PHE A 13 1.26 -13.71 5.74
CA PHE A 13 1.78 -13.44 4.42
C PHE A 13 2.60 -12.15 4.42
N SER A 14 3.72 -12.18 3.70
CA SER A 14 4.55 -11.02 3.55
C SER A 14 4.43 -10.46 2.14
N ILE A 15 4.29 -9.16 2.03
CA ILE A 15 4.19 -8.52 0.73
C ILE A 15 5.46 -7.72 0.46
N GLU A 16 6.22 -8.16 -0.52
CA GLU A 16 7.48 -7.53 -0.87
C GLU A 16 7.22 -6.39 -1.85
N THR A 17 7.40 -5.16 -1.37
CA THR A 17 7.20 -3.99 -2.20
C THR A 17 8.53 -3.32 -2.51
N MET A 18 8.71 -2.85 -3.74
CA MET A 18 9.93 -2.16 -4.10
C MET A 18 9.99 -0.80 -3.43
N PRO A 19 11.20 -0.35 -3.05
CA PRO A 19 11.39 0.97 -2.43
C PRO A 19 10.85 2.09 -3.30
N VAL A 20 9.77 2.71 -2.85
CA VAL A 20 9.10 3.75 -3.61
C VAL A 20 9.85 5.08 -3.48
N PRO A 21 9.62 6.01 -4.44
CA PRO A 21 10.23 7.33 -4.40
C PRO A 21 9.93 8.07 -3.10
N LYS A 22 10.97 8.65 -2.52
CA LYS A 22 10.85 9.30 -1.22
C LYS A 22 10.47 10.77 -1.39
N LYS A 23 10.62 11.26 -2.62
CA LYS A 23 10.15 12.58 -2.98
C LYS A 23 9.32 12.49 -4.25
N LEU A 24 8.15 13.13 -4.24
CA LEU A 24 7.25 13.10 -5.39
C LEU A 24 6.80 14.51 -5.73
N LYS A 25 6.48 14.72 -7.00
CA LYS A 25 6.00 16.01 -7.47
C LYS A 25 4.56 15.88 -7.93
N VAL A 26 3.90 17.00 -8.20
CA VAL A 26 2.54 16.97 -8.74
C VAL A 26 2.58 16.46 -10.18
N GLY A 27 1.96 15.31 -10.39
CA GLY A 27 1.98 14.70 -11.70
C GLY A 27 2.93 13.52 -11.77
N GLU A 28 3.74 13.38 -10.73
CA GLU A 28 4.69 12.27 -10.66
C GLU A 28 3.96 10.99 -10.29
N THR A 29 4.39 9.88 -10.84
CA THR A 29 3.73 8.61 -10.60
C THR A 29 4.72 7.59 -10.02
N ALA A 30 4.37 7.03 -8.88
CA ALA A 30 5.18 6.02 -8.22
C ALA A 30 4.71 4.63 -8.63
N GLU A 31 5.62 3.84 -9.18
CA GLU A 31 5.32 2.48 -9.60
C GLU A 31 5.58 1.52 -8.44
N ILE A 32 4.51 1.14 -7.76
CA ILE A 32 4.63 0.30 -6.58
C ILE A 32 4.50 -1.17 -6.96
N ARG A 33 5.64 -1.83 -7.09
CA ARG A 33 5.68 -3.26 -7.38
C ARG A 33 5.45 -4.05 -6.10
N CYS A 34 4.38 -4.81 -6.07
CA CYS A 34 4.05 -5.61 -4.90
C CYS A 34 4.02 -7.09 -5.25
N GLN A 35 4.67 -7.91 -4.45
CA GLN A 35 4.63 -9.34 -4.61
C GLN A 35 4.28 -9.99 -3.28
N LEU A 36 3.11 -10.62 -3.24
CA LEU A 36 2.61 -11.23 -2.01
C LEU A 36 3.11 -12.67 -1.88
N HIS A 37 3.90 -12.92 -0.85
CA HIS A 37 4.46 -14.26 -0.61
C HIS A 37 3.55 -15.06 0.31
N ARG A 38 2.97 -16.12 -0.24
CA ARG A 38 2.15 -17.04 0.53
C ARG A 38 2.25 -18.43 -0.08
N ASP A 39 2.76 -19.39 0.69
CA ASP A 39 2.96 -20.73 0.18
C ASP A 39 1.64 -21.38 -0.17
N GLY A 40 1.70 -22.33 -1.08
CA GLY A 40 0.50 -22.91 -1.64
C GLY A 40 -0.10 -21.99 -2.68
N ARG A 41 -1.10 -21.24 -2.26
CA ARG A 41 -1.72 -20.23 -3.12
C ARG A 41 -2.87 -19.55 -2.38
N PHE A 42 -4.06 -20.14 -2.48
CA PHE A 42 -5.26 -19.63 -1.82
C PHE A 42 -6.45 -20.50 -2.22
N GLU A 43 -7.54 -20.39 -1.48
CA GLU A 43 -8.75 -21.12 -1.81
C GLU A 43 -9.94 -20.17 -1.82
N GLU A 44 -10.26 -19.66 -3.00
CA GLU A 44 -11.25 -18.60 -3.17
C GLU A 44 -10.94 -17.43 -2.24
N THR A 45 -9.64 -17.22 -2.01
CA THR A 45 -9.18 -16.18 -1.12
C THR A 45 -8.90 -14.90 -1.90
N LYS A 46 -9.82 -13.95 -1.79
CA LYS A 46 -9.63 -12.66 -2.44
C LYS A 46 -9.06 -11.67 -1.44
N TYR A 47 -8.17 -10.82 -1.91
CA TYR A 47 -7.64 -9.75 -1.09
C TYR A 47 -8.39 -8.47 -1.37
N PHE A 48 -8.65 -7.70 -0.34
CA PHE A 48 -9.39 -6.45 -0.49
C PHE A 48 -8.49 -5.27 -0.17
N ILE A 49 -8.38 -4.35 -1.12
CA ILE A 49 -7.51 -3.21 -0.97
C ILE A 49 -8.30 -1.93 -0.71
N ARG A 50 -7.89 -1.22 0.32
CA ARG A 50 -8.43 0.09 0.64
C ARG A 50 -7.36 0.90 1.33
N TYR A 51 -7.27 2.19 1.02
CA TYR A 51 -6.22 3.02 1.59
C TYR A 51 -6.79 4.33 2.08
N PHE A 52 -6.24 4.82 3.18
CA PHE A 52 -6.66 6.09 3.73
C PHE A 52 -5.57 7.12 3.50
N GLN A 53 -5.96 8.29 2.99
CA GLN A 53 -5.01 9.34 2.72
C GLN A 53 -5.31 10.59 3.55
N PRO A 54 -4.56 10.80 4.63
CA PRO A 54 -4.66 12.03 5.45
C PRO A 54 -4.31 13.27 4.63
N ASP A 55 -3.61 13.05 3.51
CA ASP A 55 -3.31 14.12 2.58
C ASP A 55 -4.59 14.68 1.98
N GLY A 56 -5.19 13.93 1.09
CA GLY A 56 -6.46 14.31 0.53
C GLY A 56 -6.54 14.09 -0.97
N ALA A 57 -5.39 14.10 -1.64
CA ALA A 57 -5.38 13.94 -3.09
C ALA A 57 -4.41 12.85 -3.51
N GLY A 58 -4.44 12.51 -4.79
CA GLY A 58 -3.54 11.50 -5.32
C GLY A 58 -4.30 10.42 -6.04
N THR A 59 -3.92 10.16 -7.28
CA THR A 59 -4.58 9.14 -8.08
C THR A 59 -3.85 7.80 -7.98
N LEU A 60 -4.49 6.83 -7.35
CA LEU A 60 -3.91 5.51 -7.23
C LEU A 60 -4.63 4.54 -8.15
N LYS A 61 -3.95 4.08 -9.17
CA LYS A 61 -4.53 3.15 -10.12
C LYS A 61 -3.82 1.82 -10.09
N MET A 62 -4.57 0.76 -10.26
CA MET A 62 -4.01 -0.58 -10.32
C MET A 62 -3.37 -0.78 -11.70
N SER A 63 -2.43 -1.71 -11.79
CA SER A 63 -1.75 -2.00 -13.05
C SER A 63 -2.75 -2.35 -14.16
N ASP A 64 -3.90 -2.89 -13.76
CA ASP A 64 -4.93 -3.30 -14.72
C ASP A 64 -5.81 -2.12 -15.13
N GLY A 65 -5.47 -0.93 -14.65
CA GLY A 65 -6.17 0.27 -15.08
C GLY A 65 -7.28 0.68 -14.13
N THR A 66 -7.52 -0.13 -13.11
CA THR A 66 -8.57 0.13 -12.15
C THR A 66 -8.20 1.30 -11.23
N VAL A 67 -8.98 2.38 -11.31
CA VAL A 67 -8.78 3.52 -10.44
C VAL A 67 -9.32 3.21 -9.04
N LEU A 68 -8.48 3.37 -8.04
CA LEU A 68 -8.84 3.03 -6.68
C LEU A 68 -9.20 4.28 -5.87
N LEU A 69 -10.44 4.33 -5.39
CA LEU A 69 -10.87 5.41 -4.53
C LEU A 69 -10.68 5.02 -3.07
N PRO A 70 -10.12 5.94 -2.26
CA PRO A 70 -9.79 5.67 -0.85
C PRO A 70 -11.00 5.24 -0.02
N ASN A 71 -12.17 5.78 -0.36
CA ASN A 71 -13.39 5.51 0.39
C ASN A 71 -14.08 4.23 -0.10
N ASP A 72 -13.57 3.67 -1.19
CA ASP A 72 -14.18 2.49 -1.81
C ASP A 72 -13.41 1.24 -1.39
N LEU A 73 -13.74 0.10 -1.99
CA LEU A 73 -13.11 -1.17 -1.64
C LEU A 73 -13.05 -2.07 -2.87
N TYR A 74 -11.85 -2.40 -3.30
CA TYR A 74 -11.68 -3.20 -4.51
C TYR A 74 -10.94 -4.50 -4.20
N PRO A 75 -11.29 -5.58 -4.91
CA PRO A 75 -10.60 -6.85 -4.79
C PRO A 75 -9.33 -6.90 -5.64
N LEU A 76 -8.29 -7.51 -5.09
CA LEU A 76 -7.03 -7.66 -5.82
C LEU A 76 -7.10 -8.83 -6.79
N PRO A 77 -6.44 -8.72 -7.95
CA PRO A 77 -6.45 -9.76 -8.98
C PRO A 77 -5.55 -10.94 -8.65
N GLY A 78 -4.73 -10.78 -7.62
CA GLY A 78 -3.84 -11.86 -7.22
C GLY A 78 -2.70 -11.37 -6.35
N GLU A 79 -1.69 -12.22 -6.21
CA GLU A 79 -0.53 -11.93 -5.37
C GLU A 79 0.43 -10.99 -6.09
N THR A 80 0.47 -11.09 -7.40
CA THR A 80 1.32 -10.23 -8.21
C THR A 80 0.52 -9.04 -8.73
N PHE A 81 0.63 -7.91 -8.05
CA PHE A 81 -0.09 -6.71 -8.45
C PHE A 81 0.80 -5.49 -8.32
N ARG A 82 0.51 -4.49 -9.12
CA ARG A 82 1.29 -3.26 -9.11
C ARG A 82 0.37 -2.06 -8.99
N LEU A 83 0.82 -1.05 -8.25
CA LEU A 83 0.02 0.14 -8.02
C LEU A 83 0.73 1.38 -8.55
N TYR A 84 0.00 2.16 -9.33
CA TYR A 84 0.55 3.38 -9.90
C TYR A 84 -0.05 4.59 -9.20
N TYR A 85 0.72 5.20 -8.32
CA TYR A 85 0.25 6.36 -7.56
C TYR A 85 0.75 7.66 -8.15
N THR A 86 -0.18 8.44 -8.70
CA THR A 86 0.14 9.77 -9.19
C THR A 86 -0.12 10.81 -8.11
N SER A 87 0.94 11.38 -7.56
CA SER A 87 0.82 12.37 -6.51
C SER A 87 0.31 13.68 -7.09
N ALA A 88 -0.77 14.20 -6.50
CA ALA A 88 -1.41 15.40 -7.01
C ALA A 88 -1.44 16.51 -5.96
N SER A 89 -0.55 16.40 -4.98
CA SER A 89 -0.47 17.37 -3.91
C SER A 89 0.96 17.89 -3.76
N THR A 90 1.09 19.10 -3.25
CA THR A 90 2.41 19.69 -3.00
C THR A 90 2.82 19.53 -1.53
N ASP A 91 2.05 18.72 -0.81
CA ASP A 91 2.32 18.46 0.60
C ASP A 91 3.12 17.18 0.76
N GLN A 92 3.13 16.66 1.98
CA GLN A 92 3.66 15.34 2.23
C GLN A 92 2.56 14.32 1.96
N GLN A 93 2.74 13.50 0.94
CA GLN A 93 1.69 12.57 0.56
C GLN A 93 1.74 11.36 1.47
N THR A 94 0.74 11.24 2.31
CA THR A 94 0.68 10.16 3.26
C THR A 94 -0.42 9.19 2.87
N VAL A 95 -0.02 8.00 2.44
CA VAL A 95 -0.97 7.00 1.99
C VAL A 95 -0.84 5.74 2.83
N ASP A 96 -1.84 5.49 3.65
CA ASP A 96 -1.85 4.30 4.49
C ASP A 96 -2.70 3.23 3.83
N VAL A 97 -2.05 2.18 3.35
CA VAL A 97 -2.71 1.17 2.54
C VAL A 97 -3.04 -0.07 3.37
N TYR A 98 -4.27 -0.52 3.28
CA TYR A 98 -4.71 -1.70 4.01
C TYR A 98 -5.01 -2.83 3.04
N PHE A 99 -4.33 -3.95 3.24
CA PHE A 99 -4.60 -5.15 2.48
C PHE A 99 -5.27 -6.16 3.40
N GLN A 100 -6.54 -6.44 3.14
CA GLN A 100 -7.31 -7.32 4.01
C GLN A 100 -7.46 -8.71 3.38
N ASP A 101 -7.01 -9.71 4.11
CA ASP A 101 -7.06 -11.09 3.65
C ASP A 101 -8.37 -11.75 4.08
N SER A 102 -8.76 -12.79 3.37
CA SER A 102 -10.03 -13.48 3.62
C SER A 102 -9.99 -14.23 4.95
N PHE A 103 -8.80 -14.63 5.39
CA PHE A 103 -8.67 -15.38 6.64
C PHE A 103 -8.69 -14.45 7.85
N GLY A 104 -8.70 -13.15 7.59
CA GLY A 104 -8.86 -12.19 8.66
C GLY A 104 -7.58 -11.48 9.03
N GLN A 105 -6.52 -11.69 8.26
CA GLN A 105 -5.27 -11.00 8.51
C GLN A 105 -5.25 -9.67 7.77
N LEU A 106 -4.95 -8.59 8.48
CA LEU A 106 -4.88 -7.28 7.87
C LEU A 106 -3.43 -6.84 7.76
N GLN A 107 -3.00 -6.52 6.55
CA GLN A 107 -1.65 -6.06 6.31
C GLN A 107 -1.67 -4.58 5.92
N GLN A 108 -1.18 -3.73 6.81
CA GLN A 108 -1.18 -2.30 6.56
C GLN A 108 0.22 -1.80 6.23
N LEU A 109 0.31 -0.99 5.19
CA LEU A 109 1.56 -0.38 4.78
C LEU A 109 1.37 1.13 4.65
N THR A 110 1.98 1.87 5.56
CA THR A 110 1.86 3.32 5.56
C THR A 110 3.02 3.95 4.80
N PHE A 111 2.70 4.57 3.67
CA PHE A 111 3.73 5.18 2.83
C PHE A 111 3.74 6.69 2.99
N SER A 112 4.91 7.23 3.30
CA SER A 112 5.07 8.67 3.36
C SER A 112 5.89 9.16 2.18
N PHE A 113 5.23 9.84 1.26
CA PHE A 113 5.88 10.35 0.06
C PHE A 113 6.21 11.83 0.24
N ASN A 114 7.31 12.24 -0.37
CA ASN A 114 7.76 13.63 -0.35
C ASN A 114 8.15 14.05 1.07
N ASN A 115 9.12 13.34 1.63
CA ASN A 115 9.64 13.67 2.95
C ASN A 115 10.90 14.50 2.79
N ASP A 116 11.33 15.16 3.86
CA ASP A 116 12.52 15.99 3.77
C ASP A 116 13.34 15.90 5.06
N SER A 117 14.63 15.73 4.90
CA SER A 117 15.54 15.59 6.03
C SER A 117 16.21 16.92 6.37
N SER A 118 15.71 17.99 5.76
CA SER A 118 16.29 19.32 5.92
C SER A 118 17.67 19.39 5.29
N LYS A 119 18.32 20.54 5.40
CA LYS A 119 19.67 20.73 4.86
C LYS A 119 19.66 20.58 3.34
N GLU A 120 18.67 21.22 2.71
CA GLU A 120 18.43 21.11 1.26
C GLU A 120 19.72 21.16 0.45
N GLU A 121 20.46 22.26 0.58
CA GLU A 121 21.71 22.42 -0.16
C GLU A 121 22.91 22.26 0.76
N GLU A 122 22.64 22.09 2.05
CA GLU A 122 23.70 21.92 3.03
C GLU A 122 24.39 20.57 2.84
N LEU A 123 23.66 19.60 2.29
CA LEU A 123 24.28 18.36 1.82
C LEU A 123 24.97 18.65 0.50
N GLU A 124 26.28 18.86 0.55
CA GLU A 124 27.03 19.31 -0.60
C GLU A 124 27.22 18.21 -1.64
N HIS A 125 26.18 17.99 -2.42
CA HIS A 125 26.28 17.20 -3.62
C HIS A 125 26.08 18.16 -4.79
N HIS A 126 27.05 19.05 -4.94
CA HIS A 126 26.90 20.21 -5.80
C HIS A 126 26.97 19.86 -7.28
N HIS A 127 27.53 18.71 -7.60
CA HIS A 127 27.63 18.30 -8.98
C HIS A 127 26.29 17.77 -9.48
N HIS A 128 25.62 18.58 -10.28
CA HIS A 128 24.35 18.18 -10.88
C HIS A 128 24.60 17.67 -12.29
N HIS A 129 23.78 16.72 -12.73
CA HIS A 129 23.95 16.12 -14.04
C HIS A 129 22.75 16.44 -14.92
N HIS A 130 22.87 16.14 -16.21
CA HIS A 130 21.77 16.30 -17.14
C HIS A 130 21.04 14.98 -17.29
N MET A 1 -13.53 -2.86 16.73
CA MET A 1 -12.63 -3.79 16.03
C MET A 1 -11.17 -3.45 16.30
N ASN A 2 -10.59 -4.13 17.28
CA ASN A 2 -9.16 -3.99 17.61
C ASN A 2 -8.75 -5.06 18.62
N ASP A 3 -9.73 -5.87 18.99
CA ASP A 3 -9.55 -6.88 20.02
C ASP A 3 -9.08 -8.21 19.42
N ASP A 4 -9.39 -9.31 20.09
CA ASP A 4 -8.85 -10.61 19.70
C ASP A 4 -9.60 -11.20 18.52
N VAL A 5 -8.83 -11.54 17.50
CA VAL A 5 -9.31 -12.33 16.36
C VAL A 5 -8.23 -13.36 16.08
N ASP A 6 -7.41 -13.55 17.10
CA ASP A 6 -6.12 -14.23 16.97
C ASP A 6 -6.20 -15.66 17.47
N ILE A 7 -7.35 -16.07 17.97
CA ILE A 7 -7.54 -17.46 18.40
C ILE A 7 -7.43 -18.39 17.20
N GLN A 8 -6.33 -19.14 17.16
CA GLN A 8 -6.00 -19.98 16.02
C GLN A 8 -5.89 -19.13 14.76
N GLN A 9 -4.95 -18.19 14.78
CA GLN A 9 -4.68 -17.32 13.66
C GLN A 9 -4.06 -18.09 12.50
N SER A 10 -4.32 -17.65 11.29
CA SER A 10 -3.77 -18.30 10.11
C SER A 10 -2.30 -17.90 9.91
N TYR A 11 -1.60 -18.66 9.07
CA TYR A 11 -0.20 -18.39 8.79
C TYR A 11 -0.05 -17.08 8.02
N PRO A 12 0.65 -16.11 8.61
CA PRO A 12 0.79 -14.77 8.03
C PRO A 12 1.53 -14.78 6.69
N PHE A 13 0.89 -14.18 5.69
CA PHE A 13 1.50 -14.03 4.37
C PHE A 13 2.18 -12.67 4.28
N SER A 14 3.24 -12.58 3.48
CA SER A 14 4.01 -11.35 3.40
C SER A 14 3.76 -10.65 2.07
N ILE A 15 3.22 -9.45 2.14
CA ILE A 15 3.02 -8.63 0.96
C ILE A 15 4.07 -7.53 0.92
N GLU A 16 5.02 -7.64 -0.01
CA GLU A 16 6.10 -6.68 -0.09
C GLU A 16 5.85 -5.65 -1.18
N THR A 17 6.50 -4.49 -1.02
CA THR A 17 6.46 -3.44 -2.03
C THR A 17 7.87 -2.96 -2.32
N MET A 18 8.12 -2.48 -3.52
CA MET A 18 9.44 -1.95 -3.86
C MET A 18 9.63 -0.58 -3.20
N PRO A 19 10.88 -0.20 -2.89
CA PRO A 19 11.19 1.09 -2.26
C PRO A 19 10.82 2.27 -3.16
N VAL A 20 9.75 2.96 -2.77
CA VAL A 20 9.26 4.09 -3.55
C VAL A 20 10.09 5.35 -3.29
N PRO A 21 10.01 6.35 -4.21
CA PRO A 21 10.69 7.63 -4.04
C PRO A 21 10.30 8.32 -2.74
N LYS A 22 11.23 9.08 -2.20
CA LYS A 22 11.02 9.71 -0.90
C LYS A 22 10.23 11.01 -1.03
N LYS A 23 10.08 11.48 -2.26
CA LYS A 23 9.30 12.66 -2.55
C LYS A 23 8.74 12.57 -3.95
N LEU A 24 7.62 13.23 -4.20
CA LEU A 24 6.96 13.16 -5.50
C LEU A 24 6.48 14.53 -5.96
N LYS A 25 6.69 14.81 -7.24
CA LYS A 25 6.19 16.03 -7.86
C LYS A 25 4.71 15.85 -8.24
N VAL A 26 3.97 16.95 -8.31
CA VAL A 26 2.61 16.90 -8.79
C VAL A 26 2.61 16.50 -10.26
N GLY A 27 1.97 15.39 -10.57
CA GLY A 27 1.98 14.87 -11.92
C GLY A 27 2.97 13.73 -12.07
N GLU A 28 3.90 13.65 -11.13
CA GLU A 28 4.92 12.60 -11.15
C GLU A 28 4.31 11.29 -10.65
N THR A 29 4.52 10.23 -11.42
CA THR A 29 3.94 8.94 -11.10
C THR A 29 5.01 7.96 -10.64
N ALA A 30 4.77 7.32 -9.51
CA ALA A 30 5.69 6.34 -8.97
C ALA A 30 5.11 4.94 -9.10
N GLU A 31 5.89 4.02 -9.63
CA GLU A 31 5.44 2.64 -9.77
C GLU A 31 5.73 1.85 -8.50
N ILE A 32 4.67 1.39 -7.87
CA ILE A 32 4.80 0.55 -6.69
C ILE A 32 4.60 -0.91 -7.07
N ARG A 33 5.70 -1.62 -7.23
CA ARG A 33 5.63 -3.03 -7.54
C ARG A 33 5.35 -3.82 -6.28
N CYS A 34 4.35 -4.67 -6.33
CA CYS A 34 3.95 -5.43 -5.16
C CYS A 34 4.10 -6.92 -5.43
N GLN A 35 4.37 -7.68 -4.36
CA GLN A 35 4.51 -9.13 -4.47
C GLN A 35 3.85 -9.79 -3.28
N LEU A 36 2.78 -10.52 -3.55
CA LEU A 36 2.05 -11.23 -2.51
C LEU A 36 2.64 -12.62 -2.31
N HIS A 37 3.32 -12.81 -1.18
CA HIS A 37 3.97 -14.09 -0.90
C HIS A 37 3.06 -15.03 -0.13
N ARG A 38 2.55 -16.04 -0.81
CA ARG A 38 1.82 -17.11 -0.15
C ARG A 38 2.81 -18.16 0.35
N ASP A 39 2.60 -18.66 1.57
CA ASP A 39 3.53 -19.62 2.14
C ASP A 39 2.84 -20.94 2.48
N GLY A 40 2.14 -20.97 3.61
CA GLY A 40 1.55 -22.21 4.09
C GLY A 40 0.38 -22.70 3.29
N ARG A 41 -0.12 -21.85 2.39
CA ARG A 41 -1.27 -22.15 1.54
C ARG A 41 -2.53 -22.36 2.38
N PHE A 42 -3.37 -21.34 2.41
CA PHE A 42 -4.59 -21.38 3.21
C PHE A 42 -5.81 -21.14 2.33
N GLU A 43 -6.03 -22.07 1.40
CA GLU A 43 -7.18 -22.03 0.49
C GLU A 43 -7.08 -20.89 -0.50
N GLU A 44 -8.08 -20.77 -1.37
CA GLU A 44 -8.14 -19.67 -2.32
C GLU A 44 -8.88 -18.50 -1.71
N THR A 45 -8.33 -17.99 -0.62
CA THR A 45 -8.89 -16.85 0.08
C THR A 45 -8.80 -15.60 -0.79
N LYS A 46 -9.79 -14.72 -0.65
CA LYS A 46 -9.85 -13.51 -1.44
C LYS A 46 -9.13 -12.38 -0.71
N TYR A 47 -8.23 -11.72 -1.43
CA TYR A 47 -7.48 -10.60 -0.88
C TYR A 47 -8.10 -9.30 -1.35
N PHE A 48 -8.36 -8.40 -0.42
CA PHE A 48 -9.02 -7.15 -0.74
C PHE A 48 -8.11 -5.97 -0.41
N ILE A 49 -8.11 -4.97 -1.28
CA ILE A 49 -7.29 -3.79 -1.08
C ILE A 49 -8.15 -2.54 -0.87
N ARG A 50 -7.80 -1.76 0.14
CA ARG A 50 -8.43 -0.48 0.36
C ARG A 50 -7.39 0.45 1.00
N TYR A 51 -7.30 1.69 0.55
CA TYR A 51 -6.31 2.59 1.10
C TYR A 51 -6.98 3.81 1.70
N PHE A 52 -6.28 4.46 2.62
CA PHE A 52 -6.78 5.67 3.25
C PHE A 52 -5.66 6.70 3.32
N GLN A 53 -5.76 7.73 2.51
CA GLN A 53 -4.78 8.81 2.55
C GLN A 53 -5.39 10.02 3.24
N PRO A 54 -4.84 10.40 4.42
CA PRO A 54 -5.24 11.59 5.15
C PRO A 54 -5.08 12.84 4.28
N ASP A 55 -4.06 12.81 3.45
CA ASP A 55 -3.83 13.88 2.49
C ASP A 55 -4.63 13.61 1.23
N GLY A 56 -5.69 14.37 1.04
CA GLY A 56 -6.61 14.12 -0.06
C GLY A 56 -6.14 14.71 -1.36
N ALA A 57 -5.01 14.22 -1.86
CA ALA A 57 -4.48 14.66 -3.14
C ALA A 57 -3.52 13.62 -3.70
N GLY A 58 -4.07 12.67 -4.44
CA GLY A 58 -3.26 11.62 -5.01
C GLY A 58 -4.09 10.65 -5.82
N THR A 59 -3.50 10.10 -6.86
CA THR A 59 -4.20 9.14 -7.71
C THR A 59 -3.51 7.79 -7.69
N LEU A 60 -4.17 6.80 -7.12
CA LEU A 60 -3.61 5.46 -7.05
C LEU A 60 -4.41 4.52 -7.94
N LYS A 61 -3.81 4.10 -9.04
CA LYS A 61 -4.45 3.15 -9.93
C LYS A 61 -3.67 1.85 -9.98
N MET A 62 -4.39 0.76 -10.13
CA MET A 62 -3.77 -0.54 -10.28
C MET A 62 -3.54 -0.79 -11.77
N SER A 63 -2.53 -1.60 -12.09
CA SER A 63 -2.15 -1.87 -13.48
C SER A 63 -3.31 -2.43 -14.29
N ASP A 64 -4.28 -3.05 -13.61
CA ASP A 64 -5.48 -3.57 -14.26
C ASP A 64 -6.30 -2.43 -14.86
N GLY A 65 -6.08 -1.21 -14.38
CA GLY A 65 -6.84 -0.07 -14.82
C GLY A 65 -7.84 0.36 -13.78
N THR A 66 -7.86 -0.37 -12.67
CA THR A 66 -8.77 -0.09 -11.57
C THR A 66 -8.33 1.15 -10.81
N VAL A 67 -9.22 2.14 -10.74
CA VAL A 67 -8.98 3.32 -9.92
C VAL A 67 -9.32 2.97 -8.47
N LEU A 68 -8.35 3.11 -7.59
CA LEU A 68 -8.55 2.74 -6.20
C LEU A 68 -9.04 3.94 -5.40
N LEU A 69 -10.12 3.73 -4.66
CA LEU A 69 -10.74 4.79 -3.86
C LEU A 69 -10.41 4.61 -2.38
N PRO A 70 -10.43 5.71 -1.60
CA PRO A 70 -10.24 5.64 -0.15
C PRO A 70 -11.41 4.95 0.53
N ASN A 71 -11.09 3.99 1.41
CA ASN A 71 -12.08 3.24 2.18
C ASN A 71 -12.82 2.20 1.33
N ASP A 72 -13.07 2.52 0.07
CA ASP A 72 -13.73 1.59 -0.83
C ASP A 72 -12.87 0.36 -1.08
N LEU A 73 -13.51 -0.79 -1.17
CA LEU A 73 -12.79 -2.05 -1.22
C LEU A 73 -12.77 -2.63 -2.61
N TYR A 74 -11.59 -3.00 -3.07
CA TYR A 74 -11.43 -3.65 -4.36
C TYR A 74 -10.72 -5.00 -4.21
N PRO A 75 -11.22 -6.05 -4.90
CA PRO A 75 -10.61 -7.37 -4.86
C PRO A 75 -9.35 -7.45 -5.71
N LEU A 76 -8.32 -8.12 -5.20
CA LEU A 76 -7.07 -8.27 -5.92
C LEU A 76 -7.17 -9.41 -6.94
N PRO A 77 -7.03 -9.09 -8.23
CA PRO A 77 -7.09 -10.07 -9.31
C PRO A 77 -5.74 -10.72 -9.59
N GLY A 78 -4.74 -10.33 -8.82
CA GLY A 78 -3.40 -10.85 -9.02
C GLY A 78 -2.59 -10.81 -7.75
N GLU A 79 -1.35 -11.28 -7.83
CA GLU A 79 -0.46 -11.30 -6.67
C GLU A 79 0.84 -10.57 -7.00
N THR A 80 1.11 -10.39 -8.28
CA THR A 80 2.29 -9.68 -8.74
C THR A 80 1.89 -8.36 -9.38
N PHE A 81 0.80 -7.79 -8.87
CA PHE A 81 0.21 -6.59 -9.45
C PHE A 81 1.12 -5.37 -9.28
N ARG A 82 0.98 -4.44 -10.21
CA ARG A 82 1.76 -3.21 -10.20
C ARG A 82 0.85 -2.03 -9.91
N LEU A 83 1.25 -1.20 -8.95
CA LEU A 83 0.47 -0.02 -8.61
C LEU A 83 1.10 1.22 -9.19
N TYR A 84 0.28 2.11 -9.72
CA TYR A 84 0.78 3.37 -10.28
C TYR A 84 0.20 4.55 -9.53
N TYR A 85 1.02 5.14 -8.67
CA TYR A 85 0.58 6.25 -7.86
C TYR A 85 1.06 7.58 -8.43
N THR A 86 0.11 8.40 -8.81
CA THR A 86 0.40 9.72 -9.32
C THR A 86 0.22 10.76 -8.22
N SER A 87 1.28 11.50 -7.93
CA SER A 87 1.25 12.48 -6.86
C SER A 87 0.48 13.72 -7.29
N ALA A 88 -0.51 14.12 -6.49
CA ALA A 88 -1.27 15.31 -6.78
C ALA A 88 -0.96 16.39 -5.74
N SER A 89 -0.15 16.02 -4.76
CA SER A 89 0.28 16.95 -3.72
C SER A 89 1.77 17.23 -3.86
N THR A 90 2.16 18.43 -3.49
CA THR A 90 3.57 18.81 -3.51
C THR A 90 4.06 18.99 -2.08
N ASP A 91 3.23 18.60 -1.13
CA ASP A 91 3.53 18.75 0.28
C ASP A 91 3.73 17.39 0.91
N GLN A 92 3.72 17.35 2.25
CA GLN A 92 3.74 16.09 2.98
C GLN A 92 2.58 15.22 2.54
N GLN A 93 2.89 14.07 1.97
CA GLN A 93 1.87 13.22 1.39
C GLN A 93 1.84 11.87 2.08
N THR A 94 0.74 11.59 2.77
CA THR A 94 0.61 10.38 3.56
C THR A 94 -0.44 9.45 2.96
N VAL A 95 -0.02 8.23 2.62
CA VAL A 95 -0.94 7.23 2.07
C VAL A 95 -0.83 5.93 2.85
N ASP A 96 -1.90 5.57 3.56
CA ASP A 96 -1.91 4.33 4.33
C ASP A 96 -2.71 3.27 3.58
N VAL A 97 -2.04 2.22 3.13
CA VAL A 97 -2.69 1.20 2.32
C VAL A 97 -2.97 -0.05 3.15
N TYR A 98 -4.22 -0.48 3.15
CA TYR A 98 -4.63 -1.65 3.92
C TYR A 98 -4.87 -2.84 3.01
N PHE A 99 -4.17 -3.93 3.28
CA PHE A 99 -4.41 -5.18 2.59
C PHE A 99 -5.06 -6.18 3.54
N GLN A 100 -6.31 -6.52 3.26
CA GLN A 100 -7.05 -7.39 4.16
C GLN A 100 -7.38 -8.72 3.50
N ASP A 101 -7.38 -9.77 4.31
CA ASP A 101 -7.65 -11.12 3.85
C ASP A 101 -9.02 -11.58 4.36
N SER A 102 -9.57 -12.62 3.72
CA SER A 102 -10.90 -13.12 4.05
C SER A 102 -10.95 -13.71 5.48
N PHE A 103 -9.81 -14.18 5.97
CA PHE A 103 -9.76 -14.79 7.30
C PHE A 103 -9.74 -13.72 8.38
N GLY A 104 -9.28 -12.53 8.02
CA GLY A 104 -9.23 -11.44 8.97
C GLY A 104 -7.86 -10.79 9.06
N GLN A 105 -6.90 -11.34 8.31
CA GLN A 105 -5.55 -10.79 8.30
C GLN A 105 -5.56 -9.38 7.73
N LEU A 106 -4.74 -8.51 8.29
CA LEU A 106 -4.69 -7.12 7.89
C LEU A 106 -3.25 -6.62 7.90
N GLN A 107 -2.74 -6.24 6.74
CA GLN A 107 -1.41 -5.66 6.64
C GLN A 107 -1.53 -4.20 6.19
N GLN A 108 -1.08 -3.29 7.03
CA GLN A 108 -1.15 -1.87 6.70
C GLN A 108 0.23 -1.33 6.32
N LEU A 109 0.30 -0.70 5.17
CA LEU A 109 1.54 -0.10 4.68
C LEU A 109 1.41 1.42 4.61
N THR A 110 2.10 2.10 5.50
CA THR A 110 2.04 3.56 5.54
C THR A 110 3.15 4.17 4.68
N PHE A 111 2.77 4.84 3.61
CA PHE A 111 3.73 5.49 2.74
C PHE A 111 3.82 6.97 3.07
N SER A 112 5.01 7.41 3.45
CA SER A 112 5.25 8.81 3.79
C SER A 112 6.10 9.47 2.71
N PHE A 113 5.49 10.37 1.95
CA PHE A 113 6.20 11.08 0.90
C PHE A 113 6.59 12.48 1.37
N ASN A 114 7.50 13.11 0.63
CA ASN A 114 7.97 14.47 0.90
C ASN A 114 9.00 14.50 2.02
N ASN A 115 8.58 14.18 3.24
CA ASN A 115 9.50 14.19 4.38
C ASN A 115 9.29 12.97 5.25
N ASP A 116 10.39 12.28 5.53
CA ASP A 116 10.40 11.15 6.45
C ASP A 116 11.68 11.19 7.28
N SER A 117 12.69 11.87 6.74
CA SER A 117 13.94 12.14 7.45
C SER A 117 14.76 10.87 7.74
N SER A 118 14.39 9.76 7.11
CA SER A 118 15.06 8.49 7.37
C SER A 118 16.26 8.28 6.42
N LYS A 119 17.00 9.36 6.16
CA LYS A 119 18.14 9.28 5.25
C LYS A 119 18.98 10.55 5.32
N GLU A 120 18.31 11.70 5.21
CA GLU A 120 18.98 12.98 5.00
C GLU A 120 19.94 13.33 6.13
N GLU A 121 20.95 14.12 5.78
CA GLU A 121 22.00 14.51 6.70
C GLU A 121 21.83 15.97 7.10
N GLU A 122 21.11 16.20 8.19
CA GLU A 122 20.88 17.55 8.67
C GLU A 122 21.93 17.92 9.71
N LEU A 123 22.90 18.74 9.29
CA LEU A 123 23.99 19.17 10.14
C LEU A 123 24.72 17.96 10.73
N GLU A 124 25.12 17.07 9.83
CA GLU A 124 25.79 15.81 10.18
C GLU A 124 24.93 14.94 11.10
N HIS A 125 24.44 13.85 10.54
CA HIS A 125 23.61 12.91 11.30
C HIS A 125 24.50 11.93 12.08
N HIS A 126 25.49 12.48 12.80
CA HIS A 126 26.44 11.72 13.62
C HIS A 126 27.43 10.91 12.77
N HIS A 127 27.02 10.59 11.54
CA HIS A 127 27.82 9.74 10.65
C HIS A 127 27.96 8.34 11.24
N HIS A 128 27.00 7.49 10.96
CA HIS A 128 27.00 6.14 11.51
C HIS A 128 26.48 5.14 10.49
N HIS A 129 27.16 4.01 10.39
CA HIS A 129 26.71 2.92 9.54
C HIS A 129 27.40 1.63 9.95
N HIS A 130 26.62 0.59 10.19
CA HIS A 130 27.17 -0.70 10.59
C HIS A 130 26.46 -1.81 9.84
N MET A 1 9.72 -14.78 30.59
CA MET A 1 9.07 -15.92 29.91
C MET A 1 7.56 -15.81 30.05
N ASN A 2 7.11 -15.31 31.19
CA ASN A 2 5.69 -15.10 31.48
C ASN A 2 4.99 -16.45 31.72
N ASP A 3 4.47 -17.04 30.66
CA ASP A 3 3.72 -18.29 30.75
C ASP A 3 3.69 -18.98 29.39
N ASP A 4 3.03 -18.34 28.44
CA ASP A 4 2.91 -18.87 27.10
C ASP A 4 4.05 -18.37 26.21
N VAL A 5 4.37 -19.18 25.21
CA VAL A 5 5.32 -18.77 24.19
C VAL A 5 4.59 -17.88 23.19
N ASP A 6 5.31 -16.95 22.57
CA ASP A 6 4.70 -16.03 21.64
C ASP A 6 4.32 -16.76 20.34
N ILE A 7 3.87 -16.02 19.35
CA ILE A 7 3.40 -16.61 18.11
C ILE A 7 4.56 -17.15 17.28
N GLN A 8 4.56 -18.46 17.10
CA GLN A 8 5.58 -19.11 16.29
C GLN A 8 5.43 -18.72 14.82
N GLN A 9 6.52 -18.83 14.07
CA GLN A 9 6.54 -18.37 12.69
C GLN A 9 5.91 -19.42 11.77
N SER A 10 4.60 -19.35 11.62
CA SER A 10 3.86 -20.28 10.79
C SER A 10 3.73 -19.78 9.35
N TYR A 11 4.49 -18.72 9.04
CA TYR A 11 4.48 -18.12 7.70
C TYR A 11 3.12 -17.51 7.36
N PRO A 12 2.87 -16.28 7.82
CA PRO A 12 1.66 -15.55 7.49
C PRO A 12 1.79 -14.85 6.15
N PHE A 13 0.67 -14.38 5.60
CA PHE A 13 0.70 -13.66 4.35
C PHE A 13 1.49 -12.37 4.54
N SER A 14 2.34 -12.05 3.58
CA SER A 14 3.19 -10.88 3.67
C SER A 14 3.37 -10.25 2.29
N ILE A 15 3.17 -8.94 2.21
CA ILE A 15 3.28 -8.25 0.94
C ILE A 15 4.54 -7.41 0.88
N GLU A 16 5.41 -7.77 -0.06
CA GLU A 16 6.69 -7.11 -0.23
C GLU A 16 6.55 -5.97 -1.23
N THR A 17 6.72 -4.75 -0.75
CA THR A 17 6.64 -3.58 -1.61
C THR A 17 8.03 -3.14 -2.05
N MET A 18 8.17 -2.86 -3.34
CA MET A 18 9.44 -2.40 -3.89
C MET A 18 9.73 -0.97 -3.45
N PRO A 19 11.01 -0.65 -3.20
CA PRO A 19 11.44 0.68 -2.75
C PRO A 19 10.87 1.81 -3.63
N VAL A 20 10.30 2.81 -2.97
CA VAL A 20 9.69 3.94 -3.66
C VAL A 20 10.63 5.14 -3.68
N PRO A 21 10.37 6.10 -4.59
CA PRO A 21 11.14 7.35 -4.68
C PRO A 21 10.99 8.20 -3.42
N LYS A 22 11.89 9.17 -3.27
CA LYS A 22 11.91 9.99 -2.06
C LYS A 22 10.98 11.20 -2.21
N LYS A 23 10.85 11.69 -3.44
CA LYS A 23 9.99 12.83 -3.70
C LYS A 23 9.16 12.59 -4.96
N LEU A 24 7.97 13.16 -4.99
CA LEU A 24 7.10 13.00 -6.14
C LEU A 24 6.65 14.37 -6.65
N LYS A 25 6.53 14.48 -7.96
CA LYS A 25 6.09 15.71 -8.61
C LYS A 25 4.61 15.64 -8.94
N VAL A 26 4.01 16.77 -9.27
CA VAL A 26 2.61 16.79 -9.66
C VAL A 26 2.45 16.12 -11.03
N GLY A 27 1.75 15.00 -11.06
CA GLY A 27 1.60 14.26 -12.29
C GLY A 27 2.58 13.11 -12.38
N GLU A 28 3.46 13.01 -11.40
CA GLU A 28 4.46 11.96 -11.37
C GLU A 28 3.86 10.68 -10.77
N THR A 29 3.96 9.60 -11.52
CA THR A 29 3.39 8.33 -11.08
C THR A 29 4.48 7.39 -10.57
N ALA A 30 4.37 7.01 -9.31
CA ALA A 30 5.30 6.06 -8.72
C ALA A 30 4.75 4.65 -8.83
N GLU A 31 5.51 3.76 -9.45
CA GLU A 31 5.09 2.38 -9.58
C GLU A 31 5.50 1.58 -8.35
N ILE A 32 4.56 1.34 -7.48
CA ILE A 32 4.79 0.52 -6.31
C ILE A 32 4.41 -0.92 -6.61
N ARG A 33 5.41 -1.73 -6.93
CA ARG A 33 5.15 -3.13 -7.21
C ARG A 33 5.04 -3.90 -5.91
N CYS A 34 3.95 -4.63 -5.76
CA CYS A 34 3.70 -5.38 -4.55
C CYS A 34 3.74 -6.87 -4.84
N GLN A 35 4.54 -7.59 -4.07
CA GLN A 35 4.64 -9.03 -4.21
C GLN A 35 4.09 -9.70 -2.96
N LEU A 36 2.96 -10.39 -3.09
CA LEU A 36 2.37 -11.08 -1.97
C LEU A 36 2.96 -12.47 -1.83
N HIS A 37 3.51 -12.74 -0.66
CA HIS A 37 4.12 -14.03 -0.39
C HIS A 37 3.03 -15.03 -0.02
N ARG A 38 2.75 -15.95 -0.92
CA ARG A 38 1.71 -16.94 -0.69
C ARG A 38 2.28 -18.16 0.01
N ASP A 39 1.97 -18.31 1.28
CA ASP A 39 2.44 -19.45 2.05
C ASP A 39 1.30 -20.40 2.39
N GLY A 40 0.26 -19.85 3.00
CA GLY A 40 -0.89 -20.66 3.38
C GLY A 40 -1.55 -21.33 2.19
N ARG A 41 -1.51 -22.65 2.18
CA ARG A 41 -2.14 -23.42 1.11
C ARG A 41 -3.53 -23.86 1.51
N PHE A 42 -4.50 -23.19 0.92
CA PHE A 42 -5.91 -23.47 1.18
C PHE A 42 -6.66 -23.22 -0.13
N GLU A 43 -7.93 -22.83 -0.04
CA GLU A 43 -8.66 -22.36 -1.20
C GLU A 43 -8.03 -21.07 -1.71
N GLU A 44 -8.52 -20.57 -2.85
CA GLU A 44 -8.04 -19.31 -3.37
C GLU A 44 -8.69 -18.16 -2.61
N THR A 45 -8.25 -18.00 -1.37
CA THR A 45 -8.62 -16.84 -0.57
C THR A 45 -8.27 -15.57 -1.34
N LYS A 46 -9.14 -14.58 -1.27
CA LYS A 46 -9.02 -13.43 -2.14
C LYS A 46 -8.54 -12.20 -1.40
N TYR A 47 -7.67 -11.45 -2.06
CA TYR A 47 -7.04 -10.29 -1.45
C TYR A 47 -7.79 -9.03 -1.88
N PHE A 48 -7.99 -8.12 -0.95
CA PHE A 48 -8.70 -6.89 -1.22
C PHE A 48 -7.84 -5.69 -0.81
N ILE A 49 -8.03 -4.58 -1.51
CA ILE A 49 -7.27 -3.38 -1.24
C ILE A 49 -8.19 -2.21 -0.91
N ARG A 50 -7.83 -1.48 0.14
CA ARG A 50 -8.60 -0.32 0.59
C ARG A 50 -7.67 0.63 1.31
N TYR A 51 -7.50 1.84 0.79
CA TYR A 51 -6.58 2.77 1.40
C TYR A 51 -7.31 3.93 2.06
N PHE A 52 -6.66 4.50 3.06
CA PHE A 52 -7.17 5.66 3.76
C PHE A 52 -6.15 6.77 3.67
N GLN A 53 -6.54 7.90 3.10
CA GLN A 53 -5.63 9.02 2.92
C GLN A 53 -6.06 10.17 3.84
N PRO A 54 -5.46 10.25 5.04
CA PRO A 54 -5.80 11.31 6.00
C PRO A 54 -5.35 12.69 5.51
N ASP A 55 -4.11 12.78 5.04
CA ASP A 55 -3.57 14.03 4.56
C ASP A 55 -2.64 13.79 3.37
N GLY A 56 -2.97 14.38 2.24
CA GLY A 56 -2.17 14.23 1.05
C GLY A 56 -3.01 14.37 -0.19
N ALA A 57 -2.39 14.20 -1.35
CA ALA A 57 -3.10 14.28 -2.61
C ALA A 57 -2.41 13.45 -3.68
N GLY A 58 -2.96 12.28 -3.94
CA GLY A 58 -2.42 11.42 -4.97
C GLY A 58 -3.45 10.45 -5.50
N THR A 59 -3.34 10.10 -6.76
CA THR A 59 -4.24 9.15 -7.36
C THR A 59 -3.62 7.75 -7.36
N LEU A 60 -4.19 6.85 -6.58
CA LEU A 60 -3.67 5.49 -6.49
C LEU A 60 -4.42 4.58 -7.44
N LYS A 61 -3.74 4.13 -8.48
CA LYS A 61 -4.32 3.21 -9.44
C LYS A 61 -3.74 1.83 -9.26
N MET A 62 -4.52 0.82 -9.59
CA MET A 62 -4.03 -0.55 -9.59
C MET A 62 -3.60 -0.92 -11.01
N SER A 63 -2.85 -2.01 -11.15
CA SER A 63 -2.31 -2.43 -12.45
C SER A 63 -3.40 -2.62 -13.50
N ASP A 64 -4.62 -2.85 -13.06
CA ASP A 64 -5.76 -3.04 -13.96
C ASP A 64 -6.24 -1.72 -14.55
N GLY A 65 -5.66 -0.62 -14.10
CA GLY A 65 -6.09 0.69 -14.55
C GLY A 65 -7.22 1.22 -13.70
N THR A 66 -7.51 0.49 -12.63
CA THR A 66 -8.58 0.85 -11.72
C THR A 66 -8.12 1.94 -10.76
N VAL A 67 -8.80 3.08 -10.81
CA VAL A 67 -8.55 4.15 -9.87
C VAL A 67 -9.21 3.81 -8.54
N LEU A 68 -8.39 3.58 -7.53
CA LEU A 68 -8.87 3.14 -6.23
C LEU A 68 -9.38 4.33 -5.41
N LEU A 69 -10.32 4.08 -4.53
CA LEU A 69 -10.90 5.14 -3.71
C LEU A 69 -10.82 4.77 -2.23
N PRO A 70 -10.84 5.77 -1.34
CA PRO A 70 -10.82 5.56 0.10
C PRO A 70 -12.15 5.04 0.64
N ASN A 71 -12.07 4.30 1.74
CA ASN A 71 -13.25 3.76 2.43
C ASN A 71 -13.83 2.54 1.72
N ASP A 72 -14.11 2.65 0.43
CA ASP A 72 -14.66 1.51 -0.31
C ASP A 72 -13.55 0.52 -0.69
N LEU A 73 -13.97 -0.68 -1.09
CA LEU A 73 -13.04 -1.80 -1.23
C LEU A 73 -12.98 -2.31 -2.67
N TYR A 74 -11.76 -2.61 -3.13
CA TYR A 74 -11.55 -3.21 -4.44
C TYR A 74 -10.75 -4.50 -4.31
N PRO A 75 -11.00 -5.49 -5.18
CA PRO A 75 -10.28 -6.77 -5.16
C PRO A 75 -8.93 -6.70 -5.87
N LEU A 76 -7.97 -7.45 -5.35
CA LEU A 76 -6.63 -7.51 -5.94
C LEU A 76 -6.56 -8.60 -7.01
N PRO A 77 -5.77 -8.37 -8.07
CA PRO A 77 -5.68 -9.27 -9.23
C PRO A 77 -4.93 -10.58 -8.93
N GLY A 78 -4.12 -10.59 -7.88
CA GLY A 78 -3.37 -11.78 -7.55
C GLY A 78 -2.27 -11.51 -6.56
N GLU A 79 -1.25 -12.36 -6.56
CA GLU A 79 -0.13 -12.24 -5.63
C GLU A 79 0.76 -11.06 -5.99
N THR A 80 1.11 -10.97 -7.27
CA THR A 80 1.96 -9.87 -7.73
C THR A 80 1.13 -8.87 -8.52
N PHE A 81 1.27 -7.59 -8.20
CA PHE A 81 0.53 -6.54 -8.86
C PHE A 81 1.26 -5.21 -8.75
N ARG A 82 0.75 -4.21 -9.45
CA ARG A 82 1.38 -2.90 -9.48
C ARG A 82 0.43 -1.85 -8.94
N LEU A 83 0.95 -0.95 -8.11
CA LEU A 83 0.20 0.20 -7.66
C LEU A 83 0.79 1.47 -8.23
N TYR A 84 0.03 2.14 -9.06
CA TYR A 84 0.50 3.36 -9.71
C TYR A 84 -0.02 4.58 -8.96
N TYR A 85 0.85 5.18 -8.17
CA TYR A 85 0.49 6.34 -7.39
C TYR A 85 0.90 7.62 -8.12
N THR A 86 -0.06 8.26 -8.76
CA THR A 86 0.19 9.52 -9.43
C THR A 86 0.03 10.67 -8.45
N SER A 87 1.14 11.29 -8.10
CA SER A 87 1.15 12.38 -7.14
C SER A 87 0.43 13.60 -7.69
N ALA A 88 -0.26 14.31 -6.81
CA ALA A 88 -0.99 15.52 -7.21
C ALA A 88 -0.66 16.68 -6.28
N SER A 89 0.38 16.51 -5.47
CA SER A 89 0.77 17.55 -4.53
C SER A 89 2.28 17.61 -4.36
N THR A 90 2.78 18.74 -3.89
CA THR A 90 4.19 18.90 -3.60
C THR A 90 4.44 18.77 -2.11
N ASP A 91 3.35 18.72 -1.34
CA ASP A 91 3.41 18.57 0.10
C ASP A 91 3.70 17.12 0.46
N GLN A 92 3.83 16.83 1.75
CA GLN A 92 4.02 15.47 2.19
C GLN A 92 2.73 14.70 1.98
N GLN A 93 2.85 13.41 1.77
CA GLN A 93 1.69 12.58 1.47
C GLN A 93 1.65 11.37 2.39
N THR A 94 0.63 11.31 3.22
CA THR A 94 0.46 10.19 4.13
C THR A 94 -0.72 9.33 3.69
N VAL A 95 -0.42 8.18 3.13
CA VAL A 95 -1.45 7.26 2.65
C VAL A 95 -1.32 5.91 3.35
N ASP A 96 -2.31 5.59 4.17
CA ASP A 96 -2.35 4.29 4.83
C ASP A 96 -3.11 3.29 3.97
N VAL A 97 -2.39 2.33 3.42
CA VAL A 97 -3.01 1.35 2.55
C VAL A 97 -3.27 0.05 3.31
N TYR A 98 -4.53 -0.36 3.36
CA TYR A 98 -4.92 -1.60 4.00
C TYR A 98 -4.98 -2.73 2.99
N PHE A 99 -4.22 -3.77 3.25
CA PHE A 99 -4.30 -4.98 2.45
C PHE A 99 -4.93 -6.07 3.29
N GLN A 100 -6.13 -6.47 2.90
CA GLN A 100 -6.88 -7.44 3.67
C GLN A 100 -7.23 -8.65 2.84
N ASP A 101 -7.15 -9.82 3.44
CA ASP A 101 -7.46 -11.06 2.76
C ASP A 101 -8.68 -11.72 3.40
N SER A 102 -9.36 -12.60 2.68
CA SER A 102 -10.58 -13.23 3.19
C SER A 102 -10.29 -14.24 4.31
N PHE A 103 -9.02 -14.47 4.59
CA PHE A 103 -8.62 -15.27 5.75
C PHE A 103 -8.70 -14.40 7.01
N GLY A 104 -8.72 -13.09 6.80
CA GLY A 104 -8.82 -12.16 7.92
C GLY A 104 -7.54 -11.40 8.16
N GLN A 105 -6.48 -11.80 7.47
CA GLN A 105 -5.18 -11.15 7.62
C GLN A 105 -5.26 -9.71 7.13
N LEU A 106 -4.57 -8.83 7.83
CA LEU A 106 -4.61 -7.39 7.53
C LEU A 106 -3.21 -6.82 7.63
N GLN A 107 -2.70 -6.28 6.53
CA GLN A 107 -1.42 -5.59 6.55
C GLN A 107 -1.60 -4.13 6.15
N GLN A 108 -1.36 -3.26 7.12
CA GLN A 108 -1.46 -1.83 6.90
C GLN A 108 -0.11 -1.26 6.52
N LEU A 109 0.01 -0.80 5.29
CA LEU A 109 1.24 -0.20 4.81
C LEU A 109 1.07 1.31 4.72
N THR A 110 1.79 2.03 5.57
CA THR A 110 1.71 3.47 5.60
C THR A 110 2.78 4.08 4.69
N PHE A 111 2.34 4.72 3.61
CA PHE A 111 3.27 5.35 2.68
C PHE A 111 3.32 6.85 2.94
N SER A 112 4.50 7.35 3.23
CA SER A 112 4.68 8.78 3.45
C SER A 112 5.71 9.30 2.45
N PHE A 113 5.23 10.07 1.49
CA PHE A 113 6.09 10.66 0.47
C PHE A 113 6.46 12.08 0.86
N ASN A 114 7.66 12.51 0.48
CA ASN A 114 8.20 13.80 0.89
C ASN A 114 8.35 13.84 2.39
N ASN A 115 9.50 13.39 2.87
CA ASN A 115 9.73 13.19 4.30
C ASN A 115 9.71 14.50 5.07
N ASP A 116 10.81 15.28 4.96
CA ASP A 116 10.99 16.50 5.76
C ASP A 116 10.95 16.19 7.25
N SER A 117 9.75 16.09 7.77
CA SER A 117 9.49 15.63 9.12
C SER A 117 9.98 16.62 10.17
N SER A 118 9.09 17.49 10.61
CA SER A 118 9.34 18.33 11.75
C SER A 118 9.07 17.53 13.02
N LYS A 119 7.79 17.27 13.26
CA LYS A 119 7.34 16.28 14.23
C LYS A 119 7.76 16.59 15.67
N GLU A 120 8.09 17.84 15.95
CA GLU A 120 8.40 18.23 17.32
C GLU A 120 7.10 18.38 18.10
N GLU A 121 6.05 18.74 17.38
CA GLU A 121 4.71 18.82 17.94
C GLU A 121 3.69 18.64 16.83
N GLU A 122 2.64 17.88 17.11
CA GLU A 122 1.63 17.60 16.10
C GLU A 122 0.59 18.71 16.05
N LEU A 123 0.89 19.76 15.30
CA LEU A 123 -0.04 20.85 15.10
C LEU A 123 0.11 21.43 13.69
N GLU A 124 -0.84 21.06 12.84
CA GLU A 124 -0.91 21.56 11.46
C GLU A 124 -2.20 21.07 10.84
N HIS A 125 -2.50 19.80 11.11
CA HIS A 125 -3.74 19.19 10.68
C HIS A 125 -4.85 19.57 11.64
N HIS A 126 -5.86 20.25 11.13
CA HIS A 126 -7.02 20.59 11.92
C HIS A 126 -7.92 19.36 12.04
N HIS A 127 -8.36 19.06 13.26
CA HIS A 127 -9.15 17.86 13.48
C HIS A 127 -10.61 18.09 13.10
N HIS A 128 -11.27 17.04 12.66
CA HIS A 128 -12.69 17.10 12.33
C HIS A 128 -13.52 16.92 13.59
N HIS A 129 -14.83 17.09 13.46
CA HIS A 129 -15.71 16.99 14.61
C HIS A 129 -16.45 15.66 14.61
N HIS A 130 -16.04 14.75 15.48
CA HIS A 130 -16.75 13.50 15.66
C HIS A 130 -17.43 13.49 17.02
N MET A 1 18.71 -8.02 30.58
CA MET A 1 19.40 -8.26 29.30
C MET A 1 18.40 -8.70 28.25
N ASN A 2 18.77 -8.59 26.97
CA ASN A 2 17.86 -8.95 25.90
C ASN A 2 18.49 -10.00 24.99
N ASP A 3 18.22 -11.25 25.30
CA ASP A 3 18.75 -12.37 24.56
C ASP A 3 17.61 -13.27 24.08
N ASP A 4 16.53 -13.27 24.84
CA ASP A 4 15.37 -14.09 24.52
C ASP A 4 14.46 -13.36 23.55
N VAL A 5 14.12 -14.01 22.45
CA VAL A 5 13.25 -13.41 21.45
C VAL A 5 11.78 -13.66 21.76
N ASP A 6 11.08 -12.61 22.17
CA ASP A 6 9.66 -12.68 22.48
C ASP A 6 8.83 -12.17 21.31
N ILE A 7 9.48 -11.38 20.46
CA ILE A 7 8.82 -10.72 19.34
C ILE A 7 8.09 -11.73 18.46
N GLN A 8 6.79 -11.53 18.29
CA GLN A 8 5.98 -12.38 17.43
C GLN A 8 6.16 -11.96 15.98
N GLN A 9 6.93 -12.74 15.24
CA GLN A 9 7.21 -12.45 13.84
C GLN A 9 6.45 -13.42 12.93
N SER A 10 5.67 -14.30 13.55
CA SER A 10 4.89 -15.27 12.81
C SER A 10 3.70 -14.60 12.11
N TYR A 11 3.88 -14.29 10.82
CA TYR A 11 2.81 -13.72 10.03
C TYR A 11 2.66 -14.50 8.72
N PRO A 12 1.56 -15.26 8.60
CA PRO A 12 1.30 -16.15 7.45
C PRO A 12 1.20 -15.40 6.13
N PHE A 13 0.68 -14.19 6.21
CA PHE A 13 0.56 -13.33 5.04
C PHE A 13 1.24 -12.01 5.33
N SER A 14 1.98 -11.52 4.34
CA SER A 14 2.66 -10.24 4.43
C SER A 14 2.84 -9.67 3.04
N ILE A 15 3.00 -8.37 2.94
CA ILE A 15 3.19 -7.73 1.65
C ILE A 15 4.59 -7.15 1.55
N GLU A 16 5.38 -7.69 0.64
CA GLU A 16 6.73 -7.19 0.41
C GLU A 16 6.73 -6.21 -0.74
N THR A 17 7.09 -4.99 -0.43
CA THR A 17 7.07 -3.91 -1.40
C THR A 17 8.46 -3.60 -1.91
N MET A 18 8.56 -3.39 -3.22
CA MET A 18 9.82 -3.00 -3.82
C MET A 18 10.05 -1.51 -3.63
N PRO A 19 11.31 -1.08 -3.43
CA PRO A 19 11.64 0.33 -3.20
C PRO A 19 11.02 1.27 -4.23
N VAL A 20 10.22 2.21 -3.75
CA VAL A 20 9.57 3.18 -4.61
C VAL A 20 10.52 4.34 -4.92
N PRO A 21 10.21 5.16 -5.94
CA PRO A 21 10.97 6.38 -6.22
C PRO A 21 11.02 7.29 -4.99
N LYS A 22 12.21 7.79 -4.68
CA LYS A 22 12.41 8.55 -3.46
C LYS A 22 12.10 10.04 -3.66
N LYS A 23 11.63 10.39 -4.85
CA LYS A 23 11.23 11.76 -5.12
C LYS A 23 10.06 11.79 -6.09
N LEU A 24 9.00 12.48 -5.69
CA LEU A 24 7.81 12.62 -6.52
C LEU A 24 7.44 14.08 -6.69
N LYS A 25 7.02 14.43 -7.91
CA LYS A 25 6.62 15.79 -8.21
C LYS A 25 5.15 15.80 -8.64
N VAL A 26 4.57 16.99 -8.73
CA VAL A 26 3.16 17.11 -9.11
C VAL A 26 2.95 16.62 -10.54
N GLY A 27 2.09 15.61 -10.69
CA GLY A 27 1.77 15.10 -12.00
C GLY A 27 2.57 13.85 -12.33
N GLU A 28 3.48 13.49 -11.46
CA GLU A 28 4.30 12.30 -11.67
C GLU A 28 3.63 11.08 -11.07
N THR A 29 3.76 9.95 -11.75
CA THR A 29 3.14 8.72 -11.29
C THR A 29 4.19 7.75 -10.78
N ALA A 30 4.03 7.32 -9.54
CA ALA A 30 4.95 6.38 -8.92
C ALA A 30 4.45 4.96 -9.06
N GLU A 31 5.31 4.08 -9.55
CA GLU A 31 4.96 2.67 -9.67
C GLU A 31 5.37 1.93 -8.40
N ILE A 32 4.37 1.62 -7.59
CA ILE A 32 4.59 0.87 -6.37
C ILE A 32 4.47 -0.63 -6.65
N ARG A 33 5.62 -1.29 -6.73
CA ARG A 33 5.67 -2.70 -7.04
C ARG A 33 5.50 -3.52 -5.77
N CYS A 34 4.46 -4.34 -5.75
CA CYS A 34 4.10 -5.07 -4.56
C CYS A 34 4.12 -6.58 -4.81
N GLN A 35 4.72 -7.32 -3.90
CA GLN A 35 4.78 -8.76 -3.99
C GLN A 35 4.19 -9.39 -2.73
N LEU A 36 3.08 -10.08 -2.89
CA LEU A 36 2.40 -10.71 -1.77
C LEU A 36 3.14 -11.96 -1.31
N HIS A 37 3.49 -11.99 -0.04
CA HIS A 37 4.19 -13.13 0.55
C HIS A 37 3.20 -13.95 1.36
N ARG A 38 2.91 -15.15 0.89
CA ARG A 38 1.94 -16.01 1.55
C ARG A 38 2.57 -17.35 1.93
N ASP A 39 2.23 -17.85 3.11
CA ASP A 39 2.54 -19.23 3.46
C ASP A 39 1.27 -20.06 3.35
N GLY A 40 0.14 -19.38 3.46
CA GLY A 40 -1.15 -20.03 3.42
C GLY A 40 -1.36 -20.79 2.13
N ARG A 41 -1.31 -22.11 2.23
CA ARG A 41 -1.48 -22.96 1.07
C ARG A 41 -2.96 -23.10 0.72
N PHE A 42 -3.50 -22.08 0.06
CA PHE A 42 -4.88 -22.10 -0.38
C PHE A 42 -4.93 -22.03 -1.89
N GLU A 43 -6.03 -22.50 -2.48
CA GLU A 43 -6.18 -22.50 -3.92
C GLU A 43 -6.63 -21.14 -4.42
N GLU A 44 -5.69 -20.19 -4.42
CA GLU A 44 -5.91 -18.83 -4.91
C GLU A 44 -7.14 -18.18 -4.30
N THR A 45 -7.00 -17.68 -3.08
CA THR A 45 -8.05 -16.88 -2.49
C THR A 45 -7.85 -15.44 -2.92
N LYS A 46 -8.94 -14.72 -3.14
CA LYS A 46 -8.85 -13.36 -3.62
C LYS A 46 -8.78 -12.39 -2.46
N TYR A 47 -7.79 -11.50 -2.50
CA TYR A 47 -7.54 -10.58 -1.41
C TYR A 47 -8.20 -9.24 -1.73
N PHE A 48 -8.40 -8.42 -0.71
CA PHE A 48 -9.03 -7.13 -0.88
C PHE A 48 -8.09 -6.02 -0.42
N ILE A 49 -8.01 -4.96 -1.21
CA ILE A 49 -7.11 -3.87 -0.90
C ILE A 49 -7.90 -2.67 -0.38
N ARG A 50 -7.38 -2.05 0.67
CA ARG A 50 -8.06 -0.97 1.36
C ARG A 50 -7.14 0.24 1.49
N TYR A 51 -7.71 1.44 1.51
CA TYR A 51 -6.92 2.65 1.61
C TYR A 51 -7.54 3.64 2.59
N PHE A 52 -6.69 4.54 3.08
CA PHE A 52 -7.11 5.62 3.95
C PHE A 52 -6.18 6.82 3.77
N GLN A 53 -6.76 8.00 3.57
CA GLN A 53 -5.94 9.20 3.38
C GLN A 53 -6.45 10.36 4.24
N PRO A 54 -5.69 10.68 5.30
CA PRO A 54 -6.04 11.77 6.21
C PRO A 54 -5.70 13.15 5.64
N ASP A 55 -4.64 13.20 4.84
CA ASP A 55 -4.14 14.45 4.31
C ASP A 55 -3.35 14.22 3.03
N GLY A 56 -3.73 14.92 1.96
CA GLY A 56 -2.96 14.83 0.73
C GLY A 56 -3.83 14.84 -0.51
N ALA A 57 -3.19 14.99 -1.66
CA ALA A 57 -3.86 15.00 -2.95
C ALA A 57 -3.11 14.11 -3.94
N GLY A 58 -3.82 13.17 -4.54
CA GLY A 58 -3.19 12.28 -5.50
C GLY A 58 -4.19 11.45 -6.26
N THR A 59 -3.76 10.88 -7.37
CA THR A 59 -4.59 10.00 -8.17
C THR A 59 -4.06 8.58 -8.11
N LEU A 60 -4.82 7.69 -7.49
CA LEU A 60 -4.36 6.34 -7.22
C LEU A 60 -5.13 5.32 -8.04
N LYS A 61 -4.41 4.52 -8.81
CA LYS A 61 -5.01 3.46 -9.62
C LYS A 61 -4.21 2.16 -9.49
N MET A 62 -4.88 1.06 -9.73
CA MET A 62 -4.23 -0.24 -9.80
C MET A 62 -3.64 -0.43 -11.20
N SER A 63 -2.71 -1.36 -11.35
CA SER A 63 -2.09 -1.64 -12.65
C SER A 63 -3.14 -2.05 -13.70
N ASP A 64 -4.26 -2.58 -13.23
CA ASP A 64 -5.34 -2.97 -14.12
C ASP A 64 -6.18 -1.77 -14.56
N GLY A 65 -5.80 -0.58 -14.11
CA GLY A 65 -6.49 0.63 -14.53
C GLY A 65 -7.69 0.94 -13.64
N THR A 66 -7.77 0.24 -12.52
CA THR A 66 -8.86 0.44 -11.59
C THR A 66 -8.53 1.55 -10.59
N VAL A 67 -9.31 2.62 -10.60
CA VAL A 67 -9.11 3.70 -9.64
C VAL A 67 -9.46 3.21 -8.23
N LEU A 68 -8.58 3.47 -7.29
CA LEU A 68 -8.72 2.95 -5.94
C LEU A 68 -9.13 4.05 -4.96
N LEU A 69 -10.38 3.98 -4.52
CA LEU A 69 -10.89 4.96 -3.56
C LEU A 69 -10.98 4.35 -2.17
N PRO A 70 -10.76 5.16 -1.12
CA PRO A 70 -10.81 4.71 0.27
C PRO A 70 -12.25 4.47 0.76
N ASN A 71 -13.19 4.45 -0.18
CA ASN A 71 -14.59 4.27 0.16
C ASN A 71 -14.98 2.80 0.11
N ASP A 72 -14.33 2.04 -0.77
CA ASP A 72 -14.71 0.65 -0.99
C ASP A 72 -13.51 -0.28 -0.86
N LEU A 73 -13.76 -1.57 -0.99
CA LEU A 73 -12.70 -2.58 -1.04
C LEU A 73 -12.61 -3.14 -2.45
N TYR A 74 -11.39 -3.30 -2.94
CA TYR A 74 -11.19 -3.78 -4.30
C TYR A 74 -10.47 -5.12 -4.29
N PRO A 75 -11.02 -6.11 -4.99
CA PRO A 75 -10.42 -7.44 -5.09
C PRO A 75 -9.14 -7.42 -5.91
N LEU A 76 -8.07 -7.97 -5.35
CA LEU A 76 -6.79 -8.04 -6.03
C LEU A 76 -6.77 -9.19 -7.02
N PRO A 77 -6.59 -8.87 -8.31
CA PRO A 77 -6.56 -9.86 -9.39
C PRO A 77 -5.19 -10.54 -9.50
N GLY A 78 -4.32 -10.24 -8.55
CA GLY A 78 -2.99 -10.83 -8.57
C GLY A 78 -2.26 -10.64 -7.26
N GLU A 79 -1.19 -11.39 -7.09
CA GLU A 79 -0.35 -11.29 -5.91
C GLU A 79 0.95 -10.59 -6.25
N THR A 80 1.29 -10.67 -7.53
CA THR A 80 2.35 -9.85 -8.11
C THR A 80 1.70 -8.72 -8.91
N PHE A 81 1.62 -7.53 -8.32
CA PHE A 81 0.89 -6.44 -8.96
C PHE A 81 1.62 -5.11 -8.78
N ARG A 82 1.10 -4.09 -9.44
CA ARG A 82 1.71 -2.77 -9.40
C ARG A 82 0.66 -1.70 -9.07
N LEU A 83 1.00 -0.82 -8.16
CA LEU A 83 0.11 0.27 -7.77
C LEU A 83 0.61 1.59 -8.36
N TYR A 84 -0.26 2.28 -9.07
CA TYR A 84 0.12 3.53 -9.72
C TYR A 84 -0.44 4.73 -8.99
N TYR A 85 0.44 5.49 -8.36
CA TYR A 85 0.04 6.67 -7.64
C TYR A 85 0.59 7.93 -8.29
N THR A 86 -0.28 8.74 -8.85
CA THR A 86 0.11 10.02 -9.40
C THR A 86 0.09 11.07 -8.30
N SER A 87 1.27 11.55 -7.92
CA SER A 87 1.40 12.53 -6.86
C SER A 87 0.94 13.91 -7.31
N ALA A 88 -0.14 14.38 -6.72
CA ALA A 88 -0.71 15.67 -7.08
C ALA A 88 -0.52 16.68 -5.96
N SER A 89 0.45 16.41 -5.10
CA SER A 89 0.71 17.26 -3.97
C SER A 89 2.11 17.89 -4.07
N THR A 90 2.23 19.12 -3.59
CA THR A 90 3.50 19.82 -3.57
C THR A 90 4.19 19.61 -2.24
N ASP A 91 3.43 19.16 -1.26
CA ASP A 91 3.95 18.88 0.07
C ASP A 91 3.81 17.39 0.38
N GLN A 92 3.97 17.04 1.64
CA GLN A 92 3.90 15.65 2.07
C GLN A 92 2.51 15.06 1.82
N GLN A 93 2.47 13.75 1.62
CA GLN A 93 1.22 13.04 1.39
C GLN A 93 1.31 11.65 2.02
N THR A 94 0.44 11.37 2.98
CA THR A 94 0.45 10.10 3.68
C THR A 94 -0.65 9.17 3.17
N VAL A 95 -0.25 8.01 2.68
CA VAL A 95 -1.18 7.00 2.20
C VAL A 95 -1.17 5.80 3.15
N ASP A 96 -2.28 5.59 3.85
CA ASP A 96 -2.38 4.46 4.76
C ASP A 96 -2.99 3.28 4.00
N VAL A 97 -2.19 2.24 3.78
CA VAL A 97 -2.58 1.15 2.90
C VAL A 97 -2.88 -0.12 3.70
N TYR A 98 -4.04 -0.71 3.43
CA TYR A 98 -4.45 -1.93 4.09
C TYR A 98 -4.52 -3.07 3.08
N PHE A 99 -3.91 -4.18 3.40
CA PHE A 99 -4.05 -5.38 2.59
C PHE A 99 -4.79 -6.45 3.38
N GLN A 100 -6.01 -6.77 2.97
CA GLN A 100 -6.85 -7.68 3.75
C GLN A 100 -7.14 -8.96 2.98
N ASP A 101 -6.95 -10.09 3.64
CA ASP A 101 -7.25 -11.38 3.05
C ASP A 101 -8.70 -11.77 3.34
N SER A 102 -9.21 -12.76 2.63
CA SER A 102 -10.61 -13.18 2.72
C SER A 102 -10.94 -13.70 4.13
N PHE A 103 -9.96 -14.31 4.79
CA PHE A 103 -10.19 -14.88 6.12
C PHE A 103 -10.15 -13.78 7.18
N GLY A 104 -9.46 -12.68 6.89
CA GLY A 104 -9.41 -11.58 7.81
C GLY A 104 -8.00 -11.21 8.24
N GLN A 105 -7.00 -11.73 7.56
CA GLN A 105 -5.63 -11.34 7.81
C GLN A 105 -5.39 -9.96 7.21
N LEU A 106 -5.02 -9.01 8.05
CA LEU A 106 -4.89 -7.63 7.62
C LEU A 106 -3.47 -7.15 7.77
N GLN A 107 -2.91 -6.64 6.68
CA GLN A 107 -1.56 -6.07 6.69
C GLN A 107 -1.63 -4.56 6.53
N GLN A 108 -0.97 -3.85 7.42
CA GLN A 108 -0.96 -2.41 7.42
C GLN A 108 0.40 -1.88 6.98
N LEU A 109 0.39 -1.17 5.86
CA LEU A 109 1.60 -0.53 5.35
C LEU A 109 1.33 0.94 5.10
N THR A 110 1.92 1.79 5.92
CA THR A 110 1.72 3.22 5.81
C THR A 110 2.85 3.86 5.03
N PHE A 111 2.53 4.45 3.89
CA PHE A 111 3.50 5.16 3.09
C PHE A 111 3.32 6.65 3.27
N SER A 112 4.34 7.31 3.80
CA SER A 112 4.29 8.73 3.99
C SER A 112 5.37 9.43 3.18
N PHE A 113 4.96 10.11 2.13
CA PHE A 113 5.91 10.80 1.28
C PHE A 113 6.16 12.19 1.83
N ASN A 114 7.24 12.33 2.58
CA ASN A 114 7.62 13.61 3.15
C ASN A 114 9.11 13.86 2.94
N ASN A 115 9.94 13.15 3.67
CA ASN A 115 11.38 13.22 3.52
C ASN A 115 12.00 11.84 3.65
N ASP A 116 11.31 10.98 4.39
CA ASP A 116 11.77 9.60 4.56
C ASP A 116 11.12 8.69 3.54
N SER A 117 11.93 7.99 2.77
CA SER A 117 11.43 7.06 1.79
C SER A 117 11.90 5.64 2.12
N SER A 118 10.94 4.78 2.44
CA SER A 118 11.19 3.38 2.74
C SER A 118 11.92 3.21 4.08
N LYS A 119 11.15 3.05 5.15
CA LYS A 119 11.71 2.84 6.47
C LYS A 119 12.11 1.38 6.65
N GLU A 120 13.40 1.10 6.58
CA GLU A 120 13.90 -0.24 6.77
C GLU A 120 15.37 -0.17 7.19
N GLU A 121 15.77 -1.07 8.08
CA GLU A 121 17.11 -1.05 8.64
C GLU A 121 17.96 -2.13 7.99
N GLU A 122 17.56 -2.52 6.78
CA GLU A 122 18.24 -3.56 6.00
C GLU A 122 18.07 -4.92 6.65
N LEU A 123 18.95 -5.24 7.61
CA LEU A 123 18.96 -6.54 8.28
C LEU A 123 19.12 -7.66 7.24
N GLU A 124 19.98 -7.39 6.25
CA GLU A 124 20.24 -8.27 5.12
C GLU A 124 19.07 -8.24 4.13
N HIS A 125 19.35 -8.52 2.87
CA HIS A 125 18.35 -8.44 1.82
C HIS A 125 17.69 -9.80 1.60
N HIS A 126 17.42 -10.16 0.36
CA HIS A 126 16.75 -11.42 0.05
C HIS A 126 17.71 -12.59 0.24
N HIS A 127 17.93 -12.94 1.49
CA HIS A 127 18.75 -14.10 1.87
C HIS A 127 18.80 -14.19 3.39
N HIS A 128 17.67 -14.58 3.97
CA HIS A 128 17.51 -14.58 5.43
C HIS A 128 18.41 -15.64 6.07
N HIS A 129 18.30 -16.87 5.58
CA HIS A 129 19.03 -17.99 6.13
C HIS A 129 19.04 -19.13 5.13
N HIS A 130 17.86 -19.40 4.58
CA HIS A 130 17.71 -20.36 3.49
C HIS A 130 16.75 -19.79 2.46
N MET A 1 20.36 -18.41 19.56
CA MET A 1 18.96 -18.85 19.63
C MET A 1 18.08 -18.05 18.66
N ASN A 2 17.85 -18.59 17.48
CA ASN A 2 16.97 -17.97 16.50
C ASN A 2 15.91 -18.98 16.07
N ASP A 3 15.77 -20.03 16.86
CA ASP A 3 14.87 -21.13 16.52
C ASP A 3 13.43 -20.73 16.80
N ASP A 4 13.23 -20.10 17.96
CA ASP A 4 11.92 -19.64 18.42
C ASP A 4 10.99 -20.80 18.76
N VAL A 5 10.57 -20.85 20.02
CA VAL A 5 9.67 -21.88 20.53
C VAL A 5 10.36 -23.24 20.56
N ASP A 6 10.42 -23.90 19.41
CA ASP A 6 10.96 -25.26 19.30
C ASP A 6 10.87 -25.70 17.86
N ILE A 7 9.66 -25.62 17.31
CA ILE A 7 9.41 -25.94 15.91
C ILE A 7 8.66 -24.78 15.27
N GLN A 8 8.69 -24.72 13.94
CA GLN A 8 8.08 -23.62 13.22
C GLN A 8 6.69 -24.01 12.73
N GLN A 9 5.67 -23.60 13.47
CA GLN A 9 4.30 -23.83 13.08
C GLN A 9 3.62 -22.50 12.80
N SER A 10 4.36 -21.42 13.02
CA SER A 10 3.86 -20.08 12.81
C SER A 10 4.35 -19.53 11.47
N TYR A 11 3.43 -19.33 10.54
CA TYR A 11 3.78 -18.79 9.23
C TYR A 11 2.68 -17.85 8.72
N PRO A 12 3.01 -16.56 8.55
CA PRO A 12 2.14 -15.57 7.95
C PRO A 12 2.44 -15.39 6.46
N PHE A 13 1.77 -14.46 5.82
CA PHE A 13 2.04 -14.17 4.42
C PHE A 13 2.97 -12.95 4.32
N SER A 14 3.93 -13.03 3.42
CA SER A 14 4.92 -11.98 3.29
C SER A 14 4.54 -11.02 2.16
N ILE A 15 4.21 -9.78 2.52
CA ILE A 15 3.93 -8.77 1.51
C ILE A 15 5.05 -7.75 1.46
N GLU A 16 5.81 -7.77 0.38
CA GLU A 16 6.92 -6.87 0.22
C GLU A 16 6.64 -5.85 -0.88
N THR A 17 7.26 -4.69 -0.76
CA THR A 17 7.04 -3.61 -1.70
C THR A 17 8.32 -3.23 -2.41
N MET A 18 8.22 -2.97 -3.71
CA MET A 18 9.35 -2.45 -4.46
C MET A 18 9.54 -0.97 -4.13
N PRO A 19 10.75 -0.59 -3.71
CA PRO A 19 11.06 0.75 -3.19
C PRO A 19 10.53 1.89 -4.05
N VAL A 20 9.78 2.79 -3.43
CA VAL A 20 9.22 3.95 -4.10
C VAL A 20 10.22 5.09 -4.11
N PRO A 21 10.08 6.05 -5.03
CA PRO A 21 11.00 7.18 -5.15
C PRO A 21 10.90 8.13 -3.96
N LYS A 22 12.01 8.73 -3.58
CA LYS A 22 12.03 9.68 -2.47
C LYS A 22 11.63 11.06 -2.96
N LYS A 23 11.89 11.32 -4.23
CA LYS A 23 11.48 12.57 -4.85
C LYS A 23 10.31 12.34 -5.79
N LEU A 24 9.21 13.03 -5.54
CA LEU A 24 8.04 12.90 -6.39
C LEU A 24 7.71 14.20 -7.08
N LYS A 25 7.97 14.22 -8.38
CA LYS A 25 7.66 15.34 -9.25
C LYS A 25 6.15 15.50 -9.40
N VAL A 26 5.70 16.74 -9.58
CA VAL A 26 4.32 16.99 -9.92
C VAL A 26 4.03 16.40 -11.31
N GLY A 27 3.21 15.36 -11.34
CA GLY A 27 2.96 14.64 -12.58
C GLY A 27 3.74 13.34 -12.62
N GLU A 28 4.43 13.02 -11.54
CA GLU A 28 5.20 11.79 -11.44
C GLU A 28 4.30 10.63 -11.05
N THR A 29 4.68 9.43 -11.48
CA THR A 29 3.94 8.24 -11.16
C THR A 29 4.76 7.30 -10.28
N ALA A 30 4.34 7.17 -9.03
CA ALA A 30 4.99 6.27 -8.11
C ALA A 30 4.47 4.87 -8.33
N GLU A 31 5.23 4.08 -9.08
CA GLU A 31 4.85 2.70 -9.37
C GLU A 31 5.22 1.82 -8.18
N ILE A 32 4.20 1.34 -7.49
CA ILE A 32 4.39 0.53 -6.30
C ILE A 32 4.07 -0.92 -6.59
N ARG A 33 5.10 -1.71 -6.85
CA ARG A 33 4.91 -3.13 -7.10
C ARG A 33 4.96 -3.90 -5.79
N CYS A 34 3.86 -4.56 -5.48
CA CYS A 34 3.75 -5.32 -4.24
C CYS A 34 3.58 -6.79 -4.55
N GLN A 35 4.15 -7.64 -3.70
CA GLN A 35 4.02 -9.08 -3.91
C GLN A 35 3.72 -9.79 -2.60
N LEU A 36 2.66 -10.58 -2.62
CA LEU A 36 2.32 -11.43 -1.50
C LEU A 36 2.91 -12.81 -1.71
N HIS A 37 3.71 -13.26 -0.77
CA HIS A 37 4.30 -14.59 -0.85
C HIS A 37 3.55 -15.55 0.06
N ARG A 38 2.87 -16.51 -0.53
CA ARG A 38 2.19 -17.53 0.24
C ARG A 38 2.93 -18.86 0.13
N ASP A 39 3.17 -19.49 1.28
CA ASP A 39 3.77 -20.83 1.30
C ASP A 39 2.68 -21.88 1.15
N GLY A 40 1.46 -21.49 1.45
CA GLY A 40 0.33 -22.39 1.30
C GLY A 40 -0.05 -22.56 -0.16
N ARG A 41 -0.01 -23.80 -0.63
CA ARG A 41 -0.31 -24.09 -2.02
C ARG A 41 -1.82 -24.09 -2.27
N PHE A 42 -2.36 -22.91 -2.51
CA PHE A 42 -3.76 -22.73 -2.86
C PHE A 42 -3.98 -21.36 -3.47
N GLU A 43 -4.49 -21.31 -4.70
CA GLU A 43 -4.66 -20.04 -5.39
C GLU A 43 -6.10 -19.54 -5.28
N GLU A 44 -6.98 -20.40 -4.77
CA GLU A 44 -8.39 -20.05 -4.66
C GLU A 44 -8.65 -19.24 -3.39
N THR A 45 -8.09 -18.04 -3.37
CA THR A 45 -8.26 -17.11 -2.26
C THR A 45 -8.14 -15.67 -2.76
N LYS A 46 -9.19 -14.89 -2.58
CA LYS A 46 -9.22 -13.52 -3.07
C LYS A 46 -8.69 -12.56 -2.02
N TYR A 47 -7.88 -11.61 -2.45
CA TYR A 47 -7.37 -10.58 -1.56
C TYR A 47 -8.16 -9.30 -1.76
N PHE A 48 -8.09 -8.40 -0.79
CA PHE A 48 -8.82 -7.14 -0.86
C PHE A 48 -7.91 -5.97 -0.52
N ILE A 49 -8.12 -4.85 -1.20
CA ILE A 49 -7.33 -3.65 -0.96
C ILE A 49 -8.23 -2.48 -0.57
N ARG A 50 -7.80 -1.73 0.43
CA ARG A 50 -8.53 -0.56 0.88
C ARG A 50 -7.54 0.45 1.45
N TYR A 51 -7.45 1.63 0.84
CA TYR A 51 -6.57 2.65 1.36
C TYR A 51 -7.39 3.77 1.98
N PHE A 52 -6.84 4.39 3.01
CA PHE A 52 -7.48 5.52 3.65
C PHE A 52 -6.60 6.75 3.49
N GLN A 53 -7.18 7.82 2.97
CA GLN A 53 -6.42 9.02 2.67
C GLN A 53 -7.06 10.24 3.31
N PRO A 54 -6.84 10.44 4.62
CA PRO A 54 -7.38 11.59 5.34
C PRO A 54 -6.48 12.82 5.18
N ASP A 55 -5.26 12.58 4.72
CA ASP A 55 -4.23 13.62 4.69
C ASP A 55 -3.44 13.53 3.40
N GLY A 56 -3.75 14.40 2.45
CA GLY A 56 -3.02 14.42 1.20
C GLY A 56 -3.92 14.56 -0.01
N ALA A 57 -3.31 14.56 -1.20
CA ALA A 57 -4.05 14.66 -2.45
C ALA A 57 -3.53 13.64 -3.44
N GLY A 58 -4.02 13.68 -4.67
CA GLY A 58 -3.48 12.79 -5.70
C GLY A 58 -4.49 11.78 -6.21
N THR A 59 -4.00 10.75 -6.87
CA THR A 59 -4.83 9.68 -7.40
C THR A 59 -4.08 8.34 -7.37
N LEU A 60 -4.75 7.31 -6.86
CA LEU A 60 -4.15 5.98 -6.79
C LEU A 60 -4.87 5.01 -7.72
N LYS A 61 -4.11 4.39 -8.60
CA LYS A 61 -4.67 3.44 -9.57
C LYS A 61 -4.03 2.08 -9.40
N MET A 62 -4.74 1.04 -9.82
CA MET A 62 -4.20 -0.31 -9.83
C MET A 62 -3.63 -0.61 -11.21
N SER A 63 -2.84 -1.68 -11.32
CA SER A 63 -2.21 -2.08 -12.58
C SER A 63 -3.22 -2.25 -13.71
N ASP A 64 -4.44 -2.60 -13.34
CA ASP A 64 -5.50 -2.88 -14.30
C ASP A 64 -6.23 -1.60 -14.72
N GLY A 65 -5.73 -0.46 -14.24
CA GLY A 65 -6.33 0.81 -14.59
C GLY A 65 -7.48 1.18 -13.68
N THR A 66 -7.75 0.31 -12.71
CA THR A 66 -8.81 0.54 -11.75
C THR A 66 -8.42 1.63 -10.76
N VAL A 67 -9.19 2.72 -10.75
CA VAL A 67 -8.96 3.79 -9.80
C VAL A 67 -9.52 3.40 -8.44
N LEU A 68 -8.72 3.57 -7.40
CA LEU A 68 -9.10 3.16 -6.07
C LEU A 68 -9.67 4.33 -5.28
N LEU A 69 -10.58 4.05 -4.36
CA LEU A 69 -11.21 5.07 -3.55
C LEU A 69 -10.99 4.80 -2.07
N PRO A 70 -10.90 5.85 -1.25
CA PRO A 70 -10.66 5.73 0.18
C PRO A 70 -11.80 5.03 0.92
N ASN A 71 -11.45 4.01 1.69
CA ASN A 71 -12.41 3.26 2.51
C ASN A 71 -13.40 2.45 1.68
N ASP A 72 -13.11 2.30 0.39
CA ASP A 72 -13.90 1.41 -0.44
C ASP A 72 -13.09 0.15 -0.71
N LEU A 73 -13.67 -1.01 -0.43
CA LEU A 73 -12.91 -2.25 -0.51
C LEU A 73 -12.99 -2.86 -1.91
N TYR A 74 -11.84 -2.87 -2.59
CA TYR A 74 -11.74 -3.46 -3.92
C TYR A 74 -10.98 -4.78 -3.84
N PRO A 75 -11.28 -5.73 -4.74
CA PRO A 75 -10.58 -7.01 -4.77
C PRO A 75 -9.24 -6.93 -5.49
N LEU A 76 -8.31 -7.78 -5.08
CA LEU A 76 -7.00 -7.87 -5.72
C LEU A 76 -6.97 -9.04 -6.69
N PRO A 77 -6.68 -8.78 -7.97
CA PRO A 77 -6.68 -9.80 -9.03
C PRO A 77 -5.40 -10.63 -9.07
N GLY A 78 -4.52 -10.42 -8.10
CA GLY A 78 -3.27 -11.14 -8.06
C GLY A 78 -2.44 -10.81 -6.84
N GLU A 79 -1.29 -11.44 -6.73
CA GLU A 79 -0.38 -11.22 -5.61
C GLU A 79 0.75 -10.29 -6.03
N THR A 80 1.00 -10.26 -7.33
CA THR A 80 2.11 -9.50 -7.90
C THR A 80 1.61 -8.22 -8.56
N PHE A 81 0.57 -7.63 -7.98
CA PHE A 81 -0.06 -6.44 -8.54
C PHE A 81 0.83 -5.21 -8.37
N ARG A 82 0.69 -4.26 -9.29
CA ARG A 82 1.47 -3.03 -9.25
C ARG A 82 0.52 -1.85 -9.14
N LEU A 83 0.84 -0.90 -8.29
CA LEU A 83 0.00 0.27 -8.08
C LEU A 83 0.59 1.49 -8.76
N TYR A 84 -0.26 2.31 -9.35
CA TYR A 84 0.17 3.53 -9.99
C TYR A 84 -0.33 4.73 -9.21
N TYR A 85 0.55 5.33 -8.42
CA TYR A 85 0.18 6.51 -7.68
C TYR A 85 0.63 7.77 -8.43
N THR A 86 -0.31 8.69 -8.63
CA THR A 86 -0.01 9.93 -9.34
C THR A 86 0.06 11.11 -8.37
N SER A 87 1.18 11.83 -8.40
CA SER A 87 1.39 12.96 -7.50
C SER A 87 1.09 14.29 -8.22
N ALA A 88 0.34 15.17 -7.56
CA ALA A 88 -0.03 16.45 -8.16
C ALA A 88 0.47 17.64 -7.34
N SER A 89 1.32 17.37 -6.35
CA SER A 89 1.83 18.42 -5.49
C SER A 89 3.05 17.90 -4.72
N THR A 90 3.54 18.69 -3.78
CA THR A 90 4.78 18.36 -3.07
C THR A 90 4.63 18.45 -1.54
N ASP A 91 3.42 18.67 -1.05
CA ASP A 91 3.22 18.86 0.40
C ASP A 91 3.15 17.51 1.13
N GLN A 92 3.03 17.55 2.45
CA GLN A 92 3.06 16.34 3.28
C GLN A 92 1.76 15.55 3.20
N GLN A 93 1.87 14.27 2.89
CA GLN A 93 0.71 13.40 2.75
C GLN A 93 0.86 12.12 3.58
N THR A 94 -0.25 11.61 4.10
CA THR A 94 -0.26 10.40 4.89
C THR A 94 -1.30 9.41 4.36
N VAL A 95 -0.86 8.27 3.85
CA VAL A 95 -1.76 7.28 3.29
C VAL A 95 -1.66 5.95 4.04
N ASP A 96 -2.79 5.43 4.47
CA ASP A 96 -2.84 4.10 5.07
C ASP A 96 -3.35 3.09 4.06
N VAL A 97 -2.49 2.19 3.62
CA VAL A 97 -2.90 1.18 2.65
C VAL A 97 -3.09 -0.18 3.32
N TYR A 98 -4.31 -0.67 3.30
CA TYR A 98 -4.64 -1.94 3.93
C TYR A 98 -4.78 -3.05 2.89
N PHE A 99 -4.03 -4.12 3.07
CA PHE A 99 -4.20 -5.31 2.25
C PHE A 99 -4.81 -6.43 3.11
N GLN A 100 -6.04 -6.79 2.81
CA GLN A 100 -6.79 -7.72 3.64
C GLN A 100 -7.03 -9.03 2.89
N ASP A 101 -7.04 -10.14 3.62
CA ASP A 101 -7.36 -11.43 3.03
C ASP A 101 -8.67 -11.97 3.61
N SER A 102 -9.11 -13.13 3.15
CA SER A 102 -10.38 -13.71 3.57
C SER A 102 -10.34 -14.22 5.02
N PHE A 103 -9.13 -14.44 5.54
CA PHE A 103 -8.97 -14.91 6.92
C PHE A 103 -9.12 -13.75 7.89
N GLY A 104 -8.94 -12.54 7.39
CA GLY A 104 -9.04 -11.37 8.22
C GLY A 104 -7.68 -10.79 8.55
N GLN A 105 -6.65 -11.42 8.01
CA GLN A 105 -5.29 -10.94 8.17
C GLN A 105 -5.06 -9.78 7.23
N LEU A 106 -4.85 -8.59 7.79
CA LEU A 106 -4.62 -7.43 6.96
C LEU A 106 -3.24 -6.87 7.21
N GLN A 107 -2.58 -6.48 6.15
CA GLN A 107 -1.27 -5.87 6.23
C GLN A 107 -1.39 -4.40 5.91
N GLN A 108 -1.22 -3.58 6.92
CA GLN A 108 -1.36 -2.14 6.75
C GLN A 108 0.01 -1.50 6.52
N LEU A 109 0.18 -0.93 5.35
CA LEU A 109 1.41 -0.24 5.01
C LEU A 109 1.18 1.26 5.05
N THR A 110 1.91 1.94 5.90
CA THR A 110 1.77 3.37 6.05
C THR A 110 2.75 4.09 5.14
N PHE A 111 2.23 4.82 4.17
CA PHE A 111 3.05 5.52 3.21
C PHE A 111 2.99 7.02 3.42
N SER A 112 4.14 7.61 3.71
CA SER A 112 4.26 9.05 3.75
C SER A 112 4.70 9.53 2.38
N PHE A 113 3.78 10.15 1.66
CA PHE A 113 4.04 10.56 0.29
C PHE A 113 4.26 12.07 0.19
N ASN A 114 4.84 12.47 -0.93
CA ASN A 114 5.10 13.87 -1.21
C ASN A 114 4.07 14.40 -2.19
N ASN A 115 2.90 14.77 -1.67
CA ASN A 115 1.79 15.25 -2.51
C ASN A 115 0.55 15.60 -1.66
N ASP A 116 0.35 16.88 -1.45
CA ASP A 116 -0.85 17.37 -0.77
C ASP A 116 -1.11 18.81 -1.17
N SER A 117 -2.37 19.22 -1.10
CA SER A 117 -2.78 20.57 -1.48
C SER A 117 -2.57 20.81 -2.96
N SER A 118 -3.61 20.55 -3.74
CA SER A 118 -3.58 20.77 -5.16
C SER A 118 -4.34 22.04 -5.51
N LYS A 119 -3.87 22.76 -6.50
CA LYS A 119 -4.52 24.00 -6.90
C LYS A 119 -5.78 23.71 -7.71
N GLU A 120 -6.92 24.08 -7.16
CA GLU A 120 -8.18 23.94 -7.89
C GLU A 120 -8.42 25.21 -8.71
N GLU A 121 -7.43 25.55 -9.54
CA GLU A 121 -7.48 26.74 -10.37
C GLU A 121 -8.23 26.44 -11.66
N GLU A 122 -9.02 25.38 -11.63
CA GLU A 122 -9.84 24.97 -12.76
C GLU A 122 -11.15 25.75 -12.78
N LEU A 123 -11.97 25.48 -13.78
CA LEU A 123 -13.28 26.08 -13.86
C LEU A 123 -14.15 25.63 -12.69
N GLU A 124 -14.76 26.60 -12.00
CA GLU A 124 -15.62 26.29 -10.87
C GLU A 124 -16.82 25.48 -11.33
N HIS A 125 -17.46 25.91 -12.40
CA HIS A 125 -18.58 25.19 -12.97
C HIS A 125 -18.07 24.14 -13.95
N HIS A 126 -17.22 23.27 -13.45
CA HIS A 126 -16.60 22.23 -14.26
C HIS A 126 -17.58 21.10 -14.53
N HIS A 127 -17.35 20.35 -15.62
CA HIS A 127 -18.16 19.20 -15.98
C HIS A 127 -19.52 19.64 -16.51
N HIS A 128 -19.51 20.33 -17.62
CA HIS A 128 -20.74 20.69 -18.32
C HIS A 128 -20.84 19.90 -19.61
N HIS A 129 -21.95 20.00 -20.30
CA HIS A 129 -22.16 19.23 -21.52
C HIS A 129 -21.47 19.88 -22.70
N HIS A 130 -21.10 19.07 -23.67
CA HIS A 130 -20.46 19.57 -24.89
C HIS A 130 -20.92 18.73 -26.07
N MET A 1 0.40 -9.29 20.97
CA MET A 1 1.83 -9.41 20.62
C MET A 1 2.61 -10.09 21.73
N ASN A 2 2.34 -9.69 22.96
CA ASN A 2 3.02 -10.25 24.12
C ASN A 2 2.40 -11.57 24.51
N ASP A 3 3.07 -12.67 24.16
CA ASP A 3 2.61 -14.04 24.46
C ASP A 3 1.43 -14.45 23.59
N ASP A 4 0.46 -13.56 23.46
CA ASP A 4 -0.71 -13.81 22.63
C ASP A 4 -0.55 -13.15 21.27
N VAL A 5 -0.81 -13.93 20.21
CA VAL A 5 -0.68 -13.49 18.81
C VAL A 5 0.58 -12.63 18.58
N ASP A 6 1.69 -13.32 18.38
CA ASP A 6 2.99 -12.69 18.24
C ASP A 6 3.29 -12.37 16.77
N ILE A 7 4.57 -12.21 16.45
CA ILE A 7 4.96 -11.72 15.13
C ILE A 7 5.49 -12.85 14.24
N GLN A 8 5.53 -14.07 14.76
CA GLN A 8 5.99 -15.21 13.98
C GLN A 8 4.95 -15.61 12.93
N GLN A 9 5.31 -15.47 11.67
CA GLN A 9 4.41 -15.77 10.57
C GLN A 9 4.73 -17.12 9.97
N SER A 10 3.68 -17.91 9.76
CA SER A 10 3.82 -19.22 9.17
C SER A 10 2.95 -19.34 7.93
N TYR A 11 1.66 -19.53 8.16
CA TYR A 11 0.68 -19.58 7.08
C TYR A 11 0.32 -18.18 6.59
N PRO A 12 0.02 -17.22 7.51
CA PRO A 12 -0.30 -15.83 7.14
C PRO A 12 0.59 -15.27 6.04
N PHE A 13 -0.04 -14.92 4.92
CA PHE A 13 0.68 -14.37 3.79
C PHE A 13 1.17 -12.96 4.09
N SER A 14 2.38 -12.66 3.67
CA SER A 14 2.94 -11.33 3.86
C SER A 14 3.28 -10.72 2.51
N ILE A 15 2.78 -9.51 2.28
CA ILE A 15 3.03 -8.81 1.03
C ILE A 15 4.25 -7.92 1.13
N GLU A 16 5.23 -8.19 0.29
CA GLU A 16 6.43 -7.37 0.23
C GLU A 16 6.26 -6.32 -0.87
N THR A 17 6.76 -5.13 -0.61
CA THR A 17 6.58 -4.03 -1.53
C THR A 17 7.91 -3.39 -1.91
N MET A 18 8.04 -3.01 -3.17
CA MET A 18 9.22 -2.31 -3.65
C MET A 18 9.14 -0.84 -3.22
N PRO A 19 10.23 -0.33 -2.62
CA PRO A 19 10.28 1.03 -2.07
C PRO A 19 9.98 2.11 -3.12
N VAL A 20 9.30 3.16 -2.69
CA VAL A 20 8.98 4.27 -3.56
C VAL A 20 10.15 5.26 -3.61
N PRO A 21 10.25 6.04 -4.69
CA PRO A 21 11.26 7.09 -4.81
C PRO A 21 10.99 8.24 -3.84
N LYS A 22 12.04 8.92 -3.41
CA LYS A 22 11.90 10.02 -2.47
C LYS A 22 11.68 11.32 -3.22
N LYS A 23 11.45 11.22 -4.52
CA LYS A 23 11.23 12.37 -5.38
C LYS A 23 10.06 12.11 -6.32
N LEU A 24 8.97 12.83 -6.13
CA LEU A 24 7.79 12.66 -6.97
C LEU A 24 7.24 14.00 -7.41
N LYS A 25 6.97 14.10 -8.70
CA LYS A 25 6.44 15.32 -9.29
C LYS A 25 4.91 15.25 -9.34
N VAL A 26 4.25 16.40 -9.33
CA VAL A 26 2.80 16.45 -9.49
C VAL A 26 2.44 16.02 -10.91
N GLY A 27 1.59 15.01 -11.01
CA GLY A 27 1.21 14.48 -12.31
C GLY A 27 2.07 13.30 -12.71
N GLU A 28 3.03 12.96 -11.85
CA GLU A 28 3.96 11.87 -12.11
C GLU A 28 3.45 10.59 -11.47
N THR A 29 3.85 9.45 -12.02
CA THR A 29 3.40 8.17 -11.52
C THR A 29 4.55 7.38 -10.90
N ALA A 30 4.24 6.68 -9.81
CA ALA A 30 5.20 5.80 -9.17
C ALA A 30 4.60 4.40 -9.04
N GLU A 31 5.25 3.41 -9.65
CA GLU A 31 4.78 2.05 -9.59
C GLU A 31 5.21 1.36 -8.29
N ILE A 32 4.28 1.23 -7.38
CA ILE A 32 4.52 0.52 -6.13
C ILE A 32 4.31 -0.96 -6.37
N ARG A 33 5.40 -1.69 -6.56
CA ARG A 33 5.32 -3.11 -6.81
C ARG A 33 5.03 -3.86 -5.53
N CYS A 34 4.08 -4.78 -5.60
CA CYS A 34 3.65 -5.53 -4.43
C CYS A 34 3.64 -7.02 -4.75
N GLN A 35 4.31 -7.79 -3.90
CA GLN A 35 4.37 -9.23 -4.09
C GLN A 35 3.94 -9.94 -2.83
N LEU A 36 2.81 -10.63 -2.91
CA LEU A 36 2.31 -11.40 -1.78
C LEU A 36 3.05 -12.73 -1.70
N HIS A 37 3.65 -13.00 -0.55
CA HIS A 37 4.33 -14.27 -0.33
C HIS A 37 3.31 -15.38 -0.12
N ARG A 38 3.27 -16.29 -1.07
CA ARG A 38 2.25 -17.33 -1.11
C ARG A 38 2.79 -18.64 -0.57
N ASP A 39 2.22 -19.14 0.52
CA ASP A 39 2.70 -20.38 1.14
C ASP A 39 2.04 -21.59 0.49
N GLY A 40 0.71 -21.56 0.33
CA GLY A 40 0.02 -22.64 -0.35
C GLY A 40 -1.22 -23.14 0.37
N ARG A 41 -1.52 -22.58 1.55
CA ARG A 41 -2.71 -22.98 2.29
C ARG A 41 -3.93 -22.23 1.79
N PHE A 42 -4.75 -22.94 1.01
CA PHE A 42 -5.90 -22.36 0.28
C PHE A 42 -5.60 -20.95 -0.22
N GLU A 43 -4.55 -20.88 -1.03
CA GLU A 43 -4.06 -19.62 -1.61
C GLU A 43 -5.07 -18.97 -2.55
N GLU A 44 -6.18 -19.65 -2.80
CA GLU A 44 -7.18 -19.18 -3.74
C GLU A 44 -8.14 -18.19 -3.07
N THR A 45 -7.73 -17.69 -1.91
CA THR A 45 -8.48 -16.70 -1.16
C THR A 45 -8.41 -15.33 -1.85
N LYS A 46 -9.43 -14.51 -1.63
CA LYS A 46 -9.51 -13.19 -2.25
C LYS A 46 -8.79 -12.14 -1.41
N TYR A 47 -7.93 -11.36 -2.07
CA TYR A 47 -7.22 -10.28 -1.43
C TYR A 47 -7.88 -8.95 -1.79
N PHE A 48 -8.16 -8.13 -0.79
CA PHE A 48 -8.83 -6.85 -1.01
C PHE A 48 -7.97 -5.69 -0.53
N ILE A 49 -8.11 -4.55 -1.21
CA ILE A 49 -7.36 -3.35 -0.86
C ILE A 49 -8.32 -2.20 -0.53
N ARG A 50 -8.00 -1.46 0.51
CA ARG A 50 -8.77 -0.29 0.91
C ARG A 50 -7.88 0.67 1.68
N TYR A 51 -7.60 1.83 1.12
CA TYR A 51 -6.71 2.78 1.78
C TYR A 51 -7.47 4.01 2.26
N PHE A 52 -6.86 4.72 3.19
CA PHE A 52 -7.40 5.98 3.69
C PHE A 52 -6.32 7.05 3.64
N GLN A 53 -6.71 8.23 3.18
CA GLN A 53 -5.76 9.33 3.05
C GLN A 53 -6.26 10.55 3.82
N PRO A 54 -5.57 10.92 4.91
CA PRO A 54 -5.87 12.14 5.66
C PRO A 54 -5.67 13.38 4.80
N ASP A 55 -4.72 13.30 3.87
CA ASP A 55 -4.48 14.36 2.89
C ASP A 55 -5.63 14.39 1.88
N GLY A 56 -5.79 15.51 1.18
CA GLY A 56 -6.95 15.66 0.31
C GLY A 56 -6.61 15.67 -1.17
N ALA A 57 -5.37 15.37 -1.53
CA ALA A 57 -4.99 15.38 -2.94
C ALA A 57 -4.02 14.25 -3.28
N GLY A 58 -4.54 13.22 -3.93
CA GLY A 58 -3.74 12.09 -4.34
C GLY A 58 -4.57 11.08 -5.11
N THR A 59 -3.93 10.28 -5.95
CA THR A 59 -4.65 9.27 -6.70
C THR A 59 -3.85 7.97 -6.80
N LEU A 60 -4.34 6.93 -6.16
CA LEU A 60 -3.72 5.62 -6.24
C LEU A 60 -4.45 4.76 -7.26
N LYS A 61 -3.72 4.22 -8.22
CA LYS A 61 -4.31 3.39 -9.26
C LYS A 61 -3.78 1.97 -9.18
N MET A 62 -4.58 1.03 -9.65
CA MET A 62 -4.17 -0.36 -9.70
C MET A 62 -3.45 -0.63 -11.02
N SER A 63 -2.67 -1.72 -11.07
CA SER A 63 -1.98 -2.13 -12.28
C SER A 63 -2.90 -2.18 -13.51
N ASP A 64 -4.16 -2.53 -13.29
CA ASP A 64 -5.13 -2.63 -14.36
C ASP A 64 -5.52 -1.25 -14.91
N GLY A 65 -5.34 -0.23 -14.08
CA GLY A 65 -5.75 1.11 -14.46
C GLY A 65 -6.90 1.61 -13.61
N THR A 66 -7.42 0.73 -12.78
CA THR A 66 -8.51 1.06 -11.88
C THR A 66 -8.09 2.12 -10.86
N VAL A 67 -8.77 3.25 -10.86
CA VAL A 67 -8.52 4.29 -9.88
C VAL A 67 -9.17 3.90 -8.56
N LEU A 68 -8.37 3.90 -7.50
CA LEU A 68 -8.86 3.46 -6.20
C LEU A 68 -9.30 4.65 -5.36
N LEU A 69 -10.53 4.60 -4.86
CA LEU A 69 -11.05 5.64 -4.00
C LEU A 69 -10.84 5.27 -2.54
N PRO A 70 -10.59 6.26 -1.68
CA PRO A 70 -10.41 6.03 -0.24
C PRO A 70 -11.67 5.48 0.41
N ASN A 71 -11.48 4.53 1.33
CA ASN A 71 -12.59 3.92 2.10
C ASN A 71 -13.41 2.95 1.26
N ASP A 72 -13.13 2.86 -0.03
CA ASP A 72 -13.81 1.91 -0.89
C ASP A 72 -13.00 0.62 -0.98
N LEU A 73 -13.64 -0.48 -1.30
CA LEU A 73 -12.99 -1.78 -1.29
C LEU A 73 -12.83 -2.34 -2.69
N TYR A 74 -11.60 -2.69 -3.04
CA TYR A 74 -11.30 -3.23 -4.36
C TYR A 74 -10.58 -4.56 -4.22
N PRO A 75 -10.84 -5.51 -5.12
CA PRO A 75 -10.14 -6.80 -5.15
C PRO A 75 -8.78 -6.70 -5.85
N LEU A 76 -7.79 -7.41 -5.33
CA LEU A 76 -6.46 -7.43 -5.93
C LEU A 76 -6.41 -8.46 -7.06
N PRO A 77 -5.68 -8.15 -8.14
CA PRO A 77 -5.63 -9.00 -9.34
C PRO A 77 -4.83 -10.29 -9.12
N GLY A 78 -4.16 -10.40 -7.99
CA GLY A 78 -3.39 -11.58 -7.69
C GLY A 78 -2.29 -11.31 -6.67
N GLU A 79 -1.44 -12.31 -6.45
CA GLU A 79 -0.34 -12.19 -5.50
C GLU A 79 0.68 -11.16 -5.98
N THR A 80 0.94 -11.16 -7.29
CA THR A 80 1.92 -10.28 -7.88
C THR A 80 1.25 -9.15 -8.65
N PHE A 81 1.44 -7.92 -8.20
CA PHE A 81 0.85 -6.77 -8.87
C PHE A 81 1.66 -5.50 -8.60
N ARG A 82 1.13 -4.38 -9.06
CA ARG A 82 1.76 -3.08 -8.86
C ARG A 82 0.69 -2.00 -8.74
N LEU A 83 0.95 -1.01 -7.91
CA LEU A 83 0.03 0.09 -7.73
C LEU A 83 0.64 1.36 -8.30
N TYR A 84 -0.04 1.95 -9.28
CA TYR A 84 0.44 3.16 -9.91
C TYR A 84 -0.05 4.37 -9.14
N TYR A 85 0.79 4.91 -8.27
CA TYR A 85 0.42 6.10 -7.55
C TYR A 85 0.64 7.32 -8.43
N THR A 86 -0.41 8.10 -8.61
CA THR A 86 -0.33 9.36 -9.32
C THR A 86 -0.24 10.49 -8.31
N SER A 87 0.93 11.12 -8.26
CA SER A 87 1.21 12.16 -7.29
C SER A 87 0.46 13.44 -7.63
N ALA A 88 -0.53 13.78 -6.82
CA ALA A 88 -1.24 15.03 -6.99
C ALA A 88 -0.62 16.12 -6.13
N SER A 89 0.17 15.69 -5.15
CA SER A 89 0.84 16.61 -4.26
C SER A 89 2.29 16.19 -4.03
N THR A 90 3.18 17.17 -3.93
CA THR A 90 4.55 16.92 -3.54
C THR A 90 4.74 17.38 -2.09
N ASP A 91 3.68 17.92 -1.51
CA ASP A 91 3.66 18.32 -0.10
C ASP A 91 3.71 17.09 0.79
N GLN A 92 3.77 17.30 2.10
CA GLN A 92 3.84 16.17 3.01
C GLN A 92 2.48 15.51 3.14
N GLN A 93 2.35 14.39 2.46
CA GLN A 93 1.11 13.63 2.46
C GLN A 93 1.33 12.26 3.07
N THR A 94 0.30 11.75 3.71
CA THR A 94 0.37 10.45 4.35
C THR A 94 -0.74 9.56 3.83
N VAL A 95 -0.39 8.44 3.20
CA VAL A 95 -1.39 7.51 2.71
C VAL A 95 -1.26 6.18 3.42
N ASP A 96 -2.34 5.73 4.03
CA ASP A 96 -2.33 4.48 4.77
C ASP A 96 -3.17 3.45 4.02
N VAL A 97 -2.51 2.43 3.48
CA VAL A 97 -3.17 1.44 2.64
C VAL A 97 -3.39 0.14 3.41
N TYR A 98 -4.64 -0.27 3.50
CA TYR A 98 -4.98 -1.50 4.20
C TYR A 98 -5.20 -2.63 3.21
N PHE A 99 -4.47 -3.72 3.40
CA PHE A 99 -4.68 -4.93 2.61
C PHE A 99 -5.30 -6.00 3.50
N GLN A 100 -6.48 -6.46 3.14
CA GLN A 100 -7.15 -7.49 3.92
C GLN A 100 -7.66 -8.59 3.01
N ASP A 101 -7.59 -9.81 3.47
CA ASP A 101 -8.00 -10.95 2.67
C ASP A 101 -8.89 -11.89 3.48
N SER A 102 -9.48 -12.89 2.82
CA SER A 102 -10.44 -13.79 3.45
C SER A 102 -9.75 -14.80 4.37
N PHE A 103 -8.43 -14.89 4.29
CA PHE A 103 -7.66 -15.79 5.15
C PHE A 103 -7.51 -15.16 6.53
N GLY A 104 -7.60 -13.84 6.58
CA GLY A 104 -7.46 -13.13 7.84
C GLY A 104 -6.27 -12.20 7.84
N GLN A 105 -5.64 -12.06 6.67
CA GLN A 105 -4.51 -11.15 6.53
C GLN A 105 -4.98 -9.71 6.60
N LEU A 106 -4.26 -8.89 7.34
CA LEU A 106 -4.50 -7.47 7.36
C LEU A 106 -3.17 -6.74 7.56
N GLN A 107 -2.76 -6.00 6.54
CA GLN A 107 -1.53 -5.24 6.60
C GLN A 107 -1.78 -3.80 6.25
N GLN A 108 -1.31 -2.90 7.10
CA GLN A 108 -1.44 -1.48 6.87
C GLN A 108 -0.09 -0.90 6.47
N LEU A 109 -0.01 -0.44 5.22
CA LEU A 109 1.21 0.18 4.74
C LEU A 109 1.01 1.69 4.68
N THR A 110 1.69 2.39 5.58
CA THR A 110 1.55 3.83 5.67
C THR A 110 2.76 4.51 5.05
N PHE A 111 2.56 5.21 3.95
CA PHE A 111 3.65 5.90 3.28
C PHE A 111 3.41 7.39 3.23
N SER A 112 4.40 8.14 3.68
CA SER A 112 4.33 9.59 3.71
C SER A 112 5.47 10.20 2.90
N PHE A 113 5.18 11.28 2.19
CA PHE A 113 6.17 11.94 1.36
C PHE A 113 6.49 13.32 1.90
N ASN A 114 7.60 13.88 1.41
CA ASN A 114 8.02 15.25 1.69
C ASN A 114 8.64 15.40 3.08
N ASN A 115 9.83 15.97 3.09
CA ASN A 115 10.54 16.31 4.32
C ASN A 115 11.26 17.62 4.07
N ASP A 116 10.58 18.52 3.37
CA ASP A 116 11.21 19.74 2.87
C ASP A 116 10.37 20.96 3.23
N SER A 117 11.05 22.06 3.56
CA SER A 117 10.39 23.31 3.92
C SER A 117 9.54 23.18 5.19
N SER A 118 8.87 24.26 5.55
CA SER A 118 7.94 24.25 6.66
C SER A 118 6.80 25.22 6.36
N LYS A 119 7.10 26.53 6.48
CA LYS A 119 6.11 27.58 6.18
C LYS A 119 4.98 27.56 7.20
N GLU A 120 5.14 26.78 8.26
CA GLU A 120 4.07 26.52 9.23
C GLU A 120 2.88 25.89 8.51
N GLU A 121 3.06 24.63 8.14
CA GLU A 121 2.12 23.91 7.28
C GLU A 121 0.71 23.90 7.86
N GLU A 122 -0.23 24.37 7.07
CA GLU A 122 -1.64 24.25 7.41
C GLU A 122 -2.27 23.19 6.52
N LEU A 123 -2.67 22.08 7.11
CA LEU A 123 -3.29 21.00 6.35
C LEU A 123 -4.78 21.28 6.18
N GLU A 124 -5.18 21.58 4.95
CA GLU A 124 -6.57 21.88 4.68
C GLU A 124 -7.36 20.61 4.40
N HIS A 125 -8.11 20.19 5.41
CA HIS A 125 -9.02 19.07 5.29
C HIS A 125 -10.23 19.36 6.18
N HIS A 126 -10.45 20.65 6.40
CA HIS A 126 -11.52 21.11 7.27
C HIS A 126 -12.76 21.43 6.45
N HIS A 127 -12.76 22.61 5.83
CA HIS A 127 -13.88 23.09 5.03
C HIS A 127 -15.18 23.07 5.81
N HIS A 128 -16.29 23.25 5.12
CA HIS A 128 -17.61 23.11 5.70
C HIS A 128 -18.47 22.24 4.79
N HIS A 129 -19.48 21.60 5.35
CA HIS A 129 -20.31 20.67 4.60
C HIS A 129 -21.47 21.40 3.93
N HIS A 130 -21.26 22.68 3.60
CA HIS A 130 -22.30 23.54 3.05
C HIS A 130 -23.36 23.82 4.10
N MET A 1 9.06 -4.52 27.37
CA MET A 1 9.28 -4.66 25.90
C MET A 1 8.74 -5.99 25.40
N ASN A 2 7.54 -5.97 24.84
CA ASN A 2 6.91 -7.20 24.36
C ASN A 2 5.78 -6.89 23.39
N ASP A 3 5.00 -7.93 23.07
CA ASP A 3 3.87 -7.85 22.13
C ASP A 3 4.36 -7.92 20.69
N ASP A 4 5.02 -6.85 20.26
CA ASP A 4 5.54 -6.74 18.89
C ASP A 4 4.44 -6.90 17.85
N VAL A 5 4.30 -8.12 17.32
CA VAL A 5 3.27 -8.41 16.33
C VAL A 5 2.63 -9.77 16.59
N ASP A 6 3.08 -10.45 17.64
CA ASP A 6 2.64 -11.83 17.87
C ASP A 6 1.50 -11.89 18.87
N ILE A 7 0.42 -12.52 18.45
CA ILE A 7 -0.75 -12.73 19.30
C ILE A 7 -1.19 -14.18 19.17
N GLN A 8 -1.46 -14.57 17.94
CA GLN A 8 -1.78 -15.94 17.58
C GLN A 8 -1.87 -16.02 16.07
N GLN A 9 -2.64 -15.11 15.51
CA GLN A 9 -2.74 -14.96 14.07
C GLN A 9 -1.43 -14.41 13.54
N SER A 10 -1.01 -13.27 14.13
CA SER A 10 0.31 -12.69 13.92
C SER A 10 0.59 -12.34 12.44
N TYR A 11 -0.45 -12.38 11.61
CA TYR A 11 -0.33 -12.08 10.17
C TYR A 11 0.82 -12.85 9.52
N PRO A 12 0.57 -14.13 9.16
CA PRO A 12 1.63 -15.01 8.66
C PRO A 12 1.97 -14.77 7.18
N PHE A 13 1.48 -13.68 6.64
CA PHE A 13 1.78 -13.32 5.26
C PHE A 13 2.51 -11.97 5.22
N SER A 14 3.50 -11.87 4.36
CA SER A 14 4.28 -10.65 4.23
C SER A 14 4.16 -10.07 2.82
N ILE A 15 3.93 -8.77 2.74
CA ILE A 15 3.83 -8.12 1.45
C ILE A 15 5.11 -7.35 1.16
N GLU A 16 5.81 -7.78 0.12
CA GLU A 16 7.08 -7.17 -0.25
C GLU A 16 6.83 -5.97 -1.14
N THR A 17 7.20 -4.80 -0.66
CA THR A 17 6.99 -3.57 -1.42
C THR A 17 8.31 -3.02 -1.94
N MET A 18 8.42 -2.87 -3.25
CA MET A 18 9.60 -2.31 -3.87
C MET A 18 9.76 -0.83 -3.48
N PRO A 19 10.99 -0.42 -3.12
CA PRO A 19 11.29 0.96 -2.74
C PRO A 19 10.86 1.97 -3.81
N VAL A 20 9.91 2.81 -3.44
CA VAL A 20 9.37 3.81 -4.36
C VAL A 20 10.29 5.01 -4.48
N PRO A 21 10.12 5.84 -5.52
CA PRO A 21 10.88 7.07 -5.68
C PRO A 21 10.57 8.06 -4.56
N LYS A 22 11.61 8.52 -3.88
CA LYS A 22 11.44 9.42 -2.75
C LYS A 22 11.11 10.84 -3.22
N LYS A 23 11.57 11.18 -4.42
CA LYS A 23 11.28 12.47 -5.00
C LYS A 23 10.20 12.35 -6.06
N LEU A 24 9.05 12.92 -5.79
CA LEU A 24 7.93 12.89 -6.73
C LEU A 24 7.34 14.29 -6.88
N LYS A 25 6.74 14.54 -8.04
CA LYS A 25 6.14 15.83 -8.32
C LYS A 25 4.67 15.65 -8.67
N VAL A 26 3.92 16.74 -8.68
CA VAL A 26 2.50 16.68 -9.02
C VAL A 26 2.34 16.31 -10.49
N GLY A 27 1.83 15.12 -10.74
CA GLY A 27 1.71 14.65 -12.10
C GLY A 27 2.60 13.47 -12.38
N GLU A 28 3.51 13.18 -11.44
CA GLU A 28 4.41 12.04 -11.57
C GLU A 28 3.73 10.77 -11.09
N THR A 29 3.99 9.68 -11.78
CA THR A 29 3.39 8.40 -11.44
C THR A 29 4.45 7.41 -10.98
N ALA A 30 4.28 6.89 -9.77
CA ALA A 30 5.18 5.90 -9.22
C ALA A 30 4.55 4.52 -9.25
N GLU A 31 5.25 3.56 -9.84
CA GLU A 31 4.76 2.19 -9.88
C GLU A 31 5.17 1.46 -8.61
N ILE A 32 4.23 1.36 -7.67
CA ILE A 32 4.48 0.68 -6.42
C ILE A 32 4.15 -0.79 -6.56
N ARG A 33 5.18 -1.60 -6.77
CA ARG A 33 4.96 -3.03 -6.92
C ARG A 33 4.95 -3.70 -5.57
N CYS A 34 3.86 -4.39 -5.29
CA CYS A 34 3.75 -5.14 -4.04
C CYS A 34 3.63 -6.62 -4.36
N GLN A 35 4.49 -7.42 -3.76
CA GLN A 35 4.47 -8.86 -3.98
C GLN A 35 4.01 -9.54 -2.71
N LEU A 36 2.84 -10.15 -2.77
CA LEU A 36 2.28 -10.82 -1.62
C LEU A 36 2.87 -12.22 -1.47
N HIS A 37 3.59 -12.44 -0.38
CA HIS A 37 4.20 -13.73 -0.09
C HIS A 37 3.17 -14.66 0.54
N ARG A 38 2.89 -15.76 -0.12
CA ARG A 38 1.92 -16.71 0.38
C ARG A 38 2.59 -17.92 1.02
N ASP A 39 2.09 -18.32 2.18
CA ASP A 39 2.47 -19.57 2.81
C ASP A 39 2.02 -20.74 1.95
N GLY A 40 1.01 -20.46 1.13
CA GLY A 40 0.38 -21.47 0.33
C GLY A 40 -1.07 -21.59 0.70
N ARG A 41 -1.61 -22.80 0.62
CA ARG A 41 -2.98 -23.10 1.05
C ARG A 41 -4.04 -22.43 0.17
N PHE A 42 -4.09 -21.10 0.21
CA PHE A 42 -5.11 -20.36 -0.52
C PHE A 42 -4.64 -20.06 -1.94
N GLU A 43 -5.13 -20.82 -2.88
CA GLU A 43 -4.77 -20.64 -4.28
C GLU A 43 -5.59 -19.51 -4.91
N GLU A 44 -4.97 -18.34 -4.99
CA GLU A 44 -5.58 -17.16 -5.64
C GLU A 44 -6.97 -16.90 -5.10
N THR A 45 -7.03 -16.40 -3.87
CA THR A 45 -8.29 -16.15 -3.20
C THR A 45 -8.66 -14.66 -3.30
N LYS A 46 -9.68 -14.23 -2.57
CA LYS A 46 -10.10 -12.83 -2.64
C LYS A 46 -9.25 -11.96 -1.72
N TYR A 47 -8.39 -11.17 -2.31
CA TYR A 47 -7.61 -10.20 -1.56
C TYR A 47 -8.27 -8.84 -1.68
N PHE A 48 -8.22 -8.04 -0.63
CA PHE A 48 -8.93 -6.78 -0.62
C PHE A 48 -7.96 -5.62 -0.39
N ILE A 49 -8.14 -4.56 -1.17
CA ILE A 49 -7.30 -3.38 -1.06
C ILE A 49 -8.13 -2.12 -0.88
N ARG A 50 -7.72 -1.28 0.06
CA ARG A 50 -8.30 0.04 0.24
C ARG A 50 -7.24 0.94 0.87
N TYR A 51 -7.13 2.17 0.41
CA TYR A 51 -6.09 3.05 0.90
C TYR A 51 -6.70 4.20 1.72
N PHE A 52 -6.01 4.60 2.76
CA PHE A 52 -6.46 5.69 3.59
C PHE A 52 -5.42 6.81 3.59
N GLN A 53 -5.89 8.04 3.63
CA GLN A 53 -5.01 9.19 3.68
C GLN A 53 -5.47 10.16 4.76
N PRO A 54 -4.81 10.18 5.91
CA PRO A 54 -5.10 11.17 6.95
C PRO A 54 -4.87 12.57 6.40
N ASP A 55 -3.74 12.75 5.74
CA ASP A 55 -3.36 14.01 5.12
C ASP A 55 -2.59 13.71 3.83
N GLY A 56 -3.09 14.22 2.72
CA GLY A 56 -2.42 13.98 1.45
C GLY A 56 -3.39 13.93 0.28
N ALA A 57 -2.85 13.83 -0.93
CA ALA A 57 -3.67 13.81 -2.13
C ALA A 57 -2.92 13.20 -3.30
N GLY A 58 -3.53 12.22 -3.94
CA GLY A 58 -2.93 11.60 -5.10
C GLY A 58 -3.89 10.68 -5.81
N THR A 59 -3.54 10.28 -7.02
CA THR A 59 -4.37 9.38 -7.80
C THR A 59 -3.76 7.98 -7.79
N LEU A 60 -4.43 7.05 -7.14
CA LEU A 60 -3.92 5.69 -7.01
C LEU A 60 -4.70 4.74 -7.90
N LYS A 61 -4.02 4.12 -8.84
CA LYS A 61 -4.64 3.17 -9.74
C LYS A 61 -4.05 1.78 -9.53
N MET A 62 -4.88 0.77 -9.67
CA MET A 62 -4.41 -0.60 -9.58
C MET A 62 -3.84 -1.02 -10.94
N SER A 63 -2.98 -2.03 -10.93
CA SER A 63 -2.31 -2.53 -12.14
C SER A 63 -3.27 -2.76 -13.31
N ASP A 64 -4.51 -3.12 -13.02
CA ASP A 64 -5.47 -3.44 -14.08
C ASP A 64 -6.07 -2.16 -14.68
N GLY A 65 -5.83 -1.04 -14.02
CA GLY A 65 -6.35 0.23 -14.49
C GLY A 65 -7.44 0.78 -13.60
N THR A 66 -7.88 -0.02 -12.63
CA THR A 66 -8.93 0.42 -11.72
C THR A 66 -8.44 1.55 -10.82
N VAL A 67 -9.12 2.69 -10.91
CA VAL A 67 -8.82 3.81 -10.05
C VAL A 67 -9.33 3.52 -8.64
N LEU A 68 -8.43 3.55 -7.68
CA LEU A 68 -8.77 3.20 -6.31
C LEU A 68 -9.22 4.43 -5.55
N LEU A 69 -10.46 4.42 -5.10
CA LEU A 69 -11.02 5.51 -4.33
C LEU A 69 -11.39 5.03 -2.94
N PRO A 70 -11.27 5.89 -1.91
CA PRO A 70 -11.58 5.54 -0.53
C PRO A 70 -13.07 5.27 -0.31
N ASN A 71 -13.85 5.49 -1.35
CA ASN A 71 -15.29 5.25 -1.32
C ASN A 71 -15.57 3.75 -1.39
N ASP A 72 -14.69 3.02 -2.06
CA ASP A 72 -14.90 1.60 -2.30
C ASP A 72 -13.72 0.76 -1.84
N LEU A 73 -13.92 -0.54 -1.90
CA LEU A 73 -12.88 -1.51 -1.63
C LEU A 73 -12.79 -2.47 -2.80
N TYR A 74 -11.59 -2.73 -3.29
CA TYR A 74 -11.42 -3.52 -4.50
C TYR A 74 -10.64 -4.80 -4.24
N PRO A 75 -10.90 -5.86 -5.03
CA PRO A 75 -10.24 -7.14 -4.90
C PRO A 75 -8.96 -7.24 -5.72
N LEU A 76 -7.90 -7.73 -5.10
CA LEU A 76 -6.62 -7.92 -5.77
C LEU A 76 -6.64 -9.22 -6.56
N PRO A 77 -6.28 -9.17 -7.85
CA PRO A 77 -6.34 -10.33 -8.75
C PRO A 77 -5.20 -11.34 -8.53
N GLY A 78 -4.00 -10.85 -8.22
CA GLY A 78 -2.85 -11.73 -8.14
C GLY A 78 -1.88 -11.35 -7.05
N GLU A 79 -0.84 -12.16 -6.89
CA GLU A 79 0.18 -11.95 -5.87
C GLU A 79 1.00 -10.71 -6.19
N THR A 80 1.24 -10.51 -7.48
CA THR A 80 2.02 -9.38 -7.95
C THR A 80 1.09 -8.26 -8.41
N PHE A 81 0.79 -7.35 -7.52
CA PHE A 81 -0.07 -6.23 -7.86
C PHE A 81 0.72 -4.93 -7.81
N ARG A 82 0.59 -4.14 -8.85
CA ARG A 82 1.34 -2.91 -8.97
C ARG A 82 0.40 -1.73 -8.83
N LEU A 83 0.71 -0.84 -7.90
CA LEU A 83 -0.12 0.31 -7.64
C LEU A 83 0.49 1.55 -8.27
N TYR A 84 -0.22 2.10 -9.23
CA TYR A 84 0.24 3.27 -9.94
C TYR A 84 -0.23 4.53 -9.25
N TYR A 85 0.67 5.14 -8.49
CA TYR A 85 0.33 6.33 -7.75
C TYR A 85 0.82 7.59 -8.47
N THR A 86 -0.13 8.36 -8.98
CA THR A 86 0.18 9.64 -9.56
C THR A 86 0.03 10.73 -8.50
N SER A 87 1.14 11.36 -8.14
CA SER A 87 1.16 12.34 -7.07
C SER A 87 0.33 13.57 -7.45
N ALA A 88 -0.47 14.04 -6.50
CA ALA A 88 -1.32 15.20 -6.73
C ALA A 88 -1.06 16.28 -5.69
N SER A 89 -0.06 16.06 -4.86
CA SER A 89 0.27 17.01 -3.81
C SER A 89 1.79 17.14 -3.69
N THR A 90 2.24 18.14 -2.94
CA THR A 90 3.66 18.37 -2.74
C THR A 90 4.00 18.44 -1.25
N ASP A 91 3.01 18.77 -0.42
CA ASP A 91 3.23 18.88 1.01
C ASP A 91 3.28 17.48 1.65
N GLN A 92 3.76 17.41 2.89
CA GLN A 92 3.95 16.13 3.56
C GLN A 92 2.66 15.32 3.61
N GLN A 93 2.62 14.22 2.89
CA GLN A 93 1.44 13.38 2.86
C GLN A 93 1.74 11.99 3.38
N THR A 94 0.73 11.36 3.94
CA THR A 94 0.87 10.02 4.49
C THR A 94 -0.25 9.13 3.99
N VAL A 95 0.12 8.10 3.24
CA VAL A 95 -0.86 7.18 2.67
C VAL A 95 -0.68 5.79 3.24
N ASP A 96 -1.59 5.36 4.09
CA ASP A 96 -1.53 4.02 4.65
C ASP A 96 -2.57 3.12 3.99
N VAL A 97 -2.07 2.14 3.25
CA VAL A 97 -2.91 1.24 2.47
C VAL A 97 -3.21 -0.02 3.28
N TYR A 98 -4.47 -0.44 3.27
CA TYR A 98 -4.90 -1.60 4.03
C TYR A 98 -5.12 -2.79 3.09
N PHE A 99 -4.40 -3.87 3.34
CA PHE A 99 -4.55 -5.08 2.57
C PHE A 99 -5.20 -6.16 3.42
N GLN A 100 -6.27 -6.74 2.92
CA GLN A 100 -7.01 -7.76 3.63
C GLN A 100 -7.08 -9.03 2.79
N ASP A 101 -7.24 -10.17 3.44
CA ASP A 101 -7.39 -11.43 2.71
C ASP A 101 -8.66 -12.16 3.14
N SER A 102 -8.91 -13.30 2.52
CA SER A 102 -10.11 -14.08 2.80
C SER A 102 -10.00 -14.86 4.10
N PHE A 103 -8.81 -14.85 4.69
CA PHE A 103 -8.58 -15.54 5.95
C PHE A 103 -8.96 -14.62 7.10
N GLY A 104 -9.11 -13.34 6.78
CA GLY A 104 -9.52 -12.37 7.77
C GLY A 104 -8.36 -11.56 8.29
N GLN A 105 -7.25 -11.62 7.57
CA GLN A 105 -6.07 -10.86 7.95
C GLN A 105 -6.14 -9.46 7.37
N LEU A 106 -5.65 -8.49 8.12
CA LEU A 106 -5.62 -7.12 7.66
C LEU A 106 -4.27 -6.49 8.00
N GLN A 107 -3.52 -6.14 6.97
CA GLN A 107 -2.19 -5.58 7.13
C GLN A 107 -2.09 -4.25 6.41
N GLN A 108 -1.70 -3.21 7.13
CA GLN A 108 -1.59 -1.88 6.53
C GLN A 108 -0.14 -1.51 6.29
N LEU A 109 0.10 -0.83 5.18
CA LEU A 109 1.43 -0.34 4.86
C LEU A 109 1.39 1.18 4.71
N THR A 110 2.14 1.87 5.56
CA THR A 110 2.11 3.32 5.61
C THR A 110 3.23 3.92 4.75
N PHE A 111 2.85 4.64 3.71
CA PHE A 111 3.81 5.26 2.81
C PHE A 111 3.83 6.78 2.99
N SER A 112 4.97 7.32 3.37
CA SER A 112 5.14 8.77 3.42
C SER A 112 5.72 9.27 2.10
N PHE A 113 4.97 10.11 1.41
CA PHE A 113 5.38 10.59 0.10
C PHE A 113 5.76 12.06 0.13
N ASN A 114 6.80 12.40 -0.66
CA ASN A 114 7.28 13.77 -0.83
C ASN A 114 7.28 14.58 0.48
N ASN A 115 7.86 13.99 1.52
CA ASN A 115 8.01 14.67 2.80
C ASN A 115 9.08 15.76 2.71
N ASP A 116 9.97 15.61 1.72
CA ASP A 116 11.07 16.55 1.47
C ASP A 116 12.05 16.56 2.65
N SER A 117 11.83 17.47 3.59
CA SER A 117 12.69 17.59 4.75
C SER A 117 11.90 17.40 6.04
N SER A 118 10.61 17.13 5.89
CA SER A 118 9.75 16.92 7.04
C SER A 118 9.70 15.43 7.39
N LYS A 119 10.52 15.03 8.36
CA LYS A 119 10.56 13.64 8.79
C LYS A 119 10.05 13.53 10.22
N GLU A 120 9.21 14.48 10.59
CA GLU A 120 8.54 14.45 11.89
C GLU A 120 7.49 13.35 11.89
N GLU A 121 7.48 12.54 12.94
CA GLU A 121 6.57 11.39 13.03
C GLU A 121 5.18 11.83 13.48
N GLU A 122 4.56 12.68 12.67
CA GLU A 122 3.22 13.21 12.93
C GLU A 122 3.18 13.96 14.28
N LEU A 123 3.30 15.28 14.22
CA LEU A 123 3.35 16.11 15.41
C LEU A 123 2.12 15.88 16.28
N GLU A 124 0.95 16.16 15.72
CA GLU A 124 -0.30 15.92 16.42
C GLU A 124 -0.74 14.49 16.16
N HIS A 125 0.06 13.56 16.68
CA HIS A 125 -0.12 12.13 16.46
C HIS A 125 -1.53 11.65 16.84
N HIS A 126 -2.29 11.35 15.80
CA HIS A 126 -3.65 10.84 15.96
C HIS A 126 -3.80 9.56 15.15
N HIS A 127 -2.97 9.43 14.12
CA HIS A 127 -2.88 8.20 13.35
C HIS A 127 -1.72 7.38 13.91
N HIS A 128 -2.01 6.61 14.95
CA HIS A 128 -0.95 6.03 15.76
C HIS A 128 -1.14 4.54 16.03
N HIS A 129 -2.17 3.95 15.41
CA HIS A 129 -2.53 2.53 15.65
C HIS A 129 -2.56 2.19 17.14
N HIS A 130 -2.46 0.91 17.47
CA HIS A 130 -2.34 0.49 18.85
C HIS A 130 -0.95 0.82 19.36
N MET A 1 -4.17 -15.09 21.41
CA MET A 1 -5.08 -14.62 22.50
C MET A 1 -4.76 -15.39 23.78
N ASN A 2 -5.79 -15.68 24.60
CA ASN A 2 -5.59 -16.49 25.82
C ASN A 2 -5.06 -17.88 25.46
N ASP A 3 -5.26 -18.26 24.21
CA ASP A 3 -4.69 -19.48 23.65
C ASP A 3 -3.16 -19.44 23.66
N ASP A 4 -2.63 -18.22 23.77
CA ASP A 4 -1.19 -17.96 23.86
C ASP A 4 -0.46 -18.31 22.57
N VAL A 5 0.01 -17.29 21.88
CA VAL A 5 0.87 -17.50 20.73
C VAL A 5 2.33 -17.37 21.17
N ASP A 6 3.05 -18.47 21.10
CA ASP A 6 4.42 -18.52 21.56
C ASP A 6 5.39 -18.21 20.42
N ILE A 7 6.61 -18.72 20.52
CA ILE A 7 7.61 -18.52 19.48
C ILE A 7 7.15 -19.15 18.16
N GLN A 8 6.36 -20.22 18.29
CA GLN A 8 5.77 -20.90 17.15
C GLN A 8 4.80 -19.97 16.43
N GLN A 9 4.94 -19.85 15.12
CA GLN A 9 4.12 -18.95 14.34
C GLN A 9 2.94 -19.68 13.71
N SER A 10 1.98 -18.91 13.23
CA SER A 10 0.81 -19.47 12.56
C SER A 10 0.97 -19.34 11.04
N TYR A 11 2.07 -18.70 10.65
CA TYR A 11 2.33 -18.37 9.25
C TYR A 11 1.24 -17.47 8.68
N PRO A 12 1.38 -16.16 8.89
CA PRO A 12 0.45 -15.17 8.39
C PRO A 12 0.83 -14.69 6.98
N PHE A 13 -0.16 -14.29 6.22
CA PHE A 13 0.07 -13.80 4.88
C PHE A 13 0.40 -12.31 4.93
N SER A 14 1.38 -11.91 4.12
CA SER A 14 1.86 -10.54 4.12
C SER A 14 2.37 -10.19 2.73
N ILE A 15 2.67 -8.92 2.50
CA ILE A 15 3.08 -8.46 1.19
C ILE A 15 4.32 -7.58 1.29
N GLU A 16 5.29 -7.83 0.43
CA GLU A 16 6.50 -7.03 0.37
C GLU A 16 6.41 -6.08 -0.82
N THR A 17 7.06 -4.93 -0.70
CA THR A 17 6.95 -3.89 -1.71
C THR A 17 8.32 -3.38 -2.13
N MET A 18 8.39 -2.81 -3.32
CA MET A 18 9.61 -2.16 -3.78
C MET A 18 9.57 -0.67 -3.46
N PRO A 19 10.59 -0.17 -2.73
CA PRO A 19 10.63 1.21 -2.25
C PRO A 19 10.44 2.26 -3.36
N VAL A 20 9.61 3.26 -3.06
CA VAL A 20 9.30 4.32 -4.01
C VAL A 20 10.20 5.53 -3.80
N PRO A 21 10.23 6.46 -4.77
CA PRO A 21 10.94 7.73 -4.63
C PRO A 21 10.38 8.57 -3.48
N LYS A 22 11.22 9.40 -2.89
CA LYS A 22 10.82 10.19 -1.73
C LYS A 22 10.40 11.59 -2.15
N LYS A 23 10.79 11.98 -3.36
CA LYS A 23 10.40 13.26 -3.92
C LYS A 23 10.02 13.10 -5.39
N LEU A 24 8.78 13.42 -5.71
CA LEU A 24 8.28 13.29 -7.07
C LEU A 24 7.70 14.62 -7.56
N LYS A 25 7.43 14.70 -8.84
CA LYS A 25 6.75 15.86 -9.43
C LYS A 25 5.24 15.66 -9.41
N VAL A 26 4.50 16.74 -9.53
CA VAL A 26 3.05 16.63 -9.68
C VAL A 26 2.73 16.16 -11.09
N GLY A 27 2.20 14.94 -11.18
CA GLY A 27 2.00 14.32 -12.47
C GLY A 27 2.91 13.11 -12.63
N GLU A 28 3.84 12.96 -11.69
CA GLU A 28 4.74 11.83 -11.69
C GLU A 28 4.05 10.62 -11.06
N THR A 29 4.33 9.44 -11.57
CA THR A 29 3.67 8.24 -11.10
C THR A 29 4.70 7.19 -10.65
N ALA A 30 4.60 6.79 -9.40
CA ALA A 30 5.49 5.79 -8.85
C ALA A 30 4.85 4.41 -8.92
N GLU A 31 5.55 3.45 -9.50
CA GLU A 31 5.03 2.09 -9.59
C GLU A 31 5.44 1.29 -8.36
N ILE A 32 4.50 1.11 -7.44
CA ILE A 32 4.73 0.30 -6.26
C ILE A 32 4.50 -1.16 -6.60
N ARG A 33 5.58 -1.89 -6.86
CA ARG A 33 5.47 -3.30 -7.20
C ARG A 33 5.35 -4.13 -5.93
N CYS A 34 4.25 -4.85 -5.81
CA CYS A 34 3.93 -5.56 -4.58
C CYS A 34 3.88 -7.06 -4.82
N GLN A 35 4.50 -7.82 -3.93
CA GLN A 35 4.49 -9.27 -4.02
C GLN A 35 3.93 -9.89 -2.75
N LEU A 36 2.86 -10.65 -2.90
CA LEU A 36 2.24 -11.32 -1.76
C LEU A 36 2.98 -12.61 -1.45
N HIS A 37 3.17 -12.87 -0.16
CA HIS A 37 3.78 -14.11 0.28
C HIS A 37 2.69 -15.15 0.54
N ARG A 38 2.54 -16.08 -0.39
CA ARG A 38 1.50 -17.11 -0.32
C ARG A 38 2.14 -18.50 -0.28
N ASP A 39 2.10 -19.13 0.89
CA ASP A 39 2.60 -20.50 1.03
C ASP A 39 1.45 -21.48 0.82
N GLY A 40 0.46 -21.43 1.71
CA GLY A 40 -0.72 -22.24 1.55
C GLY A 40 -1.53 -21.80 0.36
N ARG A 41 -1.44 -22.57 -0.73
CA ARG A 41 -2.10 -22.20 -1.97
C ARG A 41 -3.60 -22.44 -1.90
N PHE A 42 -4.36 -21.44 -2.31
CA PHE A 42 -5.82 -21.53 -2.37
C PHE A 42 -6.34 -20.77 -3.58
N GLU A 43 -5.97 -19.49 -3.64
CA GLU A 43 -6.32 -18.59 -4.74
C GLU A 43 -7.79 -18.18 -4.69
N GLU A 44 -8.66 -19.08 -4.24
CA GLU A 44 -10.06 -18.73 -3.99
C GLU A 44 -10.13 -17.67 -2.90
N THR A 45 -9.12 -17.69 -2.04
CA THR A 45 -8.92 -16.66 -1.05
C THR A 45 -8.68 -15.32 -1.74
N LYS A 46 -9.61 -14.40 -1.55
CA LYS A 46 -9.63 -13.17 -2.32
C LYS A 46 -8.96 -12.02 -1.58
N TYR A 47 -8.25 -11.21 -2.35
CA TYR A 47 -7.49 -10.10 -1.80
C TYR A 47 -8.26 -8.81 -1.95
N PHE A 48 -8.41 -8.07 -0.87
CA PHE A 48 -9.12 -6.81 -0.90
C PHE A 48 -8.20 -5.67 -0.47
N ILE A 49 -8.07 -4.68 -1.33
CA ILE A 49 -7.22 -3.53 -1.06
C ILE A 49 -8.07 -2.29 -0.82
N ARG A 50 -7.65 -1.49 0.15
CA ARG A 50 -8.27 -0.20 0.41
C ARG A 50 -7.26 0.72 1.08
N TYR A 51 -7.16 1.95 0.63
CA TYR A 51 -6.27 2.91 1.27
C TYR A 51 -7.09 3.94 2.02
N PHE A 52 -6.50 4.46 3.09
CA PHE A 52 -7.12 5.50 3.87
C PHE A 52 -6.42 6.81 3.56
N GLN A 53 -7.19 7.85 3.29
CA GLN A 53 -6.64 9.13 2.89
C GLN A 53 -6.97 10.22 3.91
N PRO A 54 -6.19 10.31 5.00
CA PRO A 54 -6.36 11.35 6.01
C PRO A 54 -5.68 12.66 5.63
N ASP A 55 -4.78 12.56 4.66
CA ASP A 55 -3.92 13.66 4.29
C ASP A 55 -4.17 14.07 2.84
N GLY A 56 -3.76 15.29 2.49
CA GLY A 56 -3.96 15.79 1.15
C GLY A 56 -2.89 15.30 0.19
N ALA A 57 -3.02 14.05 -0.24
CA ALA A 57 -2.05 13.44 -1.13
C ALA A 57 -2.61 13.31 -2.55
N GLY A 58 -2.02 12.41 -3.34
CA GLY A 58 -2.40 12.30 -4.73
C GLY A 58 -3.33 11.13 -5.02
N THR A 59 -3.18 10.55 -6.19
CA THR A 59 -4.06 9.48 -6.66
C THR A 59 -3.37 8.12 -6.57
N LEU A 60 -4.12 7.09 -6.18
CA LEU A 60 -3.59 5.74 -6.16
C LEU A 60 -4.37 4.85 -7.13
N LYS A 61 -3.68 4.33 -8.12
CA LYS A 61 -4.30 3.50 -9.14
C LYS A 61 -3.78 2.07 -9.05
N MET A 62 -4.61 1.14 -9.48
CA MET A 62 -4.23 -0.26 -9.53
C MET A 62 -3.52 -0.57 -10.83
N SER A 63 -2.84 -1.71 -10.88
CA SER A 63 -2.18 -2.19 -12.11
C SER A 63 -3.17 -2.26 -13.27
N ASP A 64 -4.44 -2.47 -12.93
CA ASP A 64 -5.51 -2.58 -13.92
C ASP A 64 -5.83 -1.22 -14.54
N GLY A 65 -5.35 -0.16 -13.91
CA GLY A 65 -5.73 1.17 -14.32
C GLY A 65 -6.97 1.63 -13.58
N THR A 66 -7.38 0.82 -12.62
CA THR A 66 -8.53 1.12 -11.78
C THR A 66 -8.16 2.09 -10.68
N VAL A 67 -8.95 3.14 -10.51
CA VAL A 67 -8.71 4.12 -9.46
C VAL A 67 -9.36 3.65 -8.16
N LEU A 68 -8.57 3.63 -7.09
CA LEU A 68 -9.03 3.14 -5.81
C LEU A 68 -9.71 4.25 -5.01
N LEU A 69 -10.76 3.87 -4.29
CA LEU A 69 -11.50 4.81 -3.46
C LEU A 69 -11.33 4.47 -1.98
N PRO A 70 -11.05 5.48 -1.15
CA PRO A 70 -10.78 5.27 0.28
C PRO A 70 -12.06 5.11 1.10
N ASN A 71 -12.82 4.06 0.82
CA ASN A 71 -14.05 3.80 1.55
C ASN A 71 -14.44 2.32 1.49
N ASP A 72 -14.46 1.77 0.28
CA ASP A 72 -14.85 0.38 0.10
C ASP A 72 -13.66 -0.47 -0.32
N LEU A 73 -13.87 -1.77 -0.43
CA LEU A 73 -12.78 -2.71 -0.70
C LEU A 73 -12.77 -3.13 -2.16
N TYR A 74 -11.60 -3.02 -2.78
CA TYR A 74 -11.41 -3.45 -4.16
C TYR A 74 -10.63 -4.75 -4.21
N PRO A 75 -11.09 -5.74 -4.99
CA PRO A 75 -10.38 -7.00 -5.17
C PRO A 75 -9.10 -6.82 -5.99
N LEU A 76 -8.00 -7.34 -5.47
CA LEU A 76 -6.73 -7.30 -6.19
C LEU A 76 -6.76 -8.27 -7.38
N PRO A 77 -6.12 -7.89 -8.49
CA PRO A 77 -6.07 -8.72 -9.71
C PRO A 77 -5.31 -10.03 -9.48
N GLY A 78 -4.56 -10.08 -8.39
CA GLY A 78 -3.79 -11.25 -8.08
C GLY A 78 -2.88 -11.03 -6.89
N GLU A 79 -1.73 -11.68 -6.91
CA GLU A 79 -0.77 -11.57 -5.83
C GLU A 79 0.57 -11.06 -6.35
N THR A 80 0.65 -10.92 -7.67
CA THR A 80 1.75 -10.23 -8.32
C THR A 80 1.20 -9.06 -9.12
N PHE A 81 1.37 -7.85 -8.61
CA PHE A 81 0.75 -6.68 -9.21
C PHE A 81 1.53 -5.42 -8.92
N ARG A 82 1.12 -4.33 -9.57
CA ARG A 82 1.72 -3.02 -9.35
C ARG A 82 0.67 -2.02 -8.91
N LEU A 83 1.06 -1.10 -8.06
CA LEU A 83 0.20 0.00 -7.65
C LEU A 83 0.79 1.31 -8.14
N TYR A 84 0.05 2.01 -8.99
CA TYR A 84 0.54 3.23 -9.59
C TYR A 84 0.07 4.44 -8.79
N TYR A 85 1.00 5.02 -8.04
CA TYR A 85 0.69 6.20 -7.26
C TYR A 85 1.06 7.46 -8.04
N THR A 86 0.05 8.21 -8.43
CA THR A 86 0.27 9.44 -9.16
C THR A 86 0.35 10.61 -8.17
N SER A 87 1.53 11.20 -8.05
CA SER A 87 1.72 12.34 -7.18
C SER A 87 0.97 13.54 -7.72
N ALA A 88 -0.11 13.91 -7.02
CA ALA A 88 -0.96 14.99 -7.47
C ALA A 88 -0.98 16.13 -6.47
N SER A 89 -0.07 16.07 -5.51
CA SER A 89 -0.01 17.08 -4.48
C SER A 89 1.37 17.73 -4.46
N THR A 90 1.40 19.04 -4.21
CA THR A 90 2.65 19.77 -4.08
C THR A 90 3.12 19.69 -2.63
N ASP A 91 2.18 19.42 -1.75
CA ASP A 91 2.43 19.29 -0.33
C ASP A 91 2.88 17.88 0.01
N GLN A 92 3.28 17.66 1.25
CA GLN A 92 3.70 16.34 1.70
C GLN A 92 2.52 15.37 1.57
N GLN A 93 2.82 14.13 1.22
CA GLN A 93 1.78 13.16 0.94
C GLN A 93 1.89 11.95 1.86
N THR A 94 0.79 11.67 2.57
CA THR A 94 0.72 10.54 3.48
C THR A 94 -0.44 9.62 3.10
N VAL A 95 -0.14 8.36 2.78
CA VAL A 95 -1.17 7.41 2.34
C VAL A 95 -1.06 6.09 3.11
N ASP A 96 -2.17 5.64 3.68
CA ASP A 96 -2.21 4.36 4.39
C ASP A 96 -2.87 3.29 3.52
N VAL A 97 -2.09 2.31 3.08
CA VAL A 97 -2.63 1.25 2.22
C VAL A 97 -2.86 -0.03 3.02
N TYR A 98 -4.09 -0.53 2.99
CA TYR A 98 -4.45 -1.74 3.72
C TYR A 98 -4.71 -2.89 2.76
N PHE A 99 -4.04 -4.01 3.00
CA PHE A 99 -4.25 -5.23 2.23
C PHE A 99 -4.93 -6.27 3.11
N GLN A 100 -6.14 -6.66 2.74
CA GLN A 100 -6.90 -7.62 3.53
C GLN A 100 -7.08 -8.93 2.78
N ASP A 101 -6.77 -10.02 3.46
CA ASP A 101 -6.94 -11.36 2.91
C ASP A 101 -8.10 -12.05 3.62
N SER A 102 -8.86 -12.86 2.90
CA SER A 102 -10.09 -13.45 3.43
C SER A 102 -9.84 -14.57 4.42
N PHE A 103 -8.57 -14.95 4.61
CA PHE A 103 -8.21 -15.95 5.63
C PHE A 103 -8.18 -15.28 7.00
N GLY A 104 -8.26 -13.95 7.00
CA GLY A 104 -8.26 -13.20 8.25
C GLY A 104 -6.98 -12.43 8.45
N GLN A 105 -6.29 -12.12 7.36
CA GLN A 105 -5.06 -11.38 7.43
C GLN A 105 -5.29 -9.94 7.00
N LEU A 106 -4.63 -9.01 7.69
CA LEU A 106 -4.71 -7.60 7.35
C LEU A 106 -3.33 -6.96 7.52
N GLN A 107 -2.77 -6.49 6.42
CA GLN A 107 -1.48 -5.82 6.45
C GLN A 107 -1.65 -4.36 6.07
N GLN A 108 -1.03 -3.48 6.84
CA GLN A 108 -1.17 -2.06 6.61
C GLN A 108 0.19 -1.44 6.30
N LEU A 109 0.28 -0.76 5.17
CA LEU A 109 1.50 -0.10 4.76
C LEU A 109 1.29 1.40 4.66
N THR A 110 1.92 2.14 5.55
CA THR A 110 1.83 3.58 5.54
C THR A 110 2.95 4.19 4.72
N PHE A 111 2.60 4.91 3.67
CA PHE A 111 3.59 5.56 2.84
C PHE A 111 3.66 7.03 3.17
N SER A 112 4.82 7.46 3.63
CA SER A 112 5.06 8.86 3.92
C SER A 112 6.28 9.32 3.13
N PHE A 113 6.08 10.29 2.25
CA PHE A 113 7.18 10.79 1.43
C PHE A 113 8.06 11.74 2.23
N ASN A 114 9.14 12.19 1.60
CA ASN A 114 10.13 13.05 2.26
C ASN A 114 9.46 14.24 2.95
N ASN A 115 9.41 14.18 4.27
CA ASN A 115 8.76 15.21 5.07
C ASN A 115 9.80 15.96 5.89
N ASP A 116 9.79 17.28 5.79
CA ASP A 116 10.74 18.10 6.52
C ASP A 116 10.00 18.96 7.55
N SER A 117 8.72 18.66 7.73
CA SER A 117 7.86 19.35 8.70
C SER A 117 7.53 20.77 8.24
N SER A 118 6.24 21.11 8.27
CA SER A 118 5.79 22.41 7.81
C SER A 118 4.30 22.59 8.09
N LYS A 119 3.49 21.64 7.64
CA LYS A 119 2.05 21.80 7.69
C LYS A 119 1.46 21.42 9.04
N GLU A 120 1.05 22.43 9.77
CA GLU A 120 0.26 22.26 10.97
C GLU A 120 -0.81 23.34 10.96
N GLU A 121 -1.44 23.46 9.81
CA GLU A 121 -2.36 24.55 9.54
C GLU A 121 -3.74 24.02 9.19
N GLU A 122 -4.65 24.94 8.89
CA GLU A 122 -6.03 24.58 8.58
C GLU A 122 -6.17 24.15 7.13
N LEU A 123 -6.91 23.06 6.93
CA LEU A 123 -7.19 22.56 5.58
C LEU A 123 -8.52 23.13 5.08
N GLU A 124 -9.04 22.55 4.02
CA GLU A 124 -10.29 23.04 3.44
C GLU A 124 -11.50 22.60 4.26
N HIS A 125 -12.64 23.20 3.95
CA HIS A 125 -13.88 22.94 4.68
C HIS A 125 -14.37 21.53 4.38
N HIS A 126 -14.67 21.30 3.12
CA HIS A 126 -15.21 20.03 2.66
C HIS A 126 -14.57 19.69 1.32
N HIS A 127 -13.40 19.09 1.36
CA HIS A 127 -12.63 18.85 0.14
C HIS A 127 -13.09 17.55 -0.53
N HIS A 128 -14.29 17.59 -1.09
CA HIS A 128 -14.88 16.46 -1.79
C HIS A 128 -16.26 16.83 -2.32
N HIS A 129 -16.32 17.20 -3.60
CA HIS A 129 -17.58 17.55 -4.26
C HIS A 129 -18.21 18.79 -3.65
N HIS A 130 -17.99 19.92 -4.32
CA HIS A 130 -18.62 21.18 -3.92
C HIS A 130 -19.65 21.57 -4.97
N MET A 1 -1.68 0.81 22.36
CA MET A 1 -3.14 0.54 22.32
C MET A 1 -3.68 0.71 20.92
N ASN A 2 -3.89 -0.42 20.24
CA ASN A 2 -4.46 -0.42 18.91
C ASN A 2 -5.58 -1.44 18.85
N ASP A 3 -5.19 -2.70 18.80
CA ASP A 3 -6.14 -3.82 18.76
C ASP A 3 -5.66 -4.89 19.73
N ASP A 4 -5.87 -6.16 19.38
CA ASP A 4 -5.37 -7.26 20.19
C ASP A 4 -3.86 -7.35 20.09
N VAL A 5 -3.26 -8.28 20.81
CA VAL A 5 -1.83 -8.47 20.79
C VAL A 5 -1.46 -9.58 19.81
N ASP A 6 -2.48 -10.07 19.10
CA ASP A 6 -2.31 -11.14 18.14
C ASP A 6 -1.62 -10.66 16.88
N ILE A 7 -0.30 -10.61 16.93
CA ILE A 7 0.52 -10.26 15.79
C ILE A 7 1.88 -10.95 15.91
N GLN A 8 1.94 -11.94 16.80
CA GLN A 8 3.20 -12.60 17.13
C GLN A 8 3.25 -13.99 16.50
N GLN A 9 2.12 -14.47 16.01
CA GLN A 9 2.06 -15.78 15.37
C GLN A 9 2.47 -15.67 13.90
N SER A 10 2.55 -16.82 13.24
CA SER A 10 2.99 -16.88 11.86
C SER A 10 2.01 -16.16 10.94
N TYR A 11 2.54 -15.40 9.98
CA TYR A 11 1.72 -14.72 9.00
C TYR A 11 1.22 -15.72 7.96
N PRO A 12 -0.04 -15.58 7.52
CA PRO A 12 -0.59 -16.43 6.47
C PRO A 12 0.15 -16.26 5.15
N PHE A 13 0.31 -15.00 4.78
CA PHE A 13 1.01 -14.64 3.55
C PHE A 13 1.82 -13.38 3.80
N SER A 14 2.89 -13.22 3.04
CA SER A 14 3.76 -12.06 3.19
C SER A 14 3.75 -11.22 1.91
N ILE A 15 3.63 -9.91 2.05
CA ILE A 15 3.56 -9.04 0.90
C ILE A 15 4.81 -8.17 0.79
N GLU A 16 5.44 -8.24 -0.36
CA GLU A 16 6.63 -7.44 -0.63
C GLU A 16 6.29 -6.26 -1.52
N THR A 17 6.81 -5.09 -1.18
CA THR A 17 6.57 -3.90 -1.96
C THR A 17 7.90 -3.25 -2.38
N MET A 18 7.95 -2.79 -3.62
CA MET A 18 9.14 -2.09 -4.11
C MET A 18 9.17 -0.66 -3.61
N PRO A 19 10.34 -0.21 -3.13
CA PRO A 19 10.50 1.15 -2.57
C PRO A 19 10.22 2.24 -3.58
N VAL A 20 9.95 3.44 -3.06
CA VAL A 20 9.58 4.59 -3.89
C VAL A 20 10.64 5.68 -3.78
N PRO A 21 10.61 6.67 -4.69
CA PRO A 21 11.52 7.83 -4.64
C PRO A 21 11.23 8.73 -3.45
N LYS A 22 12.29 9.34 -2.91
CA LYS A 22 12.15 10.22 -1.76
C LYS A 22 11.66 11.61 -2.16
N LYS A 23 11.40 11.79 -3.44
CA LYS A 23 10.82 13.03 -3.95
C LYS A 23 9.82 12.73 -5.05
N LEU A 24 8.59 13.18 -4.85
CA LEU A 24 7.53 13.01 -5.82
C LEU A 24 6.74 14.30 -5.96
N LYS A 25 6.80 14.90 -7.14
CA LYS A 25 6.12 16.16 -7.37
C LYS A 25 4.92 15.96 -8.29
N VAL A 26 4.22 17.05 -8.57
CA VAL A 26 3.00 16.98 -9.36
C VAL A 26 3.28 16.51 -10.78
N GLY A 27 2.63 15.42 -11.16
CA GLY A 27 2.78 14.89 -12.50
C GLY A 27 3.72 13.71 -12.56
N GLU A 28 4.32 13.36 -11.44
CA GLU A 28 5.22 12.23 -11.39
C GLU A 28 4.48 10.97 -10.96
N THR A 29 4.88 9.83 -11.51
CA THR A 29 4.20 8.58 -11.28
C THR A 29 5.11 7.58 -10.57
N ALA A 30 4.76 7.21 -9.35
CA ALA A 30 5.52 6.24 -8.59
C ALA A 30 4.93 4.85 -8.78
N GLU A 31 5.71 3.95 -9.37
CA GLU A 31 5.26 2.59 -9.58
C GLU A 31 5.57 1.74 -8.36
N ILE A 32 4.56 1.52 -7.54
CA ILE A 32 4.70 0.70 -6.35
C ILE A 32 4.27 -0.73 -6.65
N ARG A 33 5.23 -1.59 -6.90
CA ARG A 33 4.92 -2.98 -7.17
C ARG A 33 4.70 -3.73 -5.87
N CYS A 34 3.54 -4.34 -5.75
CA CYS A 34 3.19 -5.08 -4.56
C CYS A 34 2.98 -6.55 -4.92
N GLN A 35 3.67 -7.42 -4.21
CA GLN A 35 3.63 -8.83 -4.53
C GLN A 35 3.38 -9.66 -3.29
N LEU A 36 2.21 -10.30 -3.23
CA LEU A 36 1.88 -11.19 -2.15
C LEU A 36 2.49 -12.55 -2.42
N HIS A 37 3.40 -12.97 -1.56
CA HIS A 37 4.05 -14.26 -1.70
C HIS A 37 3.20 -15.35 -1.08
N ARG A 38 2.63 -16.19 -1.92
CA ARG A 38 1.81 -17.29 -1.46
C ARG A 38 2.69 -18.47 -1.10
N ASP A 39 2.62 -18.89 0.16
CA ASP A 39 3.35 -20.06 0.61
C ASP A 39 2.91 -21.29 -0.16
N GLY A 40 1.61 -21.39 -0.36
CA GLY A 40 1.06 -22.48 -1.13
C GLY A 40 -0.19 -22.07 -1.87
N ARG A 41 -1.31 -22.70 -1.54
CA ARG A 41 -2.59 -22.38 -2.16
C ARG A 41 -3.66 -22.16 -1.12
N PHE A 42 -3.97 -23.22 -0.38
CA PHE A 42 -5.15 -23.30 0.48
C PHE A 42 -6.40 -23.27 -0.39
N GLU A 43 -6.80 -22.08 -0.81
CA GLU A 43 -7.93 -21.89 -1.71
C GLU A 43 -7.75 -20.59 -2.48
N GLU A 44 -8.79 -20.17 -3.19
CA GLU A 44 -8.78 -18.89 -3.87
C GLU A 44 -9.08 -17.78 -2.87
N THR A 45 -8.16 -17.59 -1.94
CA THR A 45 -8.28 -16.56 -0.92
C THR A 45 -8.35 -15.17 -1.56
N LYS A 46 -9.48 -14.51 -1.42
CA LYS A 46 -9.66 -13.19 -1.98
C LYS A 46 -9.06 -12.13 -1.04
N TYR A 47 -8.06 -11.43 -1.54
CA TYR A 47 -7.40 -10.39 -0.76
C TYR A 47 -7.96 -9.04 -1.16
N PHE A 48 -8.29 -8.21 -0.18
CA PHE A 48 -8.88 -6.91 -0.45
C PHE A 48 -7.94 -5.79 -0.02
N ILE A 49 -7.89 -4.74 -0.81
CA ILE A 49 -7.02 -3.62 -0.53
C ILE A 49 -7.83 -2.35 -0.25
N ARG A 50 -7.52 -1.69 0.85
CA ARG A 50 -8.20 -0.45 1.23
C ARG A 50 -7.17 0.56 1.71
N TYR A 51 -7.28 1.79 1.23
CA TYR A 51 -6.24 2.78 1.42
C TYR A 51 -6.81 4.05 2.03
N PHE A 52 -6.55 4.28 3.29
CA PHE A 52 -7.07 5.44 3.98
C PHE A 52 -6.04 6.56 3.96
N GLN A 53 -6.39 7.66 3.30
CA GLN A 53 -5.53 8.82 3.29
C GLN A 53 -6.11 9.90 4.20
N PRO A 54 -5.51 10.07 5.40
CA PRO A 54 -5.95 11.07 6.37
C PRO A 54 -5.86 12.48 5.79
N ASP A 55 -4.73 12.76 5.16
CA ASP A 55 -4.49 14.07 4.55
C ASP A 55 -3.47 13.94 3.44
N GLY A 56 -3.88 14.31 2.24
CA GLY A 56 -3.00 14.21 1.08
C GLY A 56 -3.78 14.37 -0.21
N ALA A 57 -3.05 14.50 -1.32
CA ALA A 57 -3.69 14.69 -2.62
C ALA A 57 -2.94 13.94 -3.70
N GLY A 58 -3.43 12.76 -4.05
CA GLY A 58 -2.81 11.96 -5.08
C GLY A 58 -3.81 11.10 -5.81
N THR A 59 -3.37 10.42 -6.86
CA THR A 59 -4.23 9.53 -7.60
C THR A 59 -3.60 8.15 -7.70
N LEU A 60 -4.22 7.17 -7.06
CA LEU A 60 -3.69 5.82 -7.04
C LEU A 60 -4.50 4.93 -7.98
N LYS A 61 -3.84 4.37 -8.97
CA LYS A 61 -4.48 3.44 -9.89
C LYS A 61 -3.73 2.13 -9.93
N MET A 62 -4.44 1.06 -10.17
CA MET A 62 -3.83 -0.24 -10.34
C MET A 62 -3.38 -0.39 -11.79
N SER A 63 -2.36 -1.21 -12.02
CA SER A 63 -1.83 -1.45 -13.35
C SER A 63 -2.92 -1.88 -14.33
N ASP A 64 -3.95 -2.52 -13.79
CA ASP A 64 -5.00 -3.10 -14.61
C ASP A 64 -6.12 -2.10 -14.85
N GLY A 65 -5.80 -0.82 -14.65
CA GLY A 65 -6.72 0.26 -15.01
C GLY A 65 -7.73 0.56 -13.92
N THR A 66 -7.66 -0.17 -12.82
CA THR A 66 -8.60 0.02 -11.72
C THR A 66 -8.27 1.29 -10.94
N VAL A 67 -9.19 2.24 -10.95
CA VAL A 67 -9.02 3.47 -10.17
C VAL A 67 -9.33 3.19 -8.71
N LEU A 68 -8.33 3.38 -7.86
CA LEU A 68 -8.43 3.02 -6.46
C LEU A 68 -8.92 4.20 -5.63
N LEU A 69 -10.08 4.03 -5.02
CA LEU A 69 -10.67 5.09 -4.20
C LEU A 69 -10.51 4.76 -2.72
N PRO A 70 -10.05 5.73 -1.92
CA PRO A 70 -9.76 5.55 -0.50
C PRO A 70 -10.92 4.95 0.30
N ASN A 71 -12.14 5.39 0.01
CA ASN A 71 -13.31 4.94 0.76
C ASN A 71 -13.95 3.73 0.08
N ASP A 72 -13.20 3.10 -0.81
CA ASP A 72 -13.68 1.91 -1.51
C ASP A 72 -12.85 0.70 -1.15
N LEU A 73 -13.28 -0.46 -1.61
CA LEU A 73 -12.60 -1.71 -1.34
C LEU A 73 -12.54 -2.56 -2.61
N TYR A 74 -11.33 -2.91 -3.03
CA TYR A 74 -11.15 -3.69 -4.24
C TYR A 74 -10.46 -5.01 -3.96
N PRO A 75 -10.89 -6.09 -4.63
CA PRO A 75 -10.20 -7.37 -4.57
C PRO A 75 -8.98 -7.39 -5.49
N LEU A 76 -7.91 -8.02 -5.02
CA LEU A 76 -6.67 -8.10 -5.78
C LEU A 76 -6.79 -9.09 -6.94
N PRO A 77 -6.16 -8.79 -8.09
CA PRO A 77 -6.19 -9.65 -9.27
C PRO A 77 -5.50 -11.00 -9.03
N GLY A 78 -4.43 -10.95 -8.25
CA GLY A 78 -3.68 -12.15 -7.96
C GLY A 78 -2.55 -11.88 -6.99
N GLU A 79 -1.52 -12.72 -7.02
CA GLU A 79 -0.39 -12.59 -6.12
C GLU A 79 0.37 -11.29 -6.36
N THR A 80 0.69 -11.02 -7.61
CA THR A 80 1.52 -9.87 -7.95
C THR A 80 0.70 -8.83 -8.72
N PHE A 81 0.89 -7.57 -8.37
CA PHE A 81 0.22 -6.46 -9.03
C PHE A 81 1.04 -5.19 -8.88
N ARG A 82 0.67 -4.15 -9.62
CA ARG A 82 1.42 -2.90 -9.60
C ARG A 82 0.49 -1.72 -9.33
N LEU A 83 0.89 -0.87 -8.40
CA LEU A 83 0.11 0.32 -8.07
C LEU A 83 0.81 1.56 -8.58
N TYR A 84 0.15 2.32 -9.42
CA TYR A 84 0.72 3.54 -9.95
C TYR A 84 0.24 4.74 -9.16
N TYR A 85 1.11 5.25 -8.31
CA TYR A 85 0.79 6.40 -7.49
C TYR A 85 1.13 7.67 -8.24
N THR A 86 0.11 8.32 -8.77
CA THR A 86 0.30 9.56 -9.50
C THR A 86 0.21 10.73 -8.53
N SER A 87 1.34 11.39 -8.31
CA SER A 87 1.39 12.51 -7.39
C SER A 87 0.73 13.74 -8.00
N ALA A 88 -0.44 14.08 -7.48
CA ALA A 88 -1.15 15.28 -7.92
C ALA A 88 -0.78 16.46 -7.03
N SER A 89 0.18 16.21 -6.16
CA SER A 89 0.67 17.20 -5.22
C SER A 89 2.09 16.85 -4.82
N THR A 90 2.83 17.83 -4.33
CA THR A 90 4.17 17.60 -3.83
C THR A 90 4.25 17.95 -2.35
N ASP A 91 3.08 18.20 -1.77
CA ASP A 91 2.97 18.55 -0.35
C ASP A 91 2.96 17.28 0.50
N GLN A 92 2.62 17.44 1.77
CA GLN A 92 2.54 16.29 2.67
C GLN A 92 1.31 15.46 2.34
N GLN A 93 1.56 14.23 1.90
CA GLN A 93 0.50 13.31 1.54
C GLN A 93 0.73 11.96 2.19
N THR A 94 -0.17 11.58 3.08
CA THR A 94 -0.04 10.33 3.81
C THR A 94 -1.16 9.37 3.43
N VAL A 95 -0.79 8.16 3.00
CA VAL A 95 -1.75 7.14 2.62
C VAL A 95 -1.44 5.83 3.34
N ASP A 96 -2.37 5.39 4.18
CA ASP A 96 -2.23 4.11 4.85
C ASP A 96 -2.88 3.02 4.02
N VAL A 97 -2.08 2.14 3.45
CA VAL A 97 -2.59 1.08 2.60
C VAL A 97 -2.75 -0.21 3.41
N TYR A 98 -3.99 -0.62 3.58
CA TYR A 98 -4.30 -1.81 4.35
C TYR A 98 -4.61 -2.97 3.42
N PHE A 99 -3.96 -4.09 3.65
CA PHE A 99 -4.22 -5.31 2.91
C PHE A 99 -4.91 -6.31 3.82
N GLN A 100 -6.16 -6.60 3.54
CA GLN A 100 -6.93 -7.48 4.39
C GLN A 100 -7.17 -8.82 3.70
N ASP A 101 -6.85 -9.87 4.43
CA ASP A 101 -7.00 -11.23 3.95
C ASP A 101 -8.45 -11.70 4.15
N SER A 102 -8.79 -12.82 3.56
CA SER A 102 -10.14 -13.37 3.68
C SER A 102 -10.33 -14.00 5.06
N PHE A 103 -9.22 -14.29 5.75
CA PHE A 103 -9.27 -14.81 7.11
C PHE A 103 -9.54 -13.70 8.11
N GLY A 104 -9.38 -12.45 7.66
CA GLY A 104 -9.50 -11.33 8.56
C GLY A 104 -8.14 -10.79 8.97
N GLN A 105 -7.10 -11.35 8.39
CA GLN A 105 -5.73 -10.92 8.63
C GLN A 105 -5.53 -9.53 8.02
N LEU A 106 -5.12 -8.58 8.84
CA LEU A 106 -4.98 -7.20 8.40
C LEU A 106 -3.52 -6.77 8.43
N GLN A 107 -2.98 -6.47 7.26
CA GLN A 107 -1.63 -5.95 7.15
C GLN A 107 -1.69 -4.48 6.72
N GLN A 108 -0.76 -3.67 7.18
CA GLN A 108 -0.81 -2.25 6.89
C GLN A 108 0.55 -1.73 6.45
N LEU A 109 0.55 -0.91 5.41
CA LEU A 109 1.76 -0.25 4.94
C LEU A 109 1.49 1.25 4.80
N THR A 110 2.14 2.04 5.65
CA THR A 110 1.91 3.47 5.67
C THR A 110 2.89 4.20 4.75
N PHE A 111 2.36 4.89 3.75
CA PHE A 111 3.18 5.70 2.86
C PHE A 111 3.03 7.17 3.19
N SER A 112 4.13 7.80 3.57
CA SER A 112 4.10 9.21 3.91
C SER A 112 5.07 9.99 3.02
N PHE A 113 4.53 10.83 2.15
CA PHE A 113 5.35 11.59 1.23
C PHE A 113 5.33 13.07 1.60
N ASN A 114 6.51 13.65 1.76
CA ASN A 114 6.63 15.09 2.00
C ASN A 114 8.00 15.59 1.56
N ASN A 115 8.05 16.18 0.37
CA ASN A 115 9.31 16.68 -0.16
C ASN A 115 9.20 18.18 -0.44
N ASP A 116 10.09 18.95 0.17
CA ASP A 116 10.06 20.40 0.11
C ASP A 116 10.26 20.89 -1.31
N SER A 117 9.31 21.68 -1.81
CA SER A 117 9.38 22.22 -3.15
C SER A 117 8.93 23.68 -3.18
N SER A 118 9.01 24.29 -4.36
CA SER A 118 8.58 25.67 -4.59
C SER A 118 9.25 26.68 -3.65
N LYS A 119 10.42 26.34 -3.14
CA LYS A 119 11.16 27.27 -2.28
C LYS A 119 12.11 28.12 -3.11
N GLU A 120 11.61 29.26 -3.58
CA GLU A 120 12.43 30.25 -4.28
C GLU A 120 13.20 29.62 -5.45
N GLU A 121 12.49 28.85 -6.26
CA GLU A 121 13.11 28.22 -7.42
C GLU A 121 13.35 29.26 -8.52
N GLU A 122 12.48 30.27 -8.52
CA GLU A 122 12.61 31.44 -9.39
C GLU A 122 12.39 31.10 -10.87
N LEU A 123 13.35 30.40 -11.46
CA LEU A 123 13.34 30.08 -12.87
C LEU A 123 12.07 29.31 -13.25
N GLU A 124 11.42 29.77 -14.31
CA GLU A 124 10.25 29.11 -14.85
C GLU A 124 10.61 27.71 -15.31
N HIS A 125 10.11 26.71 -14.61
CA HIS A 125 10.52 25.33 -14.83
C HIS A 125 9.44 24.53 -15.53
N HIS A 126 9.78 24.00 -16.69
CA HIS A 126 8.83 23.26 -17.53
C HIS A 126 9.11 21.78 -17.48
N HIS A 127 8.06 20.96 -17.42
CA HIS A 127 8.23 19.51 -17.40
C HIS A 127 6.95 18.81 -17.88
N HIS A 128 6.09 19.55 -18.56
CA HIS A 128 4.84 19.00 -19.04
C HIS A 128 4.38 19.73 -20.30
N HIS A 129 4.87 19.29 -21.45
CA HIS A 129 4.51 19.90 -22.73
C HIS A 129 5.05 19.07 -23.90
N HIS A 130 6.32 19.30 -24.22
CA HIS A 130 6.98 18.64 -25.35
C HIS A 130 8.40 19.19 -25.48
N MET A 1 -25.47 -23.91 14.30
CA MET A 1 -24.93 -23.98 12.92
C MET A 1 -23.48 -23.55 12.92
N ASN A 2 -22.61 -24.39 12.37
CA ASN A 2 -21.18 -24.10 12.36
C ASN A 2 -20.68 -24.03 10.93
N ASP A 3 -19.81 -23.07 10.66
CA ASP A 3 -19.10 -23.03 9.38
C ASP A 3 -17.98 -24.05 9.42
N ASP A 4 -17.51 -24.33 10.63
CA ASP A 4 -16.49 -25.34 10.89
C ASP A 4 -15.13 -24.92 10.32
N VAL A 5 -14.85 -25.35 9.09
CA VAL A 5 -13.57 -25.08 8.42
C VAL A 5 -12.39 -25.20 9.38
N ASP A 6 -12.08 -26.41 9.81
CA ASP A 6 -10.99 -26.62 10.75
C ASP A 6 -9.74 -27.07 10.02
N ILE A 7 -8.77 -26.18 9.97
CA ILE A 7 -7.49 -26.50 9.35
C ILE A 7 -6.36 -26.21 10.34
N GLN A 8 -6.56 -25.19 11.18
CA GLN A 8 -5.60 -24.80 12.21
C GLN A 8 -4.32 -24.22 11.63
N GLN A 9 -3.62 -24.99 10.80
CA GLN A 9 -2.36 -24.54 10.23
C GLN A 9 -2.54 -24.06 8.79
N SER A 10 -2.69 -22.76 8.64
CA SER A 10 -2.74 -22.14 7.33
C SER A 10 -1.42 -21.39 7.11
N TYR A 11 -1.32 -20.62 6.04
CA TYR A 11 -0.11 -19.90 5.75
C TYR A 11 -0.40 -18.45 5.38
N PRO A 12 -0.27 -17.53 6.37
CA PRO A 12 -0.45 -16.10 6.15
C PRO A 12 0.56 -15.56 5.14
N PHE A 13 0.10 -14.71 4.24
CA PHE A 13 0.92 -14.22 3.16
C PHE A 13 1.64 -12.94 3.57
N SER A 14 2.91 -12.85 3.19
CA SER A 14 3.68 -11.65 3.44
C SER A 14 3.74 -10.79 2.19
N ILE A 15 3.47 -9.51 2.34
CA ILE A 15 3.46 -8.60 1.21
C ILE A 15 4.64 -7.64 1.29
N GLU A 16 5.57 -7.81 0.37
CA GLU A 16 6.76 -6.99 0.32
C GLU A 16 6.62 -5.94 -0.78
N THR A 17 6.60 -4.69 -0.39
CA THR A 17 6.51 -3.60 -1.35
C THR A 17 7.89 -3.12 -1.75
N MET A 18 8.10 -2.89 -3.03
CA MET A 18 9.37 -2.34 -3.49
C MET A 18 9.52 -0.91 -3.02
N PRO A 19 10.71 -0.55 -2.51
CA PRO A 19 10.97 0.77 -1.93
C PRO A 19 10.53 1.92 -2.83
N VAL A 20 9.46 2.58 -2.44
CA VAL A 20 8.91 3.70 -3.18
C VAL A 20 9.72 4.97 -2.92
N PRO A 21 9.70 5.93 -3.86
CA PRO A 21 10.37 7.22 -3.70
C PRO A 21 9.76 8.04 -2.58
N LYS A 22 10.61 8.56 -1.70
CA LYS A 22 10.15 9.37 -0.57
C LYS A 22 9.99 10.82 -1.00
N LYS A 23 10.14 11.06 -2.30
CA LYS A 23 9.95 12.39 -2.88
C LYS A 23 9.33 12.24 -4.27
N LEU A 24 8.20 12.89 -4.51
CA LEU A 24 7.54 12.81 -5.81
C LEU A 24 6.84 14.12 -6.14
N LYS A 25 7.10 14.64 -7.33
CA LYS A 25 6.51 15.91 -7.75
C LYS A 25 5.07 15.75 -8.20
N VAL A 26 4.39 16.87 -8.35
CA VAL A 26 3.02 16.87 -8.85
C VAL A 26 3.00 16.46 -10.32
N GLY A 27 2.33 15.36 -10.61
CA GLY A 27 2.23 14.88 -11.97
C GLY A 27 3.03 13.61 -12.20
N GLU A 28 3.98 13.35 -11.32
CA GLU A 28 4.81 12.16 -11.44
C GLU A 28 4.01 10.92 -11.06
N THR A 29 4.21 9.85 -11.82
CA THR A 29 3.50 8.61 -11.57
C THR A 29 4.49 7.50 -11.20
N ALA A 30 4.35 6.99 -9.99
CA ALA A 30 5.23 5.93 -9.50
C ALA A 30 4.48 4.61 -9.41
N GLU A 31 5.02 3.58 -10.04
CA GLU A 31 4.40 2.27 -9.99
C GLU A 31 4.84 1.52 -8.74
N ILE A 32 3.96 1.47 -7.76
CA ILE A 32 4.22 0.77 -6.52
C ILE A 32 4.08 -0.73 -6.74
N ARG A 33 5.20 -1.39 -6.91
CA ARG A 33 5.21 -2.83 -7.13
C ARG A 33 5.13 -3.57 -5.80
N CYS A 34 4.04 -4.30 -5.63
CA CYS A 34 3.81 -5.03 -4.39
C CYS A 34 3.93 -6.53 -4.64
N GLN A 35 4.70 -7.20 -3.80
CA GLN A 35 4.91 -8.63 -3.94
C GLN A 35 4.23 -9.39 -2.82
N LEU A 36 3.19 -10.13 -3.15
CA LEU A 36 2.52 -10.98 -2.17
C LEU A 36 3.06 -12.40 -2.30
N HIS A 37 3.62 -12.92 -1.22
CA HIS A 37 4.14 -14.28 -1.22
C HIS A 37 3.02 -15.26 -0.92
N ARG A 38 2.50 -15.90 -1.95
CA ARG A 38 1.40 -16.81 -1.80
C ARG A 38 1.91 -18.24 -1.63
N ASP A 39 1.83 -18.75 -0.41
CA ASP A 39 2.20 -20.12 -0.13
C ASP A 39 0.95 -20.97 0.09
N GLY A 40 -0.05 -20.35 0.69
CA GLY A 40 -1.28 -21.05 0.98
C GLY A 40 -2.24 -21.05 -0.19
N ARG A 41 -2.37 -22.21 -0.82
CA ARG A 41 -3.40 -22.41 -1.84
C ARG A 41 -4.78 -22.11 -1.27
N PHE A 42 -5.44 -21.12 -1.85
CA PHE A 42 -6.64 -20.55 -1.25
C PHE A 42 -7.90 -20.86 -2.04
N GLU A 43 -9.03 -20.82 -1.35
CA GLU A 43 -10.34 -20.94 -1.98
C GLU A 43 -11.12 -19.65 -1.79
N GLU A 44 -11.49 -19.39 -0.55
CA GLU A 44 -12.25 -18.19 -0.21
C GLU A 44 -11.31 -17.07 0.22
N THR A 45 -10.07 -17.45 0.52
CA THR A 45 -9.05 -16.53 0.96
C THR A 45 -8.62 -15.61 -0.19
N LYS A 46 -9.43 -14.61 -0.47
CA LYS A 46 -9.15 -13.65 -1.54
C LYS A 46 -8.67 -12.34 -0.95
N TYR A 47 -7.88 -11.61 -1.72
CA TYR A 47 -7.22 -10.42 -1.22
C TYR A 47 -7.97 -9.16 -1.62
N PHE A 48 -8.12 -8.25 -0.68
CA PHE A 48 -8.79 -6.98 -0.92
C PHE A 48 -7.86 -5.83 -0.57
N ILE A 49 -7.92 -4.77 -1.36
CA ILE A 49 -7.05 -3.63 -1.14
C ILE A 49 -7.84 -2.43 -0.62
N ARG A 50 -7.35 -1.85 0.46
CA ARG A 50 -7.99 -0.71 1.10
C ARG A 50 -6.99 0.43 1.22
N TYR A 51 -7.45 1.65 1.00
CA TYR A 51 -6.57 2.80 1.07
C TYR A 51 -7.19 3.91 1.92
N PHE A 52 -6.33 4.67 2.58
CA PHE A 52 -6.75 5.84 3.32
C PHE A 52 -5.71 6.94 3.13
N GLN A 53 -6.17 8.11 2.70
CA GLN A 53 -5.26 9.22 2.42
C GLN A 53 -5.62 10.44 3.27
N PRO A 54 -4.85 10.69 4.35
CA PRO A 54 -4.99 11.90 5.17
C PRO A 54 -4.87 13.16 4.32
N ASP A 55 -4.04 13.10 3.30
CA ASP A 55 -3.92 14.19 2.34
C ASP A 55 -4.97 14.03 1.25
N GLY A 56 -4.67 13.18 0.28
CA GLY A 56 -5.67 12.79 -0.71
C GLY A 56 -5.42 13.37 -2.09
N ALA A 57 -4.40 14.20 -2.23
CA ALA A 57 -4.11 14.83 -3.50
C ALA A 57 -3.31 13.89 -4.40
N GLY A 58 -4.00 13.21 -5.29
CA GLY A 58 -3.34 12.31 -6.22
C GLY A 58 -4.31 11.40 -6.94
N THR A 59 -3.78 10.67 -7.91
CA THR A 59 -4.57 9.71 -8.66
C THR A 59 -3.90 8.34 -8.60
N LEU A 60 -4.62 7.35 -8.10
CA LEU A 60 -4.07 6.03 -7.92
C LEU A 60 -4.90 4.99 -8.66
N LYS A 61 -4.25 4.23 -9.54
CA LYS A 61 -4.93 3.19 -10.29
C LYS A 61 -4.19 1.87 -10.17
N MET A 62 -4.94 0.79 -10.17
CA MET A 62 -4.38 -0.55 -10.16
C MET A 62 -3.85 -0.88 -11.55
N SER A 63 -2.99 -1.89 -11.64
CA SER A 63 -2.43 -2.33 -12.91
C SER A 63 -3.50 -2.57 -13.98
N ASP A 64 -4.69 -2.99 -13.55
CA ASP A 64 -5.77 -3.32 -14.48
C ASP A 64 -6.61 -2.09 -14.83
N GLY A 65 -6.19 -0.93 -14.36
CA GLY A 65 -6.89 0.30 -14.67
C GLY A 65 -7.88 0.70 -13.59
N THR A 66 -8.22 -0.25 -12.73
CA THR A 66 -9.15 -0.01 -11.64
C THR A 66 -8.65 1.10 -10.73
N VAL A 67 -9.40 2.20 -10.68
CA VAL A 67 -9.02 3.34 -9.86
C VAL A 67 -9.24 3.02 -8.39
N LEU A 68 -8.26 3.33 -7.57
CA LEU A 68 -8.33 3.02 -6.14
C LEU A 68 -8.68 4.24 -5.34
N LEU A 69 -9.94 4.33 -4.93
CA LEU A 69 -10.40 5.45 -4.13
C LEU A 69 -10.59 5.01 -2.68
N PRO A 70 -10.27 5.89 -1.71
CA PRO A 70 -10.34 5.56 -0.29
C PRO A 70 -11.77 5.51 0.26
N ASN A 71 -12.73 5.19 -0.61
CA ASN A 71 -14.12 5.08 -0.19
C ASN A 71 -14.57 3.62 -0.26
N ASP A 72 -14.34 2.98 -1.40
CA ASP A 72 -14.80 1.60 -1.59
C ASP A 72 -13.67 0.60 -1.41
N LEU A 73 -14.02 -0.67 -1.48
CA LEU A 73 -13.05 -1.76 -1.34
C LEU A 73 -12.91 -2.49 -2.67
N TYR A 74 -11.67 -2.75 -3.07
CA TYR A 74 -11.43 -3.38 -4.36
C TYR A 74 -10.62 -4.67 -4.19
N PRO A 75 -10.88 -5.69 -5.02
CA PRO A 75 -10.18 -6.97 -4.96
C PRO A 75 -8.82 -6.91 -5.68
N LEU A 76 -7.85 -7.63 -5.12
CA LEU A 76 -6.50 -7.68 -5.70
C LEU A 76 -6.41 -8.76 -6.77
N PRO A 77 -5.58 -8.53 -7.80
CA PRO A 77 -5.42 -9.46 -8.92
C PRO A 77 -4.79 -10.78 -8.51
N GLY A 78 -3.65 -10.71 -7.84
CA GLY A 78 -2.95 -11.91 -7.45
C GLY A 78 -1.76 -11.61 -6.55
N GLU A 79 -0.68 -12.35 -6.78
CA GLU A 79 0.51 -12.25 -5.95
C GLU A 79 1.27 -10.95 -6.21
N THR A 80 1.75 -10.78 -7.43
CA THR A 80 2.52 -9.61 -7.77
C THR A 80 1.70 -8.65 -8.64
N PHE A 81 1.60 -7.41 -8.18
CA PHE A 81 0.82 -6.41 -8.88
C PHE A 81 1.45 -5.04 -8.72
N ARG A 82 1.14 -4.14 -9.64
CA ARG A 82 1.67 -2.79 -9.61
C ARG A 82 0.54 -1.77 -9.47
N LEU A 83 0.79 -0.74 -8.67
CA LEU A 83 -0.18 0.31 -8.46
C LEU A 83 0.42 1.65 -8.89
N TYR A 84 -0.20 2.30 -9.86
CA TYR A 84 0.34 3.54 -10.40
C TYR A 84 -0.13 4.74 -9.60
N TYR A 85 0.80 5.33 -8.86
CA TYR A 85 0.51 6.48 -8.02
C TYR A 85 0.95 7.78 -8.69
N THR A 86 -0.02 8.53 -9.15
CA THR A 86 0.23 9.86 -9.70
C THR A 86 0.02 10.89 -8.59
N SER A 87 1.10 11.47 -8.10
CA SER A 87 1.02 12.41 -6.99
C SER A 87 0.57 13.77 -7.47
N ALA A 88 -0.44 14.32 -6.80
CA ALA A 88 -0.90 15.67 -7.10
C ALA A 88 -0.79 16.52 -5.85
N SER A 89 -0.06 15.99 -4.87
CA SER A 89 0.11 16.67 -3.60
C SER A 89 1.28 17.63 -3.66
N THR A 90 1.14 18.76 -2.98
CA THR A 90 2.15 19.79 -3.02
C THR A 90 3.19 19.60 -1.92
N ASP A 91 2.87 18.73 -0.97
CA ASP A 91 3.74 18.51 0.17
C ASP A 91 3.65 17.06 0.65
N GLN A 92 4.05 16.83 1.89
CA GLN A 92 4.11 15.50 2.47
C GLN A 92 2.75 14.82 2.48
N GLN A 93 2.62 13.75 1.71
CA GLN A 93 1.40 12.96 1.74
C GLN A 93 1.64 11.65 2.45
N THR A 94 0.85 11.41 3.48
CA THR A 94 0.88 10.15 4.20
C THR A 94 -0.09 9.18 3.53
N VAL A 95 0.43 8.06 3.07
CA VAL A 95 -0.39 7.07 2.39
C VAL A 95 -0.49 5.80 3.23
N ASP A 96 -1.66 5.59 3.83
CA ASP A 96 -1.89 4.39 4.62
C ASP A 96 -2.54 3.31 3.76
N VAL A 97 -1.77 2.27 3.50
CA VAL A 97 -2.23 1.17 2.67
C VAL A 97 -2.67 0.00 3.53
N TYR A 98 -3.81 -0.57 3.20
CA TYR A 98 -4.34 -1.71 3.92
C TYR A 98 -4.58 -2.87 2.98
N PHE A 99 -3.92 -3.98 3.23
CA PHE A 99 -4.17 -5.20 2.46
C PHE A 99 -4.87 -6.20 3.36
N GLN A 100 -6.13 -6.49 3.05
CA GLN A 100 -6.93 -7.35 3.91
C GLN A 100 -7.41 -8.57 3.14
N ASP A 101 -7.81 -9.59 3.87
CA ASP A 101 -8.32 -10.82 3.28
C ASP A 101 -9.49 -11.36 4.11
N SER A 102 -10.26 -12.25 3.51
CA SER A 102 -11.49 -12.76 4.12
C SER A 102 -11.18 -13.70 5.30
N PHE A 103 -9.96 -14.22 5.36
CA PHE A 103 -9.56 -15.10 6.44
C PHE A 103 -9.21 -14.28 7.68
N GLY A 104 -8.84 -13.02 7.48
CA GLY A 104 -8.58 -12.14 8.58
C GLY A 104 -7.18 -11.57 8.59
N GLN A 105 -6.47 -11.70 7.48
CA GLN A 105 -5.15 -11.08 7.33
C GLN A 105 -5.31 -9.61 6.99
N LEU A 106 -4.53 -8.78 7.67
CA LEU A 106 -4.51 -7.35 7.39
C LEU A 106 -3.10 -6.80 7.50
N GLN A 107 -2.58 -6.31 6.39
CA GLN A 107 -1.24 -5.77 6.33
C GLN A 107 -1.30 -4.26 6.19
N GLN A 108 -0.80 -3.57 7.19
CA GLN A 108 -0.87 -2.12 7.23
C GLN A 108 0.48 -1.51 6.90
N LEU A 109 0.56 -0.88 5.74
CA LEU A 109 1.79 -0.27 5.27
C LEU A 109 1.59 1.23 5.09
N THR A 110 2.43 2.03 5.74
CA THR A 110 2.31 3.47 5.65
C THR A 110 3.50 4.07 4.91
N PHE A 111 3.23 4.74 3.80
CA PHE A 111 4.28 5.35 2.99
C PHE A 111 4.19 6.86 3.08
N SER A 112 5.34 7.52 3.14
CA SER A 112 5.39 8.96 3.19
C SER A 112 6.03 9.52 1.93
N PHE A 113 5.21 10.14 1.09
CA PHE A 113 5.72 10.82 -0.09
C PHE A 113 6.02 12.26 0.26
N ASN A 114 7.20 12.72 -0.14
CA ASN A 114 7.71 14.03 0.27
C ASN A 114 7.92 14.02 1.78
N ASN A 115 8.80 13.13 2.23
CA ASN A 115 9.00 12.86 3.65
C ASN A 115 9.37 14.13 4.43
N ASP A 116 9.12 14.10 5.74
CA ASP A 116 9.34 15.24 6.63
C ASP A 116 10.70 15.88 6.42
N SER A 117 11.71 15.04 6.42
CA SER A 117 13.08 15.52 6.33
C SER A 117 13.92 14.54 5.49
N SER A 118 15.22 14.79 5.45
CA SER A 118 16.14 13.98 4.66
C SER A 118 16.11 12.51 5.06
N LYS A 119 16.19 12.27 6.37
CA LYS A 119 16.26 10.90 6.88
C LYS A 119 15.84 10.86 8.36
N GLU A 120 14.58 10.56 8.61
CA GLU A 120 14.10 10.40 9.98
C GLU A 120 12.76 9.66 10.01
N GLU A 121 12.57 8.75 9.05
CA GLU A 121 11.38 7.92 9.01
C GLU A 121 11.48 6.83 10.07
N GLU A 122 12.67 6.68 10.61
CA GLU A 122 12.97 5.63 11.57
C GLU A 122 12.69 6.08 13.00
N LEU A 123 11.80 7.04 13.15
CA LEU A 123 11.49 7.59 14.47
C LEU A 123 10.11 7.20 14.93
N GLU A 124 10.01 6.76 16.19
CA GLU A 124 8.72 6.54 16.83
C GLU A 124 8.16 7.90 17.20
N HIS A 125 7.35 8.47 16.31
CA HIS A 125 6.89 9.85 16.42
C HIS A 125 8.06 10.80 16.17
N HIS A 126 7.93 11.63 15.13
CA HIS A 126 8.98 12.56 14.75
C HIS A 126 9.37 13.45 15.92
N HIS A 127 10.55 13.17 16.47
CA HIS A 127 11.07 13.88 17.62
C HIS A 127 12.35 14.61 17.25
N HIS A 128 12.70 14.48 15.97
CA HIS A 128 13.88 15.13 15.42
C HIS A 128 13.47 16.39 14.69
N HIS A 129 14.30 17.43 14.77
CA HIS A 129 14.02 18.70 14.12
C HIS A 129 12.79 19.37 14.75
N HIS A 130 13.05 20.24 15.72
CA HIS A 130 11.98 21.00 16.37
C HIS A 130 12.44 22.44 16.59
N MET A 1 7.32 -20.38 25.55
CA MET A 1 7.73 -19.36 24.57
C MET A 1 8.53 -20.02 23.43
N ASN A 2 9.03 -21.22 23.69
CA ASN A 2 9.77 -21.98 22.67
C ASN A 2 9.32 -23.43 22.66
N ASP A 3 8.26 -23.71 23.39
CA ASP A 3 7.81 -25.08 23.61
C ASP A 3 6.79 -25.54 22.58
N ASP A 4 7.30 -25.98 21.43
CA ASP A 4 6.50 -26.61 20.39
C ASP A 4 7.41 -27.03 19.24
N VAL A 5 6.84 -27.65 18.20
CA VAL A 5 7.64 -28.18 17.11
C VAL A 5 7.17 -27.64 15.76
N ASP A 6 5.87 -27.48 15.58
CA ASP A 6 5.33 -27.09 14.29
C ASP A 6 4.73 -25.69 14.34
N ILE A 7 4.30 -25.26 15.52
CA ILE A 7 3.67 -23.95 15.71
C ILE A 7 2.27 -23.94 15.11
N GLN A 8 1.37 -23.20 15.73
CA GLN A 8 -0.04 -23.17 15.32
C GLN A 8 -0.20 -22.82 13.83
N GLN A 9 -1.37 -23.13 13.30
CA GLN A 9 -1.65 -22.93 11.87
C GLN A 9 -1.80 -21.45 11.52
N SER A 10 -1.59 -20.58 12.51
CA SER A 10 -1.65 -19.15 12.31
C SER A 10 -0.41 -18.65 11.59
N TYR A 11 -0.21 -19.15 10.37
CA TYR A 11 0.92 -18.72 9.56
C TYR A 11 0.56 -17.50 8.75
N PRO A 12 1.25 -16.38 8.99
CA PRO A 12 0.96 -15.12 8.33
C PRO A 12 1.44 -15.09 6.88
N PHE A 13 0.77 -14.29 6.07
CA PHE A 13 1.18 -14.07 4.70
C PHE A 13 2.31 -13.05 4.65
N SER A 14 2.80 -12.76 3.47
CA SER A 14 3.87 -11.79 3.33
C SER A 14 3.65 -10.94 2.09
N ILE A 15 3.33 -9.69 2.30
CA ILE A 15 3.23 -8.73 1.22
C ILE A 15 4.41 -7.77 1.31
N GLU A 16 5.36 -7.93 0.41
CA GLU A 16 6.52 -7.08 0.38
C GLU A 16 6.36 -6.05 -0.72
N THR A 17 7.05 -4.93 -0.58
CA THR A 17 6.98 -3.86 -1.56
C THR A 17 8.36 -3.60 -2.16
N MET A 18 8.38 -2.93 -3.30
CA MET A 18 9.64 -2.46 -3.85
C MET A 18 9.97 -1.11 -3.25
N PRO A 19 11.25 -0.85 -2.95
CA PRO A 19 11.70 0.39 -2.30
C PRO A 19 11.08 1.63 -2.93
N VAL A 20 10.27 2.33 -2.13
CA VAL A 20 9.58 3.53 -2.61
C VAL A 20 10.45 4.76 -2.44
N PRO A 21 10.24 5.78 -3.30
CA PRO A 21 10.94 7.06 -3.19
C PRO A 21 10.48 7.85 -1.97
N LYS A 22 11.21 8.90 -1.63
CA LYS A 22 10.85 9.72 -0.49
C LYS A 22 10.32 11.08 -0.93
N LYS A 23 10.07 11.22 -2.23
CA LYS A 23 9.56 12.48 -2.77
C LYS A 23 9.01 12.26 -4.18
N LEU A 24 8.13 13.18 -4.60
CA LEU A 24 7.47 13.08 -5.90
C LEU A 24 7.32 14.47 -6.51
N LYS A 25 6.94 14.52 -7.77
CA LYS A 25 6.73 15.80 -8.45
C LYS A 25 5.33 15.88 -9.03
N VAL A 26 4.91 17.09 -9.41
CA VAL A 26 3.61 17.29 -10.02
C VAL A 26 3.56 16.61 -11.38
N GLY A 27 2.76 15.56 -11.50
CA GLY A 27 2.67 14.84 -12.74
C GLY A 27 3.54 13.59 -12.74
N GLU A 28 4.22 13.36 -11.62
CA GLU A 28 5.06 12.18 -11.46
C GLU A 28 4.20 11.01 -10.99
N THR A 29 4.50 9.83 -11.49
CA THR A 29 3.75 8.64 -11.13
C THR A 29 4.66 7.63 -10.44
N ALA A 30 4.39 7.38 -9.17
CA ALA A 30 5.16 6.42 -8.39
C ALA A 30 4.65 5.01 -8.64
N GLU A 31 5.54 4.13 -9.05
CA GLU A 31 5.21 2.73 -9.32
C GLU A 31 5.47 1.89 -8.08
N ILE A 32 4.41 1.57 -7.35
CA ILE A 32 4.55 0.80 -6.14
C ILE A 32 4.10 -0.64 -6.37
N ARG A 33 5.06 -1.52 -6.58
CA ARG A 33 4.77 -2.91 -6.82
C ARG A 33 4.79 -3.68 -5.52
N CYS A 34 3.71 -4.39 -5.25
CA CYS A 34 3.60 -5.18 -4.04
C CYS A 34 3.53 -6.66 -4.40
N GLN A 35 4.18 -7.50 -3.63
CA GLN A 35 4.25 -8.91 -3.95
C GLN A 35 3.55 -9.72 -2.87
N LEU A 36 2.44 -10.34 -3.24
CA LEU A 36 1.71 -11.19 -2.33
C LEU A 36 2.32 -12.58 -2.31
N HIS A 37 2.78 -13.02 -1.16
CA HIS A 37 3.29 -14.36 -1.03
C HIS A 37 2.14 -15.35 -0.94
N ARG A 38 1.90 -16.04 -2.05
CA ARG A 38 0.82 -17.00 -2.14
C ARG A 38 1.29 -18.25 -2.88
N ASP A 39 1.49 -19.33 -2.15
CA ASP A 39 1.84 -20.61 -2.76
C ASP A 39 0.58 -21.41 -3.04
N GLY A 40 -0.18 -21.70 -1.99
CA GLY A 40 -1.37 -22.50 -2.16
C GLY A 40 -2.48 -22.15 -1.19
N ARG A 41 -2.25 -22.37 0.11
CA ARG A 41 -3.30 -22.27 1.13
C ARG A 41 -4.36 -23.33 0.83
N PHE A 42 -5.42 -22.92 0.13
CA PHE A 42 -6.45 -23.84 -0.38
C PHE A 42 -7.45 -23.04 -1.20
N GLU A 43 -7.62 -23.46 -2.46
CA GLU A 43 -8.45 -22.74 -3.44
C GLU A 43 -7.90 -21.32 -3.67
N GLU A 44 -8.60 -20.54 -4.47
CA GLU A 44 -8.20 -19.18 -4.71
C GLU A 44 -9.09 -18.24 -3.94
N THR A 45 -8.81 -18.11 -2.64
CA THR A 45 -9.56 -17.22 -1.80
C THR A 45 -9.30 -15.77 -2.19
N LYS A 46 -10.30 -14.93 -2.02
CA LYS A 46 -10.22 -13.55 -2.48
C LYS A 46 -9.50 -12.68 -1.46
N TYR A 47 -8.45 -12.01 -1.90
CA TYR A 47 -7.72 -11.07 -1.07
C TYR A 47 -8.20 -9.66 -1.39
N PHE A 48 -8.28 -8.82 -0.37
CA PHE A 48 -8.86 -7.48 -0.54
C PHE A 48 -7.88 -6.39 -0.10
N ILE A 49 -8.07 -5.21 -0.68
CA ILE A 49 -7.21 -4.07 -0.41
C ILE A 49 -8.07 -2.82 -0.19
N ARG A 50 -7.69 -2.01 0.80
CA ARG A 50 -8.42 -0.78 1.10
C ARG A 50 -7.44 0.34 1.42
N TYR A 51 -7.89 1.59 1.36
CA TYR A 51 -6.99 2.72 1.53
C TYR A 51 -7.57 3.77 2.46
N PHE A 52 -6.70 4.66 2.90
CA PHE A 52 -7.08 5.86 3.61
C PHE A 52 -6.01 6.92 3.40
N GLN A 53 -6.32 7.96 2.66
CA GLN A 53 -5.34 8.98 2.34
C GLN A 53 -5.95 10.38 2.44
N PRO A 54 -5.39 11.22 3.33
CA PRO A 54 -5.82 12.61 3.52
C PRO A 54 -5.42 13.50 2.34
N ASP A 55 -4.40 13.09 1.59
CA ASP A 55 -3.96 13.87 0.44
C ASP A 55 -5.01 13.84 -0.67
N GLY A 56 -5.43 15.03 -1.08
CA GLY A 56 -6.49 15.14 -2.06
C GLY A 56 -5.99 15.46 -3.45
N ALA A 57 -4.81 16.05 -3.56
CA ALA A 57 -4.27 16.42 -4.85
C ALA A 57 -3.35 15.32 -5.38
N GLY A 58 -3.95 14.37 -6.06
CA GLY A 58 -3.23 13.23 -6.60
C GLY A 58 -4.19 12.21 -7.14
N THR A 59 -3.67 11.12 -7.68
CA THR A 59 -4.50 10.05 -8.21
C THR A 59 -3.81 8.70 -8.05
N LEU A 60 -4.54 7.71 -7.58
CA LEU A 60 -3.99 6.37 -7.36
C LEU A 60 -4.76 5.34 -8.17
N LYS A 61 -4.04 4.61 -9.03
CA LYS A 61 -4.66 3.58 -9.83
C LYS A 61 -4.02 2.23 -9.56
N MET A 62 -4.75 1.17 -9.86
CA MET A 62 -4.22 -0.18 -9.82
C MET A 62 -3.65 -0.52 -11.20
N SER A 63 -2.92 -1.63 -11.30
CA SER A 63 -2.38 -2.09 -12.59
C SER A 63 -3.46 -2.25 -13.66
N ASP A 64 -4.70 -2.45 -13.22
CA ASP A 64 -5.84 -2.57 -14.14
C ASP A 64 -6.26 -1.21 -14.68
N GLY A 65 -5.87 -0.15 -13.99
CA GLY A 65 -6.32 1.18 -14.34
C GLY A 65 -7.42 1.66 -13.42
N THR A 66 -7.87 0.76 -12.55
CA THR A 66 -8.88 1.06 -11.56
C THR A 66 -8.40 2.15 -10.60
N VAL A 67 -9.13 3.24 -10.55
CA VAL A 67 -8.82 4.32 -9.61
C VAL A 67 -9.26 3.92 -8.22
N LEU A 68 -8.30 3.81 -7.32
CA LEU A 68 -8.56 3.32 -5.97
C LEU A 68 -8.98 4.45 -5.06
N LEU A 69 -10.26 4.45 -4.69
CA LEU A 69 -10.81 5.48 -3.83
C LEU A 69 -11.03 4.95 -2.42
N PRO A 70 -10.55 5.68 -1.40
CA PRO A 70 -10.75 5.30 -0.01
C PRO A 70 -12.22 5.42 0.41
N ASN A 71 -12.95 4.31 0.28
CA ASN A 71 -14.36 4.27 0.64
C ASN A 71 -14.85 2.83 0.71
N ASP A 72 -14.76 2.13 -0.41
CA ASP A 72 -15.19 0.75 -0.47
C ASP A 72 -13.99 -0.19 -0.53
N LEU A 73 -14.25 -1.48 -0.67
CA LEU A 73 -13.21 -2.49 -0.59
C LEU A 73 -12.99 -3.15 -1.95
N TYR A 74 -11.76 -3.04 -2.45
CA TYR A 74 -11.41 -3.60 -3.75
C TYR A 74 -10.66 -4.91 -3.58
N PRO A 75 -10.78 -5.83 -4.55
CA PRO A 75 -10.04 -7.09 -4.54
C PRO A 75 -8.66 -6.97 -5.20
N LEU A 76 -7.84 -7.98 -5.01
CA LEU A 76 -6.52 -8.03 -5.64
C LEU A 76 -6.57 -8.91 -6.89
N PRO A 77 -5.95 -8.46 -8.00
CA PRO A 77 -5.96 -9.18 -9.27
C PRO A 77 -4.93 -10.30 -9.33
N GLY A 78 -4.17 -10.46 -8.26
CA GLY A 78 -3.15 -11.49 -8.23
C GLY A 78 -2.06 -11.20 -7.23
N GLU A 79 -0.94 -11.86 -7.39
CA GLU A 79 0.18 -11.71 -6.47
C GLU A 79 1.10 -10.57 -6.89
N THR A 80 1.41 -10.52 -8.18
CA THR A 80 2.38 -9.57 -8.71
C THR A 80 1.73 -8.27 -9.20
N PHE A 81 0.84 -7.71 -8.39
CA PHE A 81 0.14 -6.48 -8.77
C PHE A 81 0.99 -5.24 -8.48
N ARG A 82 0.56 -4.10 -9.02
CA ARG A 82 1.29 -2.85 -8.85
C ARG A 82 0.32 -1.68 -8.72
N LEU A 83 0.81 -0.59 -8.15
CA LEU A 83 0.00 0.57 -7.85
C LEU A 83 0.63 1.83 -8.44
N TYR A 84 -0.17 2.58 -9.19
CA TYR A 84 0.33 3.80 -9.83
C TYR A 84 -0.23 5.03 -9.12
N TYR A 85 0.64 5.78 -8.46
CA TYR A 85 0.22 7.00 -7.78
C TYR A 85 0.82 8.23 -8.46
N THR A 86 -0.03 9.03 -9.06
CA THR A 86 0.40 10.27 -9.69
C THR A 86 0.15 11.44 -8.72
N SER A 87 1.22 12.12 -8.35
CA SER A 87 1.13 13.22 -7.39
C SER A 87 0.84 14.54 -8.10
N ALA A 88 -0.04 15.35 -7.51
CA ALA A 88 -0.39 16.65 -8.08
C ALA A 88 0.00 17.78 -7.13
N SER A 89 0.75 17.44 -6.09
CA SER A 89 1.23 18.44 -5.12
C SER A 89 2.75 18.48 -5.16
N THR A 90 3.36 19.37 -4.37
CA THR A 90 4.82 19.49 -4.38
C THR A 90 5.45 18.23 -3.80
N ASP A 91 4.92 17.78 -2.66
CA ASP A 91 5.16 16.42 -2.14
C ASP A 91 4.11 16.12 -1.09
N GLN A 92 2.91 15.83 -1.53
CA GLN A 92 1.84 15.44 -0.63
C GLN A 92 1.48 13.97 -0.82
N GLN A 93 1.89 13.12 0.09
CA GLN A 93 1.40 11.75 0.08
C GLN A 93 1.38 11.17 1.49
N THR A 94 0.21 10.78 1.93
CA THR A 94 0.05 10.04 3.18
C THR A 94 -1.03 8.97 2.97
N VAL A 95 -0.61 7.73 2.80
CA VAL A 95 -1.53 6.68 2.42
C VAL A 95 -1.45 5.49 3.37
N ASP A 96 -2.56 5.18 4.01
CA ASP A 96 -2.68 3.95 4.76
C ASP A 96 -3.16 2.84 3.83
N VAL A 97 -2.29 1.89 3.56
CA VAL A 97 -2.60 0.81 2.64
C VAL A 97 -2.95 -0.45 3.42
N TYR A 98 -4.15 -0.97 3.19
CA TYR A 98 -4.63 -2.15 3.90
C TYR A 98 -4.64 -3.37 2.98
N PHE A 99 -3.80 -4.33 3.29
CA PHE A 99 -3.81 -5.62 2.60
C PHE A 99 -4.35 -6.68 3.53
N GLN A 100 -5.53 -7.20 3.24
CA GLN A 100 -6.15 -8.16 4.13
C GLN A 100 -6.51 -9.45 3.41
N ASP A 101 -6.30 -10.54 4.12
CA ASP A 101 -6.68 -11.86 3.67
C ASP A 101 -8.05 -12.21 4.25
N SER A 102 -8.74 -13.16 3.60
CA SER A 102 -10.07 -13.56 3.98
C SER A 102 -10.18 -14.04 5.43
N PHE A 103 -9.08 -14.56 5.96
CA PHE A 103 -9.10 -15.13 7.31
C PHE A 103 -8.68 -14.09 8.35
N GLY A 104 -8.33 -12.90 7.89
CA GLY A 104 -8.05 -11.81 8.80
C GLY A 104 -6.58 -11.43 8.85
N GLN A 105 -5.78 -11.97 7.95
CA GLN A 105 -4.38 -11.60 7.86
C GLN A 105 -4.26 -10.21 7.23
N LEU A 106 -3.97 -9.22 8.07
CA LEU A 106 -3.94 -7.84 7.61
C LEU A 106 -2.56 -7.24 7.76
N GLN A 107 -2.02 -6.73 6.66
CA GLN A 107 -0.79 -5.96 6.68
C GLN A 107 -1.09 -4.51 6.36
N GLN A 108 -0.95 -3.64 7.37
CA GLN A 108 -1.20 -2.23 7.19
C GLN A 108 0.11 -1.51 6.91
N LEU A 109 0.21 -0.92 5.73
CA LEU A 109 1.40 -0.20 5.34
C LEU A 109 1.12 1.29 5.23
N THR A 110 1.76 2.07 6.07
CA THR A 110 1.56 3.51 6.07
C THR A 110 2.69 4.20 5.32
N PHE A 111 2.37 4.84 4.22
CA PHE A 111 3.38 5.54 3.42
C PHE A 111 3.13 7.04 3.43
N SER A 112 4.07 7.79 3.95
CA SER A 112 4.00 9.24 3.88
C SER A 112 5.27 9.78 3.23
N PHE A 113 5.11 10.34 2.05
CA PHE A 113 6.25 10.83 1.28
C PHE A 113 6.53 12.28 1.64
N ASN A 114 7.67 12.50 2.30
CA ASN A 114 8.10 13.84 2.71
C ASN A 114 7.19 14.37 3.83
N ASN A 115 7.54 15.52 4.39
CA ASN A 115 6.76 16.14 5.46
C ASN A 115 5.70 17.08 4.85
N ASP A 116 5.19 18.00 5.68
CA ASP A 116 4.16 18.98 5.28
C ASP A 116 2.77 18.38 5.35
N SER A 117 2.64 17.27 6.07
CA SER A 117 1.34 16.67 6.30
C SER A 117 0.71 17.32 7.53
N SER A 118 -0.25 18.20 7.30
CA SER A 118 -0.86 18.98 8.37
C SER A 118 -1.69 18.11 9.30
N LYS A 119 -1.31 18.09 10.57
CA LYS A 119 -2.01 17.32 11.59
C LYS A 119 -3.22 18.09 12.10
N GLU A 120 -2.98 19.31 12.56
CA GLU A 120 -4.00 20.10 13.21
C GLU A 120 -4.83 20.88 12.21
N GLU A 121 -4.24 21.18 11.06
CA GLU A 121 -4.94 21.91 10.00
C GLU A 121 -5.77 20.95 9.16
N GLU A 122 -6.35 19.97 9.86
CA GLU A 122 -7.19 18.96 9.24
C GLU A 122 -8.42 19.60 8.60
N LEU A 123 -9.18 20.31 9.42
CA LEU A 123 -10.41 20.93 8.97
C LEU A 123 -10.15 22.30 8.39
N GLU A 124 -10.54 22.48 7.13
CA GLU A 124 -10.41 23.77 6.47
C GLU A 124 -11.36 24.77 7.13
N HIS A 125 -10.83 25.91 7.54
CA HIS A 125 -11.60 26.87 8.34
C HIS A 125 -12.79 27.42 7.57
N HIS A 126 -13.98 27.03 8.00
CA HIS A 126 -15.25 27.51 7.47
C HIS A 126 -15.56 26.89 6.11
N HIS A 127 -14.59 26.97 5.17
CA HIS A 127 -14.72 26.41 3.83
C HIS A 127 -15.69 27.24 2.97
N HIS A 128 -16.94 27.32 3.42
CA HIS A 128 -17.97 28.08 2.71
C HIS A 128 -19.15 28.32 3.65
N HIS A 129 -19.71 29.52 3.64
CA HIS A 129 -20.85 29.84 4.52
C HIS A 129 -22.03 28.90 4.27
N HIS A 130 -22.22 28.53 3.01
CA HIS A 130 -23.18 27.50 2.61
C HIS A 130 -23.13 27.34 1.11
N MET A 1 13.97 -20.37 8.01
CA MET A 1 12.83 -21.31 8.17
C MET A 1 13.30 -22.76 8.16
N ASN A 2 14.62 -22.96 8.04
CA ASN A 2 15.19 -24.31 8.03
C ASN A 2 15.41 -24.79 9.45
N ASP A 3 15.99 -23.93 10.27
CA ASP A 3 16.11 -24.20 11.71
C ASP A 3 14.84 -23.74 12.40
N ASP A 4 14.23 -24.65 13.14
CA ASP A 4 12.95 -24.40 13.82
C ASP A 4 11.83 -24.29 12.79
N VAL A 5 11.13 -25.39 12.60
CA VAL A 5 10.10 -25.49 11.56
C VAL A 5 8.81 -24.81 11.99
N ASP A 6 7.90 -24.66 11.03
CA ASP A 6 6.61 -24.03 11.27
C ASP A 6 5.80 -24.82 12.28
N ILE A 7 5.05 -24.11 13.10
CA ILE A 7 4.25 -24.72 14.15
C ILE A 7 3.00 -23.89 14.47
N GLN A 8 2.97 -22.65 13.99
CA GLN A 8 1.90 -21.72 14.34
C GLN A 8 0.58 -22.05 13.64
N GLN A 9 0.59 -23.14 12.85
CA GLN A 9 -0.63 -23.72 12.28
C GLN A 9 -1.32 -22.80 11.29
N SER A 10 -0.68 -21.70 10.95
CA SER A 10 -1.24 -20.74 10.03
C SER A 10 -0.13 -20.12 9.20
N TYR A 11 -0.45 -19.72 7.99
CA TYR A 11 0.53 -19.14 7.09
C TYR A 11 0.07 -17.76 6.64
N PRO A 12 0.50 -16.71 7.35
CA PRO A 12 0.19 -15.33 6.98
C PRO A 12 0.99 -14.91 5.75
N PHE A 13 0.30 -14.57 4.67
CA PHE A 13 0.96 -14.23 3.42
C PHE A 13 1.80 -12.97 3.57
N SER A 14 2.98 -12.99 2.98
CA SER A 14 3.88 -11.86 3.04
C SER A 14 3.65 -10.93 1.86
N ILE A 15 3.32 -9.69 2.16
CA ILE A 15 3.11 -8.70 1.14
C ILE A 15 4.22 -7.67 1.18
N GLU A 16 5.03 -7.63 0.14
CA GLU A 16 6.16 -6.73 0.09
C GLU A 16 6.03 -5.76 -1.07
N THR A 17 6.49 -4.55 -0.81
CA THR A 17 6.43 -3.49 -1.80
C THR A 17 7.84 -3.07 -2.21
N MET A 18 8.02 -2.78 -3.49
CA MET A 18 9.31 -2.31 -3.99
C MET A 18 9.57 -0.88 -3.55
N PRO A 19 10.86 -0.49 -3.46
CA PRO A 19 11.25 0.85 -3.02
C PRO A 19 10.60 1.97 -3.83
N VAL A 20 10.36 3.09 -3.17
CA VAL A 20 9.70 4.22 -3.80
C VAL A 20 10.55 5.47 -3.65
N PRO A 21 10.34 6.48 -4.52
CA PRO A 21 11.03 7.77 -4.41
C PRO A 21 10.78 8.41 -3.04
N LYS A 22 11.85 8.90 -2.42
CA LYS A 22 11.78 9.48 -1.09
C LYS A 22 10.94 10.75 -1.06
N LYS A 23 10.89 11.43 -2.21
CA LYS A 23 10.09 12.63 -2.36
C LYS A 23 9.51 12.68 -3.76
N LEU A 24 8.30 13.22 -3.89
CA LEU A 24 7.62 13.25 -5.18
C LEU A 24 7.30 14.68 -5.60
N LYS A 25 6.99 14.85 -6.88
CA LYS A 25 6.55 16.14 -7.40
C LYS A 25 5.20 15.97 -8.09
N VAL A 26 4.63 17.07 -8.56
CA VAL A 26 3.39 17.03 -9.31
C VAL A 26 3.66 16.47 -10.70
N GLY A 27 3.07 15.32 -10.99
CA GLY A 27 3.27 14.68 -12.28
C GLY A 27 4.09 13.43 -12.16
N GLU A 28 4.78 13.28 -11.03
CA GLU A 28 5.60 12.11 -10.77
C GLU A 28 4.72 10.89 -10.52
N THR A 29 4.94 9.84 -11.29
CA THR A 29 4.20 8.61 -11.11
C THR A 29 5.01 7.60 -10.31
N ALA A 30 4.65 7.41 -9.06
CA ALA A 30 5.35 6.47 -8.20
C ALA A 30 4.73 5.10 -8.36
N GLU A 31 5.43 4.21 -9.04
CA GLU A 31 4.97 2.85 -9.20
C GLU A 31 5.41 2.01 -8.02
N ILE A 32 4.45 1.53 -7.27
CA ILE A 32 4.72 0.66 -6.15
C ILE A 32 4.39 -0.78 -6.54
N ARG A 33 5.40 -1.55 -6.88
CA ARG A 33 5.19 -2.97 -7.14
C ARG A 33 4.84 -3.67 -5.83
N CYS A 34 3.63 -4.16 -5.75
CA CYS A 34 3.19 -4.89 -4.59
C CYS A 34 3.09 -6.36 -4.92
N GLN A 35 3.73 -7.20 -4.13
CA GLN A 35 3.76 -8.61 -4.39
C GLN A 35 3.40 -9.41 -3.15
N LEU A 36 2.26 -10.07 -3.21
CA LEU A 36 1.81 -10.94 -2.14
C LEU A 36 2.32 -12.35 -2.41
N HIS A 37 3.10 -12.89 -1.51
CA HIS A 37 3.62 -14.24 -1.69
C HIS A 37 2.53 -15.25 -1.32
N ARG A 38 1.87 -15.77 -2.34
CA ARG A 38 0.81 -16.74 -2.14
C ARG A 38 1.28 -18.12 -2.55
N ASP A 39 0.97 -19.10 -1.72
CA ASP A 39 1.33 -20.49 -2.01
C ASP A 39 0.18 -21.17 -2.73
N GLY A 40 0.50 -22.23 -3.44
CA GLY A 40 -0.50 -22.97 -4.21
C GLY A 40 -1.41 -23.80 -3.33
N ARG A 41 -2.07 -23.14 -2.38
CA ARG A 41 -3.01 -23.80 -1.49
C ARG A 41 -4.25 -22.92 -1.36
N PHE A 42 -5.28 -23.23 -2.13
CA PHE A 42 -6.38 -22.31 -2.31
C PHE A 42 -7.64 -22.78 -1.62
N GLU A 43 -7.99 -22.14 -0.52
CA GLU A 43 -9.29 -22.32 0.10
C GLU A 43 -9.99 -20.96 0.19
N GLU A 44 -10.44 -20.48 -0.96
CA GLU A 44 -11.11 -19.20 -1.10
C GLU A 44 -10.34 -18.07 -0.40
N THR A 45 -9.05 -17.97 -0.68
CA THR A 45 -8.25 -16.88 -0.17
C THR A 45 -8.51 -15.62 -0.99
N LYS A 46 -9.49 -14.86 -0.55
CA LYS A 46 -9.91 -13.67 -1.26
C LYS A 46 -9.31 -12.42 -0.60
N TYR A 47 -8.67 -11.59 -1.41
CA TYR A 47 -7.94 -10.45 -0.90
C TYR A 47 -8.68 -9.15 -1.20
N PHE A 48 -8.89 -8.35 -0.17
CA PHE A 48 -9.58 -7.07 -0.30
C PHE A 48 -8.65 -5.94 0.15
N ILE A 49 -8.40 -4.99 -0.75
CA ILE A 49 -7.50 -3.90 -0.42
C ILE A 49 -8.29 -2.61 -0.23
N ARG A 50 -8.05 -1.94 0.89
CA ARG A 50 -8.73 -0.69 1.21
C ARG A 50 -7.72 0.44 1.21
N TYR A 51 -8.20 1.66 1.02
CA TYR A 51 -7.33 2.82 0.89
C TYR A 51 -7.83 3.96 1.74
N PHE A 52 -6.91 4.72 2.30
CA PHE A 52 -7.26 5.92 3.05
C PHE A 52 -6.24 7.01 2.77
N GLN A 53 -6.71 8.18 2.38
CA GLN A 53 -5.85 9.31 2.12
C GLN A 53 -6.31 10.53 2.91
N PRO A 54 -5.56 10.90 3.94
CA PRO A 54 -5.85 12.10 4.74
C PRO A 54 -5.75 13.36 3.89
N ASP A 55 -4.74 13.38 3.02
CA ASP A 55 -4.53 14.48 2.10
C ASP A 55 -5.41 14.28 0.88
N GLY A 56 -5.07 13.26 0.10
CA GLY A 56 -5.94 12.82 -0.97
C GLY A 56 -5.65 13.49 -2.31
N ALA A 57 -4.57 14.25 -2.39
CA ALA A 57 -4.22 14.91 -3.64
C ALA A 57 -3.29 14.04 -4.46
N GLY A 58 -3.87 13.16 -5.27
CA GLY A 58 -3.10 12.26 -6.09
C GLY A 58 -3.97 11.14 -6.64
N THR A 59 -3.60 10.64 -7.81
CA THR A 59 -4.38 9.60 -8.46
C THR A 59 -3.78 8.21 -8.21
N LEU A 60 -4.50 7.38 -7.49
CA LEU A 60 -4.05 6.03 -7.19
C LEU A 60 -4.75 5.02 -8.10
N LYS A 61 -3.97 4.27 -8.86
CA LYS A 61 -4.53 3.29 -9.79
C LYS A 61 -3.83 1.94 -9.66
N MET A 62 -4.52 0.90 -10.08
CA MET A 62 -3.96 -0.44 -10.13
C MET A 62 -3.43 -0.72 -11.54
N SER A 63 -2.66 -1.79 -11.69
CA SER A 63 -2.06 -2.15 -12.97
C SER A 63 -3.10 -2.36 -14.06
N ASP A 64 -4.29 -2.81 -13.66
CA ASP A 64 -5.37 -3.07 -14.62
C ASP A 64 -6.12 -1.79 -14.97
N GLY A 65 -5.60 -0.66 -14.52
CA GLY A 65 -6.22 0.62 -14.83
C GLY A 65 -7.28 1.01 -13.82
N THR A 66 -7.59 0.07 -12.92
CA THR A 66 -8.59 0.30 -11.89
C THR A 66 -8.19 1.45 -10.98
N VAL A 67 -8.99 2.51 -10.98
CA VAL A 67 -8.75 3.63 -10.10
C VAL A 67 -9.22 3.29 -8.69
N LEU A 68 -8.31 3.40 -7.74
CA LEU A 68 -8.57 2.96 -6.38
C LEU A 68 -9.16 4.08 -5.53
N LEU A 69 -10.45 4.00 -5.27
CA LEU A 69 -11.12 4.98 -4.44
C LEU A 69 -11.13 4.52 -2.98
N PRO A 70 -10.70 5.40 -2.06
CA PRO A 70 -10.64 5.10 -0.62
C PRO A 70 -12.02 4.77 -0.04
N ASN A 71 -12.03 4.43 1.26
CA ASN A 71 -13.25 4.01 1.98
C ASN A 71 -13.65 2.58 1.61
N ASP A 72 -13.80 2.33 0.31
CA ASP A 72 -14.20 1.02 -0.18
C ASP A 72 -12.95 0.15 -0.33
N LEU A 73 -13.16 -1.16 -0.40
CA LEU A 73 -12.05 -2.10 -0.53
C LEU A 73 -12.30 -3.06 -1.69
N TYR A 74 -11.42 -3.02 -2.67
CA TYR A 74 -11.60 -3.80 -3.89
C TYR A 74 -10.86 -5.12 -3.80
N PRO A 75 -11.36 -6.15 -4.50
CA PRO A 75 -10.69 -7.45 -4.57
C PRO A 75 -9.40 -7.37 -5.41
N LEU A 76 -8.37 -8.05 -4.95
CA LEU A 76 -7.09 -8.05 -5.64
C LEU A 76 -7.05 -9.08 -6.77
N PRO A 77 -6.39 -8.74 -7.89
CA PRO A 77 -6.25 -9.63 -9.04
C PRO A 77 -5.44 -10.88 -8.69
N GLY A 78 -4.38 -10.71 -7.92
CA GLY A 78 -3.56 -11.84 -7.54
C GLY A 78 -2.32 -11.44 -6.76
N GLU A 79 -1.26 -12.20 -6.94
CA GLU A 79 -0.02 -12.01 -6.20
C GLU A 79 0.70 -10.74 -6.64
N THR A 80 1.02 -10.66 -7.92
CA THR A 80 1.78 -9.54 -8.45
C THR A 80 0.89 -8.52 -9.15
N PHE A 81 0.87 -7.30 -8.61
CA PHE A 81 0.14 -6.21 -9.21
C PHE A 81 0.91 -4.91 -9.03
N ARG A 82 0.59 -3.93 -9.85
CA ARG A 82 1.31 -2.67 -9.84
C ARG A 82 0.43 -1.55 -9.32
N LEU A 83 0.89 -0.84 -8.30
CA LEU A 83 0.14 0.29 -7.79
C LEU A 83 0.75 1.59 -8.31
N TYR A 84 -0.02 2.30 -9.12
CA TYR A 84 0.46 3.53 -9.73
C TYR A 84 -0.10 4.73 -9.01
N TYR A 85 0.74 5.39 -8.23
CA TYR A 85 0.35 6.63 -7.59
C TYR A 85 0.85 7.81 -8.40
N THR A 86 -0.07 8.53 -9.00
CA THR A 86 0.25 9.73 -9.74
C THR A 86 0.25 10.91 -8.78
N SER A 87 1.44 11.33 -8.37
CA SER A 87 1.58 12.38 -7.39
C SER A 87 1.15 13.72 -7.96
N ALA A 88 0.26 14.39 -7.27
CA ALA A 88 -0.17 15.72 -7.65
C ALA A 88 0.23 16.70 -6.55
N SER A 89 1.12 16.24 -5.68
CA SER A 89 1.52 17.02 -4.53
C SER A 89 3.04 17.02 -4.34
N THR A 90 3.56 18.13 -3.84
CA THR A 90 4.95 18.23 -3.44
C THR A 90 5.04 18.33 -1.92
N ASP A 91 3.86 18.42 -1.30
CA ASP A 91 3.76 18.56 0.14
C ASP A 91 3.73 17.20 0.81
N GLN A 92 3.35 17.18 2.08
CA GLN A 92 3.19 15.93 2.82
C GLN A 92 2.02 15.13 2.24
N GLN A 93 2.30 13.99 1.65
CA GLN A 93 1.25 13.14 1.12
C GLN A 93 1.30 11.77 1.79
N THR A 94 0.28 11.47 2.58
CA THR A 94 0.21 10.19 3.26
C THR A 94 -0.86 9.30 2.63
N VAL A 95 -0.47 8.09 2.26
CA VAL A 95 -1.40 7.11 1.71
C VAL A 95 -1.37 5.83 2.55
N ASP A 96 -2.50 5.50 3.14
CA ASP A 96 -2.61 4.28 3.93
C ASP A 96 -3.26 3.18 3.10
N VAL A 97 -2.51 2.12 2.84
CA VAL A 97 -3.00 1.01 2.04
C VAL A 97 -3.25 -0.21 2.94
N TYR A 98 -4.48 -0.71 2.94
CA TYR A 98 -4.85 -1.83 3.79
C TYR A 98 -5.06 -3.09 2.98
N PHE A 99 -4.36 -4.15 3.34
CA PHE A 99 -4.54 -5.44 2.68
C PHE A 99 -5.21 -6.43 3.62
N GLN A 100 -6.42 -6.85 3.28
CA GLN A 100 -7.18 -7.77 4.12
C GLN A 100 -7.24 -9.15 3.47
N ASP A 101 -6.71 -10.13 4.19
CA ASP A 101 -6.67 -11.51 3.72
C ASP A 101 -7.73 -12.36 4.43
N SER A 102 -8.01 -13.54 3.88
CA SER A 102 -9.09 -14.40 4.38
C SER A 102 -8.70 -15.08 5.70
N PHE A 103 -7.41 -15.11 6.03
CA PHE A 103 -6.97 -15.70 7.29
C PHE A 103 -7.08 -14.71 8.44
N GLY A 104 -7.66 -13.56 8.15
CA GLY A 104 -7.84 -12.53 9.18
C GLY A 104 -6.68 -11.56 9.20
N GLN A 105 -5.73 -11.77 8.32
CA GLN A 105 -4.55 -10.94 8.24
C GLN A 105 -4.90 -9.58 7.63
N LEU A 106 -4.55 -8.52 8.33
CA LEU A 106 -4.72 -7.18 7.81
C LEU A 106 -3.41 -6.43 7.88
N GLN A 107 -2.88 -6.09 6.73
CA GLN A 107 -1.61 -5.38 6.64
C GLN A 107 -1.83 -3.96 6.17
N GLN A 108 -1.60 -3.02 7.07
CA GLN A 108 -1.72 -1.62 6.72
C GLN A 108 -0.34 -1.03 6.43
N LEU A 109 -0.11 -0.68 5.18
CA LEU A 109 1.15 -0.08 4.77
C LEU A 109 0.95 1.42 4.61
N THR A 110 1.60 2.18 5.48
CA THR A 110 1.48 3.63 5.46
C THR A 110 2.65 4.25 4.71
N PHE A 111 2.37 4.87 3.57
CA PHE A 111 3.39 5.55 2.80
C PHE A 111 3.19 7.05 2.88
N SER A 112 4.17 7.75 3.43
CA SER A 112 4.08 9.19 3.53
C SER A 112 5.24 9.82 2.76
N PHE A 113 4.89 10.56 1.72
CA PHE A 113 5.88 11.18 0.86
C PHE A 113 6.06 12.64 1.24
N ASN A 114 7.20 12.96 1.84
CA ASN A 114 7.53 14.33 2.17
C ASN A 114 9.04 14.46 2.36
N ASN A 115 9.57 15.63 2.06
CA ASN A 115 11.01 15.83 2.02
C ASN A 115 11.59 16.09 3.40
N ASP A 116 10.73 16.11 4.41
CA ASP A 116 11.18 16.33 5.78
C ASP A 116 11.68 15.03 6.40
N SER A 117 11.44 13.93 5.70
CA SER A 117 11.80 12.60 6.17
C SER A 117 13.31 12.51 6.42
N SER A 118 14.07 13.20 5.60
CA SER A 118 15.53 13.19 5.72
C SER A 118 16.09 14.61 5.57
N LYS A 119 16.65 15.11 6.65
CA LYS A 119 17.29 16.42 6.63
C LYS A 119 18.70 16.31 7.19
N GLU A 120 19.63 17.08 6.64
CA GLU A 120 21.05 17.01 7.00
C GLU A 120 21.61 15.62 6.68
N GLU A 121 21.07 14.98 5.66
CA GLU A 121 21.50 13.65 5.27
C GLU A 121 21.89 13.65 3.79
N GLU A 122 22.33 12.48 3.30
CA GLU A 122 22.84 12.33 1.92
C GLU A 122 24.18 13.05 1.78
N LEU A 123 25.21 12.43 2.32
CA LEU A 123 26.56 12.98 2.24
C LEU A 123 27.51 11.94 1.64
N GLU A 124 27.25 10.67 1.96
CA GLU A 124 28.07 9.55 1.49
C GLU A 124 29.49 9.63 2.04
N HIS A 125 29.74 8.87 3.10
CA HIS A 125 31.01 8.90 3.82
C HIS A 125 32.21 8.72 2.88
N HIS A 126 33.14 9.67 2.98
CA HIS A 126 34.38 9.65 2.22
C HIS A 126 34.13 9.50 0.72
N HIS A 127 33.21 10.33 0.21
CA HIS A 127 32.94 10.44 -1.22
C HIS A 127 32.20 9.22 -1.76
N HIS A 128 32.12 8.17 -0.93
CA HIS A 128 31.63 6.86 -1.36
C HIS A 128 32.41 6.40 -2.59
N HIS A 129 33.64 5.95 -2.35
CA HIS A 129 34.53 5.55 -3.43
C HIS A 129 35.13 4.18 -3.12
N HIS A 130 35.26 3.35 -4.14
CA HIS A 130 35.88 2.04 -4.00
C HIS A 130 36.23 1.49 -5.37
N MET A 1 -9.70 -9.31 28.63
CA MET A 1 -9.07 -10.20 27.61
C MET A 1 -8.82 -11.57 28.21
N ASN A 2 -9.62 -12.54 27.78
CA ASN A 2 -9.54 -13.89 28.32
C ASN A 2 -9.76 -14.91 27.21
N ASP A 3 -8.97 -15.99 27.25
CA ASP A 3 -9.08 -17.07 26.27
C ASP A 3 -8.95 -16.54 24.85
N ASP A 4 -7.93 -15.74 24.61
CA ASP A 4 -7.65 -15.24 23.27
C ASP A 4 -6.81 -16.26 22.52
N VAL A 5 -6.42 -15.95 21.29
CA VAL A 5 -5.71 -16.89 20.46
C VAL A 5 -4.21 -16.83 20.71
N ASP A 6 -3.56 -17.97 20.62
CA ASP A 6 -2.11 -18.04 20.72
C ASP A 6 -1.53 -18.08 19.31
N ILE A 7 -0.35 -18.67 19.13
CA ILE A 7 0.24 -18.80 17.82
C ILE A 7 -0.39 -19.95 17.06
N GLN A 8 -1.31 -19.63 16.17
CA GLN A 8 -2.00 -20.62 15.38
C GLN A 8 -1.43 -20.65 13.95
N GLN A 9 -1.20 -19.46 13.42
CA GLN A 9 -0.69 -19.33 12.07
C GLN A 9 0.70 -18.71 12.10
N SER A 10 1.73 -19.54 11.98
CA SER A 10 3.11 -19.08 11.98
C SER A 10 3.53 -18.63 10.59
N TYR A 11 2.61 -18.68 9.64
CA TYR A 11 2.87 -18.21 8.30
C TYR A 11 1.65 -17.46 7.75
N PRO A 12 1.66 -16.13 7.86
CA PRO A 12 0.63 -15.28 7.28
C PRO A 12 1.01 -14.85 5.87
N PHE A 13 0.32 -13.84 5.36
CA PHE A 13 0.67 -13.28 4.07
C PHE A 13 1.50 -12.03 4.26
N SER A 14 2.55 -11.89 3.47
CA SER A 14 3.43 -10.74 3.56
C SER A 14 3.62 -10.12 2.19
N ILE A 15 3.44 -8.81 2.11
CA ILE A 15 3.58 -8.10 0.85
C ILE A 15 4.79 -7.19 0.89
N GLU A 16 5.71 -7.41 -0.04
CA GLU A 16 6.87 -6.56 -0.17
C GLU A 16 6.58 -5.46 -1.18
N THR A 17 6.80 -4.22 -0.77
CA THR A 17 6.57 -3.09 -1.63
C THR A 17 7.89 -2.56 -2.15
N MET A 18 8.01 -2.46 -3.47
CA MET A 18 9.21 -1.90 -4.09
C MET A 18 9.44 -0.47 -3.61
N PRO A 19 10.71 -0.08 -3.45
CA PRO A 19 11.10 1.24 -2.94
C PRO A 19 10.33 2.38 -3.60
N VAL A 20 9.56 3.11 -2.80
CA VAL A 20 8.82 4.25 -3.29
C VAL A 20 9.71 5.47 -3.38
N PRO A 21 9.50 6.31 -4.40
CA PRO A 21 10.30 7.52 -4.61
C PRO A 21 10.13 8.54 -3.48
N LYS A 22 11.23 9.17 -3.10
CA LYS A 22 11.22 10.15 -2.02
C LYS A 22 10.98 11.55 -2.59
N LYS A 23 11.18 11.70 -3.88
CA LYS A 23 10.87 12.96 -4.54
C LYS A 23 9.81 12.74 -5.61
N LEU A 24 8.66 13.36 -5.41
CA LEU A 24 7.54 13.20 -6.34
C LEU A 24 7.10 14.57 -6.87
N LYS A 25 6.68 14.60 -8.12
CA LYS A 25 6.24 15.84 -8.75
C LYS A 25 4.76 15.74 -9.10
N VAL A 26 4.16 16.87 -9.45
CA VAL A 26 2.76 16.89 -9.85
C VAL A 26 2.62 16.25 -11.23
N GLY A 27 1.89 15.15 -11.27
CA GLY A 27 1.73 14.41 -12.51
C GLY A 27 2.69 13.24 -12.60
N GLU A 28 3.51 13.09 -11.58
CA GLU A 28 4.46 11.98 -11.54
C GLU A 28 3.76 10.73 -11.02
N THR A 29 4.17 9.59 -11.54
CA THR A 29 3.53 8.33 -11.21
C THR A 29 4.50 7.42 -10.50
N ALA A 30 4.23 7.13 -9.24
CA ALA A 30 5.04 6.21 -8.47
C ALA A 30 4.49 4.80 -8.59
N GLU A 31 5.15 3.98 -9.41
CA GLU A 31 4.74 2.59 -9.55
C GLU A 31 5.20 1.80 -8.33
N ILE A 32 4.27 1.57 -7.42
CA ILE A 32 4.54 0.78 -6.24
C ILE A 32 4.20 -0.66 -6.53
N ARG A 33 5.21 -1.46 -6.85
CA ARG A 33 4.99 -2.86 -7.15
C ARG A 33 4.93 -3.64 -5.86
N CYS A 34 3.77 -4.19 -5.58
CA CYS A 34 3.55 -4.92 -4.35
C CYS A 34 3.47 -6.40 -4.65
N GLN A 35 4.28 -7.20 -3.95
CA GLN A 35 4.30 -8.62 -4.19
C GLN A 35 4.02 -9.39 -2.91
N LEU A 36 2.88 -10.05 -2.86
CA LEU A 36 2.50 -10.87 -1.73
C LEU A 36 3.18 -12.23 -1.86
N HIS A 37 3.98 -12.57 -0.88
CA HIS A 37 4.70 -13.83 -0.89
C HIS A 37 3.88 -14.92 -0.20
N ARG A 38 3.24 -15.75 -1.00
CA ARG A 38 2.44 -16.85 -0.47
C ARG A 38 3.02 -18.19 -0.92
N ASP A 39 3.66 -18.88 -0.01
CA ASP A 39 4.10 -20.25 -0.27
C ASP A 39 2.90 -21.16 -0.17
N GLY A 40 2.10 -20.95 0.87
CA GLY A 40 0.86 -21.68 1.03
C GLY A 40 -0.07 -21.42 -0.13
N ARG A 41 -0.33 -22.46 -0.90
CA ARG A 41 -1.14 -22.33 -2.10
C ARG A 41 -2.62 -22.16 -1.79
N PHE A 42 -2.99 -20.90 -1.62
CA PHE A 42 -4.39 -20.52 -1.52
C PHE A 42 -4.73 -19.66 -2.73
N GLU A 43 -5.34 -20.27 -3.73
CA GLU A 43 -5.52 -19.63 -5.03
C GLU A 43 -6.84 -18.89 -5.10
N GLU A 44 -7.80 -19.32 -4.30
CA GLU A 44 -9.13 -18.73 -4.32
C GLU A 44 -9.27 -17.64 -3.26
N THR A 45 -8.28 -17.55 -2.39
CA THR A 45 -8.30 -16.57 -1.32
C THR A 45 -8.12 -15.17 -1.88
N LYS A 46 -9.18 -14.38 -1.82
CA LYS A 46 -9.20 -13.06 -2.41
C LYS A 46 -8.60 -12.04 -1.47
N TYR A 47 -7.70 -11.21 -2.00
CA TYR A 47 -7.08 -10.16 -1.22
C TYR A 47 -7.75 -8.83 -1.54
N PHE A 48 -8.06 -8.07 -0.51
CA PHE A 48 -8.75 -6.80 -0.68
C PHE A 48 -7.86 -5.65 -0.24
N ILE A 49 -7.76 -4.62 -1.05
CA ILE A 49 -6.93 -3.47 -0.72
C ILE A 49 -7.79 -2.27 -0.33
N ARG A 50 -7.50 -1.68 0.82
CA ARG A 50 -8.14 -0.47 1.27
C ARG A 50 -7.08 0.58 1.53
N TYR A 51 -7.45 1.85 1.38
CA TYR A 51 -6.48 2.93 1.43
C TYR A 51 -7.08 4.17 2.08
N PHE A 52 -6.42 4.66 3.11
CA PHE A 52 -6.87 5.85 3.81
C PHE A 52 -5.86 6.98 3.64
N GLN A 53 -6.29 8.07 3.02
CA GLN A 53 -5.41 9.20 2.79
C GLN A 53 -5.96 10.45 3.49
N PRO A 54 -5.54 10.68 4.74
CA PRO A 54 -5.95 11.86 5.50
C PRO A 54 -5.09 13.08 5.18
N ASP A 55 -3.96 12.84 4.51
CA ASP A 55 -3.00 13.88 4.22
C ASP A 55 -2.39 13.67 2.84
N GLY A 56 -2.29 14.74 2.08
CA GLY A 56 -1.73 14.65 0.74
C GLY A 56 -2.81 14.55 -0.31
N ALA A 57 -2.39 14.49 -1.58
CA ALA A 57 -3.32 14.39 -2.69
C ALA A 57 -2.70 13.61 -3.84
N GLY A 58 -3.26 12.44 -4.12
CA GLY A 58 -2.73 11.61 -5.18
C GLY A 58 -3.70 10.54 -5.61
N THR A 59 -3.87 10.38 -6.91
CA THR A 59 -4.76 9.38 -7.44
C THR A 59 -4.05 8.04 -7.59
N LEU A 60 -4.45 7.07 -6.78
CA LEU A 60 -3.86 5.74 -6.83
C LEU A 60 -4.62 4.87 -7.82
N LYS A 61 -3.89 4.16 -8.67
CA LYS A 61 -4.51 3.25 -9.62
C LYS A 61 -3.98 1.84 -9.45
N MET A 62 -4.79 0.88 -9.83
CA MET A 62 -4.36 -0.51 -9.85
C MET A 62 -3.73 -0.82 -11.20
N SER A 63 -2.93 -1.88 -11.26
CA SER A 63 -2.24 -2.27 -12.49
C SER A 63 -3.20 -2.55 -13.65
N ASP A 64 -4.47 -2.80 -13.34
CA ASP A 64 -5.48 -3.04 -14.36
C ASP A 64 -5.93 -1.73 -14.99
N GLY A 65 -5.74 -0.64 -14.27
CA GLY A 65 -6.23 0.65 -14.72
C GLY A 65 -7.33 1.17 -13.80
N THR A 66 -7.75 0.31 -12.88
CA THR A 66 -8.77 0.65 -11.91
C THR A 66 -8.33 1.82 -11.05
N VAL A 67 -9.09 2.91 -11.10
CA VAL A 67 -8.79 4.08 -10.30
C VAL A 67 -9.31 3.88 -8.88
N LEU A 68 -8.42 4.04 -7.91
CA LEU A 68 -8.73 3.77 -6.53
C LEU A 68 -9.07 5.07 -5.79
N LEU A 69 -10.32 5.16 -5.33
CA LEU A 69 -10.79 6.34 -4.63
C LEU A 69 -10.99 6.03 -3.15
N PRO A 70 -10.44 6.87 -2.25
CA PRO A 70 -10.46 6.64 -0.81
C PRO A 70 -11.87 6.60 -0.22
N ASN A 71 -12.48 5.43 -0.26
CA ASN A 71 -13.81 5.22 0.31
C ASN A 71 -14.07 3.73 0.51
N ASP A 72 -13.87 2.96 -0.55
CA ASP A 72 -14.15 1.54 -0.51
C ASP A 72 -12.85 0.74 -0.69
N LEU A 73 -12.97 -0.57 -0.87
CA LEU A 73 -11.81 -1.41 -1.07
C LEU A 73 -12.02 -2.30 -2.30
N TYR A 74 -10.94 -2.60 -3.00
CA TYR A 74 -11.03 -3.36 -4.24
C TYR A 74 -10.26 -4.68 -4.12
N PRO A 75 -10.68 -5.70 -4.88
CA PRO A 75 -10.01 -7.00 -4.91
C PRO A 75 -8.73 -6.97 -5.73
N LEU A 76 -7.72 -7.67 -5.24
CA LEU A 76 -6.46 -7.79 -5.96
C LEU A 76 -6.50 -9.01 -6.86
N PRO A 77 -6.27 -8.82 -8.17
CA PRO A 77 -6.32 -9.90 -9.15
C PRO A 77 -5.06 -10.77 -9.13
N GLY A 78 -4.29 -10.66 -8.06
CA GLY A 78 -3.09 -11.43 -7.94
C GLY A 78 -2.32 -11.05 -6.68
N GLU A 79 -1.15 -11.64 -6.52
CA GLU A 79 -0.33 -11.36 -5.35
C GLU A 79 0.80 -10.41 -5.71
N THR A 80 1.36 -10.57 -6.90
CA THR A 80 2.36 -9.65 -7.41
C THR A 80 1.72 -8.69 -8.42
N PHE A 81 1.54 -7.44 -8.00
CA PHE A 81 0.82 -6.47 -8.82
C PHE A 81 1.48 -5.10 -8.75
N ARG A 82 1.00 -4.18 -9.58
CA ARG A 82 1.52 -2.82 -9.60
C ARG A 82 0.47 -1.84 -9.12
N LEU A 83 0.89 -0.87 -8.31
CA LEU A 83 0.03 0.23 -7.92
C LEU A 83 0.58 1.53 -8.47
N TYR A 84 -0.20 2.20 -9.29
CA TYR A 84 0.24 3.44 -9.92
C TYR A 84 -0.25 4.64 -9.15
N TYR A 85 0.63 5.21 -8.34
CA TYR A 85 0.27 6.37 -7.54
C TYR A 85 0.62 7.65 -8.29
N THR A 86 -0.40 8.30 -8.81
CA THR A 86 -0.21 9.57 -9.50
C THR A 86 -0.21 10.71 -8.50
N SER A 87 0.95 11.30 -8.29
CA SER A 87 1.11 12.33 -7.29
C SER A 87 0.60 13.67 -7.79
N ALA A 88 -0.38 14.23 -7.09
CA ALA A 88 -0.87 15.56 -7.38
C ALA A 88 -0.29 16.53 -6.36
N SER A 89 0.62 16.02 -5.55
CA SER A 89 1.27 16.78 -4.50
C SER A 89 2.77 16.53 -4.55
N THR A 90 3.55 17.55 -4.26
CA THR A 90 5.01 17.43 -4.26
C THR A 90 5.53 17.14 -2.87
N ASP A 91 4.71 17.44 -1.88
CA ASP A 91 5.11 17.37 -0.48
C ASP A 91 4.79 15.99 0.08
N GLN A 92 4.80 15.88 1.41
CA GLN A 92 4.50 14.61 2.06
C GLN A 92 3.08 14.18 1.77
N GLN A 93 2.95 12.93 1.33
CA GLN A 93 1.65 12.35 1.07
C GLN A 93 1.46 11.13 1.96
N THR A 94 0.43 11.15 2.78
CA THR A 94 0.21 10.10 3.76
C THR A 94 -0.89 9.15 3.30
N VAL A 95 -0.49 7.96 2.89
CA VAL A 95 -1.43 6.93 2.46
C VAL A 95 -1.31 5.70 3.34
N ASP A 96 -2.32 5.46 4.15
CA ASP A 96 -2.35 4.30 5.03
C ASP A 96 -3.10 3.17 4.35
N VAL A 97 -2.39 2.11 3.97
CA VAL A 97 -2.96 1.05 3.17
C VAL A 97 -3.24 -0.19 4.02
N TYR A 98 -4.39 -0.80 3.76
CA TYR A 98 -4.80 -2.00 4.47
C TYR A 98 -4.98 -3.15 3.47
N PHE A 99 -4.27 -4.24 3.70
CA PHE A 99 -4.43 -5.43 2.88
C PHE A 99 -5.14 -6.52 3.66
N GLN A 100 -6.36 -6.82 3.26
CA GLN A 100 -7.19 -7.79 3.96
C GLN A 100 -7.33 -9.08 3.15
N ASP A 101 -7.26 -10.20 3.83
CA ASP A 101 -7.41 -11.49 3.16
C ASP A 101 -8.75 -12.13 3.53
N SER A 102 -9.15 -13.15 2.79
CA SER A 102 -10.46 -13.78 2.96
C SER A 102 -10.55 -14.57 4.27
N PHE A 103 -9.41 -14.94 4.84
CA PHE A 103 -9.39 -15.66 6.11
C PHE A 103 -9.57 -14.69 7.28
N GLY A 104 -9.22 -13.43 7.06
CA GLY A 104 -9.40 -12.43 8.09
C GLY A 104 -8.08 -11.83 8.55
N GLN A 105 -7.01 -12.08 7.81
CA GLN A 105 -5.72 -11.47 8.10
C GLN A 105 -5.68 -10.06 7.53
N LEU A 106 -5.09 -9.15 8.29
CA LEU A 106 -5.02 -7.76 7.88
C LEU A 106 -3.58 -7.25 7.99
N GLN A 107 -3.04 -6.84 6.87
CA GLN A 107 -1.68 -6.33 6.81
C GLN A 107 -1.72 -4.83 6.54
N GLN A 108 -1.37 -4.04 7.54
CA GLN A 108 -1.42 -2.59 7.43
C GLN A 108 -0.06 -2.04 7.04
N LEU A 109 -0.05 -1.27 5.96
CA LEU A 109 1.18 -0.63 5.49
C LEU A 109 0.96 0.87 5.34
N THR A 110 1.57 1.65 6.22
CA THR A 110 1.44 3.09 6.18
C THR A 110 2.58 3.70 5.35
N PHE A 111 2.21 4.39 4.28
CA PHE A 111 3.20 5.01 3.41
C PHE A 111 3.20 6.53 3.56
N SER A 112 4.32 7.07 3.97
CA SER A 112 4.50 8.51 4.01
C SER A 112 5.54 8.92 2.96
N PHE A 113 5.07 9.57 1.91
CA PHE A 113 5.92 9.93 0.80
C PHE A 113 6.69 11.22 1.08
N ASN A 114 7.61 11.55 0.16
CA ASN A 114 8.42 12.76 0.21
C ASN A 114 9.54 12.67 1.25
N ASN A 115 9.20 12.79 2.52
CA ASN A 115 10.23 12.86 3.55
C ASN A 115 9.85 11.98 4.75
N ASP A 116 10.55 12.19 5.85
CA ASP A 116 10.39 11.36 7.03
C ASP A 116 9.77 12.17 8.16
N SER A 117 8.48 11.99 8.38
CA SER A 117 7.80 12.66 9.47
C SER A 117 7.94 11.83 10.75
N SER A 118 9.12 11.93 11.35
CA SER A 118 9.49 11.06 12.46
C SER A 118 9.01 11.62 13.80
N LYS A 119 7.90 12.34 13.80
CA LYS A 119 7.35 12.87 15.02
C LYS A 119 5.82 12.94 14.96
N GLU A 120 5.19 12.51 16.04
CA GLU A 120 3.75 12.54 16.15
C GLU A 120 3.32 13.49 17.27
N GLU A 121 2.01 13.58 17.47
CA GLU A 121 1.41 14.33 18.59
C GLU A 121 1.62 15.83 18.47
N GLU A 122 2.83 16.30 18.76
CA GLU A 122 3.12 17.72 18.78
C GLU A 122 3.47 18.24 17.39
N LEU A 123 3.56 17.33 16.42
CA LEU A 123 3.68 17.71 15.03
C LEU A 123 2.27 17.89 14.46
N GLU A 124 2.14 18.57 13.32
CA GLU A 124 0.81 18.87 12.79
C GLU A 124 0.16 17.60 12.24
N HIS A 125 -0.48 16.86 13.13
CA HIS A 125 -1.32 15.73 12.76
C HIS A 125 -2.63 15.85 13.51
N HIS A 126 -3.70 15.40 12.89
CA HIS A 126 -5.03 15.69 13.40
C HIS A 126 -5.54 14.57 14.29
N HIS A 127 -4.62 13.95 14.99
CA HIS A 127 -4.92 12.97 16.02
C HIS A 127 -4.98 13.69 17.36
N HIS A 128 -6.02 13.46 18.13
CA HIS A 128 -6.24 14.21 19.37
C HIS A 128 -6.43 13.26 20.55
N HIS A 129 -5.59 12.23 20.59
CA HIS A 129 -5.72 11.15 21.58
C HIS A 129 -7.01 10.37 21.37
N HIS A 130 -8.09 10.82 21.99
CA HIS A 130 -9.41 10.25 21.80
C HIS A 130 -10.42 10.99 22.67
N MET A 1 9.08 -34.24 5.79
CA MET A 1 8.32 -33.66 6.92
C MET A 1 9.24 -33.39 8.10
N ASN A 2 8.72 -32.72 9.11
CA ASN A 2 9.52 -32.40 10.28
C ASN A 2 9.16 -33.28 11.46
N ASP A 3 7.85 -33.46 11.68
CA ASP A 3 7.35 -34.07 12.90
C ASP A 3 7.97 -33.33 14.08
N ASP A 4 7.68 -32.04 14.14
CA ASP A 4 8.37 -31.10 14.99
C ASP A 4 7.81 -31.13 16.41
N VAL A 5 8.29 -30.23 17.25
CA VAL A 5 7.76 -30.08 18.60
C VAL A 5 6.67 -29.02 18.56
N ASP A 6 5.45 -29.45 18.25
CA ASP A 6 4.33 -28.56 17.94
C ASP A 6 4.66 -27.77 16.67
N ILE A 7 3.75 -26.91 16.23
CA ILE A 7 3.96 -26.15 15.02
C ILE A 7 3.48 -24.72 15.20
N GLN A 8 2.23 -24.58 15.65
CA GLN A 8 1.58 -23.27 15.76
C GLN A 8 1.53 -22.61 14.40
N GLN A 9 0.55 -23.01 13.59
CA GLN A 9 0.48 -22.55 12.21
C GLN A 9 -0.06 -21.12 12.15
N SER A 10 0.82 -20.18 12.38
CA SER A 10 0.50 -18.77 12.20
C SER A 10 1.49 -18.18 11.22
N TYR A 11 1.31 -18.53 9.95
CA TYR A 11 2.17 -18.01 8.90
C TYR A 11 1.37 -17.17 7.94
N PRO A 12 1.34 -15.84 8.16
CA PRO A 12 0.61 -14.90 7.31
C PRO A 12 1.31 -14.71 5.97
N PHE A 13 0.57 -14.18 5.00
CA PHE A 13 1.13 -13.90 3.70
C PHE A 13 2.10 -12.72 3.79
N SER A 14 3.22 -12.84 3.11
CA SER A 14 4.23 -11.80 3.12
C SER A 14 4.06 -10.88 1.92
N ILE A 15 3.86 -9.60 2.20
CA ILE A 15 3.69 -8.63 1.14
C ILE A 15 4.98 -7.86 0.92
N GLU A 16 5.59 -8.11 -0.22
CA GLU A 16 6.86 -7.48 -0.56
C GLU A 16 6.61 -6.28 -1.46
N THR A 17 6.85 -5.10 -0.93
CA THR A 17 6.70 -3.87 -1.69
C THR A 17 8.06 -3.21 -1.91
N MET A 18 8.39 -2.94 -3.15
CA MET A 18 9.62 -2.25 -3.47
C MET A 18 9.59 -0.84 -2.90
N PRO A 19 10.75 -0.36 -2.38
CA PRO A 19 10.86 0.98 -1.79
C PRO A 19 10.38 2.07 -2.74
N VAL A 20 9.54 2.95 -2.21
CA VAL A 20 8.93 4.00 -3.01
C VAL A 20 9.84 5.23 -3.11
N PRO A 21 9.61 6.08 -4.11
CA PRO A 21 10.32 7.36 -4.26
C PRO A 21 10.18 8.22 -3.00
N LYS A 22 11.22 8.99 -2.71
CA LYS A 22 11.26 9.77 -1.48
C LYS A 22 10.63 11.14 -1.72
N LYS A 23 10.71 11.60 -2.95
CA LYS A 23 10.09 12.87 -3.35
C LYS A 23 9.22 12.66 -4.59
N LEU A 24 8.04 13.25 -4.58
CA LEU A 24 7.11 13.13 -5.70
C LEU A 24 6.33 14.43 -5.88
N LYS A 25 6.55 15.09 -7.00
CA LYS A 25 5.88 16.34 -7.31
C LYS A 25 4.67 16.09 -8.21
N VAL A 26 3.86 17.12 -8.41
CA VAL A 26 2.65 17.01 -9.22
C VAL A 26 2.98 16.63 -10.67
N GLY A 27 2.43 15.52 -11.11
CA GLY A 27 2.63 15.09 -12.47
C GLY A 27 3.41 13.79 -12.55
N GLU A 28 4.09 13.43 -11.47
CA GLU A 28 4.86 12.20 -11.43
C GLU A 28 3.94 11.01 -11.17
N THR A 29 4.36 9.83 -11.61
CA THR A 29 3.61 8.62 -11.35
C THR A 29 4.53 7.54 -10.78
N ALA A 30 4.24 7.12 -9.56
CA ALA A 30 5.06 6.14 -8.87
C ALA A 30 4.52 4.74 -9.08
N GLU A 31 5.32 3.90 -9.73
CA GLU A 31 4.95 2.52 -9.95
C GLU A 31 5.43 1.65 -8.79
N ILE A 32 4.52 1.36 -7.88
CA ILE A 32 4.83 0.57 -6.70
C ILE A 32 4.54 -0.90 -6.96
N ARG A 33 5.57 -1.67 -7.22
CA ARG A 33 5.41 -3.09 -7.48
C ARG A 33 5.26 -3.86 -6.17
N CYS A 34 4.11 -4.48 -6.02
CA CYS A 34 3.75 -5.16 -4.78
C CYS A 34 3.55 -6.64 -5.03
N GLN A 35 4.19 -7.48 -4.22
CA GLN A 35 4.11 -8.91 -4.39
C GLN A 35 3.64 -9.59 -3.11
N LEU A 36 2.45 -10.17 -3.17
CA LEU A 36 1.88 -10.86 -2.04
C LEU A 36 2.22 -12.35 -2.13
N HIS A 37 2.93 -12.86 -1.14
CA HIS A 37 3.34 -14.25 -1.15
C HIS A 37 2.46 -15.08 -0.22
N ARG A 38 1.68 -15.98 -0.78
CA ARG A 38 0.94 -16.94 0.03
C ARG A 38 1.82 -18.16 0.28
N ASP A 39 2.07 -18.43 1.56
CA ASP A 39 3.06 -19.43 1.97
C ASP A 39 2.65 -20.84 1.52
N GLY A 40 1.66 -21.40 2.18
CA GLY A 40 1.25 -22.74 1.90
C GLY A 40 0.08 -22.80 0.94
N ARG A 41 -0.84 -23.69 1.23
CA ARG A 41 -1.97 -23.90 0.34
C ARG A 41 -3.08 -22.91 0.67
N PHE A 42 -2.86 -21.66 0.31
CA PHE A 42 -3.88 -20.63 0.45
C PHE A 42 -4.64 -20.51 -0.86
N GLU A 43 -5.82 -21.10 -0.89
CA GLU A 43 -6.57 -21.22 -2.13
C GLU A 43 -7.51 -20.03 -2.33
N GLU A 44 -8.62 -20.03 -1.61
CA GLU A 44 -9.64 -19.00 -1.80
C GLU A 44 -9.50 -17.87 -0.79
N THR A 45 -8.28 -17.54 -0.44
CA THR A 45 -8.01 -16.38 0.38
C THR A 45 -8.24 -15.11 -0.43
N LYS A 46 -9.35 -14.46 -0.18
CA LYS A 46 -9.74 -13.29 -0.97
C LYS A 46 -9.01 -12.05 -0.50
N TYR A 47 -8.21 -11.46 -1.37
CA TYR A 47 -7.41 -10.30 -1.02
C TYR A 47 -8.10 -9.02 -1.47
N PHE A 48 -8.38 -8.15 -0.51
CA PHE A 48 -9.03 -6.88 -0.80
C PHE A 48 -8.12 -5.72 -0.43
N ILE A 49 -8.05 -4.73 -1.31
CA ILE A 49 -7.18 -3.59 -1.10
C ILE A 49 -8.00 -2.31 -0.90
N ARG A 50 -7.53 -1.46 0.00
CA ARG A 50 -8.06 -0.12 0.18
C ARG A 50 -6.98 0.76 0.77
N TYR A 51 -7.14 2.07 0.67
CA TYR A 51 -6.19 2.98 1.28
C TYR A 51 -6.89 4.23 1.76
N PHE A 52 -6.23 4.98 2.63
CA PHE A 52 -6.79 6.22 3.13
C PHE A 52 -5.68 7.25 3.34
N GLN A 53 -5.88 8.44 2.81
CA GLN A 53 -4.92 9.52 2.97
C GLN A 53 -5.49 10.61 3.88
N PRO A 54 -5.07 10.62 5.16
CA PRO A 54 -5.52 11.63 6.11
C PRO A 54 -4.95 13.01 5.78
N ASP A 55 -3.72 13.04 5.30
CA ASP A 55 -3.04 14.28 4.95
C ASP A 55 -2.41 14.16 3.57
N GLY A 56 -2.82 15.04 2.67
CA GLY A 56 -2.27 15.03 1.33
C GLY A 56 -3.29 14.62 0.30
N ALA A 57 -2.90 14.65 -0.97
CA ALA A 57 -3.79 14.25 -2.05
C ALA A 57 -3.12 13.22 -2.94
N GLY A 58 -3.70 12.97 -4.11
CA GLY A 58 -3.15 11.98 -5.02
C GLY A 58 -4.18 10.96 -5.43
N THR A 59 -3.81 10.09 -6.36
CA THR A 59 -4.70 9.04 -6.83
C THR A 59 -3.93 7.74 -7.04
N LEU A 60 -4.33 6.68 -6.37
CA LEU A 60 -3.65 5.40 -6.47
C LEU A 60 -4.42 4.46 -7.41
N LYS A 61 -3.77 4.06 -8.49
CA LYS A 61 -4.37 3.16 -9.46
C LYS A 61 -3.74 1.78 -9.37
N MET A 62 -4.40 0.81 -9.98
CA MET A 62 -3.87 -0.52 -10.11
C MET A 62 -3.30 -0.70 -11.53
N SER A 63 -2.47 -1.70 -11.73
CA SER A 63 -1.84 -1.95 -13.03
C SER A 63 -2.88 -2.24 -14.12
N ASP A 64 -4.08 -2.64 -13.70
CA ASP A 64 -5.16 -2.92 -14.64
C ASP A 64 -5.80 -1.64 -15.14
N GLY A 65 -5.55 -0.55 -14.42
CA GLY A 65 -6.17 0.72 -14.75
C GLY A 65 -7.26 1.07 -13.76
N THR A 66 -7.53 0.15 -12.86
CA THR A 66 -8.51 0.32 -11.81
C THR A 66 -8.11 1.45 -10.86
N VAL A 67 -8.95 2.47 -10.75
CA VAL A 67 -8.73 3.53 -9.80
C VAL A 67 -9.27 3.12 -8.44
N LEU A 68 -8.38 3.07 -7.46
CA LEU A 68 -8.75 2.62 -6.14
C LEU A 68 -9.23 3.80 -5.29
N LEU A 69 -10.26 3.56 -4.50
CA LEU A 69 -10.84 4.61 -3.69
C LEU A 69 -10.73 4.25 -2.20
N PRO A 70 -10.69 5.27 -1.33
CA PRO A 70 -10.63 5.06 0.12
C PRO A 70 -11.90 4.41 0.66
N ASN A 71 -11.78 3.79 1.83
CA ASN A 71 -12.90 3.14 2.53
C ASN A 71 -13.30 1.82 1.90
N ASP A 72 -13.71 1.86 0.64
CA ASP A 72 -14.26 0.68 -0.02
C ASP A 72 -13.15 -0.32 -0.41
N LEU A 73 -13.54 -1.56 -0.67
CA LEU A 73 -12.58 -2.62 -0.97
C LEU A 73 -12.67 -3.05 -2.42
N TYR A 74 -11.51 -3.28 -3.02
CA TYR A 74 -11.44 -3.86 -4.36
C TYR A 74 -10.56 -5.10 -4.34
N PRO A 75 -11.02 -6.18 -5.00
CA PRO A 75 -10.28 -7.45 -5.01
C PRO A 75 -9.02 -7.40 -5.87
N LEU A 76 -7.97 -8.02 -5.38
CA LEU A 76 -6.70 -8.09 -6.10
C LEU A 76 -6.69 -9.26 -7.07
N PRO A 77 -6.65 -8.97 -8.38
CA PRO A 77 -6.62 -10.00 -9.42
C PRO A 77 -5.21 -10.51 -9.69
N GLY A 78 -4.26 -10.05 -8.89
CA GLY A 78 -2.88 -10.45 -9.06
C GLY A 78 -2.14 -10.49 -7.75
N GLU A 79 -1.15 -11.34 -7.67
CA GLU A 79 -0.32 -11.45 -6.48
C GLU A 79 0.93 -10.59 -6.63
N THR A 80 1.46 -10.57 -7.84
CA THR A 80 2.58 -9.70 -8.16
C THR A 80 2.12 -8.59 -9.09
N PHE A 81 1.61 -7.51 -8.50
CA PHE A 81 0.97 -6.46 -9.27
C PHE A 81 1.70 -5.13 -9.10
N ARG A 82 1.25 -4.13 -9.82
CA ARG A 82 1.86 -2.81 -9.76
C ARG A 82 0.82 -1.75 -9.41
N LEU A 83 1.13 -0.93 -8.43
CA LEU A 83 0.26 0.17 -8.04
C LEU A 83 0.78 1.47 -8.61
N TYR A 84 -0.07 2.19 -9.32
CA TYR A 84 0.34 3.43 -9.96
C TYR A 84 -0.17 4.63 -9.19
N TYR A 85 0.67 5.20 -8.35
CA TYR A 85 0.31 6.40 -7.62
C TYR A 85 0.58 7.64 -8.47
N THR A 86 -0.46 8.37 -8.77
CA THR A 86 -0.33 9.62 -9.49
C THR A 86 -0.15 10.77 -8.50
N SER A 87 1.04 11.34 -8.48
CA SER A 87 1.37 12.40 -7.55
C SER A 87 0.64 13.68 -7.92
N ALA A 88 -0.33 14.07 -7.10
CA ALA A 88 -1.10 15.27 -7.34
C ALA A 88 -0.79 16.34 -6.28
N SER A 89 0.28 16.10 -5.54
CA SER A 89 0.70 17.03 -4.50
C SER A 89 2.21 17.23 -4.55
N THR A 90 2.67 18.34 -3.99
CA THR A 90 4.09 18.60 -3.87
C THR A 90 4.51 18.49 -2.41
N ASP A 91 3.52 18.54 -1.53
CA ASP A 91 3.77 18.44 -0.09
C ASP A 91 3.64 16.99 0.37
N GLN A 92 3.79 16.78 1.68
CA GLN A 92 3.81 15.45 2.27
C GLN A 92 2.47 14.73 2.06
N GLN A 93 2.50 13.66 1.27
CA GLN A 93 1.32 12.82 1.09
C GLN A 93 1.42 11.60 1.99
N THR A 94 0.56 11.52 2.99
CA THR A 94 0.55 10.39 3.89
C THR A 94 -0.58 9.43 3.50
N VAL A 95 -0.22 8.31 2.90
CA VAL A 95 -1.19 7.35 2.42
C VAL A 95 -1.05 6.03 3.17
N ASP A 96 -2.11 5.63 3.85
CA ASP A 96 -2.09 4.38 4.60
C ASP A 96 -2.86 3.31 3.82
N VAL A 97 -2.14 2.30 3.34
CA VAL A 97 -2.73 1.27 2.48
C VAL A 97 -3.00 -0.01 3.28
N TYR A 98 -4.14 -0.63 3.01
CA TYR A 98 -4.55 -1.82 3.74
C TYR A 98 -4.75 -3.00 2.78
N PHE A 99 -4.02 -4.08 3.02
CA PHE A 99 -4.24 -5.33 2.30
C PHE A 99 -4.81 -6.35 3.26
N GLN A 100 -6.06 -6.76 3.04
CA GLN A 100 -6.71 -7.70 3.94
C GLN A 100 -7.14 -8.96 3.20
N ASP A 101 -7.32 -10.03 3.96
CA ASP A 101 -7.77 -11.30 3.40
C ASP A 101 -9.13 -11.68 3.99
N SER A 102 -9.76 -12.69 3.37
CA SER A 102 -11.10 -13.13 3.76
C SER A 102 -11.14 -13.73 5.18
N PHE A 103 -10.01 -14.23 5.67
CA PHE A 103 -9.97 -14.82 7.01
C PHE A 103 -9.87 -13.72 8.06
N GLY A 104 -9.37 -12.56 7.66
CA GLY A 104 -9.30 -11.44 8.57
C GLY A 104 -7.88 -10.96 8.81
N GLN A 105 -6.95 -11.44 8.00
CA GLN A 105 -5.57 -10.98 8.08
C GLN A 105 -5.46 -9.61 7.45
N LEU A 106 -4.64 -8.74 8.03
CA LEU A 106 -4.54 -7.37 7.56
C LEU A 106 -3.11 -6.86 7.60
N GLN A 107 -2.61 -6.47 6.44
CA GLN A 107 -1.29 -5.88 6.32
C GLN A 107 -1.45 -4.41 5.95
N GLN A 108 -1.14 -3.53 6.89
CA GLN A 108 -1.30 -2.11 6.68
C GLN A 108 0.04 -1.42 6.49
N LEU A 109 0.21 -0.82 5.33
CA LEU A 109 1.47 -0.18 4.96
C LEU A 109 1.26 1.32 4.79
N THR A 110 1.82 2.10 5.69
CA THR A 110 1.69 3.54 5.66
C THR A 110 2.86 4.17 4.91
N PHE A 111 2.56 4.85 3.81
CA PHE A 111 3.59 5.49 2.99
C PHE A 111 3.49 7.00 3.09
N SER A 112 4.58 7.64 3.46
CA SER A 112 4.63 9.09 3.48
C SER A 112 5.56 9.59 2.38
N PHE A 113 4.98 10.25 1.39
CA PHE A 113 5.75 10.76 0.27
C PHE A 113 6.21 12.18 0.54
N ASN A 114 7.35 12.55 -0.05
CA ASN A 114 7.98 13.85 0.18
C ASN A 114 8.38 13.99 1.65
N ASN A 115 9.15 13.00 2.12
CA ASN A 115 9.58 12.92 3.51
C ASN A 115 8.42 12.52 4.42
N ASP A 116 8.69 12.43 5.71
CA ASP A 116 7.66 12.07 6.67
C ASP A 116 7.76 12.93 7.91
N SER A 117 6.62 13.20 8.51
CA SER A 117 6.57 13.96 9.75
C SER A 117 5.82 13.16 10.81
N SER A 118 6.55 12.67 11.79
CA SER A 118 5.95 11.94 12.89
C SER A 118 6.75 12.17 14.17
N LYS A 119 6.49 13.30 14.81
CA LYS A 119 7.18 13.66 16.04
C LYS A 119 6.18 14.09 17.08
N GLU A 120 4.91 13.75 16.83
CA GLU A 120 3.80 14.18 17.66
C GLU A 120 3.73 15.69 17.70
N GLU A 121 3.86 16.30 16.52
CA GLU A 121 3.77 17.74 16.37
C GLU A 121 2.37 18.24 16.76
N GLU A 122 1.38 17.36 16.61
CA GLU A 122 0.01 17.63 17.03
C GLU A 122 -0.54 18.88 16.34
N LEU A 123 -1.04 18.72 15.12
CA LEU A 123 -1.56 19.84 14.34
C LEU A 123 -3.04 20.03 14.62
N GLU A 124 -3.37 21.00 15.46
CA GLU A 124 -4.74 21.22 15.91
C GLU A 124 -5.51 22.10 14.92
N HIS A 125 -4.77 22.87 14.11
CA HIS A 125 -5.37 23.85 13.18
C HIS A 125 -6.02 25.00 13.95
N HIS A 126 -5.83 25.00 15.25
CA HIS A 126 -6.46 25.96 16.14
C HIS A 126 -5.48 26.38 17.22
N HIS A 127 -5.40 27.69 17.46
CA HIS A 127 -4.53 28.24 18.51
C HIS A 127 -3.06 27.92 18.23
N HIS A 128 -2.42 28.78 17.46
CA HIS A 128 -1.00 28.63 17.14
C HIS A 128 -0.33 29.99 17.15
N HIS A 129 0.96 30.03 17.47
CA HIS A 129 1.68 31.29 17.51
C HIS A 129 2.01 31.77 16.11
N HIS A 130 1.70 33.03 15.84
CA HIS A 130 1.99 33.64 14.54
C HIS A 130 2.44 35.09 14.73
N MET A 1 -13.30 -30.78 8.82
CA MET A 1 -11.93 -30.69 8.27
C MET A 1 -11.33 -32.08 8.17
N ASN A 2 -10.45 -32.29 7.19
CA ASN A 2 -9.91 -33.62 6.92
C ASN A 2 -9.01 -34.09 8.07
N ASP A 3 -7.87 -33.43 8.23
CA ASP A 3 -6.91 -33.79 9.28
C ASP A 3 -6.33 -32.54 9.90
N ASP A 4 -6.26 -31.50 9.11
CA ASP A 4 -5.75 -30.20 9.53
C ASP A 4 -6.81 -29.46 10.34
N VAL A 5 -7.27 -30.08 11.42
CA VAL A 5 -8.27 -29.48 12.28
C VAL A 5 -7.62 -28.96 13.57
N ASP A 6 -6.62 -29.69 14.05
CA ASP A 6 -5.89 -29.30 15.25
C ASP A 6 -4.75 -28.36 14.90
N ILE A 7 -4.34 -28.38 13.64
CA ILE A 7 -3.33 -27.48 13.13
C ILE A 7 -3.91 -26.58 12.04
N GLN A 8 -3.55 -25.31 12.07
CA GLN A 8 -4.01 -24.37 11.07
C GLN A 8 -2.92 -24.14 10.04
N GLN A 9 -1.69 -24.06 10.53
CA GLN A 9 -0.49 -24.00 9.71
C GLN A 9 -0.54 -22.83 8.71
N SER A 10 -1.34 -21.82 9.03
CA SER A 10 -1.52 -20.70 8.13
C SER A 10 -0.85 -19.45 8.70
N TYR A 11 0.23 -19.05 8.06
CA TYR A 11 0.98 -17.86 8.48
C TYR A 11 0.52 -16.64 7.70
N PRO A 12 0.68 -15.45 8.30
CA PRO A 12 0.28 -14.18 7.66
C PRO A 12 0.98 -13.96 6.32
N PHE A 13 0.29 -13.31 5.40
CA PHE A 13 0.87 -13.01 4.10
C PHE A 13 1.73 -11.76 4.19
N SER A 14 2.83 -11.74 3.47
CA SER A 14 3.72 -10.60 3.49
C SER A 14 3.83 -9.98 2.11
N ILE A 15 3.57 -8.69 2.02
CA ILE A 15 3.70 -7.99 0.76
C ILE A 15 4.88 -7.04 0.80
N GLU A 16 5.91 -7.36 0.04
CA GLU A 16 7.07 -6.50 -0.07
C GLU A 16 6.90 -5.54 -1.23
N THR A 17 7.26 -4.29 -1.02
CA THR A 17 7.06 -3.26 -2.01
C THR A 17 8.39 -2.80 -2.59
N MET A 18 8.44 -2.64 -3.90
CA MET A 18 9.64 -2.18 -4.57
C MET A 18 9.90 -0.71 -4.24
N PRO A 19 11.18 -0.33 -4.11
CA PRO A 19 11.59 1.04 -3.76
C PRO A 19 10.86 2.11 -4.57
N VAL A 20 10.13 2.96 -3.86
CA VAL A 20 9.43 4.07 -4.47
C VAL A 20 10.30 5.32 -4.43
N PRO A 21 10.09 6.27 -5.36
CA PRO A 21 10.82 7.53 -5.37
C PRO A 21 10.47 8.37 -4.14
N LYS A 22 11.50 8.77 -3.40
CA LYS A 22 11.31 9.51 -2.16
C LYS A 22 10.86 10.94 -2.46
N LYS A 23 11.36 11.49 -3.55
CA LYS A 23 10.97 12.82 -3.97
C LYS A 23 10.17 12.75 -5.27
N LEU A 24 8.95 13.25 -5.22
CA LEU A 24 8.05 13.20 -6.36
C LEU A 24 7.61 14.60 -6.75
N LYS A 25 7.09 14.74 -7.95
CA LYS A 25 6.63 16.03 -8.45
C LYS A 25 5.15 15.97 -8.77
N VAL A 26 4.51 17.13 -8.85
CA VAL A 26 3.10 17.18 -9.21
C VAL A 26 2.90 16.70 -10.64
N GLY A 27 2.25 15.56 -10.78
CA GLY A 27 2.05 14.96 -12.08
C GLY A 27 2.91 13.73 -12.27
N GLU A 28 3.73 13.43 -11.27
CA GLU A 28 4.59 12.27 -11.31
C GLU A 28 3.83 11.01 -10.90
N THR A 29 4.11 9.91 -11.57
CA THR A 29 3.47 8.65 -11.26
C THR A 29 4.47 7.66 -10.66
N ALA A 30 4.29 7.34 -9.39
CA ALA A 30 5.16 6.38 -8.72
C ALA A 30 4.61 4.98 -8.86
N GLU A 31 5.38 4.09 -9.47
CA GLU A 31 4.95 2.72 -9.66
C GLU A 31 5.38 1.85 -8.47
N ILE A 32 4.43 1.62 -7.58
CA ILE A 32 4.69 0.79 -6.41
C ILE A 32 4.45 -0.67 -6.76
N ARG A 33 5.53 -1.38 -7.05
CA ARG A 33 5.42 -2.77 -7.43
C ARG A 33 5.44 -3.65 -6.20
N CYS A 34 4.38 -4.41 -6.02
CA CYS A 34 4.20 -5.17 -4.80
C CYS A 34 4.14 -6.66 -5.09
N GLN A 35 4.76 -7.46 -4.23
CA GLN A 35 4.72 -8.90 -4.35
C GLN A 35 4.13 -9.53 -3.09
N LEU A 36 2.96 -10.11 -3.23
CA LEU A 36 2.27 -10.76 -2.13
C LEU A 36 2.77 -12.19 -1.95
N HIS A 37 3.31 -12.48 -0.79
CA HIS A 37 3.82 -13.82 -0.51
C HIS A 37 2.73 -14.68 0.13
N ARG A 38 2.13 -15.55 -0.67
CA ARG A 38 1.14 -16.48 -0.16
C ARG A 38 1.55 -17.92 -0.46
N ASP A 39 1.86 -18.66 0.59
CA ASP A 39 2.22 -20.06 0.45
C ASP A 39 0.96 -20.93 0.50
N GLY A 40 1.00 -22.01 -0.24
CA GLY A 40 -0.17 -22.85 -0.40
C GLY A 40 -0.34 -23.84 0.71
N ARG A 41 -1.01 -23.42 1.79
CA ARG A 41 -1.41 -24.33 2.83
C ARG A 41 -2.85 -24.73 2.56
N PHE A 42 -3.71 -23.72 2.51
CA PHE A 42 -5.06 -23.88 2.06
C PHE A 42 -5.30 -22.93 0.88
N GLU A 43 -4.86 -21.69 1.07
CA GLU A 43 -4.91 -20.65 0.03
C GLU A 43 -6.35 -20.40 -0.41
N GLU A 44 -6.52 -19.93 -1.66
CA GLU A 44 -7.86 -19.61 -2.20
C GLU A 44 -8.59 -18.61 -1.31
N THR A 45 -7.82 -17.79 -0.61
CA THR A 45 -8.36 -16.76 0.24
C THR A 45 -8.49 -15.46 -0.55
N LYS A 46 -9.57 -14.71 -0.31
CA LYS A 46 -9.82 -13.49 -1.06
C LYS A 46 -9.00 -12.35 -0.50
N TYR A 47 -8.13 -11.78 -1.33
CA TYR A 47 -7.32 -10.64 -0.92
C TYR A 47 -7.96 -9.36 -1.42
N PHE A 48 -8.25 -8.44 -0.50
CA PHE A 48 -8.89 -7.19 -0.85
C PHE A 48 -7.96 -6.02 -0.59
N ILE A 49 -8.13 -4.95 -1.36
CA ILE A 49 -7.28 -3.79 -1.24
C ILE A 49 -8.11 -2.51 -1.15
N ARG A 50 -7.67 -1.62 -0.27
CA ARG A 50 -8.23 -0.28 -0.14
C ARG A 50 -7.25 0.57 0.64
N TYR A 51 -7.17 1.85 0.33
CA TYR A 51 -6.21 2.71 1.00
C TYR A 51 -6.89 3.86 1.70
N PHE A 52 -6.34 4.27 2.83
CA PHE A 52 -6.84 5.40 3.58
C PHE A 52 -5.90 6.58 3.40
N GLN A 53 -6.45 7.69 2.95
CA GLN A 53 -5.67 8.90 2.71
C GLN A 53 -6.13 9.98 3.68
N PRO A 54 -5.42 10.14 4.81
CA PRO A 54 -5.79 11.10 5.86
C PRO A 54 -5.68 12.54 5.38
N ASP A 55 -4.58 12.88 4.73
CA ASP A 55 -4.36 14.23 4.23
C ASP A 55 -3.48 14.20 2.99
N GLY A 56 -3.79 15.06 2.04
CA GLY A 56 -2.99 15.15 0.84
C GLY A 56 -3.82 15.19 -0.41
N ALA A 57 -3.19 14.87 -1.52
CA ALA A 57 -3.86 14.83 -2.82
C ALA A 57 -3.12 13.88 -3.74
N GLY A 58 -3.52 12.63 -3.76
CA GLY A 58 -2.87 11.65 -4.60
C GLY A 58 -3.80 10.55 -5.04
N THR A 59 -3.80 10.27 -6.33
CA THR A 59 -4.66 9.25 -6.90
C THR A 59 -3.92 7.92 -7.00
N LEU A 60 -4.33 6.95 -6.21
CA LEU A 60 -3.69 5.65 -6.23
C LEU A 60 -4.52 4.66 -7.03
N LYS A 61 -4.02 4.28 -8.19
CA LYS A 61 -4.69 3.33 -9.05
C LYS A 61 -3.99 1.98 -9.00
N MET A 62 -4.70 0.93 -9.39
CA MET A 62 -4.12 -0.39 -9.46
C MET A 62 -3.56 -0.62 -10.86
N SER A 63 -2.81 -1.70 -11.02
CA SER A 63 -2.17 -2.04 -12.29
C SER A 63 -3.15 -2.07 -13.46
N ASP A 64 -4.38 -2.45 -13.16
CA ASP A 64 -5.43 -2.57 -14.17
C ASP A 64 -5.94 -1.19 -14.60
N GLY A 65 -5.48 -0.15 -13.91
CA GLY A 65 -5.93 1.20 -14.21
C GLY A 65 -7.08 1.60 -13.31
N THR A 66 -7.61 0.62 -12.59
CA THR A 66 -8.71 0.84 -11.67
C THR A 66 -8.32 1.78 -10.55
N VAL A 67 -9.07 2.88 -10.41
CA VAL A 67 -8.85 3.81 -9.31
C VAL A 67 -9.41 3.21 -8.04
N LEU A 68 -8.56 3.08 -7.03
CA LEU A 68 -8.95 2.40 -5.81
C LEU A 68 -9.62 3.36 -4.83
N LEU A 69 -10.64 2.87 -4.14
CA LEU A 69 -11.37 3.67 -3.17
C LEU A 69 -11.42 2.93 -1.83
N PRO A 70 -11.57 3.66 -0.72
CA PRO A 70 -11.72 3.06 0.61
C PRO A 70 -13.15 2.59 0.89
N ASN A 71 -14.11 3.18 0.18
CA ASN A 71 -15.52 2.85 0.36
C ASN A 71 -15.93 1.70 -0.55
N ASP A 72 -15.20 1.53 -1.65
CA ASP A 72 -15.46 0.44 -2.58
C ASP A 72 -14.30 -0.53 -2.51
N LEU A 73 -14.56 -1.72 -2.01
CA LEU A 73 -13.50 -2.69 -1.75
C LEU A 73 -13.19 -3.53 -2.98
N TYR A 74 -11.98 -3.41 -3.49
CA TYR A 74 -11.57 -4.13 -4.68
C TYR A 74 -10.68 -5.31 -4.32
N PRO A 75 -10.76 -6.41 -5.08
CA PRO A 75 -9.91 -7.57 -4.89
C PRO A 75 -8.60 -7.46 -5.64
N LEU A 76 -7.57 -8.16 -5.16
CA LEU A 76 -6.27 -8.15 -5.81
C LEU A 76 -6.22 -9.16 -6.96
N PRO A 77 -5.57 -8.80 -8.07
CA PRO A 77 -5.49 -9.66 -9.26
C PRO A 77 -4.59 -10.88 -9.05
N GLY A 78 -3.56 -10.73 -8.23
CA GLY A 78 -2.63 -11.82 -8.00
C GLY A 78 -1.56 -11.46 -7.00
N GLU A 79 -0.49 -12.24 -6.95
CA GLU A 79 0.61 -11.99 -6.03
C GLU A 79 1.37 -10.74 -6.44
N THR A 80 1.69 -10.65 -7.72
CA THR A 80 2.46 -9.54 -8.23
C THR A 80 1.54 -8.50 -8.85
N PHE A 81 1.36 -7.39 -8.16
CA PHE A 81 0.51 -6.31 -8.63
C PHE A 81 1.22 -4.99 -8.54
N ARG A 82 0.71 -3.98 -9.24
CA ARG A 82 1.38 -2.69 -9.30
C ARG A 82 0.43 -1.59 -8.86
N LEU A 83 0.90 -0.72 -7.98
CA LEU A 83 0.11 0.40 -7.53
C LEU A 83 0.64 1.69 -8.14
N TYR A 84 -0.20 2.36 -8.90
CA TYR A 84 0.18 3.57 -9.58
C TYR A 84 -0.22 4.80 -8.79
N TYR A 85 0.74 5.37 -8.09
CA TYR A 85 0.50 6.53 -7.25
C TYR A 85 0.75 7.81 -8.04
N THR A 86 -0.32 8.49 -8.38
CA THR A 86 -0.21 9.76 -9.09
C THR A 86 -0.10 10.90 -8.09
N SER A 87 1.09 11.49 -8.01
CA SER A 87 1.35 12.56 -7.07
C SER A 87 0.75 13.87 -7.57
N ALA A 88 -0.34 14.29 -6.96
CA ALA A 88 -0.95 15.57 -7.26
C ALA A 88 -0.54 16.59 -6.22
N SER A 89 0.29 16.16 -5.29
CA SER A 89 0.79 17.01 -4.23
C SER A 89 2.28 17.29 -4.43
N THR A 90 2.78 18.32 -3.76
CA THR A 90 4.19 18.69 -3.86
C THR A 90 4.84 18.69 -2.48
N ASP A 91 4.12 18.17 -1.49
CA ASP A 91 4.61 18.12 -0.12
C ASP A 91 4.29 16.77 0.51
N GLN A 92 4.59 16.61 1.80
CA GLN A 92 4.44 15.33 2.48
C GLN A 92 2.99 14.84 2.47
N GLN A 93 2.83 13.57 2.14
CA GLN A 93 1.52 12.94 2.13
C GLN A 93 1.63 11.50 2.62
N THR A 94 0.71 11.10 3.47
CA THR A 94 0.70 9.75 4.01
C THR A 94 -0.48 8.95 3.47
N VAL A 95 -0.19 7.79 2.93
CA VAL A 95 -1.21 6.89 2.40
C VAL A 95 -1.05 5.52 3.05
N ASP A 96 -2.09 5.05 3.74
CA ASP A 96 -2.06 3.74 4.36
C ASP A 96 -2.85 2.75 3.52
N VAL A 97 -2.16 1.79 2.94
CA VAL A 97 -2.79 0.83 2.06
C VAL A 97 -3.11 -0.46 2.81
N TYR A 98 -4.41 -0.75 2.94
CA TYR A 98 -4.86 -1.94 3.63
C TYR A 98 -4.94 -3.12 2.67
N PHE A 99 -4.16 -4.15 2.94
CA PHE A 99 -4.28 -5.41 2.24
C PHE A 99 -4.88 -6.44 3.19
N GLN A 100 -6.06 -6.92 2.89
CA GLN A 100 -6.79 -7.76 3.83
C GLN A 100 -7.21 -9.09 3.23
N ASP A 101 -7.27 -10.10 4.08
CA ASP A 101 -7.80 -11.41 3.70
C ASP A 101 -9.30 -11.43 3.94
N SER A 102 -9.98 -12.41 3.34
CA SER A 102 -11.37 -12.65 3.65
C SER A 102 -11.49 -13.29 5.04
N PHE A 103 -10.33 -13.58 5.61
CA PHE A 103 -10.23 -14.19 6.93
C PHE A 103 -10.41 -13.13 8.02
N GLY A 104 -10.15 -11.87 7.65
CA GLY A 104 -10.22 -10.79 8.61
C GLY A 104 -8.85 -10.25 8.95
N GLN A 105 -7.84 -11.00 8.54
CA GLN A 105 -6.45 -10.60 8.75
C GLN A 105 -6.08 -9.53 7.72
N LEU A 106 -5.26 -8.57 8.11
CA LEU A 106 -4.83 -7.55 7.16
C LEU A 106 -3.41 -7.06 7.44
N GLN A 107 -2.72 -6.67 6.39
CA GLN A 107 -1.42 -6.05 6.49
C GLN A 107 -1.49 -4.67 5.86
N GLN A 108 -1.43 -3.63 6.69
CA GLN A 108 -1.52 -2.27 6.20
C GLN A 108 -0.14 -1.68 6.02
N LEU A 109 0.12 -1.15 4.83
CA LEU A 109 1.39 -0.54 4.53
C LEU A 109 1.25 0.97 4.51
N THR A 110 1.89 1.63 5.46
CA THR A 110 1.79 3.07 5.59
C THR A 110 2.93 3.75 4.84
N PHE A 111 2.59 4.48 3.79
CA PHE A 111 3.58 5.21 3.02
C PHE A 111 3.50 6.70 3.32
N SER A 112 4.58 7.25 3.85
CA SER A 112 4.67 8.69 4.02
C SER A 112 5.68 9.24 3.02
N PHE A 113 5.18 9.93 2.02
CA PHE A 113 6.03 10.44 0.96
C PHE A 113 6.66 11.77 1.37
N ASN A 114 7.97 11.77 1.49
CA ASN A 114 8.73 12.96 1.83
C ASN A 114 10.17 12.80 1.36
N ASN A 115 10.79 13.90 1.00
CA ASN A 115 12.15 13.87 0.48
C ASN A 115 13.17 13.91 1.62
N ASP A 116 13.96 12.85 1.72
CA ASP A 116 15.02 12.78 2.73
C ASP A 116 15.99 13.92 2.57
N SER A 117 16.05 14.77 3.58
CA SER A 117 16.92 15.93 3.57
C SER A 117 16.95 16.59 4.94
N SER A 118 15.81 16.57 5.62
CA SER A 118 15.68 17.22 6.92
C SER A 118 15.75 16.23 8.06
N LYS A 119 16.92 16.12 8.69
CA LYS A 119 17.03 15.45 9.97
C LYS A 119 16.68 16.46 11.05
N GLU A 120 15.98 16.02 12.09
CA GLU A 120 15.41 16.93 13.11
C GLU A 120 16.45 17.95 13.57
N GLU A 121 17.53 17.47 14.15
CA GLU A 121 18.61 18.34 14.58
C GLU A 121 19.95 17.60 14.52
N GLU A 122 20.54 17.60 13.33
CA GLU A 122 21.84 16.99 13.12
C GLU A 122 22.89 17.75 13.92
N LEU A 123 23.39 17.11 14.96
CA LEU A 123 24.33 17.75 15.87
C LEU A 123 25.72 17.82 15.28
N GLU A 124 25.89 18.71 14.31
CA GLU A 124 27.18 18.96 13.70
C GLU A 124 27.40 20.47 13.59
N HIS A 125 26.51 21.21 14.24
CA HIS A 125 26.60 22.67 14.31
C HIS A 125 27.18 23.03 15.67
N HIS A 126 27.92 22.07 16.24
CA HIS A 126 28.38 22.15 17.63
C HIS A 126 29.30 23.34 17.87
N HIS A 127 30.18 23.63 16.91
CA HIS A 127 31.10 24.76 17.03
C HIS A 127 30.37 26.08 16.86
N HIS A 128 29.11 25.99 16.44
CA HIS A 128 28.21 27.13 16.33
C HIS A 128 28.66 28.15 15.29
N HIS A 129 28.10 28.01 14.10
CA HIS A 129 28.17 29.02 13.07
C HIS A 129 26.74 29.38 12.71
N HIS A 130 25.99 28.35 12.38
CA HIS A 130 24.55 28.41 12.23
C HIS A 130 24.02 27.01 12.00
N MET A 1 18.09 -6.72 5.59
CA MET A 1 18.63 -7.79 6.46
C MET A 1 18.06 -7.69 7.87
N ASN A 2 17.01 -6.89 8.05
CA ASN A 2 16.40 -6.73 9.35
C ASN A 2 15.04 -7.40 9.38
N ASP A 3 15.04 -8.68 9.74
CA ASP A 3 13.83 -9.48 9.73
C ASP A 3 13.44 -9.85 11.16
N ASP A 4 14.45 -9.91 12.03
CA ASP A 4 14.26 -10.27 13.45
C ASP A 4 13.76 -11.71 13.56
N VAL A 5 13.22 -12.07 14.71
CA VAL A 5 12.65 -13.39 14.91
C VAL A 5 11.19 -13.23 15.36
N ASP A 6 10.30 -13.31 14.40
CA ASP A 6 8.90 -13.01 14.64
C ASP A 6 8.14 -14.26 15.11
N ILE A 7 6.90 -14.06 15.52
CA ILE A 7 6.06 -15.14 16.01
C ILE A 7 5.22 -15.71 14.86
N GLN A 8 5.81 -15.74 13.68
CA GLN A 8 5.13 -16.20 12.48
C GLN A 8 4.72 -17.67 12.58
N GLN A 9 3.42 -17.89 12.68
CA GLN A 9 2.89 -19.24 12.77
C GLN A 9 1.61 -19.35 11.95
N SER A 10 1.11 -20.58 11.79
CA SER A 10 -0.08 -20.86 10.96
C SER A 10 0.07 -20.26 9.56
N TYR A 11 1.33 -20.07 9.16
CA TYR A 11 1.70 -19.37 7.94
C TYR A 11 1.03 -18.00 7.84
N PRO A 12 1.75 -16.95 8.26
CA PRO A 12 1.27 -15.57 8.12
C PRO A 12 1.48 -15.06 6.70
N PHE A 13 0.79 -14.00 6.35
CA PHE A 13 0.94 -13.42 5.03
C PHE A 13 1.90 -12.24 5.07
N SER A 14 2.75 -12.16 4.07
CA SER A 14 3.73 -11.09 3.99
C SER A 14 3.58 -10.32 2.67
N ILE A 15 3.40 -9.02 2.78
CA ILE A 15 3.30 -8.18 1.60
C ILE A 15 4.62 -7.45 1.37
N GLU A 16 5.37 -7.90 0.38
CA GLU A 16 6.66 -7.31 0.08
C GLU A 16 6.50 -6.20 -0.94
N THR A 17 7.14 -5.07 -0.69
CA THR A 17 7.03 -3.92 -1.56
C THR A 17 8.40 -3.44 -2.01
N MET A 18 8.49 -2.96 -3.24
CA MET A 18 9.72 -2.39 -3.76
C MET A 18 9.83 -0.92 -3.38
N PRO A 19 11.06 -0.44 -3.12
CA PRO A 19 11.32 0.94 -2.71
C PRO A 19 10.74 1.97 -3.69
N VAL A 20 10.26 3.08 -3.15
CA VAL A 20 9.64 4.11 -3.97
C VAL A 20 10.39 5.45 -3.84
N PRO A 21 10.27 6.33 -4.85
CA PRO A 21 10.91 7.65 -4.83
C PRO A 21 10.42 8.49 -3.65
N LYS A 22 11.32 9.29 -3.09
CA LYS A 22 11.00 10.09 -1.91
C LYS A 22 10.43 11.43 -2.32
N LYS A 23 11.00 12.03 -3.35
CA LYS A 23 10.50 13.28 -3.88
C LYS A 23 9.63 13.01 -5.10
N LEU A 24 8.34 13.24 -4.97
CA LEU A 24 7.42 13.05 -6.07
C LEU A 24 6.71 14.36 -6.42
N LYS A 25 6.83 14.77 -7.67
CA LYS A 25 6.17 15.97 -8.14
C LYS A 25 4.74 15.64 -8.58
N VAL A 26 3.92 16.66 -8.73
CA VAL A 26 2.52 16.44 -9.10
C VAL A 26 2.42 15.95 -10.54
N GLY A 27 1.74 14.83 -10.72
CA GLY A 27 1.63 14.25 -12.05
C GLY A 27 2.72 13.22 -12.30
N GLU A 28 3.54 12.97 -11.30
CA GLU A 28 4.60 11.99 -11.39
C GLU A 28 4.07 10.63 -10.94
N THR A 29 4.54 9.57 -11.56
CA THR A 29 4.06 8.24 -11.27
C THR A 29 5.12 7.39 -10.58
N ALA A 30 4.83 6.97 -9.36
CA ALA A 30 5.70 6.06 -8.63
C ALA A 30 5.08 4.68 -8.62
N GLU A 31 5.77 3.71 -9.21
CA GLU A 31 5.26 2.35 -9.26
C GLU A 31 5.54 1.63 -7.96
N ILE A 32 4.49 1.36 -7.22
CA ILE A 32 4.60 0.59 -5.99
C ILE A 32 4.36 -0.88 -6.30
N ARG A 33 5.43 -1.64 -6.44
CA ARG A 33 5.32 -3.05 -6.71
C ARG A 33 4.98 -3.79 -5.43
N CYS A 34 3.94 -4.59 -5.48
CA CYS A 34 3.45 -5.26 -4.30
C CYS A 34 3.37 -6.77 -4.54
N GLN A 35 3.99 -7.52 -3.65
CA GLN A 35 4.00 -8.97 -3.75
C GLN A 35 3.34 -9.59 -2.53
N LEU A 36 2.21 -10.22 -2.74
CA LEU A 36 1.55 -10.97 -1.69
C LEU A 36 2.09 -12.39 -1.68
N HIS A 37 2.93 -12.68 -0.72
CA HIS A 37 3.63 -13.95 -0.69
C HIS A 37 2.82 -14.99 0.08
N ARG A 38 2.12 -15.84 -0.64
CA ARG A 38 1.32 -16.89 -0.03
C ARG A 38 1.79 -18.26 -0.51
N ASP A 39 1.23 -19.31 0.07
CA ASP A 39 1.66 -20.67 -0.26
C ASP A 39 0.80 -21.27 -1.38
N GLY A 40 0.55 -20.47 -2.40
CA GLY A 40 -0.14 -20.93 -3.59
C GLY A 40 -1.64 -21.11 -3.40
N ARG A 41 -2.01 -21.94 -2.44
CA ARG A 41 -3.40 -22.36 -2.24
C ARG A 41 -4.31 -21.19 -1.88
N PHE A 42 -5.32 -20.97 -2.70
CA PHE A 42 -6.39 -20.04 -2.38
C PHE A 42 -7.68 -20.47 -3.09
N GLU A 43 -8.66 -20.90 -2.31
CA GLU A 43 -9.93 -21.38 -2.85
C GLU A 43 -10.98 -20.29 -2.77
N GLU A 44 -11.60 -20.18 -1.59
CA GLU A 44 -12.54 -19.11 -1.31
C GLU A 44 -11.80 -17.88 -0.82
N THR A 45 -10.47 -17.99 -0.84
CA THR A 45 -9.61 -16.92 -0.40
C THR A 45 -9.62 -15.78 -1.42
N LYS A 46 -10.07 -14.63 -0.98
CA LYS A 46 -10.21 -13.48 -1.86
C LYS A 46 -9.32 -12.34 -1.36
N TYR A 47 -8.74 -11.61 -2.30
CA TYR A 47 -7.84 -10.52 -1.96
C TYR A 47 -8.59 -9.19 -1.98
N PHE A 48 -8.54 -8.47 -0.89
CA PHE A 48 -9.19 -7.17 -0.82
C PHE A 48 -8.19 -6.10 -0.40
N ILE A 49 -8.39 -4.90 -0.89
CA ILE A 49 -7.50 -3.80 -0.60
C ILE A 49 -8.27 -2.48 -0.49
N ARG A 50 -7.85 -1.62 0.42
CA ARG A 50 -8.44 -0.30 0.53
C ARG A 50 -7.42 0.67 1.10
N TYR A 51 -7.71 1.96 1.01
CA TYR A 51 -6.74 2.98 1.40
C TYR A 51 -7.39 4.03 2.29
N PHE A 52 -6.56 4.82 2.95
CA PHE A 52 -7.05 5.94 3.73
C PHE A 52 -6.18 7.16 3.48
N GLN A 53 -6.81 8.33 3.39
CA GLN A 53 -6.09 9.57 3.16
C GLN A 53 -6.24 10.52 4.34
N PRO A 54 -5.28 10.50 5.28
CA PRO A 54 -5.28 11.44 6.40
C PRO A 54 -4.83 12.83 5.97
N ASP A 55 -3.73 12.88 5.21
CA ASP A 55 -3.17 14.13 4.71
C ASP A 55 -2.53 13.89 3.36
N GLY A 56 -2.75 14.81 2.43
CA GLY A 56 -2.17 14.68 1.11
C GLY A 56 -3.19 14.22 0.09
N ALA A 57 -2.74 14.06 -1.15
CA ALA A 57 -3.60 13.60 -2.23
C ALA A 57 -2.80 12.88 -3.30
N GLY A 58 -3.29 11.73 -3.73
CA GLY A 58 -2.62 10.98 -4.76
C GLY A 58 -3.55 10.03 -5.47
N THR A 59 -3.47 10.02 -6.79
CA THR A 59 -4.28 9.11 -7.57
C THR A 59 -3.54 7.79 -7.74
N LEU A 60 -4.06 6.75 -7.12
CA LEU A 60 -3.42 5.45 -7.17
C LEU A 60 -4.14 4.57 -8.18
N LYS A 61 -3.42 4.14 -9.21
CA LYS A 61 -4.01 3.28 -10.22
C LYS A 61 -3.46 1.87 -10.10
N MET A 62 -4.26 0.89 -10.47
CA MET A 62 -3.80 -0.49 -10.54
C MET A 62 -3.08 -0.70 -11.88
N SER A 63 -2.37 -1.81 -12.00
CA SER A 63 -1.70 -2.16 -13.25
C SER A 63 -2.66 -2.14 -14.46
N ASP A 64 -3.93 -2.45 -14.21
CA ASP A 64 -4.95 -2.43 -15.27
C ASP A 64 -5.43 -1.01 -15.57
N GLY A 65 -4.90 -0.05 -14.83
CA GLY A 65 -5.29 1.33 -15.03
C GLY A 65 -6.44 1.74 -14.13
N THR A 66 -6.98 0.76 -13.40
CA THR A 66 -8.10 0.99 -12.50
C THR A 66 -7.75 2.01 -11.43
N VAL A 67 -8.47 3.13 -11.42
CA VAL A 67 -8.26 4.18 -10.42
C VAL A 67 -8.85 3.75 -9.08
N LEU A 68 -8.01 3.76 -8.06
CA LEU A 68 -8.39 3.29 -6.74
C LEU A 68 -8.66 4.45 -5.79
N LEU A 69 -9.82 4.44 -5.16
CA LEU A 69 -10.21 5.48 -4.22
C LEU A 69 -10.09 4.97 -2.78
N PRO A 70 -9.89 5.87 -1.81
CA PRO A 70 -9.78 5.50 -0.39
C PRO A 70 -11.12 5.06 0.22
N ASN A 71 -11.03 4.29 1.31
CA ASN A 71 -12.19 3.80 2.07
C ASN A 71 -12.96 2.71 1.33
N ASP A 72 -13.08 2.84 0.02
CA ASP A 72 -13.79 1.85 -0.78
C ASP A 72 -12.97 0.57 -0.89
N LEU A 73 -13.63 -0.57 -0.70
CA LEU A 73 -12.93 -1.85 -0.68
C LEU A 73 -12.87 -2.45 -2.08
N TYR A 74 -11.65 -2.59 -2.60
CA TYR A 74 -11.46 -3.14 -3.94
C TYR A 74 -10.96 -4.57 -3.87
N PRO A 75 -11.36 -5.41 -4.83
CA PRO A 75 -10.85 -6.76 -4.97
C PRO A 75 -9.60 -6.82 -5.84
N LEU A 76 -8.62 -7.60 -5.40
CA LEU A 76 -7.39 -7.76 -6.15
C LEU A 76 -7.48 -8.97 -7.07
N PRO A 77 -7.11 -8.81 -8.35
CA PRO A 77 -7.19 -9.89 -9.34
C PRO A 77 -6.07 -10.92 -9.19
N GLY A 78 -5.27 -10.78 -8.16
CA GLY A 78 -4.19 -11.71 -7.91
C GLY A 78 -3.30 -11.28 -6.78
N GLU A 79 -2.13 -11.89 -6.71
CA GLU A 79 -1.17 -11.59 -5.66
C GLU A 79 0.04 -10.87 -6.25
N THR A 80 0.11 -10.88 -7.57
CA THR A 80 1.18 -10.22 -8.30
C THR A 80 0.63 -9.02 -9.05
N PHE A 81 0.79 -7.83 -8.48
CA PHE A 81 0.23 -6.64 -9.08
C PHE A 81 1.13 -5.43 -8.86
N ARG A 82 0.98 -4.42 -9.69
CA ARG A 82 1.77 -3.21 -9.58
C ARG A 82 0.84 -2.00 -9.51
N LEU A 83 1.13 -1.10 -8.59
CA LEU A 83 0.30 0.08 -8.39
C LEU A 83 1.02 1.32 -8.89
N TYR A 84 0.31 2.16 -9.63
CA TYR A 84 0.89 3.39 -10.17
C TYR A 84 0.38 4.57 -9.36
N TYR A 85 1.22 5.07 -8.47
CA TYR A 85 0.86 6.18 -7.61
C TYR A 85 1.16 7.50 -8.30
N THR A 86 0.12 8.27 -8.57
CA THR A 86 0.27 9.59 -9.16
C THR A 86 0.07 10.67 -8.11
N SER A 87 1.16 11.33 -7.73
CA SER A 87 1.13 12.35 -6.70
C SER A 87 0.30 13.56 -7.14
N ALA A 88 -0.63 13.97 -6.29
CA ALA A 88 -1.53 15.07 -6.62
C ALA A 88 -1.43 16.22 -5.61
N SER A 89 -0.58 16.05 -4.60
CA SER A 89 -0.36 17.11 -3.63
C SER A 89 1.11 17.50 -3.59
N THR A 90 1.39 18.73 -3.23
CA THR A 90 2.76 19.23 -3.22
C THR A 90 3.41 19.02 -1.86
N ASP A 91 2.60 18.96 -0.83
CA ASP A 91 3.08 18.82 0.54
C ASP A 91 3.10 17.36 0.97
N GLN A 92 3.10 17.12 2.27
CA GLN A 92 3.19 15.78 2.83
C GLN A 92 2.09 14.87 2.30
N GLN A 93 2.48 13.83 1.60
CA GLN A 93 1.54 12.85 1.06
C GLN A 93 1.54 11.61 1.94
N THR A 94 0.46 11.37 2.64
CA THR A 94 0.38 10.23 3.53
C THR A 94 -0.68 9.25 3.06
N VAL A 95 -0.22 8.14 2.51
CA VAL A 95 -1.13 7.13 1.97
C VAL A 95 -1.17 5.91 2.88
N ASP A 96 -2.32 5.67 3.49
CA ASP A 96 -2.51 4.52 4.35
C ASP A 96 -3.07 3.36 3.53
N VAL A 97 -2.27 2.33 3.34
CA VAL A 97 -2.67 1.20 2.49
C VAL A 97 -2.96 -0.04 3.33
N TYR A 98 -4.10 -0.66 3.07
CA TYR A 98 -4.49 -1.86 3.80
C TYR A 98 -4.57 -3.07 2.86
N PHE A 99 -3.80 -4.11 3.18
CA PHE A 99 -3.86 -5.36 2.44
C PHE A 99 -4.50 -6.43 3.32
N GLN A 100 -5.68 -6.90 2.93
CA GLN A 100 -6.41 -7.86 3.75
C GLN A 100 -6.70 -9.14 2.97
N ASP A 101 -6.52 -10.25 3.66
CA ASP A 101 -6.80 -11.58 3.10
C ASP A 101 -7.98 -12.18 3.85
N SER A 102 -8.70 -13.09 3.21
CA SER A 102 -9.89 -13.68 3.82
C SER A 102 -9.52 -14.68 4.93
N PHE A 103 -8.23 -14.85 5.17
CA PHE A 103 -7.76 -15.62 6.31
C PHE A 103 -7.85 -14.78 7.58
N GLY A 104 -8.05 -13.48 7.39
CA GLY A 104 -8.14 -12.57 8.52
C GLY A 104 -6.87 -11.77 8.69
N GLN A 105 -5.93 -11.98 7.80
CA GLN A 105 -4.66 -11.29 7.85
C GLN A 105 -4.80 -9.89 7.26
N LEU A 106 -4.41 -8.88 8.02
CA LEU A 106 -4.42 -7.52 7.55
C LEU A 106 -3.06 -6.87 7.78
N GLN A 107 -2.40 -6.50 6.69
CA GLN A 107 -1.11 -5.84 6.78
C GLN A 107 -1.23 -4.42 6.24
N GLN A 108 -0.97 -3.45 7.09
CA GLN A 108 -1.05 -2.05 6.68
C GLN A 108 0.33 -1.53 6.33
N LEU A 109 0.36 -0.64 5.35
CA LEU A 109 1.59 0.00 4.95
C LEU A 109 1.36 1.50 4.78
N THR A 110 1.99 2.30 5.62
CA THR A 110 1.83 3.73 5.55
C THR A 110 2.95 4.34 4.72
N PHE A 111 2.58 4.87 3.56
CA PHE A 111 3.54 5.47 2.67
C PHE A 111 3.58 6.98 2.84
N SER A 112 4.73 7.50 3.22
CA SER A 112 4.91 8.93 3.38
C SER A 112 5.72 9.48 2.22
N PHE A 113 5.07 10.22 1.34
CA PHE A 113 5.72 10.75 0.15
C PHE A 113 6.06 12.22 0.34
N ASN A 114 7.20 12.61 -0.23
CA ASN A 114 7.74 13.97 -0.09
C ASN A 114 8.06 14.26 1.37
N ASN A 115 9.26 13.84 1.77
CA ASN A 115 9.75 13.98 3.15
C ASN A 115 9.01 12.99 4.07
N ASP A 116 9.76 12.28 4.89
CA ASP A 116 9.17 11.34 5.84
C ASP A 116 8.47 12.12 6.94
N SER A 117 7.19 12.41 6.70
CA SER A 117 6.35 13.23 7.58
C SER A 117 6.92 14.65 7.77
N SER A 118 6.11 15.55 8.28
CA SER A 118 6.56 16.92 8.53
C SER A 118 7.35 16.98 9.84
N LYS A 119 8.42 16.21 9.89
CA LYS A 119 9.24 16.13 11.09
C LYS A 119 10.25 17.29 11.12
N GLU A 120 9.79 18.42 11.61
CA GLU A 120 10.64 19.59 11.77
C GLU A 120 10.73 19.92 13.26
N GLU A 121 11.12 21.16 13.56
CA GLU A 121 11.08 21.63 14.94
C GLU A 121 9.65 21.55 15.46
N GLU A 122 9.44 20.65 16.40
CA GLU A 122 8.11 20.16 16.74
C GLU A 122 7.51 20.92 17.91
N LEU A 123 6.37 21.57 17.66
CA LEU A 123 5.63 22.26 18.71
C LEU A 123 4.14 22.31 18.38
N GLU A 124 3.69 21.42 17.51
CA GLU A 124 2.32 21.48 17.02
C GLU A 124 1.70 20.10 16.82
N HIS A 125 2.52 19.11 16.46
CA HIS A 125 2.02 17.77 16.22
C HIS A 125 1.98 16.99 17.53
N HIS A 126 2.98 17.26 18.36
CA HIS A 126 3.07 16.74 19.73
C HIS A 126 3.18 15.21 19.79
N HIS A 127 2.06 14.52 19.57
CA HIS A 127 1.98 13.06 19.75
C HIS A 127 2.21 12.71 21.22
N HIS A 128 3.47 12.47 21.56
CA HIS A 128 3.88 12.21 22.93
C HIS A 128 5.34 12.59 23.07
N HIS A 129 5.64 13.80 22.64
CA HIS A 129 7.00 14.33 22.61
C HIS A 129 7.63 14.32 24.00
N HIS A 130 8.45 13.31 24.26
CA HIS A 130 9.13 13.18 25.54
C HIS A 130 10.58 12.76 25.30
N MET A 1 5.03 -27.51 -7.86
CA MET A 1 6.49 -27.31 -7.70
C MET A 1 6.77 -26.47 -6.47
N ASN A 2 7.93 -26.74 -5.84
CA ASN A 2 8.33 -26.14 -4.56
C ASN A 2 7.18 -26.08 -3.57
N ASP A 3 6.31 -27.07 -3.62
CA ASP A 3 5.16 -27.15 -2.73
C ASP A 3 5.28 -28.38 -1.84
N ASP A 4 4.57 -28.37 -0.71
CA ASP A 4 4.67 -29.40 0.31
C ASP A 4 6.09 -29.41 0.89
N VAL A 5 6.96 -30.25 0.30
CA VAL A 5 8.41 -30.28 0.59
C VAL A 5 8.74 -30.36 2.09
N ASP A 6 7.75 -30.75 2.90
CA ASP A 6 7.88 -30.81 4.37
C ASP A 6 8.07 -29.42 4.97
N ILE A 7 7.85 -29.33 6.28
CA ILE A 7 7.97 -28.07 7.01
C ILE A 7 6.95 -27.05 6.50
N GLN A 8 5.73 -27.14 7.02
CA GLN A 8 4.65 -26.25 6.62
C GLN A 8 4.68 -24.98 7.45
N GLN A 9 5.87 -24.38 7.53
CA GLN A 9 6.08 -23.18 8.34
C GLN A 9 5.15 -22.06 7.90
N SER A 10 4.98 -21.93 6.58
CA SER A 10 4.03 -21.00 5.95
C SER A 10 4.14 -19.56 6.47
N TYR A 11 3.45 -19.29 7.59
CA TYR A 11 3.29 -17.95 8.15
C TYR A 11 2.22 -17.17 7.39
N PRO A 12 1.62 -16.15 8.03
CA PRO A 12 0.63 -15.29 7.39
C PRO A 12 1.23 -14.53 6.21
N PHE A 13 0.38 -13.98 5.36
CA PHE A 13 0.84 -13.31 4.14
C PHE A 13 1.67 -12.07 4.48
N SER A 14 2.74 -11.89 3.73
CA SER A 14 3.58 -10.72 3.89
C SER A 14 3.78 -10.05 2.54
N ILE A 15 3.47 -8.76 2.47
CA ILE A 15 3.63 -8.02 1.23
C ILE A 15 4.89 -7.18 1.26
N GLU A 16 5.83 -7.51 0.40
CA GLU A 16 7.06 -6.76 0.30
C GLU A 16 6.92 -5.69 -0.78
N THR A 17 6.99 -4.44 -0.37
CA THR A 17 6.85 -3.32 -1.29
C THR A 17 8.21 -2.86 -1.81
N MET A 18 8.29 -2.62 -3.10
CA MET A 18 9.51 -2.12 -3.71
C MET A 18 9.86 -0.74 -3.18
N PRO A 19 11.14 -0.53 -2.81
CA PRO A 19 11.62 0.73 -2.25
C PRO A 19 11.19 1.94 -3.08
N VAL A 20 10.52 2.89 -2.43
CA VAL A 20 10.05 4.07 -3.10
C VAL A 20 11.18 5.10 -3.29
N PRO A 21 11.03 6.01 -4.25
CA PRO A 21 12.08 6.93 -4.66
C PRO A 21 12.16 8.21 -3.82
N LYS A 22 13.22 8.98 -4.06
CA LYS A 22 13.49 10.20 -3.30
C LYS A 22 13.22 11.45 -4.17
N LYS A 23 12.60 11.24 -5.34
CA LYS A 23 12.32 12.33 -6.27
C LYS A 23 10.94 12.16 -6.91
N LEU A 24 10.18 13.26 -7.01
CA LEU A 24 8.83 13.22 -7.61
C LEU A 24 8.58 14.50 -8.42
N LYS A 25 7.83 14.35 -9.50
CA LYS A 25 7.34 15.50 -10.26
C LYS A 25 5.84 15.63 -10.04
N VAL A 26 5.35 16.85 -9.81
CA VAL A 26 3.93 17.06 -9.54
C VAL A 26 3.11 16.77 -10.79
N GLY A 27 2.33 15.71 -10.74
CA GLY A 27 1.57 15.29 -11.90
C GLY A 27 2.10 13.99 -12.48
N GLU A 28 3.18 13.48 -11.89
CA GLU A 28 3.79 12.24 -12.35
C GLU A 28 3.28 11.07 -11.52
N THR A 29 3.38 9.87 -12.07
CA THR A 29 2.83 8.68 -11.45
C THR A 29 3.95 7.78 -10.90
N ALA A 30 3.70 7.22 -9.72
CA ALA A 30 4.64 6.28 -9.09
C ALA A 30 4.07 4.87 -9.09
N GLU A 31 4.79 3.93 -9.68
CA GLU A 31 4.37 2.54 -9.69
C GLU A 31 4.90 1.81 -8.46
N ILE A 32 4.04 1.65 -7.48
CA ILE A 32 4.38 0.93 -6.26
C ILE A 32 4.19 -0.56 -6.47
N ARG A 33 5.28 -1.27 -6.67
CA ARG A 33 5.22 -2.69 -6.93
C ARG A 33 5.22 -3.47 -5.63
N CYS A 34 4.16 -4.23 -5.42
CA CYS A 34 4.00 -4.98 -4.17
C CYS A 34 3.91 -6.47 -4.46
N GLN A 35 4.74 -7.24 -3.77
CA GLN A 35 4.73 -8.69 -3.93
C GLN A 35 4.22 -9.35 -2.66
N LEU A 36 3.05 -9.98 -2.76
CA LEU A 36 2.46 -10.66 -1.62
C LEU A 36 2.93 -12.10 -1.56
N HIS A 37 3.56 -12.46 -0.46
CA HIS A 37 3.99 -13.84 -0.24
C HIS A 37 2.82 -14.64 0.30
N ARG A 38 2.35 -15.60 -0.47
CA ARG A 38 1.18 -16.37 -0.08
C ARG A 38 1.47 -17.86 -0.07
N ASP A 39 0.52 -18.62 0.42
CA ASP A 39 0.62 -20.06 0.48
C ASP A 39 -0.13 -20.69 -0.70
N GLY A 40 0.33 -21.85 -1.11
CA GLY A 40 -0.28 -22.55 -2.22
C GLY A 40 -1.10 -23.74 -1.77
N ARG A 41 -1.04 -24.04 -0.49
CA ARG A 41 -1.77 -25.17 0.07
C ARG A 41 -3.26 -24.82 0.19
N PHE A 42 -3.54 -23.55 0.49
CA PHE A 42 -4.92 -23.06 0.54
C PHE A 42 -5.42 -22.65 -0.84
N GLU A 43 -4.85 -23.27 -1.86
CA GLU A 43 -5.23 -23.04 -3.25
C GLU A 43 -4.97 -21.61 -3.70
N GLU A 44 -6.01 -20.77 -3.63
CA GLU A 44 -5.97 -19.43 -4.17
C GLU A 44 -7.08 -18.59 -3.55
N THR A 45 -6.71 -17.77 -2.58
CA THR A 45 -7.69 -16.98 -1.85
C THR A 45 -7.88 -15.60 -2.48
N LYS A 46 -8.86 -14.86 -1.99
CA LYS A 46 -9.17 -13.54 -2.52
C LYS A 46 -8.61 -12.47 -1.60
N TYR A 47 -7.88 -11.54 -2.19
CA TYR A 47 -7.27 -10.46 -1.44
C TYR A 47 -8.06 -9.17 -1.65
N PHE A 48 -8.10 -8.32 -0.65
CA PHE A 48 -8.84 -7.07 -0.73
C PHE A 48 -7.95 -5.88 -0.42
N ILE A 49 -8.12 -4.81 -1.17
CA ILE A 49 -7.31 -3.62 -1.02
C ILE A 49 -8.17 -2.38 -0.78
N ARG A 50 -7.81 -1.62 0.25
CA ARG A 50 -8.45 -0.34 0.54
C ARG A 50 -7.44 0.54 1.24
N TYR A 51 -7.43 1.83 0.95
CA TYR A 51 -6.50 2.72 1.61
C TYR A 51 -7.21 3.98 2.10
N PHE A 52 -6.53 4.74 2.94
CA PHE A 52 -7.10 5.96 3.48
C PHE A 52 -6.05 7.06 3.47
N GLN A 53 -6.37 8.16 2.81
CA GLN A 53 -5.48 9.31 2.78
C GLN A 53 -6.11 10.50 3.53
N PRO A 54 -5.61 10.77 4.74
CA PRO A 54 -6.07 11.91 5.54
C PRO A 54 -5.54 13.23 5.00
N ASP A 55 -4.46 13.15 4.24
CA ASP A 55 -3.87 14.33 3.62
C ASP A 55 -4.35 14.47 2.19
N GLY A 56 -4.36 15.69 1.67
CA GLY A 56 -4.75 15.92 0.29
C GLY A 56 -3.68 15.41 -0.66
N ALA A 57 -3.88 14.21 -1.17
CA ALA A 57 -2.89 13.57 -2.00
C ALA A 57 -3.41 13.32 -3.41
N GLY A 58 -2.79 12.38 -4.11
CA GLY A 58 -3.12 12.17 -5.50
C GLY A 58 -4.04 10.98 -5.71
N THR A 59 -4.07 10.49 -6.94
CA THR A 59 -4.97 9.43 -7.33
C THR A 59 -4.22 8.11 -7.49
N LEU A 60 -4.71 7.06 -6.84
CA LEU A 60 -4.08 5.75 -6.89
C LEU A 60 -4.83 4.82 -7.84
N LYS A 61 -4.12 4.29 -8.83
CA LYS A 61 -4.69 3.31 -9.74
C LYS A 61 -4.06 1.95 -9.48
N MET A 62 -4.71 0.92 -9.96
CA MET A 62 -4.16 -0.43 -9.95
C MET A 62 -3.78 -0.80 -11.38
N SER A 63 -2.87 -1.75 -11.55
CA SER A 63 -2.39 -2.15 -12.88
C SER A 63 -3.53 -2.57 -13.82
N ASP A 64 -4.67 -2.93 -13.24
CA ASP A 64 -5.84 -3.32 -14.02
C ASP A 64 -6.43 -2.10 -14.74
N GLY A 65 -6.13 -0.93 -14.21
CA GLY A 65 -6.70 0.30 -14.72
C GLY A 65 -7.72 0.87 -13.76
N THR A 66 -8.02 0.11 -12.72
CA THR A 66 -8.98 0.51 -11.71
C THR A 66 -8.47 1.68 -10.89
N VAL A 67 -9.30 2.68 -10.71
CA VAL A 67 -8.99 3.79 -9.81
C VAL A 67 -9.46 3.45 -8.41
N LEU A 68 -8.57 3.52 -7.45
CA LEU A 68 -8.87 3.10 -6.10
C LEU A 68 -9.33 4.29 -5.26
N LEU A 69 -10.60 4.27 -4.87
CA LEU A 69 -11.13 5.27 -3.97
C LEU A 69 -11.12 4.74 -2.54
N PRO A 70 -10.86 5.60 -1.55
CA PRO A 70 -10.84 5.21 -0.13
C PRO A 70 -12.22 4.85 0.40
N ASN A 71 -13.22 4.97 -0.46
CA ASN A 71 -14.61 4.72 -0.09
C ASN A 71 -14.96 3.23 -0.20
N ASP A 72 -14.37 2.56 -1.17
CA ASP A 72 -14.76 1.19 -1.48
C ASP A 72 -13.62 0.21 -1.23
N LEU A 73 -13.97 -1.07 -1.16
CA LEU A 73 -12.99 -2.14 -0.99
C LEU A 73 -12.86 -2.91 -2.29
N TYR A 74 -11.66 -2.91 -2.86
CA TYR A 74 -11.44 -3.51 -4.17
C TYR A 74 -10.77 -4.87 -4.03
N PRO A 75 -11.07 -5.81 -4.93
CA PRO A 75 -10.44 -7.13 -4.94
C PRO A 75 -9.11 -7.13 -5.70
N LEU A 76 -8.10 -7.72 -5.07
CA LEU A 76 -6.78 -7.84 -5.68
C LEU A 76 -6.74 -9.07 -6.59
N PRO A 77 -6.55 -8.85 -7.89
CA PRO A 77 -6.57 -9.91 -8.89
C PRO A 77 -5.21 -10.60 -9.07
N GLY A 78 -4.25 -10.23 -8.24
CA GLY A 78 -2.92 -10.79 -8.38
C GLY A 78 -2.11 -10.74 -7.11
N GLU A 79 -1.18 -11.67 -6.97
CA GLU A 79 -0.32 -11.72 -5.80
C GLU A 79 0.82 -10.70 -5.94
N THR A 80 1.38 -10.63 -7.13
CA THR A 80 2.39 -9.62 -7.45
C THR A 80 1.74 -8.51 -8.28
N PHE A 81 1.43 -7.41 -7.64
CA PHE A 81 0.67 -6.35 -8.30
C PHE A 81 1.39 -5.01 -8.19
N ARG A 82 1.18 -4.15 -9.18
CA ARG A 82 1.74 -2.82 -9.18
C ARG A 82 0.62 -1.79 -9.11
N LEU A 83 0.80 -0.79 -8.26
CA LEU A 83 -0.16 0.28 -8.12
C LEU A 83 0.41 1.57 -8.70
N TYR A 84 -0.40 2.30 -9.45
CA TYR A 84 0.07 3.52 -10.08
C TYR A 84 -0.51 4.75 -9.38
N TYR A 85 0.31 5.35 -8.55
CA TYR A 85 -0.10 6.49 -7.75
C TYR A 85 0.35 7.81 -8.40
N THR A 86 -0.60 8.53 -8.96
CA THR A 86 -0.31 9.84 -9.53
C THR A 86 -0.43 10.91 -8.46
N SER A 87 0.70 11.46 -8.03
CA SER A 87 0.69 12.44 -6.96
C SER A 87 0.61 13.85 -7.51
N ALA A 88 -0.18 14.69 -6.84
CA ALA A 88 -0.33 16.08 -7.22
C ALA A 88 0.02 16.99 -6.05
N SER A 89 0.76 16.45 -5.10
CA SER A 89 1.14 17.20 -3.91
C SER A 89 2.64 17.06 -3.66
N THR A 90 3.22 18.07 -3.03
CA THR A 90 4.62 18.03 -2.65
C THR A 90 4.76 17.95 -1.13
N ASP A 91 3.61 17.87 -0.47
CA ASP A 91 3.57 17.86 0.98
C ASP A 91 3.74 16.44 1.49
N GLN A 92 3.83 16.25 2.81
CA GLN A 92 3.94 14.92 3.38
C GLN A 92 2.58 14.25 3.36
N GLN A 93 2.41 13.34 2.41
CA GLN A 93 1.14 12.70 2.15
C GLN A 93 1.04 11.38 2.91
N THR A 94 0.07 11.27 3.80
CA THR A 94 -0.11 10.05 4.56
C THR A 94 -1.02 9.09 3.80
N VAL A 95 -0.44 8.04 3.23
CA VAL A 95 -1.21 7.03 2.55
C VAL A 95 -1.20 5.75 3.38
N ASP A 96 -2.29 5.50 4.08
CA ASP A 96 -2.40 4.31 4.91
C ASP A 96 -3.15 3.24 4.14
N VAL A 97 -2.45 2.18 3.75
CA VAL A 97 -3.02 1.15 2.91
C VAL A 97 -3.31 -0.12 3.69
N TYR A 98 -4.50 -0.66 3.48
CA TYR A 98 -4.94 -1.86 4.17
C TYR A 98 -5.03 -3.04 3.21
N PHE A 99 -4.21 -4.05 3.44
CA PHE A 99 -4.26 -5.26 2.65
C PHE A 99 -4.80 -6.40 3.48
N GLN A 100 -5.98 -6.88 3.12
CA GLN A 100 -6.62 -7.94 3.86
C GLN A 100 -6.97 -9.11 2.95
N ASP A 101 -7.25 -10.25 3.54
CA ASP A 101 -7.56 -11.45 2.77
C ASP A 101 -8.82 -12.13 3.29
N SER A 102 -9.25 -13.18 2.60
CA SER A 102 -10.51 -13.84 2.92
C SER A 102 -10.42 -14.66 4.20
N PHE A 103 -9.21 -15.02 4.61
CA PHE A 103 -9.04 -15.80 5.83
C PHE A 103 -9.12 -14.90 7.06
N GLY A 104 -9.02 -13.60 6.86
CA GLY A 104 -9.27 -12.67 7.94
C GLY A 104 -8.03 -11.92 8.41
N GLN A 105 -6.93 -12.03 7.68
CA GLN A 105 -5.72 -11.31 8.03
C GLN A 105 -5.79 -9.89 7.49
N LEU A 106 -5.06 -8.97 8.12
CA LEU A 106 -4.99 -7.59 7.66
C LEU A 106 -3.62 -7.00 7.95
N GLN A 107 -2.90 -6.67 6.89
CA GLN A 107 -1.58 -6.07 7.02
C GLN A 107 -1.64 -4.61 6.57
N GLN A 108 -1.42 -3.71 7.49
CA GLN A 108 -1.48 -2.29 7.20
C GLN A 108 -0.11 -1.74 6.83
N LEU A 109 -0.05 -1.05 5.71
CA LEU A 109 1.18 -0.43 5.28
C LEU A 109 0.95 1.08 5.15
N THR A 110 1.52 1.84 6.05
CA THR A 110 1.36 3.28 6.05
C THR A 110 2.58 3.94 5.41
N PHE A 111 2.37 4.56 4.26
CA PHE A 111 3.44 5.22 3.54
C PHE A 111 3.27 6.73 3.61
N SER A 112 4.27 7.42 4.11
CA SER A 112 4.27 8.86 4.08
C SER A 112 5.06 9.34 2.86
N PHE A 113 4.34 9.85 1.87
CA PHE A 113 4.96 10.27 0.63
C PHE A 113 5.34 11.74 0.70
N ASN A 114 6.16 12.17 -0.24
CA ASN A 114 6.63 13.54 -0.30
C ASN A 114 7.28 13.82 -1.65
N ASN A 115 8.19 12.94 -2.05
CA ASN A 115 8.89 13.04 -3.30
C ASN A 115 9.20 11.63 -3.78
N ASP A 116 8.17 10.94 -4.24
CA ASP A 116 8.29 9.53 -4.57
C ASP A 116 7.69 9.23 -5.95
N SER A 117 8.46 9.48 -7.01
CA SER A 117 8.06 9.15 -8.37
C SER A 117 8.97 8.06 -8.92
N SER A 118 8.38 6.96 -9.34
CA SER A 118 9.14 5.81 -9.82
C SER A 118 9.79 6.11 -11.17
N LYS A 119 11.09 6.39 -11.14
CA LYS A 119 11.92 6.64 -12.32
C LYS A 119 11.31 7.69 -13.26
N GLU A 120 11.91 7.85 -14.43
CA GLU A 120 11.38 8.68 -15.48
C GLU A 120 11.84 8.16 -16.84
N GLU A 121 11.33 8.74 -17.91
CA GLU A 121 11.69 8.32 -19.25
C GLU A 121 11.99 9.54 -20.10
N GLU A 122 13.16 9.58 -20.74
CA GLU A 122 13.60 10.75 -21.49
C GLU A 122 12.66 11.04 -22.66
N LEU A 123 12.08 10.00 -23.23
CA LEU A 123 11.17 10.16 -24.34
C LEU A 123 9.75 10.07 -23.82
N GLU A 124 9.18 11.21 -23.46
CA GLU A 124 7.80 11.24 -23.04
C GLU A 124 6.91 11.42 -24.26
N HIS A 125 6.95 12.63 -24.83
CA HIS A 125 6.17 12.98 -26.02
C HIS A 125 4.70 12.61 -25.83
N HIS A 126 4.34 11.41 -26.26
CA HIS A 126 3.00 10.89 -26.07
C HIS A 126 2.97 9.39 -26.30
N HIS A 127 2.94 8.63 -25.20
CA HIS A 127 2.85 7.18 -25.30
C HIS A 127 1.96 6.65 -24.20
N HIS A 128 0.99 5.84 -24.59
CA HIS A 128 -0.01 5.35 -23.65
C HIS A 128 0.52 4.16 -22.85
N HIS A 129 0.46 4.28 -21.53
CA HIS A 129 0.83 3.19 -20.64
C HIS A 129 -0.34 2.82 -19.76
N HIS A 130 -0.66 1.55 -19.71
CA HIS A 130 -1.76 1.06 -18.89
C HIS A 130 -1.23 0.51 -17.58
N MET A 1 -14.20 -34.92 10.21
CA MET A 1 -13.13 -33.90 10.21
C MET A 1 -11.91 -34.39 9.44
N ASN A 2 -11.63 -33.77 8.31
CA ASN A 2 -10.41 -34.03 7.55
C ASN A 2 -10.23 -32.96 6.49
N ASP A 3 -9.34 -32.02 6.76
CA ASP A 3 -9.09 -30.92 5.85
C ASP A 3 -7.64 -30.49 5.98
N ASP A 4 -6.82 -30.86 5.00
CA ASP A 4 -5.40 -30.57 5.05
C ASP A 4 -5.09 -29.19 4.50
N VAL A 5 -4.40 -28.41 5.29
CA VAL A 5 -3.96 -27.09 4.88
C VAL A 5 -2.44 -27.08 4.72
N ASP A 6 -1.80 -27.98 5.46
CA ASP A 6 -0.35 -28.13 5.49
C ASP A 6 0.31 -26.96 6.22
N ILE A 7 0.89 -27.26 7.37
CA ILE A 7 1.52 -26.24 8.18
C ILE A 7 2.95 -25.99 7.74
N GLN A 8 3.10 -25.42 6.55
CA GLN A 8 4.41 -25.06 6.03
C GLN A 8 5.07 -24.02 6.93
N GLN A 9 4.51 -22.81 6.90
CA GLN A 9 4.97 -21.69 7.72
C GLN A 9 4.22 -20.43 7.32
N SER A 10 3.93 -20.33 6.03
CA SER A 10 3.27 -19.15 5.47
C SER A 10 1.77 -19.14 5.77
N TYR A 11 1.43 -19.25 7.05
CA TYR A 11 0.04 -19.14 7.48
C TYR A 11 -0.37 -17.67 7.56
N PRO A 12 0.46 -16.80 8.17
CA PRO A 12 0.29 -15.37 8.06
C PRO A 12 1.11 -14.82 6.88
N PHE A 13 0.42 -14.37 5.86
CA PHE A 13 1.06 -13.98 4.61
C PHE A 13 1.92 -12.73 4.77
N SER A 14 3.08 -12.75 4.12
CA SER A 14 4.00 -11.62 4.15
C SER A 14 3.97 -10.88 2.83
N ILE A 15 3.60 -9.61 2.88
CA ILE A 15 3.51 -8.79 1.69
C ILE A 15 4.67 -7.79 1.64
N GLU A 16 5.44 -7.84 0.57
CA GLU A 16 6.59 -6.97 0.44
C GLU A 16 6.31 -5.91 -0.61
N THR A 17 6.79 -4.71 -0.35
CA THR A 17 6.62 -3.59 -1.27
C THR A 17 7.99 -3.03 -1.66
N MET A 18 8.20 -2.85 -2.96
CA MET A 18 9.45 -2.28 -3.44
C MET A 18 9.54 -0.81 -3.03
N PRO A 19 10.71 -0.40 -2.51
CA PRO A 19 10.94 0.98 -2.06
C PRO A 19 10.42 2.03 -3.04
N VAL A 20 9.61 2.93 -2.52
CA VAL A 20 8.98 3.96 -3.32
C VAL A 20 9.90 5.18 -3.45
N PRO A 21 9.62 6.07 -4.41
CA PRO A 21 10.37 7.33 -4.56
C PRO A 21 10.30 8.19 -3.30
N LYS A 22 11.37 8.94 -3.06
CA LYS A 22 11.50 9.74 -1.85
C LYS A 22 10.73 11.05 -2.03
N LYS A 23 10.91 11.67 -3.18
CA LYS A 23 10.21 12.89 -3.52
C LYS A 23 9.48 12.71 -4.84
N LEU A 24 8.25 13.19 -4.90
CA LEU A 24 7.44 13.08 -6.10
C LEU A 24 7.07 14.46 -6.62
N LYS A 25 7.56 14.78 -7.80
CA LYS A 25 7.21 16.03 -8.45
C LYS A 25 5.83 15.92 -9.07
N VAL A 26 5.15 17.04 -9.21
CA VAL A 26 3.80 17.05 -9.78
C VAL A 26 3.85 16.61 -11.24
N GLY A 27 3.26 15.45 -11.52
CA GLY A 27 3.27 14.93 -12.88
C GLY A 27 4.05 13.63 -12.98
N GLU A 28 4.53 13.12 -11.86
CA GLU A 28 5.23 11.84 -11.83
C GLU A 28 4.25 10.71 -11.56
N THR A 29 4.54 9.53 -12.10
CA THR A 29 3.75 8.36 -11.83
C THR A 29 4.62 7.28 -11.19
N ALA A 30 4.42 7.05 -9.90
CA ALA A 30 5.21 6.08 -9.17
C ALA A 30 4.61 4.69 -9.28
N GLU A 31 5.42 3.73 -9.70
CA GLU A 31 4.99 2.35 -9.76
C GLU A 31 5.24 1.66 -8.42
N ILE A 32 4.20 1.53 -7.62
CA ILE A 32 4.30 0.82 -6.37
C ILE A 32 4.19 -0.67 -6.64
N ARG A 33 5.33 -1.33 -6.67
CA ARG A 33 5.37 -2.76 -6.94
C ARG A 33 5.22 -3.55 -5.66
N CYS A 34 4.12 -4.29 -5.58
CA CYS A 34 3.75 -5.01 -4.38
C CYS A 34 3.53 -6.48 -4.68
N GLN A 35 4.09 -7.33 -3.84
CA GLN A 35 3.94 -8.76 -4.01
C GLN A 35 3.69 -9.46 -2.69
N LEU A 36 2.55 -10.14 -2.61
CA LEU A 36 2.31 -11.04 -1.50
C LEU A 36 3.13 -12.30 -1.74
N HIS A 37 4.11 -12.52 -0.90
CA HIS A 37 5.06 -13.61 -1.14
C HIS A 37 4.51 -14.94 -0.65
N ARG A 38 3.99 -15.71 -1.60
CA ARG A 38 3.48 -17.04 -1.34
C ARG A 38 4.17 -18.02 -2.29
N ASP A 39 4.35 -19.27 -1.86
CA ASP A 39 4.90 -20.29 -2.76
C ASP A 39 3.84 -20.75 -3.73
N GLY A 40 2.71 -21.15 -3.17
CA GLY A 40 1.60 -21.60 -3.99
C GLY A 40 0.48 -22.14 -3.13
N ARG A 41 -0.34 -23.00 -3.72
CA ARG A 41 -1.46 -23.64 -3.01
C ARG A 41 -2.46 -22.60 -2.51
N PHE A 42 -3.30 -22.13 -3.41
CA PHE A 42 -4.35 -21.18 -3.06
C PHE A 42 -5.59 -21.38 -3.92
N GLU A 43 -6.72 -21.63 -3.28
CA GLU A 43 -7.99 -21.80 -4.00
C GLU A 43 -9.08 -20.97 -3.35
N GLU A 44 -8.94 -20.72 -2.06
CA GLU A 44 -9.98 -20.08 -1.29
C GLU A 44 -9.56 -18.68 -0.85
N THR A 45 -8.27 -18.50 -0.66
CA THR A 45 -7.74 -17.23 -0.17
C THR A 45 -7.87 -16.12 -1.19
N LYS A 46 -8.80 -15.21 -0.94
CA LYS A 46 -9.00 -14.06 -1.81
C LYS A 46 -8.47 -12.82 -1.13
N TYR A 47 -7.81 -11.97 -1.89
CA TYR A 47 -7.19 -10.78 -1.34
C TYR A 47 -8.08 -9.56 -1.57
N PHE A 48 -7.98 -8.59 -0.66
CA PHE A 48 -8.75 -7.36 -0.76
C PHE A 48 -7.83 -6.16 -0.52
N ILE A 49 -8.20 -5.01 -1.06
CA ILE A 49 -7.38 -3.83 -0.94
C ILE A 49 -8.24 -2.57 -0.73
N ARG A 50 -7.76 -1.67 0.10
CA ARG A 50 -8.43 -0.40 0.35
C ARG A 50 -7.40 0.63 0.78
N TYR A 51 -7.77 1.91 0.78
CA TYR A 51 -6.81 2.96 1.11
C TYR A 51 -7.43 4.00 2.04
N PHE A 52 -6.56 4.83 2.61
CA PHE A 52 -6.98 5.98 3.39
C PHE A 52 -5.85 7.00 3.45
N GLN A 53 -6.09 8.16 2.85
CA GLN A 53 -5.13 9.26 2.92
C GLN A 53 -5.67 10.37 3.80
N PRO A 54 -5.03 10.59 4.96
CA PRO A 54 -5.45 11.61 5.92
C PRO A 54 -4.96 13.00 5.54
N ASP A 55 -4.13 13.07 4.51
CA ASP A 55 -3.59 14.36 4.05
C ASP A 55 -3.82 14.50 2.55
N GLY A 56 -3.29 15.58 1.98
CA GLY A 56 -3.51 15.85 0.57
C GLY A 56 -2.62 15.02 -0.31
N ALA A 57 -3.23 14.32 -1.27
CA ALA A 57 -2.47 13.47 -2.17
C ALA A 57 -2.99 13.61 -3.60
N GLY A 58 -2.47 12.78 -4.50
CA GLY A 58 -2.87 12.82 -5.89
C GLY A 58 -3.85 11.71 -6.23
N THR A 59 -3.65 11.10 -7.39
CA THR A 59 -4.54 10.04 -7.85
C THR A 59 -3.84 8.69 -7.81
N LEU A 60 -4.52 7.68 -7.29
CA LEU A 60 -3.95 6.35 -7.14
C LEU A 60 -4.83 5.30 -7.80
N LYS A 61 -4.23 4.51 -8.69
CA LYS A 61 -4.96 3.47 -9.41
C LYS A 61 -4.15 2.19 -9.43
N MET A 62 -4.82 1.07 -9.67
CA MET A 62 -4.14 -0.19 -9.86
C MET A 62 -3.70 -0.29 -11.33
N SER A 63 -2.72 -1.14 -11.60
CA SER A 63 -2.12 -1.25 -12.94
C SER A 63 -3.17 -1.47 -14.04
N ASP A 64 -4.31 -2.04 -13.68
CA ASP A 64 -5.35 -2.35 -14.66
C ASP A 64 -6.10 -1.08 -15.06
N GLY A 65 -6.07 -0.08 -14.20
CA GLY A 65 -6.77 1.16 -14.48
C GLY A 65 -7.85 1.46 -13.46
N THR A 66 -8.06 0.54 -12.52
CA THR A 66 -9.04 0.74 -11.48
C THR A 66 -8.56 1.76 -10.45
N VAL A 67 -9.30 2.86 -10.33
CA VAL A 67 -9.00 3.87 -9.34
C VAL A 67 -9.31 3.34 -7.96
N LEU A 68 -8.35 3.44 -7.05
CA LEU A 68 -8.49 2.86 -5.74
C LEU A 68 -8.86 3.92 -4.70
N LEU A 69 -10.14 3.99 -4.38
CA LEU A 69 -10.64 4.98 -3.45
C LEU A 69 -10.91 4.37 -2.07
N PRO A 70 -10.86 5.19 -1.01
CA PRO A 70 -11.13 4.75 0.36
C PRO A 70 -12.60 4.38 0.58
N ASN A 71 -13.42 4.72 -0.41
CA ASN A 71 -14.86 4.49 -0.32
C ASN A 71 -15.19 3.02 -0.53
N ASP A 72 -14.49 2.37 -1.44
CA ASP A 72 -14.83 1.00 -1.83
C ASP A 72 -13.74 0.03 -1.42
N LEU A 73 -14.13 -1.23 -1.26
CA LEU A 73 -13.19 -2.30 -0.97
C LEU A 73 -13.01 -3.16 -2.22
N TYR A 74 -11.82 -3.11 -2.79
CA TYR A 74 -11.56 -3.77 -4.06
C TYR A 74 -10.93 -5.15 -3.83
N PRO A 75 -11.39 -6.16 -4.55
CA PRO A 75 -10.79 -7.49 -4.52
C PRO A 75 -9.53 -7.56 -5.38
N LEU A 76 -8.49 -8.19 -4.86
CA LEU A 76 -7.25 -8.36 -5.60
C LEU A 76 -7.30 -9.64 -6.42
N PRO A 77 -7.27 -9.52 -7.76
CA PRO A 77 -7.32 -10.67 -8.66
C PRO A 77 -6.00 -11.43 -8.69
N GLY A 78 -5.01 -10.91 -7.99
CA GLY A 78 -3.71 -11.54 -7.93
C GLY A 78 -2.89 -11.04 -6.77
N GLU A 79 -1.89 -11.82 -6.38
CA GLU A 79 -1.00 -11.44 -5.29
C GLU A 79 0.21 -10.66 -5.81
N THR A 80 0.39 -10.71 -7.13
CA THR A 80 1.45 -9.96 -7.79
C THR A 80 0.84 -8.88 -8.69
N PHE A 81 1.03 -7.62 -8.32
CA PHE A 81 0.42 -6.52 -9.04
C PHE A 81 1.21 -5.23 -8.88
N ARG A 82 0.90 -4.23 -9.71
CA ARG A 82 1.54 -2.93 -9.60
C ARG A 82 0.50 -1.85 -9.32
N LEU A 83 0.91 -0.84 -8.58
CA LEU A 83 0.04 0.28 -8.26
C LEU A 83 0.60 1.56 -8.89
N TYR A 84 -0.26 2.33 -9.52
CA TYR A 84 0.18 3.54 -10.19
C TYR A 84 -0.33 4.78 -9.47
N TYR A 85 0.59 5.49 -8.85
CA TYR A 85 0.26 6.71 -8.14
C TYR A 85 0.75 7.94 -8.90
N THR A 86 -0.15 8.83 -9.23
CA THR A 86 0.21 10.08 -9.87
C THR A 86 0.30 11.19 -8.81
N SER A 87 1.49 11.75 -8.66
CA SER A 87 1.72 12.78 -7.65
C SER A 87 1.12 14.12 -8.07
N ALA A 88 0.14 14.57 -7.29
CA ALA A 88 -0.52 15.84 -7.55
C ALA A 88 -0.59 16.66 -6.27
N SER A 89 0.29 16.35 -5.33
CA SER A 89 0.34 17.04 -4.05
C SER A 89 1.71 17.68 -3.88
N THR A 90 1.81 18.64 -2.97
CA THR A 90 3.04 19.40 -2.78
C THR A 90 3.56 19.30 -1.35
N ASP A 91 2.84 18.57 -0.51
CA ASP A 91 3.24 18.41 0.88
C ASP A 91 3.62 16.96 1.14
N GLN A 92 3.76 16.59 2.40
CA GLN A 92 4.08 15.21 2.76
C GLN A 92 2.87 14.32 2.51
N GLN A 93 2.98 13.45 1.53
CA GLN A 93 1.88 12.58 1.16
C GLN A 93 1.87 11.35 2.05
N THR A 94 0.85 11.27 2.90
CA THR A 94 0.68 10.14 3.78
C THR A 94 -0.45 9.24 3.29
N VAL A 95 -0.09 8.07 2.79
CA VAL A 95 -1.06 7.13 2.24
C VAL A 95 -0.99 5.82 3.01
N ASP A 96 -2.09 5.45 3.66
CA ASP A 96 -2.14 4.19 4.37
C ASP A 96 -2.81 3.13 3.49
N VAL A 97 -2.05 2.09 3.19
CA VAL A 97 -2.51 1.04 2.29
C VAL A 97 -3.01 -0.16 3.07
N TYR A 98 -4.24 -0.59 2.79
CA TYR A 98 -4.83 -1.72 3.50
C TYR A 98 -4.89 -2.95 2.61
N PHE A 99 -4.20 -4.00 3.03
CA PHE A 99 -4.30 -5.29 2.38
C PHE A 99 -5.03 -6.26 3.30
N GLN A 100 -5.99 -6.99 2.75
CA GLN A 100 -6.80 -7.90 3.55
C GLN A 100 -6.91 -9.26 2.87
N ASP A 101 -7.05 -10.29 3.69
CA ASP A 101 -7.29 -11.64 3.19
C ASP A 101 -8.70 -12.07 3.52
N SER A 102 -9.21 -13.05 2.80
CA SER A 102 -10.50 -13.64 3.12
C SER A 102 -10.38 -14.47 4.41
N PHE A 103 -9.13 -14.65 4.83
CA PHE A 103 -8.81 -15.33 6.06
C PHE A 103 -9.02 -14.41 7.27
N GLY A 104 -9.11 -13.11 6.99
CA GLY A 104 -9.30 -12.14 8.07
C GLY A 104 -7.99 -11.50 8.47
N GLN A 105 -6.99 -11.59 7.62
CA GLN A 105 -5.70 -11.00 7.88
C GLN A 105 -5.71 -9.52 7.48
N LEU A 106 -5.11 -8.68 8.31
CA LEU A 106 -5.07 -7.25 8.07
C LEU A 106 -3.62 -6.80 7.99
N GLN A 107 -3.20 -6.32 6.84
CA GLN A 107 -1.84 -5.80 6.67
C GLN A 107 -1.90 -4.39 6.10
N GLN A 108 -1.55 -3.41 6.92
CA GLN A 108 -1.58 -2.02 6.49
C GLN A 108 -0.19 -1.41 6.44
N LEU A 109 0.08 -0.72 5.35
CA LEU A 109 1.38 -0.11 5.12
C LEU A 109 1.22 1.39 4.90
N THR A 110 1.72 2.19 5.82
CA THR A 110 1.59 3.63 5.73
C THR A 110 2.84 4.23 5.06
N PHE A 111 2.67 4.79 3.88
CA PHE A 111 3.77 5.40 3.15
C PHE A 111 3.73 6.91 3.28
N SER A 112 4.89 7.51 3.52
CA SER A 112 5.00 8.95 3.62
C SER A 112 5.96 9.48 2.56
N PHE A 113 5.41 10.15 1.57
CA PHE A 113 6.20 10.69 0.47
C PHE A 113 6.59 12.13 0.75
N ASN A 114 7.68 12.57 0.14
CA ASN A 114 8.11 13.96 0.19
C ASN A 114 8.57 14.36 1.59
N ASN A 115 8.95 13.37 2.38
CA ASN A 115 9.55 13.63 3.68
C ASN A 115 11.07 13.65 3.52
N ASP A 116 11.67 14.80 3.75
CA ASP A 116 13.09 14.99 3.53
C ASP A 116 13.86 14.90 4.84
N SER A 117 13.15 14.53 5.90
CA SER A 117 13.71 14.49 7.27
C SER A 117 14.52 15.75 7.58
N SER A 118 13.81 16.85 7.76
CA SER A 118 14.45 18.13 8.07
C SER A 118 14.96 18.13 9.51
N LYS A 119 15.59 19.25 9.91
CA LYS A 119 16.15 19.47 11.26
C LYS A 119 17.12 18.39 11.71
N GLU A 120 17.89 18.70 12.74
CA GLU A 120 18.85 17.76 13.31
C GLU A 120 18.13 16.88 14.33
N GLU A 121 17.01 17.39 14.81
CA GLU A 121 16.20 16.68 15.78
C GLU A 121 15.52 15.48 15.13
N GLU A 122 15.94 14.30 15.52
CA GLU A 122 15.36 13.07 15.01
C GLU A 122 15.12 12.11 16.17
N LEU A 123 14.07 11.30 16.08
CA LEU A 123 13.77 10.33 17.13
C LEU A 123 14.81 9.23 17.12
N GLU A 124 15.74 9.31 18.08
CA GLU A 124 16.91 8.45 18.16
C GLU A 124 17.85 8.70 16.99
N HIS A 125 19.08 9.09 17.31
CA HIS A 125 20.10 9.33 16.30
C HIS A 125 20.24 8.10 15.41
N HIS A 126 19.97 8.28 14.13
CA HIS A 126 19.90 7.18 13.19
C HIS A 126 21.23 6.45 13.05
N HIS A 127 21.13 5.14 12.81
CA HIS A 127 22.29 4.27 12.77
C HIS A 127 22.90 4.25 11.37
N HIS A 128 24.00 3.51 11.23
CA HIS A 128 24.71 3.42 9.97
C HIS A 128 24.04 2.40 9.04
N HIS A 129 24.69 2.09 7.93
CA HIS A 129 24.17 1.13 6.96
C HIS A 129 22.85 1.64 6.37
N HIS A 130 22.90 2.85 5.84
CA HIS A 130 21.75 3.46 5.20
C HIS A 130 22.19 4.19 3.94
N MET A 1 -12.88 -17.81 16.90
CA MET A 1 -12.31 -16.60 17.51
C MET A 1 -10.82 -16.53 17.24
N ASN A 2 -10.32 -15.33 16.98
CA ASN A 2 -8.91 -15.11 16.75
C ASN A 2 -8.50 -13.74 17.28
N ASP A 3 -7.92 -13.75 18.46
CA ASP A 3 -7.50 -12.52 19.12
C ASP A 3 -6.15 -12.71 19.80
N ASP A 4 -5.80 -13.95 20.06
CA ASP A 4 -4.55 -14.27 20.73
C ASP A 4 -3.47 -14.60 19.71
N VAL A 5 -2.53 -15.45 20.11
CA VAL A 5 -1.39 -15.78 19.26
C VAL A 5 -1.58 -17.18 18.63
N ASP A 6 -2.83 -17.53 18.36
CA ASP A 6 -3.15 -18.82 17.75
C ASP A 6 -2.82 -18.83 16.25
N ILE A 7 -1.58 -18.47 15.94
CA ILE A 7 -1.13 -18.41 14.56
C ILE A 7 -0.63 -19.77 14.09
N GLN A 8 -0.73 -20.77 14.96
CA GLN A 8 -0.31 -22.12 14.63
C GLN A 8 -1.13 -22.67 13.48
N GLN A 9 -0.43 -23.11 12.43
CA GLN A 9 -1.07 -23.65 11.22
C GLN A 9 -1.83 -22.57 10.46
N SER A 10 -1.62 -21.32 10.85
CA SER A 10 -2.20 -20.19 10.14
C SER A 10 -1.14 -19.60 9.22
N TYR A 11 -1.52 -19.28 7.99
CA TYR A 11 -0.56 -18.79 7.01
C TYR A 11 -0.65 -17.28 6.86
N PRO A 12 0.33 -16.56 7.43
CA PRO A 12 0.39 -15.10 7.33
C PRO A 12 0.90 -14.65 5.97
N PHE A 13 0.14 -13.81 5.32
CA PHE A 13 0.51 -13.33 4.00
C PHE A 13 1.60 -12.27 4.12
N SER A 14 2.58 -12.35 3.24
CA SER A 14 3.66 -11.39 3.23
C SER A 14 3.50 -10.46 2.03
N ILE A 15 3.57 -9.17 2.29
CA ILE A 15 3.48 -8.19 1.22
C ILE A 15 4.57 -7.16 1.38
N GLU A 16 5.58 -7.26 0.54
CA GLU A 16 6.68 -6.33 0.54
C GLU A 16 6.54 -5.38 -0.64
N THR A 17 7.09 -4.19 -0.50
CA THR A 17 6.99 -3.18 -1.53
C THR A 17 8.37 -2.79 -2.04
N MET A 18 8.48 -2.53 -3.33
CA MET A 18 9.74 -2.12 -3.92
C MET A 18 10.08 -0.68 -3.52
N PRO A 19 11.37 -0.36 -3.38
CA PRO A 19 11.83 0.97 -2.96
C PRO A 19 11.23 2.08 -3.79
N VAL A 20 10.65 3.06 -3.10
CA VAL A 20 9.92 4.13 -3.77
C VAL A 20 10.71 5.43 -3.78
N PRO A 21 10.43 6.33 -4.74
CA PRO A 21 11.06 7.64 -4.81
C PRO A 21 10.47 8.58 -3.75
N LYS A 22 11.32 9.19 -2.96
CA LYS A 22 10.87 10.03 -1.87
C LYS A 22 10.49 11.41 -2.38
N LYS A 23 11.09 11.81 -3.48
CA LYS A 23 10.78 13.08 -4.11
C LYS A 23 10.05 12.86 -5.43
N LEU A 24 8.85 13.42 -5.51
CA LEU A 24 8.00 13.26 -6.69
C LEU A 24 7.63 14.61 -7.27
N LYS A 25 7.02 14.61 -8.45
CA LYS A 25 6.55 15.82 -9.11
C LYS A 25 5.06 15.69 -9.39
N VAL A 26 4.35 16.82 -9.46
CA VAL A 26 2.95 16.81 -9.86
C VAL A 26 2.82 16.20 -11.25
N GLY A 27 2.03 15.14 -11.35
CA GLY A 27 1.87 14.47 -12.63
C GLY A 27 2.72 13.23 -12.74
N GLU A 28 3.71 13.10 -11.85
CA GLU A 28 4.55 11.92 -11.82
C GLU A 28 3.82 10.80 -11.11
N THR A 29 3.72 9.66 -11.78
CA THR A 29 3.07 8.51 -11.21
C THR A 29 4.10 7.52 -10.68
N ALA A 30 4.07 7.30 -9.38
CA ALA A 30 5.01 6.38 -8.74
C ALA A 30 4.48 4.97 -8.80
N GLU A 31 5.16 4.12 -9.54
CA GLU A 31 4.81 2.71 -9.62
C GLU A 31 5.32 1.98 -8.38
N ILE A 32 4.41 1.60 -7.51
CA ILE A 32 4.75 0.85 -6.31
C ILE A 32 4.40 -0.61 -6.52
N ARG A 33 5.41 -1.41 -6.84
CA ARG A 33 5.20 -2.83 -7.03
C ARG A 33 5.22 -3.56 -5.70
N CYS A 34 4.24 -4.42 -5.51
CA CYS A 34 4.12 -5.18 -4.29
C CYS A 34 4.27 -6.66 -4.58
N GLN A 35 4.84 -7.39 -3.64
CA GLN A 35 4.94 -8.83 -3.77
C GLN A 35 4.14 -9.50 -2.66
N LEU A 36 3.07 -10.17 -3.04
CA LEU A 36 2.23 -10.87 -2.07
C LEU A 36 2.59 -12.34 -2.08
N HIS A 37 2.98 -12.86 -0.92
CA HIS A 37 3.34 -14.26 -0.81
C HIS A 37 2.62 -14.92 0.37
N ARG A 38 1.78 -15.90 0.06
CA ARG A 38 1.15 -16.72 1.07
C ARG A 38 0.96 -18.15 0.54
N ASP A 39 1.66 -19.09 1.15
CA ASP A 39 1.52 -20.49 0.75
C ASP A 39 0.29 -21.09 1.44
N GLY A 40 0.17 -22.40 1.41
CA GLY A 40 -1.01 -23.04 1.99
C GLY A 40 -2.10 -23.26 0.96
N ARG A 41 -1.68 -23.53 -0.28
CA ARG A 41 -2.58 -23.84 -1.39
C ARG A 41 -3.38 -22.61 -1.83
N PHE A 42 -3.14 -22.19 -3.06
CA PHE A 42 -3.88 -21.08 -3.65
C PHE A 42 -5.22 -21.56 -4.19
N GLU A 43 -6.25 -21.39 -3.39
CA GLU A 43 -7.58 -21.83 -3.75
C GLU A 43 -8.48 -20.63 -4.09
N GLU A 44 -9.68 -20.61 -3.52
CA GLU A 44 -10.60 -19.50 -3.74
C GLU A 44 -10.24 -18.30 -2.86
N THR A 45 -8.98 -18.25 -2.44
CA THR A 45 -8.49 -17.17 -1.61
C THR A 45 -8.44 -15.86 -2.40
N LYS A 46 -9.37 -14.96 -2.11
CA LYS A 46 -9.43 -13.68 -2.79
C LYS A 46 -8.80 -12.60 -1.91
N TYR A 47 -8.05 -11.70 -2.55
CA TYR A 47 -7.36 -10.65 -1.84
C TYR A 47 -8.13 -9.33 -1.99
N PHE A 48 -8.09 -8.51 -0.96
CA PHE A 48 -8.81 -7.24 -0.98
C PHE A 48 -7.88 -6.08 -0.62
N ILE A 49 -8.17 -4.90 -1.16
CA ILE A 49 -7.36 -3.72 -0.90
C ILE A 49 -8.26 -2.53 -0.56
N ARG A 50 -7.81 -1.74 0.41
CA ARG A 50 -8.52 -0.54 0.83
C ARG A 50 -7.56 0.36 1.61
N TYR A 51 -7.56 1.66 1.34
CA TYR A 51 -6.56 2.53 1.94
C TYR A 51 -7.18 3.84 2.40
N PHE A 52 -6.42 4.59 3.18
CA PHE A 52 -6.87 5.90 3.64
C PHE A 52 -5.74 6.92 3.45
N GLN A 53 -6.04 8.00 2.74
CA GLN A 53 -5.05 9.03 2.50
C GLN A 53 -5.44 10.33 3.22
N PRO A 54 -4.89 10.53 4.44
CA PRO A 54 -5.18 11.73 5.23
C PRO A 54 -4.48 12.98 4.68
N ASP A 55 -3.20 12.84 4.37
CA ASP A 55 -2.40 13.98 3.91
C ASP A 55 -1.92 13.76 2.50
N GLY A 56 -1.73 12.51 2.13
CA GLY A 56 -1.21 12.18 0.82
C GLY A 56 -2.23 12.40 -0.27
N ALA A 57 -2.17 13.57 -0.89
CA ALA A 57 -3.08 13.91 -1.96
C ALA A 57 -2.59 13.35 -3.30
N GLY A 58 -3.15 12.21 -3.68
CA GLY A 58 -2.78 11.58 -4.91
C GLY A 58 -3.82 10.58 -5.37
N THR A 59 -3.77 10.24 -6.64
CA THR A 59 -4.70 9.28 -7.22
C THR A 59 -4.04 7.90 -7.30
N LEU A 60 -4.57 6.95 -6.54
CA LEU A 60 -4.01 5.60 -6.53
C LEU A 60 -4.75 4.71 -7.52
N LYS A 61 -4.04 4.24 -8.53
CA LYS A 61 -4.58 3.35 -9.53
C LYS A 61 -4.08 1.93 -9.32
N MET A 62 -4.87 0.95 -9.71
CA MET A 62 -4.46 -0.43 -9.68
C MET A 62 -3.65 -0.72 -10.95
N SER A 63 -2.91 -1.84 -10.95
CA SER A 63 -2.11 -2.25 -12.09
C SER A 63 -2.92 -2.35 -13.39
N ASP A 64 -4.23 -2.52 -13.28
CA ASP A 64 -5.09 -2.65 -14.46
C ASP A 64 -5.54 -1.27 -14.93
N GLY A 65 -5.40 -0.27 -14.07
CA GLY A 65 -5.77 1.08 -14.44
C GLY A 65 -6.94 1.60 -13.63
N THR A 66 -7.53 0.74 -12.80
CA THR A 66 -8.68 1.14 -11.99
C THR A 66 -8.29 2.14 -10.92
N VAL A 67 -8.98 3.28 -10.89
CA VAL A 67 -8.79 4.26 -9.84
C VAL A 67 -9.48 3.79 -8.56
N LEU A 68 -8.71 3.65 -7.50
CA LEU A 68 -9.21 3.07 -6.26
C LEU A 68 -9.75 4.15 -5.33
N LEU A 69 -11.03 4.06 -5.01
CA LEU A 69 -11.62 4.93 -3.99
C LEU A 69 -11.21 4.42 -2.63
N PRO A 70 -10.61 5.29 -1.80
CA PRO A 70 -10.01 4.92 -0.51
C PRO A 70 -10.91 4.05 0.36
N ASN A 71 -12.15 4.46 0.53
CA ASN A 71 -13.05 3.83 1.49
C ASN A 71 -13.80 2.63 0.89
N ASP A 72 -13.50 2.27 -0.35
CA ASP A 72 -14.16 1.14 -0.97
C ASP A 72 -13.23 -0.07 -0.99
N LEU A 73 -13.81 -1.25 -0.83
CA LEU A 73 -13.03 -2.48 -0.78
C LEU A 73 -12.94 -3.12 -2.16
N TYR A 74 -11.75 -3.11 -2.74
CA TYR A 74 -11.53 -3.67 -4.06
C TYR A 74 -10.80 -5.01 -3.98
N PRO A 75 -11.03 -5.90 -4.94
CA PRO A 75 -10.31 -7.18 -5.02
C PRO A 75 -8.97 -7.05 -5.75
N LEU A 76 -8.02 -7.85 -5.33
CA LEU A 76 -6.70 -7.87 -5.97
C LEU A 76 -6.65 -8.98 -7.02
N PRO A 77 -6.21 -8.65 -8.24
CA PRO A 77 -6.17 -9.59 -9.36
C PRO A 77 -5.10 -10.68 -9.19
N GLY A 78 -4.09 -10.39 -8.40
CA GLY A 78 -3.02 -11.35 -8.21
C GLY A 78 -2.07 -10.97 -7.09
N GLU A 79 -1.05 -11.80 -6.90
CA GLU A 79 -0.07 -11.60 -5.84
C GLU A 79 0.99 -10.59 -6.28
N THR A 80 1.30 -10.61 -7.56
CA THR A 80 2.34 -9.75 -8.11
C THR A 80 1.74 -8.46 -8.68
N PHE A 81 0.78 -7.90 -7.96
CA PHE A 81 0.06 -6.72 -8.41
C PHE A 81 0.91 -5.46 -8.26
N ARG A 82 0.50 -4.40 -8.94
CA ARG A 82 1.24 -3.14 -8.91
C ARG A 82 0.30 -1.99 -8.61
N LEU A 83 0.78 -0.99 -7.90
CA LEU A 83 -0.01 0.18 -7.58
C LEU A 83 0.60 1.42 -8.22
N TYR A 84 -0.24 2.28 -8.75
CA TYR A 84 0.23 3.49 -9.40
C TYR A 84 -0.26 4.74 -8.67
N TYR A 85 0.66 5.44 -8.01
CA TYR A 85 0.32 6.63 -7.25
C TYR A 85 0.57 7.88 -8.10
N THR A 86 -0.51 8.50 -8.55
CA THR A 86 -0.41 9.73 -9.33
C THR A 86 -0.37 10.94 -8.39
N SER A 87 0.81 11.54 -8.28
CA SER A 87 1.00 12.69 -7.40
C SER A 87 0.22 13.90 -7.92
N ALA A 88 -0.54 14.54 -7.03
CA ALA A 88 -1.35 15.69 -7.42
C ALA A 88 -1.27 16.81 -6.38
N SER A 89 -0.19 16.82 -5.61
CA SER A 89 0.04 17.86 -4.61
C SER A 89 1.41 18.48 -4.86
N THR A 90 1.82 19.44 -4.03
CA THR A 90 3.19 19.95 -4.12
C THR A 90 4.13 18.79 -3.83
N ASP A 91 3.74 18.03 -2.81
CA ASP A 91 4.02 16.59 -2.66
C ASP A 91 4.14 16.23 -1.21
N GLN A 92 3.00 16.04 -0.59
CA GLN A 92 2.90 15.47 0.73
C GLN A 92 2.39 14.05 0.59
N GLN A 93 3.17 13.07 0.99
CA GLN A 93 2.73 11.69 0.87
C GLN A 93 2.67 11.03 2.25
N THR A 94 1.46 10.82 2.72
CA THR A 94 1.20 10.04 3.92
C THR A 94 -0.08 9.24 3.73
N VAL A 95 0.07 7.93 3.52
CA VAL A 95 -1.07 7.07 3.20
C VAL A 95 -0.97 5.74 3.94
N ASP A 96 -2.09 5.31 4.53
CA ASP A 96 -2.17 3.99 5.12
C ASP A 96 -2.90 3.05 4.18
N VAL A 97 -2.19 2.08 3.66
CA VAL A 97 -2.78 1.14 2.72
C VAL A 97 -3.03 -0.20 3.41
N TYR A 98 -4.29 -0.58 3.50
CA TYR A 98 -4.67 -1.84 4.11
C TYR A 98 -4.78 -2.93 3.06
N PHE A 99 -4.08 -4.02 3.28
CA PHE A 99 -4.20 -5.19 2.43
C PHE A 99 -4.92 -6.28 3.20
N GLN A 100 -6.11 -6.63 2.73
CA GLN A 100 -7.01 -7.49 3.48
C GLN A 100 -7.10 -8.87 2.84
N ASP A 101 -6.72 -9.89 3.60
CA ASP A 101 -6.78 -11.27 3.12
C ASP A 101 -8.14 -11.88 3.47
N SER A 102 -8.57 -12.85 2.68
CA SER A 102 -9.88 -13.47 2.85
C SER A 102 -9.97 -14.28 4.14
N PHE A 103 -8.82 -14.59 4.73
CA PHE A 103 -8.77 -15.37 5.97
C PHE A 103 -9.11 -14.51 7.18
N GLY A 104 -9.19 -13.20 6.97
CA GLY A 104 -9.53 -12.30 8.06
C GLY A 104 -8.35 -11.54 8.60
N GLN A 105 -7.23 -11.63 7.89
CA GLN A 105 -6.03 -10.91 8.26
C GLN A 105 -5.85 -9.69 7.37
N LEU A 106 -5.68 -8.52 7.97
CA LEU A 106 -5.43 -7.32 7.20
C LEU A 106 -4.14 -6.66 7.64
N GLN A 107 -3.34 -6.25 6.67
CA GLN A 107 -2.04 -5.65 6.94
C GLN A 107 -2.05 -4.17 6.58
N GLN A 108 -1.82 -3.35 7.58
CA GLN A 108 -1.75 -1.90 7.39
C GLN A 108 -0.33 -1.47 7.07
N LEU A 109 -0.09 -1.11 5.83
CA LEU A 109 1.22 -0.61 5.40
C LEU A 109 1.18 0.90 5.31
N THR A 110 1.95 1.55 6.16
CA THR A 110 1.98 2.99 6.22
C THR A 110 3.08 3.54 5.33
N PHE A 111 2.71 4.36 4.36
CA PHE A 111 3.68 4.98 3.47
C PHE A 111 3.86 6.45 3.83
N SER A 112 5.07 6.81 4.22
CA SER A 112 5.40 8.20 4.51
C SER A 112 6.64 8.59 3.74
N PHE A 113 6.47 9.45 2.75
CA PHE A 113 7.57 9.86 1.90
C PHE A 113 8.20 11.14 2.42
N ASN A 114 9.46 11.07 2.80
CA ASN A 114 10.16 12.26 3.25
C ASN A 114 10.67 13.06 2.06
N ASN A 115 9.78 13.86 1.50
CA ASN A 115 10.07 14.66 0.32
C ASN A 115 11.00 15.83 0.68
N ASP A 116 11.27 15.97 1.97
CA ASP A 116 12.17 17.01 2.45
C ASP A 116 13.62 16.65 2.14
N SER A 117 13.85 15.36 1.90
CA SER A 117 15.18 14.84 1.59
C SER A 117 16.16 15.14 2.72
N SER A 118 15.70 14.95 3.94
CA SER A 118 16.52 15.15 5.12
C SER A 118 17.57 14.05 5.23
N LYS A 119 18.84 14.39 5.06
CA LYS A 119 19.90 13.40 5.12
C LYS A 119 20.24 13.04 6.57
N GLU A 120 19.84 13.90 7.49
CA GLU A 120 20.08 13.67 8.90
C GLU A 120 19.13 12.60 9.44
N GLU A 121 19.57 11.91 10.48
CA GLU A 121 18.81 10.81 11.04
C GLU A 121 17.75 11.32 12.00
N GLU A 122 16.52 11.47 11.51
CA GLU A 122 15.41 11.94 12.32
C GLU A 122 14.09 11.32 11.88
N LEU A 123 13.63 11.68 10.69
CA LEU A 123 12.33 11.24 10.21
C LEU A 123 12.33 9.76 9.85
N GLU A 124 12.15 8.95 10.88
CA GLU A 124 12.11 7.49 10.79
C GLU A 124 12.03 6.92 12.20
N HIS A 125 12.46 7.74 13.16
CA HIS A 125 12.36 7.39 14.59
C HIS A 125 10.94 7.00 14.94
N HIS A 126 10.80 5.91 15.68
CA HIS A 126 9.49 5.38 16.04
C HIS A 126 8.75 6.37 16.92
N HIS A 127 7.67 6.93 16.37
CA HIS A 127 6.86 7.88 17.09
C HIS A 127 5.96 7.15 18.08
N HIS A 128 5.30 7.90 18.97
CA HIS A 128 4.34 7.31 19.90
C HIS A 128 3.15 6.73 19.14
N HIS A 129 2.14 6.27 19.87
CA HIS A 129 0.94 5.73 19.24
C HIS A 129 0.22 6.85 18.48
N HIS A 130 0.46 8.07 18.94
CA HIS A 130 0.04 9.25 18.22
C HIS A 130 1.27 10.06 17.81
N MET A 1 17.12 -15.52 -14.49
CA MET A 1 16.32 -16.70 -14.85
C MET A 1 16.00 -17.54 -13.61
N ASN A 2 14.77 -17.97 -13.53
CA ASN A 2 14.34 -18.89 -12.48
C ASN A 2 13.56 -20.04 -13.11
N ASP A 3 13.80 -21.25 -12.64
CA ASP A 3 13.14 -22.42 -13.21
C ASP A 3 11.63 -22.33 -13.03
N ASP A 4 10.89 -22.91 -13.96
CA ASP A 4 9.44 -22.74 -14.02
C ASP A 4 8.75 -23.22 -12.75
N VAL A 5 8.20 -22.27 -12.01
CA VAL A 5 7.41 -22.59 -10.83
C VAL A 5 5.97 -22.91 -11.24
N ASP A 6 5.27 -23.63 -10.38
CA ASP A 6 3.91 -24.06 -10.70
C ASP A 6 2.96 -23.74 -9.55
N ILE A 7 2.50 -22.49 -9.52
CA ILE A 7 1.50 -22.03 -8.54
C ILE A 7 2.05 -22.09 -7.10
N GLN A 8 2.21 -20.93 -6.51
CA GLN A 8 2.74 -20.84 -5.16
C GLN A 8 1.63 -21.02 -4.13
N GLN A 9 0.40 -21.12 -4.65
CA GLN A 9 -0.80 -21.29 -3.82
C GLN A 9 -0.95 -20.13 -2.85
N SER A 10 -1.32 -18.98 -3.37
CA SER A 10 -1.52 -17.81 -2.55
C SER A 10 -2.91 -17.83 -1.92
N TYR A 11 -2.94 -18.03 -0.62
CA TYR A 11 -4.18 -17.95 0.14
C TYR A 11 -4.07 -16.86 1.22
N PRO A 12 -3.14 -16.98 2.21
CA PRO A 12 -2.99 -15.96 3.24
C PRO A 12 -2.15 -14.78 2.75
N PHE A 13 -2.29 -13.64 3.41
CA PHE A 13 -1.58 -12.44 2.97
C PHE A 13 -0.10 -12.47 3.36
N SER A 14 0.74 -12.10 2.40
CA SER A 14 2.16 -11.81 2.65
C SER A 14 2.73 -11.13 1.40
N ILE A 15 3.04 -9.85 1.50
CA ILE A 15 3.49 -9.09 0.35
C ILE A 15 4.78 -8.34 0.64
N GLU A 16 5.73 -8.44 -0.26
CA GLU A 16 6.92 -7.62 -0.18
C GLU A 16 6.81 -6.48 -1.17
N THR A 17 7.16 -5.29 -0.73
CA THR A 17 6.97 -4.10 -1.54
C THR A 17 8.29 -3.41 -1.83
N MET A 18 8.56 -3.16 -3.10
CA MET A 18 9.73 -2.39 -3.50
C MET A 18 9.52 -0.92 -3.14
N PRO A 19 10.50 -0.32 -2.47
CA PRO A 19 10.42 1.07 -2.01
C PRO A 19 10.19 2.06 -3.15
N VAL A 20 9.45 3.12 -2.83
CA VAL A 20 9.12 4.15 -3.80
C VAL A 20 10.10 5.33 -3.69
N PRO A 21 10.10 6.24 -4.69
CA PRO A 21 10.89 7.46 -4.62
C PRO A 21 10.54 8.29 -3.39
N LYS A 22 11.55 8.90 -2.78
CA LYS A 22 11.34 9.68 -1.57
C LYS A 22 10.60 10.97 -1.89
N LYS A 23 11.07 11.67 -2.91
CA LYS A 23 10.44 12.93 -3.30
C LYS A 23 9.69 12.75 -4.61
N LEU A 24 8.50 13.33 -4.69
CA LEU A 24 7.67 13.24 -5.88
C LEU A 24 7.14 14.62 -6.25
N LYS A 25 6.89 14.83 -7.53
CA LYS A 25 6.38 16.12 -8.02
C LYS A 25 4.95 15.98 -8.47
N VAL A 26 4.24 17.10 -8.59
CA VAL A 26 2.87 17.07 -9.08
C VAL A 26 2.85 16.62 -10.55
N GLY A 27 2.30 15.44 -10.78
CA GLY A 27 2.28 14.88 -12.12
C GLY A 27 3.23 13.71 -12.25
N GLU A 28 3.87 13.34 -11.15
CA GLU A 28 4.79 12.21 -11.15
C GLU A 28 4.03 10.92 -10.83
N THR A 29 4.61 9.78 -11.20
CA THR A 29 3.98 8.50 -10.98
C THR A 29 4.90 7.55 -10.24
N ALA A 30 4.49 7.11 -9.07
CA ALA A 30 5.28 6.17 -8.28
C ALA A 30 4.74 4.75 -8.44
N GLU A 31 5.54 3.89 -9.05
CA GLU A 31 5.16 2.51 -9.25
C GLU A 31 5.49 1.68 -8.01
N ILE A 32 4.48 1.40 -7.21
CA ILE A 32 4.66 0.55 -6.05
C ILE A 32 4.61 -0.91 -6.48
N ARG A 33 5.78 -1.51 -6.64
CA ARG A 33 5.86 -2.89 -7.08
C ARG A 33 5.67 -3.81 -5.89
N CYS A 34 4.58 -4.57 -5.91
CA CYS A 34 4.25 -5.45 -4.80
C CYS A 34 4.15 -6.89 -5.28
N GLN A 35 4.90 -7.78 -4.63
CA GLN A 35 4.79 -9.20 -4.93
C GLN A 35 4.22 -9.94 -3.75
N LEU A 36 3.10 -10.60 -3.97
CA LEU A 36 2.52 -11.47 -2.98
C LEU A 36 3.16 -12.83 -3.12
N HIS A 37 3.79 -13.31 -2.06
CA HIS A 37 4.55 -14.56 -2.12
C HIS A 37 4.14 -15.49 -0.99
N ARG A 38 3.39 -16.53 -1.33
CA ARG A 38 2.93 -17.49 -0.34
C ARG A 38 3.44 -18.90 -0.58
N ASP A 39 3.16 -19.76 0.39
CA ASP A 39 3.63 -21.14 0.37
C ASP A 39 2.48 -22.08 0.06
N GLY A 40 1.28 -21.71 0.49
CA GLY A 40 0.12 -22.56 0.31
C GLY A 40 -0.57 -22.86 1.63
N ARG A 41 -0.82 -24.14 1.86
CA ARG A 41 -1.38 -24.65 3.12
C ARG A 41 -2.85 -24.28 3.30
N PHE A 42 -3.13 -22.99 3.47
CA PHE A 42 -4.46 -22.52 3.87
C PHE A 42 -5.52 -22.79 2.81
N GLU A 43 -6.78 -22.74 3.24
CA GLU A 43 -7.91 -23.05 2.38
C GLU A 43 -8.76 -21.81 2.11
N GLU A 44 -9.02 -21.56 0.82
CA GLU A 44 -9.97 -20.52 0.39
C GLU A 44 -9.76 -19.19 1.11
N THR A 45 -8.83 -18.40 0.62
CA THR A 45 -8.56 -17.11 1.21
C THR A 45 -8.37 -16.06 0.12
N LYS A 46 -9.30 -15.11 0.05
CA LYS A 46 -9.24 -14.05 -0.96
C LYS A 46 -8.62 -12.79 -0.40
N TYR A 47 -8.13 -11.94 -1.29
CA TYR A 47 -7.45 -10.71 -0.90
C TYR A 47 -8.29 -9.49 -1.23
N PHE A 48 -8.42 -8.57 -0.28
CA PHE A 48 -9.19 -7.35 -0.48
C PHE A 48 -8.36 -6.12 -0.21
N ILE A 49 -8.47 -5.12 -1.08
CA ILE A 49 -7.72 -3.88 -0.94
C ILE A 49 -8.66 -2.72 -0.61
N ARG A 50 -8.27 -1.93 0.37
CA ARG A 50 -9.00 -0.73 0.75
C ARG A 50 -8.06 0.24 1.43
N TYR A 51 -7.70 1.31 0.76
CA TYR A 51 -6.78 2.28 1.35
C TYR A 51 -7.53 3.53 1.76
N PHE A 52 -6.95 4.29 2.67
CA PHE A 52 -7.56 5.50 3.16
C PHE A 52 -6.64 6.69 2.94
N GLN A 53 -7.22 7.83 2.64
CA GLN A 53 -6.46 9.04 2.39
C GLN A 53 -6.67 10.06 3.52
N PRO A 54 -5.78 10.07 4.52
CA PRO A 54 -5.79 11.08 5.57
C PRO A 54 -5.53 12.46 4.96
N ASP A 55 -4.63 12.48 3.99
CA ASP A 55 -4.39 13.67 3.20
C ASP A 55 -4.94 13.45 1.80
N GLY A 56 -6.06 14.09 1.49
CA GLY A 56 -6.74 13.86 0.23
C GLY A 56 -6.05 14.48 -0.95
N ALA A 57 -4.92 13.89 -1.35
CA ALA A 57 -4.19 14.34 -2.52
C ALA A 57 -3.51 13.16 -3.21
N GLY A 58 -3.83 12.95 -4.48
CA GLY A 58 -3.21 11.89 -5.24
C GLY A 58 -4.21 10.88 -5.77
N THR A 59 -3.85 10.22 -6.85
CA THR A 59 -4.69 9.20 -7.44
C THR A 59 -3.93 7.86 -7.51
N LEU A 60 -4.36 6.90 -6.72
CA LEU A 60 -3.74 5.58 -6.71
C LEU A 60 -4.50 4.66 -7.66
N LYS A 61 -3.84 4.22 -8.72
CA LYS A 61 -4.48 3.35 -9.70
C LYS A 61 -3.73 2.04 -9.81
N MET A 62 -4.46 0.99 -10.20
CA MET A 62 -3.86 -0.32 -10.35
C MET A 62 -3.23 -0.43 -11.75
N SER A 63 -2.36 -1.41 -11.93
CA SER A 63 -1.66 -1.61 -13.20
C SER A 63 -2.61 -1.82 -14.39
N ASP A 64 -3.84 -2.20 -14.11
CA ASP A 64 -4.81 -2.45 -15.18
C ASP A 64 -5.57 -1.17 -15.54
N GLY A 65 -5.35 -0.13 -14.76
CA GLY A 65 -6.00 1.14 -15.04
C GLY A 65 -7.13 1.46 -14.07
N THR A 66 -7.42 0.54 -13.16
CA THR A 66 -8.48 0.74 -12.19
C THR A 66 -8.10 1.83 -11.18
N VAL A 67 -8.97 2.83 -11.07
CA VAL A 67 -8.76 3.89 -10.10
C VAL A 67 -9.26 3.43 -8.73
N LEU A 68 -8.35 3.33 -7.79
CA LEU A 68 -8.69 2.89 -6.44
C LEU A 68 -9.18 4.07 -5.62
N LEU A 69 -10.39 3.96 -5.10
CA LEU A 69 -10.97 5.04 -4.31
C LEU A 69 -10.71 4.84 -2.82
N PRO A 70 -10.47 5.95 -2.10
CA PRO A 70 -10.27 5.92 -0.66
C PRO A 70 -11.50 5.39 0.08
N ASN A 71 -11.25 4.46 1.00
CA ASN A 71 -12.30 3.86 1.85
C ASN A 71 -13.17 2.89 1.06
N ASP A 72 -12.96 2.82 -0.26
CA ASP A 72 -13.70 1.88 -1.10
C ASP A 72 -12.93 0.56 -1.15
N LEU A 73 -13.65 -0.53 -1.34
CA LEU A 73 -13.05 -1.85 -1.19
C LEU A 73 -13.13 -2.63 -2.50
N TYR A 74 -12.00 -3.17 -2.94
CA TYR A 74 -11.94 -3.99 -4.15
C TYR A 74 -11.18 -5.28 -3.87
N PRO A 75 -11.42 -6.33 -4.66
CA PRO A 75 -10.65 -7.58 -4.57
C PRO A 75 -9.35 -7.49 -5.38
N LEU A 76 -8.33 -8.21 -4.94
CA LEU A 76 -7.05 -8.24 -5.64
C LEU A 76 -7.01 -9.40 -6.63
N PRO A 77 -6.84 -9.09 -7.93
CA PRO A 77 -6.88 -10.09 -9.00
C PRO A 77 -5.50 -10.63 -9.39
N GLY A 78 -4.46 -10.26 -8.66
CA GLY A 78 -3.13 -10.66 -9.04
C GLY A 78 -2.18 -10.80 -7.86
N GLU A 79 -1.15 -11.60 -8.06
CA GLU A 79 -0.10 -11.78 -7.06
C GLU A 79 1.04 -10.80 -7.32
N THR A 80 1.34 -10.64 -8.60
CA THR A 80 2.37 -9.70 -9.03
C THR A 80 1.70 -8.46 -9.63
N PHE A 81 1.26 -7.56 -8.75
CA PHE A 81 0.54 -6.38 -9.20
C PHE A 81 1.36 -5.12 -8.96
N ARG A 82 0.95 -4.04 -9.60
CA ARG A 82 1.65 -2.77 -9.50
C ARG A 82 0.68 -1.65 -9.16
N LEU A 83 1.00 -0.89 -8.13
CA LEU A 83 0.18 0.23 -7.73
C LEU A 83 0.80 1.54 -8.20
N TYR A 84 0.11 2.22 -9.09
CA TYR A 84 0.62 3.45 -9.66
C TYR A 84 0.01 4.67 -8.98
N TYR A 85 0.78 5.26 -8.08
CA TYR A 85 0.35 6.46 -7.38
C TYR A 85 0.70 7.69 -8.19
N THR A 86 -0.32 8.40 -8.65
CA THR A 86 -0.11 9.64 -9.35
C THR A 86 -0.01 10.77 -8.33
N SER A 87 1.17 11.36 -8.27
CA SER A 87 1.48 12.36 -7.26
C SER A 87 0.79 13.69 -7.56
N ALA A 88 -0.22 14.00 -6.75
CA ALA A 88 -0.90 15.29 -6.84
C ALA A 88 -0.44 16.20 -5.71
N SER A 89 0.34 15.63 -4.81
CA SER A 89 0.84 16.38 -3.67
C SER A 89 2.33 16.66 -3.86
N THR A 90 2.76 17.83 -3.42
CA THR A 90 4.17 18.20 -3.49
C THR A 90 4.73 18.35 -2.09
N ASP A 91 3.89 18.08 -1.09
CA ASP A 91 4.29 18.15 0.31
C ASP A 91 4.13 16.79 0.97
N GLN A 92 4.34 16.74 2.28
CA GLN A 92 4.22 15.50 3.04
C GLN A 92 2.78 15.00 3.02
N GLN A 93 2.54 13.99 2.21
CA GLN A 93 1.22 13.39 2.09
C GLN A 93 1.31 11.92 2.43
N THR A 94 0.38 11.45 3.26
CA THR A 94 0.39 10.07 3.70
C THR A 94 -0.72 9.24 3.07
N VAL A 95 -0.33 8.22 2.33
CA VAL A 95 -1.26 7.24 1.78
C VAL A 95 -1.19 5.98 2.64
N ASP A 96 -2.32 5.59 3.22
CA ASP A 96 -2.34 4.41 4.07
C ASP A 96 -3.18 3.32 3.42
N VAL A 97 -2.52 2.26 2.98
CA VAL A 97 -3.17 1.20 2.23
C VAL A 97 -3.39 -0.03 3.07
N TYR A 98 -4.64 -0.44 3.22
CA TYR A 98 -4.96 -1.64 3.97
C TYR A 98 -5.18 -2.82 3.03
N PHE A 99 -4.39 -3.87 3.23
CA PHE A 99 -4.61 -5.14 2.53
C PHE A 99 -5.12 -6.16 3.53
N GLN A 100 -6.38 -6.57 3.40
CA GLN A 100 -6.99 -7.42 4.41
C GLN A 100 -7.12 -8.87 3.93
N ASP A 101 -6.67 -9.77 4.78
CA ASP A 101 -6.80 -11.21 4.57
C ASP A 101 -8.21 -11.66 4.96
N SER A 102 -8.66 -12.79 4.44
CA SER A 102 -9.99 -13.28 4.75
C SER A 102 -10.09 -13.75 6.21
N PHE A 103 -8.96 -14.14 6.79
CA PHE A 103 -8.92 -14.57 8.18
C PHE A 103 -8.91 -13.37 9.12
N GLY A 104 -8.51 -12.21 8.60
CA GLY A 104 -8.48 -11.02 9.41
C GLY A 104 -7.10 -10.39 9.46
N GLN A 105 -6.12 -11.03 8.84
CA GLN A 105 -4.76 -10.51 8.81
C GLN A 105 -4.68 -9.31 7.87
N LEU A 106 -4.65 -8.11 8.41
CA LEU A 106 -4.60 -6.94 7.58
C LEU A 106 -3.22 -6.31 7.62
N GLN A 107 -2.72 -5.95 6.45
CA GLN A 107 -1.41 -5.33 6.33
C GLN A 107 -1.57 -3.89 5.92
N GLN A 108 -1.24 -3.00 6.84
CA GLN A 108 -1.33 -1.58 6.58
C GLN A 108 0.00 -1.05 6.08
N LEU A 109 0.04 -0.66 4.81
CA LEU A 109 1.22 -0.08 4.23
C LEU A 109 1.07 1.43 4.20
N THR A 110 1.82 2.11 5.05
CA THR A 110 1.73 3.55 5.17
C THR A 110 2.87 4.22 4.41
N PHE A 111 2.52 4.99 3.39
CA PHE A 111 3.51 5.68 2.59
C PHE A 111 3.37 7.19 2.74
N SER A 112 4.42 7.83 3.26
CA SER A 112 4.45 9.27 3.37
C SER A 112 5.53 9.84 2.47
N PHE A 113 5.13 10.68 1.53
CA PHE A 113 6.01 11.13 0.47
C PHE A 113 6.67 12.48 0.78
N ASN A 114 7.57 12.88 -0.12
CA ASN A 114 8.30 14.16 -0.07
C ASN A 114 9.54 14.05 0.81
N ASN A 115 9.33 13.88 2.11
CA ASN A 115 10.44 13.83 3.05
C ASN A 115 10.04 13.04 4.29
N ASP A 116 9.08 13.60 5.04
CA ASP A 116 8.52 12.92 6.21
C ASP A 116 9.58 12.75 7.32
N SER A 117 9.21 12.09 8.41
CA SER A 117 10.16 11.77 9.46
C SER A 117 11.10 10.69 8.94
N SER A 118 10.60 9.90 7.98
CA SER A 118 11.39 8.92 7.24
C SER A 118 11.66 7.65 8.04
N LYS A 119 11.79 6.53 7.32
CA LYS A 119 12.18 5.26 7.91
C LYS A 119 13.44 4.77 7.22
N GLU A 120 14.37 4.25 8.00
CA GLU A 120 15.64 3.79 7.46
C GLU A 120 15.76 2.28 7.67
N GLU A 121 14.63 1.59 7.52
CA GLU A 121 14.53 0.15 7.76
C GLU A 121 14.83 -0.16 9.22
N GLU A 122 15.14 -1.42 9.51
CA GLU A 122 15.40 -1.85 10.87
C GLU A 122 16.90 -1.89 11.16
N LEU A 123 17.37 -0.93 11.94
CA LEU A 123 18.76 -0.90 12.36
C LEU A 123 18.93 -1.67 13.66
N GLU A 124 18.00 -1.44 14.58
CA GLU A 124 18.06 -2.08 15.89
C GLU A 124 16.85 -3.01 16.08
N HIS A 125 16.79 -3.67 17.23
CA HIS A 125 15.65 -4.50 17.63
C HIS A 125 15.62 -5.83 16.88
N HIS A 126 16.71 -6.18 16.20
CA HIS A 126 16.76 -7.44 15.48
C HIS A 126 18.01 -8.25 15.84
N HIS A 127 19.17 -7.64 15.72
CA HIS A 127 20.41 -8.38 15.97
C HIS A 127 20.65 -8.56 17.47
N HIS A 128 20.79 -7.46 18.21
CA HIS A 128 20.98 -7.55 19.64
C HIS A 128 19.68 -7.20 20.37
N HIS A 129 18.97 -8.22 20.80
CA HIS A 129 17.72 -8.03 21.52
C HIS A 129 17.59 -9.05 22.64
N HIS A 130 18.50 -10.02 22.65
CA HIS A 130 18.47 -11.08 23.65
C HIS A 130 19.82 -11.79 23.67
#